data_2RQ7
#
_entry.id   2RQ7
#
_entity_poly.entity_id   1
_entity_poly.type   'polypeptide(L)'
_entity_poly.pdbx_seq_one_letter_code
;MVMTVRVIAPDKTVWDAPAEEVILPSTTGQLGILSNHAPLLTALETGVMRVRQDREWVAIALMGGFAEVENNEVTILVNG
AERGDTIDPQEAQQTLEIAEANLRKAEGARQKIEANLALRRARTRVEASNTISS
;
_entity_poly.pdbx_strand_id   A
#
# COMPACT_ATOMS: atom_id res chain seq x y z
N MET A 1 -16.86 -13.40 -11.46
CA MET A 1 -17.98 -13.17 -10.56
C MET A 1 -17.69 -11.99 -9.63
N VAL A 2 -16.41 -11.76 -9.36
CA VAL A 2 -15.99 -10.67 -8.49
C VAL A 2 -14.63 -10.12 -8.90
N MET A 3 -14.13 -9.14 -8.15
CA MET A 3 -12.83 -8.54 -8.43
C MET A 3 -11.75 -9.17 -7.57
N THR A 4 -10.52 -9.13 -8.06
CA THR A 4 -9.38 -9.69 -7.33
C THR A 4 -8.19 -8.75 -7.38
N VAL A 5 -7.98 -8.01 -6.29
CA VAL A 5 -6.86 -7.08 -6.21
C VAL A 5 -5.74 -7.63 -5.32
N ARG A 6 -4.50 -7.45 -5.77
CA ARG A 6 -3.35 -7.93 -5.02
C ARG A 6 -2.23 -6.89 -5.02
N VAL A 7 -1.58 -6.73 -3.86
CA VAL A 7 -0.49 -5.77 -3.73
C VAL A 7 0.86 -6.45 -3.84
N ILE A 8 1.80 -5.79 -4.50
CA ILE A 8 3.14 -6.34 -4.69
C ILE A 8 4.20 -5.25 -4.56
N ALA A 9 5.36 -5.63 -4.05
CA ALA A 9 6.46 -4.68 -3.88
C ALA A 9 7.71 -5.14 -4.64
N PRO A 10 8.62 -4.20 -4.89
CA PRO A 10 9.87 -4.48 -5.62
C PRO A 10 10.83 -5.33 -4.80
N ASP A 11 10.49 -5.56 -3.53
CA ASP A 11 11.33 -6.35 -2.64
C ASP A 11 10.70 -7.72 -2.39
N LYS A 12 9.39 -7.81 -2.62
CA LYS A 12 8.67 -9.07 -2.42
C LYS A 12 7.17 -8.88 -2.70
N THR A 13 6.38 -9.88 -2.34
CA THR A 13 4.94 -9.84 -2.54
C THR A 13 4.21 -9.53 -1.24
N VAL A 14 3.06 -8.88 -1.36
CA VAL A 14 2.26 -8.51 -0.20
C VAL A 14 1.15 -9.53 0.04
N TRP A 15 0.16 -9.52 -0.85
CA TRP A 15 -0.97 -10.44 -0.74
C TRP A 15 -1.96 -10.22 -1.88
N ASP A 16 -2.98 -11.09 -1.94
CA ASP A 16 -3.99 -10.99 -2.99
C ASP A 16 -5.38 -11.28 -2.42
N ALA A 17 -6.11 -10.23 -2.08
CA ALA A 17 -7.45 -10.37 -1.54
C ALA A 17 -8.52 -9.98 -2.56
N PRO A 18 -9.75 -10.48 -2.36
CA PRO A 18 -10.87 -10.20 -3.26
C PRO A 18 -11.33 -8.75 -3.16
N ALA A 19 -12.29 -8.38 -4.02
CA ALA A 19 -12.82 -7.03 -4.02
C ALA A 19 -14.01 -6.91 -4.98
N GLU A 20 -14.70 -5.77 -4.92
CA GLU A 20 -15.85 -5.53 -5.78
C GLU A 20 -15.75 -4.18 -6.45
N GLU A 21 -15.30 -3.18 -5.71
CA GLU A 21 -15.17 -1.82 -6.23
C GLU A 21 -14.00 -1.09 -5.55
N VAL A 22 -13.16 -0.46 -6.36
CA VAL A 22 -12.02 0.28 -5.85
C VAL A 22 -12.11 1.75 -6.20
N ILE A 23 -12.14 2.60 -5.18
CA ILE A 23 -12.22 4.04 -5.39
C ILE A 23 -11.07 4.76 -4.69
N LEU A 24 -10.28 5.50 -5.48
CA LEU A 24 -9.14 6.23 -4.94
C LEU A 24 -8.68 7.31 -5.92
N PRO A 25 -8.03 8.36 -5.39
CA PRO A 25 -7.53 9.47 -6.19
C PRO A 25 -6.35 9.06 -7.07
N SER A 26 -6.37 9.48 -8.33
CA SER A 26 -5.30 9.15 -9.27
C SER A 26 -4.80 10.40 -9.98
N THR A 27 -3.98 10.20 -11.02
CA THR A 27 -3.45 11.31 -11.79
C THR A 27 -4.54 12.29 -12.20
N THR A 28 -5.53 11.79 -12.93
CA THR A 28 -6.63 12.62 -13.38
C THR A 28 -7.46 13.14 -12.22
N GLY A 29 -7.25 12.53 -11.04
CA GLY A 29 -7.98 12.94 -9.86
C GLY A 29 -8.91 11.87 -9.35
N GLN A 30 -9.66 11.25 -10.25
CA GLN A 30 -10.58 10.19 -9.87
C GLN A 30 -10.26 8.89 -10.61
N LEU A 31 -10.29 7.78 -9.87
CA LEU A 31 -9.99 6.47 -10.45
C LEU A 31 -10.92 5.40 -9.88
N GLY A 32 -11.51 4.60 -10.76
CA GLY A 32 -12.41 3.55 -10.33
C GLY A 32 -12.10 2.21 -10.99
N ILE A 33 -11.56 1.28 -10.21
CA ILE A 33 -11.23 -0.04 -10.73
C ILE A 33 -12.23 -1.09 -10.26
N LEU A 34 -12.90 -1.72 -11.21
CA LEU A 34 -13.89 -2.75 -10.89
C LEU A 34 -13.48 -4.11 -11.47
N SER A 35 -14.23 -5.14 -11.13
CA SER A 35 -13.95 -6.49 -11.62
C SER A 35 -14.19 -6.59 -13.11
N ASN A 36 -15.33 -6.05 -13.56
CA ASN A 36 -15.69 -6.08 -14.97
C ASN A 36 -14.86 -5.08 -15.77
N HIS A 37 -14.25 -4.13 -15.06
CA HIS A 37 -13.42 -3.11 -15.70
C HIS A 37 -12.39 -3.76 -16.64
N ALA A 38 -12.45 -3.40 -17.92
CA ALA A 38 -11.53 -3.94 -18.91
C ALA A 38 -10.08 -3.79 -18.45
N PRO A 39 -9.18 -4.54 -19.10
CA PRO A 39 -7.75 -4.51 -18.78
C PRO A 39 -7.10 -3.18 -19.17
N LEU A 40 -6.71 -2.41 -18.17
CA LEU A 40 -6.07 -1.11 -18.42
C LEU A 40 -5.03 -0.81 -17.34
N LEU A 41 -3.98 -0.10 -17.74
CA LEU A 41 -2.92 0.27 -16.80
C LEU A 41 -3.07 1.71 -16.33
N THR A 42 -2.68 1.97 -15.09
CA THR A 42 -2.78 3.30 -14.52
C THR A 42 -1.64 3.55 -13.53
N ALA A 43 -1.56 4.79 -13.04
CA ALA A 43 -0.52 5.16 -12.08
C ALA A 43 -1.12 5.83 -10.86
N LEU A 44 -0.49 5.64 -9.70
CA LEU A 44 -0.95 6.23 -8.45
C LEU A 44 0.21 6.79 -7.64
N GLU A 45 -0.06 7.82 -6.86
CA GLU A 45 0.97 8.44 -6.03
C GLU A 45 0.79 8.05 -4.56
N THR A 46 1.71 8.50 -3.72
CA THR A 46 1.66 8.19 -2.30
C THR A 46 0.30 8.54 -1.71
N GLY A 47 -0.40 7.53 -1.20
CA GLY A 47 -1.70 7.75 -0.62
C GLY A 47 -2.39 6.46 -0.22
N VAL A 48 -3.67 6.54 0.12
CA VAL A 48 -4.43 5.37 0.52
C VAL A 48 -5.66 5.18 -0.38
N MET A 49 -6.01 3.93 -0.63
CA MET A 49 -7.17 3.61 -1.46
C MET A 49 -8.24 2.87 -0.66
N ARG A 50 -9.49 3.06 -1.06
CA ARG A 50 -10.61 2.40 -0.38
C ARG A 50 -11.09 1.19 -1.17
N VAL A 51 -11.00 0.02 -0.55
CA VAL A 51 -11.42 -1.22 -1.18
C VAL A 51 -12.82 -1.63 -0.71
N ARG A 52 -13.67 -2.01 -1.65
CA ARG A 52 -15.03 -2.43 -1.32
C ARG A 52 -15.22 -3.92 -1.61
N GLN A 53 -15.06 -4.74 -0.57
CA GLN A 53 -15.22 -6.18 -0.70
C GLN A 53 -16.64 -6.54 -1.10
N ASP A 54 -17.61 -6.10 -0.30
CA ASP A 54 -19.02 -6.38 -0.57
C ASP A 54 -19.92 -5.70 0.47
N ARG A 55 -19.68 -6.01 1.73
CA ARG A 55 -20.47 -5.44 2.82
C ARG A 55 -19.60 -4.59 3.73
N GLU A 56 -18.31 -4.91 3.79
CA GLU A 56 -17.38 -4.16 4.62
C GLU A 56 -16.37 -3.40 3.76
N TRP A 57 -15.68 -2.45 4.38
CA TRP A 57 -14.69 -1.64 3.66
C TRP A 57 -13.28 -1.94 4.17
N VAL A 58 -12.30 -1.78 3.28
CA VAL A 58 -10.91 -2.02 3.63
C VAL A 58 -9.98 -1.05 2.93
N ALA A 59 -9.39 -0.14 3.70
CA ALA A 59 -8.47 0.85 3.14
C ALA A 59 -7.02 0.49 3.45
N ILE A 60 -6.15 0.61 2.45
CA ILE A 60 -4.74 0.30 2.63
C ILE A 60 -3.88 1.52 2.34
N ALA A 61 -2.80 1.67 3.10
CA ALA A 61 -1.88 2.79 2.91
C ALA A 61 -0.62 2.36 2.18
N LEU A 62 -0.53 2.74 0.91
CA LEU A 62 0.62 2.39 0.08
C LEU A 62 1.28 3.64 -0.50
N MET A 63 2.61 3.65 -0.53
CA MET A 63 3.37 4.78 -1.06
C MET A 63 3.28 4.81 -2.58
N GLY A 64 4.10 5.67 -3.20
CA GLY A 64 4.11 5.79 -4.64
C GLY A 64 4.25 4.43 -5.33
N GLY A 65 3.39 4.18 -6.31
CA GLY A 65 3.45 2.92 -7.03
C GLY A 65 2.60 2.94 -8.29
N PHE A 66 2.46 1.78 -8.92
CA PHE A 66 1.67 1.67 -10.14
C PHE A 66 0.54 0.65 -9.97
N ALA A 67 -0.60 0.94 -10.58
CA ALA A 67 -1.76 0.05 -10.49
C ALA A 67 -2.26 -0.32 -11.88
N GLU A 68 -2.62 -1.59 -12.05
CA GLU A 68 -3.11 -2.08 -13.33
C GLU A 68 -4.10 -3.24 -13.14
N VAL A 69 -5.31 -3.06 -13.65
CA VAL A 69 -6.34 -4.09 -13.52
C VAL A 69 -6.57 -4.80 -14.86
N GLU A 70 -7.03 -6.05 -14.78
CA GLU A 70 -7.30 -6.83 -15.99
C GLU A 70 -7.99 -8.14 -15.63
N ASN A 71 -9.19 -8.33 -16.18
CA ASN A 71 -9.95 -9.55 -15.92
C ASN A 71 -10.02 -9.85 -14.42
N ASN A 72 -10.47 -8.86 -13.65
CA ASN A 72 -10.58 -9.01 -12.21
C ASN A 72 -9.21 -9.30 -11.58
N GLU A 73 -8.17 -8.70 -12.14
CA GLU A 73 -6.82 -8.91 -11.63
C GLU A 73 -6.07 -7.58 -11.54
N VAL A 74 -5.97 -7.06 -10.31
CA VAL A 74 -5.28 -5.80 -10.08
C VAL A 74 -3.85 -6.03 -9.60
N THR A 75 -2.92 -5.21 -10.07
CA THR A 75 -1.52 -5.32 -9.69
C THR A 75 -0.98 -3.99 -9.18
N ILE A 76 -0.73 -3.93 -7.87
CA ILE A 76 -0.21 -2.71 -7.25
C ILE A 76 1.29 -2.84 -6.97
N LEU A 77 2.10 -2.32 -7.87
CA LEU A 77 3.55 -2.37 -7.71
C LEU A 77 4.07 -1.14 -6.98
N VAL A 78 3.88 -1.11 -5.66
CA VAL A 78 4.33 0.02 -4.85
C VAL A 78 5.70 -0.26 -4.24
N ASN A 79 6.49 0.80 -4.08
CA ASN A 79 7.83 0.67 -3.51
C ASN A 79 7.79 0.79 -1.99
N GLY A 80 6.90 0.03 -1.37
CA GLY A 80 6.77 0.08 0.08
C GLY A 80 5.39 0.54 0.52
N ALA A 81 4.64 -0.35 1.16
CA ALA A 81 3.30 -0.04 1.64
C ALA A 81 3.07 -0.61 3.02
N GLU A 82 1.84 -0.48 3.52
CA GLU A 82 1.48 -0.99 4.83
C GLU A 82 -0.03 -0.96 5.04
N ARG A 83 -0.55 -1.96 5.75
CA ARG A 83 -1.98 -2.05 6.01
C ARG A 83 -2.32 -1.43 7.36
N GLY A 84 -3.46 -0.74 7.41
CA GLY A 84 -3.88 -0.10 8.64
C GLY A 84 -4.18 -1.10 9.75
N ASP A 85 -4.40 -2.35 9.35
CA ASP A 85 -4.71 -3.41 10.31
C ASP A 85 -3.42 -3.99 10.90
N THR A 86 -2.33 -3.90 10.13
CA THR A 86 -1.04 -4.42 10.57
C THR A 86 -0.21 -3.32 11.21
N ILE A 87 -0.86 -2.42 11.93
CA ILE A 87 -0.17 -1.32 12.60
C ILE A 87 -0.01 -1.60 14.09
N ASP A 88 1.18 -1.34 14.61
CA ASP A 88 1.47 -1.57 16.02
C ASP A 88 1.75 -0.25 16.73
N PRO A 89 1.63 -0.26 18.07
CA PRO A 89 1.86 0.93 18.89
C PRO A 89 3.33 1.33 18.94
N GLN A 90 4.21 0.33 19.01
CA GLN A 90 5.66 0.57 19.06
C GLN A 90 6.13 1.25 17.78
N GLU A 91 5.49 0.90 16.66
CA GLU A 91 5.85 1.48 15.38
C GLU A 91 5.62 2.99 15.36
N ALA A 92 4.39 3.39 15.71
CA ALA A 92 4.04 4.80 15.73
C ALA A 92 5.02 5.60 16.59
N GLN A 93 5.34 5.07 17.76
CA GLN A 93 6.27 5.74 18.66
C GLN A 93 7.68 5.75 18.09
N GLN A 94 8.02 4.71 17.34
CA GLN A 94 9.34 4.60 16.73
C GLN A 94 9.51 5.63 15.62
N THR A 95 8.56 5.65 14.69
CA THR A 95 8.61 6.60 13.58
C THR A 95 8.54 8.04 14.08
N LEU A 96 7.85 8.25 15.18
CA LEU A 96 7.71 9.58 15.77
C LEU A 96 9.02 10.02 16.42
N GLU A 97 9.72 9.08 17.05
CA GLU A 97 10.98 9.38 17.71
C GLU A 97 12.07 9.69 16.69
N ILE A 98 12.23 8.78 15.72
CA ILE A 98 13.25 8.95 14.69
C ILE A 98 12.98 10.20 13.85
N ALA A 99 11.69 10.47 13.60
CA ALA A 99 11.30 11.63 12.81
C ALA A 99 11.73 12.92 13.49
N GLU A 100 11.44 13.04 14.78
CA GLU A 100 11.80 14.22 15.54
C GLU A 100 13.31 14.44 15.53
N ALA A 101 14.06 13.35 15.60
CA ALA A 101 15.52 13.41 15.59
C ALA A 101 16.05 13.79 14.21
N ASN A 102 15.40 13.27 13.17
CA ASN A 102 15.80 13.56 11.80
C ASN A 102 15.69 15.05 11.49
N LEU A 103 14.52 15.62 11.80
CA LEU A 103 14.29 17.04 11.55
C LEU A 103 15.14 17.90 12.49
N ARG A 104 15.47 17.34 13.65
CA ARG A 104 16.27 18.06 14.64
C ARG A 104 17.57 18.57 14.01
N LYS A 105 18.47 17.66 13.68
CA LYS A 105 19.74 18.02 13.07
C LYS A 105 19.87 17.42 11.68
N ALA A 106 19.42 16.18 11.53
CA ALA A 106 19.48 15.48 10.26
C ALA A 106 18.69 16.23 9.19
N GLU A 107 18.54 15.61 8.02
CA GLU A 107 17.81 16.21 6.92
C GLU A 107 16.42 16.66 7.37
N GLY A 108 15.74 17.43 6.53
CA GLY A 108 14.41 17.91 6.86
C GLY A 108 13.36 16.84 6.73
N ALA A 109 12.13 17.25 6.39
CA ALA A 109 11.03 16.30 6.24
C ALA A 109 11.37 15.22 5.23
N ARG A 110 12.28 15.55 4.30
CA ARG A 110 12.69 14.60 3.27
C ARG A 110 13.22 13.31 3.90
N GLN A 111 13.85 13.44 5.06
CA GLN A 111 14.40 12.28 5.77
C GLN A 111 13.29 11.36 6.25
N LYS A 112 12.24 11.94 6.81
CA LYS A 112 11.11 11.17 7.31
C LYS A 112 10.45 10.37 6.18
N ILE A 113 10.40 10.97 5.00
CA ILE A 113 9.80 10.32 3.84
C ILE A 113 10.60 9.09 3.42
N GLU A 114 11.91 9.28 3.25
CA GLU A 114 12.79 8.18 2.86
C GLU A 114 12.70 7.03 3.86
N ALA A 115 12.70 7.37 5.15
CA ALA A 115 12.63 6.36 6.20
C ALA A 115 11.24 5.74 6.26
N ASN A 116 10.24 6.50 5.85
CA ASN A 116 8.85 6.01 5.85
C ASN A 116 8.70 4.79 4.96
N LEU A 117 9.03 4.95 3.68
CA LEU A 117 8.94 3.86 2.72
C LEU A 117 9.91 2.73 3.07
N ALA A 118 11.07 3.10 3.61
CA ALA A 118 12.07 2.13 3.99
C ALA A 118 11.49 1.09 4.95
N LEU A 119 10.89 1.56 6.03
CA LEU A 119 10.29 0.68 7.03
C LEU A 119 9.11 -0.08 6.44
N ARG A 120 8.36 0.57 5.56
CA ARG A 120 7.21 -0.05 4.92
C ARG A 120 7.62 -1.29 4.15
N ARG A 121 8.66 -1.16 3.34
CA ARG A 121 9.16 -2.28 2.54
C ARG A 121 9.78 -3.35 3.43
N ALA A 122 10.34 -2.92 4.55
CA ALA A 122 10.97 -3.84 5.49
C ALA A 122 9.94 -4.71 6.19
N ARG A 123 8.85 -4.09 6.64
CA ARG A 123 7.79 -4.81 7.33
C ARG A 123 7.19 -5.89 6.42
N THR A 124 6.79 -5.48 5.22
CA THR A 124 6.18 -6.40 4.26
C THR A 124 7.16 -7.51 3.88
N ARG A 125 8.45 -7.17 3.87
CA ARG A 125 9.48 -8.14 3.52
C ARG A 125 9.58 -9.23 4.58
N VAL A 126 9.44 -8.84 5.84
CA VAL A 126 9.51 -9.78 6.94
C VAL A 126 8.29 -10.70 6.97
N GLU A 127 7.11 -10.11 6.88
CA GLU A 127 5.87 -10.87 6.89
C GLU A 127 5.77 -11.76 5.65
N ALA A 128 6.39 -11.33 4.57
CA ALA A 128 6.38 -12.08 3.32
C ALA A 128 7.42 -13.20 3.33
N SER A 129 8.54 -12.94 4.00
CA SER A 129 9.62 -13.91 4.09
C SER A 129 9.26 -15.03 5.07
N ASN A 130 9.12 -14.66 6.35
CA ASN A 130 8.78 -15.63 7.38
C ASN A 130 7.27 -15.64 7.65
N THR A 131 6.49 -15.67 6.56
CA THR A 131 5.04 -15.68 6.68
C THR A 131 4.57 -16.86 7.52
N ILE A 132 5.01 -18.06 7.15
CA ILE A 132 4.63 -19.27 7.87
C ILE A 132 5.68 -20.36 7.72
N SER A 133 6.43 -20.60 8.78
CA SER A 133 7.48 -21.61 8.77
C SER A 133 7.18 -22.74 9.75
N SER A 134 6.95 -23.93 9.23
CA SER A 134 6.64 -25.09 10.06
C SER A 134 7.92 -25.72 10.62
N MET A 1 -17.47 -10.77 -5.40
CA MET A 1 -16.02 -10.82 -5.46
C MET A 1 -15.54 -11.13 -6.88
N VAL A 2 -16.10 -10.42 -7.86
CA VAL A 2 -15.72 -10.62 -9.25
C VAL A 2 -14.36 -10.03 -9.55
N MET A 3 -13.92 -9.08 -8.71
CA MET A 3 -12.65 -8.44 -8.88
C MET A 3 -11.58 -9.09 -8.00
N THR A 4 -10.32 -8.85 -8.33
CA THR A 4 -9.21 -9.41 -7.58
C THR A 4 -8.02 -8.45 -7.53
N VAL A 5 -7.88 -7.76 -6.41
CA VAL A 5 -6.78 -6.80 -6.25
C VAL A 5 -5.60 -7.45 -5.54
N ARG A 6 -4.39 -7.13 -6.00
CA ARG A 6 -3.17 -7.67 -5.41
C ARG A 6 -2.09 -6.61 -5.30
N VAL A 7 -1.35 -6.63 -4.19
CA VAL A 7 -0.28 -5.67 -3.97
C VAL A 7 1.09 -6.31 -4.15
N ILE A 8 2.03 -5.53 -4.67
CA ILE A 8 3.38 -6.02 -4.90
C ILE A 8 4.41 -4.93 -4.63
N ALA A 9 5.57 -5.33 -4.11
CA ALA A 9 6.65 -4.40 -3.82
C ALA A 9 7.90 -4.74 -4.60
N PRO A 10 8.80 -3.74 -4.72
CA PRO A 10 10.07 -3.91 -5.46
C PRO A 10 11.04 -4.83 -4.74
N ASP A 11 10.69 -5.21 -3.52
CA ASP A 11 11.53 -6.09 -2.72
C ASP A 11 10.93 -7.50 -2.66
N LYS A 12 9.65 -7.61 -2.93
CA LYS A 12 8.96 -8.89 -2.90
C LYS A 12 7.47 -8.72 -3.18
N THR A 13 6.70 -9.80 -2.99
CA THR A 13 5.27 -9.75 -3.22
C THR A 13 4.50 -9.62 -1.91
N VAL A 14 3.39 -8.90 -1.95
CA VAL A 14 2.57 -8.70 -0.77
C VAL A 14 1.48 -9.77 -0.65
N TRP A 15 0.51 -9.71 -1.55
CA TRP A 15 -0.58 -10.69 -1.56
C TRP A 15 -1.56 -10.40 -2.69
N ASP A 16 -2.62 -11.18 -2.77
CA ASP A 16 -3.63 -11.01 -3.81
C ASP A 16 -5.00 -11.50 -3.32
N ALA A 17 -5.80 -10.59 -2.81
CA ALA A 17 -7.13 -10.93 -2.31
C ALA A 17 -8.22 -10.43 -3.27
N PRO A 18 -9.41 -11.03 -3.18
CA PRO A 18 -10.56 -10.66 -4.02
C PRO A 18 -11.11 -9.28 -3.67
N ALA A 19 -12.08 -8.83 -4.45
CA ALA A 19 -12.71 -7.53 -4.21
C ALA A 19 -13.85 -7.29 -5.20
N GLU A 20 -14.64 -6.26 -4.92
CA GLU A 20 -15.78 -5.92 -5.77
C GLU A 20 -15.65 -4.51 -6.32
N GLU A 21 -15.06 -3.62 -5.51
CA GLU A 21 -14.88 -2.23 -5.91
C GLU A 21 -13.71 -1.59 -5.15
N VAL A 22 -12.84 -0.92 -5.88
CA VAL A 22 -11.68 -0.27 -5.27
C VAL A 22 -11.76 1.25 -5.44
N ILE A 23 -11.77 1.96 -4.33
CA ILE A 23 -11.83 3.41 -4.35
C ILE A 23 -10.66 4.03 -3.58
N LEU A 24 -9.95 4.93 -4.24
CA LEU A 24 -8.80 5.60 -3.63
C LEU A 24 -8.44 6.87 -4.38
N PRO A 25 -7.69 7.76 -3.72
CA PRO A 25 -7.25 9.03 -4.32
C PRO A 25 -6.21 8.82 -5.41
N SER A 26 -6.49 9.36 -6.60
CA SER A 26 -5.59 9.24 -7.74
C SER A 26 -5.21 10.61 -8.28
N THR A 27 -4.54 10.62 -9.44
CA THR A 27 -4.12 11.86 -10.06
C THR A 27 -5.28 12.85 -10.15
N THR A 28 -6.35 12.45 -10.83
CA THR A 28 -7.52 13.30 -11.00
C THR A 28 -8.20 13.56 -9.66
N GLY A 29 -7.84 12.77 -8.65
CA GLY A 29 -8.42 12.92 -7.33
C GLY A 29 -9.26 11.73 -6.92
N GLN A 30 -10.09 11.25 -7.84
CA GLN A 30 -10.94 10.09 -7.56
C GLN A 30 -10.66 8.96 -8.53
N LEU A 31 -10.57 7.74 -8.01
CA LEU A 31 -10.29 6.56 -8.82
C LEU A 31 -11.15 5.38 -8.37
N GLY A 32 -12.02 4.92 -9.25
CA GLY A 32 -12.88 3.79 -8.93
C GLY A 32 -12.80 2.68 -9.97
N ILE A 33 -12.13 1.59 -9.62
CA ILE A 33 -11.99 0.46 -10.53
C ILE A 33 -12.83 -0.72 -10.07
N LEU A 34 -13.38 -1.46 -11.03
CA LEU A 34 -14.21 -2.62 -10.72
C LEU A 34 -13.75 -3.84 -11.52
N SER A 35 -14.43 -4.96 -11.31
CA SER A 35 -14.10 -6.20 -12.01
C SER A 35 -14.38 -6.08 -13.51
N ASN A 36 -15.55 -5.54 -13.83
CA ASN A 36 -15.95 -5.37 -15.22
C ASN A 36 -15.00 -4.42 -15.95
N HIS A 37 -14.24 -3.66 -15.17
CA HIS A 37 -13.29 -2.70 -15.75
C HIS A 37 -12.42 -3.38 -16.81
N ALA A 38 -11.83 -2.56 -17.67
CA ALA A 38 -10.98 -3.07 -18.74
C ALA A 38 -9.51 -3.02 -18.33
N PRO A 39 -8.66 -3.73 -19.08
CA PRO A 39 -7.22 -3.77 -18.83
C PRO A 39 -6.53 -2.46 -19.15
N LEU A 40 -6.22 -1.69 -18.11
CA LEU A 40 -5.56 -0.40 -18.28
C LEU A 40 -4.59 -0.13 -17.14
N LEU A 41 -3.54 0.64 -17.43
CA LEU A 41 -2.54 0.98 -16.42
C LEU A 41 -2.67 2.44 -16.00
N THR A 42 -2.38 2.71 -14.72
CA THR A 42 -2.46 4.06 -14.19
C THR A 42 -1.41 4.28 -13.11
N ALA A 43 -1.31 5.53 -12.64
CA ALA A 43 -0.36 5.87 -11.60
C ALA A 43 -1.06 6.34 -10.34
N LEU A 44 -0.47 6.05 -9.19
CA LEU A 44 -1.05 6.45 -7.91
C LEU A 44 0.02 7.05 -6.99
N GLU A 45 -0.42 7.90 -6.06
CA GLU A 45 0.50 8.54 -5.13
C GLU A 45 0.33 7.96 -3.71
N THR A 46 1.25 8.30 -2.83
CA THR A 46 1.20 7.83 -1.45
C THR A 46 -0.16 8.10 -0.82
N GLY A 47 -0.64 7.16 -0.01
CA GLY A 47 -1.92 7.32 0.63
C GLY A 47 -2.55 5.99 1.02
N VAL A 48 -3.79 6.04 1.48
CA VAL A 48 -4.50 4.84 1.88
C VAL A 48 -5.51 4.41 0.83
N MET A 49 -5.92 3.14 0.87
CA MET A 49 -6.89 2.60 -0.08
C MET A 49 -8.03 1.90 0.63
N ARG A 50 -9.24 2.09 0.13
CA ARG A 50 -10.42 1.47 0.72
C ARG A 50 -11.01 0.42 -0.21
N VAL A 51 -10.98 -0.84 0.22
CA VAL A 51 -11.52 -1.93 -0.58
C VAL A 51 -12.96 -2.25 -0.18
N ARG A 52 -13.80 -2.49 -1.18
CA ARG A 52 -15.20 -2.80 -0.94
C ARG A 52 -15.56 -4.17 -1.52
N GLN A 53 -15.70 -5.15 -0.64
CA GLN A 53 -16.04 -6.51 -1.07
C GLN A 53 -17.55 -6.68 -1.18
N ASP A 54 -18.28 -6.09 -0.23
CA ASP A 54 -19.73 -6.17 -0.22
C ASP A 54 -20.32 -5.35 0.92
N ARG A 55 -20.19 -5.85 2.13
CA ARG A 55 -20.72 -5.16 3.31
C ARG A 55 -19.57 -4.63 4.18
N GLU A 56 -18.42 -5.30 4.11
CA GLU A 56 -17.26 -4.90 4.89
C GLU A 56 -16.33 -4.01 4.07
N TRP A 57 -15.26 -3.54 4.69
CA TRP A 57 -14.30 -2.68 4.02
C TRP A 57 -12.90 -2.90 4.57
N VAL A 58 -11.89 -2.73 3.72
CA VAL A 58 -10.50 -2.91 4.12
C VAL A 58 -9.69 -1.64 3.87
N ALA A 59 -8.78 -1.35 4.79
CA ALA A 59 -7.94 -0.16 4.67
C ALA A 59 -6.47 -0.53 4.73
N ILE A 60 -5.76 -0.30 3.63
CA ILE A 60 -4.34 -0.60 3.54
C ILE A 60 -3.51 0.64 3.24
N ALA A 61 -2.32 0.72 3.83
CA ALA A 61 -1.44 1.86 3.61
C ALA A 61 -0.32 1.51 2.63
N LEU A 62 -0.04 2.43 1.71
CA LEU A 62 1.01 2.23 0.72
C LEU A 62 1.53 3.56 0.19
N MET A 63 2.85 3.68 0.12
CA MET A 63 3.48 4.91 -0.37
C MET A 63 3.31 5.03 -1.88
N GLY A 64 4.01 6.00 -2.47
CA GLY A 64 3.92 6.20 -3.90
C GLY A 64 4.16 4.93 -4.69
N GLY A 65 3.44 4.77 -5.79
CA GLY A 65 3.59 3.59 -6.62
C GLY A 65 2.76 3.64 -7.88
N PHE A 66 2.54 2.48 -8.50
CA PHE A 66 1.76 2.41 -9.72
C PHE A 66 0.69 1.32 -9.61
N ALA A 67 -0.47 1.57 -10.21
CA ALA A 67 -1.57 0.62 -10.18
C ALA A 67 -2.06 0.30 -11.59
N GLU A 68 -2.41 -0.96 -11.83
CA GLU A 68 -2.89 -1.40 -13.14
C GLU A 68 -3.89 -2.54 -13.00
N VAL A 69 -5.10 -2.32 -13.51
CA VAL A 69 -6.15 -3.34 -13.44
C VAL A 69 -6.37 -3.97 -14.81
N GLU A 70 -6.71 -5.26 -14.80
CA GLU A 70 -6.97 -5.98 -16.03
C GLU A 70 -7.53 -7.38 -15.75
N ASN A 71 -8.70 -7.66 -16.27
CA ASN A 71 -9.34 -8.96 -16.08
C ASN A 71 -9.38 -9.32 -14.59
N ASN A 72 -9.82 -8.38 -13.77
CA ASN A 72 -9.90 -8.60 -12.33
C ASN A 72 -8.52 -8.83 -11.73
N GLU A 73 -7.53 -8.13 -12.27
CA GLU A 73 -6.15 -8.25 -11.80
C GLU A 73 -5.52 -6.88 -11.58
N VAL A 74 -5.52 -6.44 -10.32
CA VAL A 74 -4.96 -5.14 -9.97
C VAL A 74 -3.54 -5.29 -9.41
N THR A 75 -2.57 -4.73 -10.13
CA THR A 75 -1.18 -4.81 -9.71
C THR A 75 -0.70 -3.48 -9.14
N ILE A 76 -0.45 -3.46 -7.84
CA ILE A 76 0.01 -2.24 -7.17
C ILE A 76 1.49 -2.34 -6.81
N LEU A 77 2.32 -1.69 -7.61
CA LEU A 77 3.76 -1.70 -7.38
C LEU A 77 4.19 -0.50 -6.54
N VAL A 78 4.06 -0.64 -5.22
CA VAL A 78 4.44 0.43 -4.30
C VAL A 78 5.85 0.23 -3.78
N ASN A 79 6.61 1.32 -3.71
CA ASN A 79 7.99 1.26 -3.21
C ASN A 79 8.04 0.70 -1.80
N GLY A 80 7.03 1.03 -1.00
CA GLY A 80 6.97 0.54 0.37
C GLY A 80 5.61 0.72 1.00
N ALA A 81 4.89 -0.38 1.16
CA ALA A 81 3.55 -0.34 1.76
C ALA A 81 3.49 -1.19 3.01
N GLU A 82 2.34 -1.18 3.68
CA GLU A 82 2.15 -1.96 4.89
C GLU A 82 0.67 -2.11 5.22
N ARG A 83 0.31 -3.21 5.86
CA ARG A 83 -1.07 -3.48 6.22
C ARG A 83 -1.35 -3.03 7.66
N GLY A 84 -2.46 -2.32 7.84
CA GLY A 84 -2.81 -1.83 9.16
C GLY A 84 -2.99 -2.95 10.17
N ASP A 85 -3.19 -4.17 9.67
CA ASP A 85 -3.36 -5.34 10.53
C ASP A 85 -2.01 -5.92 10.93
N THR A 86 -1.09 -5.96 9.98
CA THR A 86 0.25 -6.50 10.24
C THR A 86 1.01 -5.62 11.22
N ILE A 87 0.68 -4.33 11.24
CA ILE A 87 1.33 -3.38 12.13
C ILE A 87 0.32 -2.67 13.03
N ASP A 88 0.48 -2.82 14.33
CA ASP A 88 -0.43 -2.19 15.29
C ASP A 88 -0.56 -0.71 15.01
N PRO A 89 -1.63 -0.09 15.53
CA PRO A 89 -1.89 1.35 15.35
C PRO A 89 -0.91 2.22 16.11
N GLN A 90 -0.20 1.61 17.07
CA GLN A 90 0.78 2.33 17.88
C GLN A 90 2.00 2.70 17.04
N GLU A 91 2.26 1.92 16.01
CA GLU A 91 3.41 2.16 15.13
C GLU A 91 3.34 3.56 14.52
N ALA A 92 2.11 4.05 14.33
CA ALA A 92 1.92 5.37 13.75
C ALA A 92 2.61 6.45 14.58
N GLN A 93 2.33 6.46 15.89
CA GLN A 93 2.93 7.43 16.78
C GLN A 93 4.45 7.27 16.83
N GLN A 94 4.90 6.02 16.85
CA GLN A 94 6.33 5.72 16.90
C GLN A 94 7.04 6.27 15.66
N THR A 95 6.43 6.05 14.49
CA THR A 95 7.00 6.51 13.23
C THR A 95 7.16 8.02 13.23
N LEU A 96 6.20 8.71 13.84
CA LEU A 96 6.24 10.17 13.90
C LEU A 96 7.38 10.65 14.79
N GLU A 97 7.65 9.90 15.85
CA GLU A 97 8.72 10.24 16.79
C GLU A 97 10.09 10.04 16.14
N ILE A 98 10.30 8.86 15.57
CA ILE A 98 11.57 8.55 14.92
C ILE A 98 11.86 9.52 13.78
N ALA A 99 10.81 9.89 13.06
CA ALA A 99 10.94 10.82 11.93
C ALA A 99 11.43 12.18 12.40
N GLU A 100 10.88 12.66 13.52
CA GLU A 100 11.26 13.96 14.07
C GLU A 100 12.66 13.90 14.67
N ALA A 101 12.88 12.91 15.53
CA ALA A 101 14.19 12.74 16.17
C ALA A 101 15.29 12.57 15.14
N ASN A 102 15.00 11.81 14.08
CA ASN A 102 15.97 11.56 13.02
C ASN A 102 16.14 12.80 12.14
N LEU A 103 15.03 13.43 11.79
CA LEU A 103 15.06 14.62 10.97
C LEU A 103 15.94 15.71 11.59
N ARG A 104 16.07 15.67 12.90
CA ARG A 104 16.88 16.64 13.62
C ARG A 104 18.29 16.72 13.02
N LYS A 105 18.75 15.60 12.47
CA LYS A 105 20.08 15.55 11.86
C LYS A 105 19.98 15.23 10.37
N ALA A 106 19.06 14.34 10.02
CA ALA A 106 18.85 13.95 8.63
C ALA A 106 18.48 15.15 7.78
N GLU A 107 18.45 14.95 6.45
CA GLU A 107 18.12 16.02 5.53
C GLU A 107 16.67 16.46 5.71
N GLY A 108 16.18 17.30 4.80
CA GLY A 108 14.81 17.78 4.87
C GLY A 108 13.79 16.66 4.73
N ALA A 109 12.57 17.02 4.37
CA ALA A 109 11.51 16.05 4.19
C ALA A 109 11.91 14.96 3.21
N ARG A 110 12.82 15.30 2.30
CA ARG A 110 13.29 14.35 1.30
C ARG A 110 13.84 13.08 1.96
N GLN A 111 14.66 13.26 3.00
CA GLN A 111 15.24 12.14 3.71
C GLN A 111 14.17 11.33 4.42
N LYS A 112 13.15 12.01 4.92
CA LYS A 112 12.05 11.35 5.63
C LYS A 112 11.31 10.39 4.70
N ILE A 113 10.98 10.86 3.51
CA ILE A 113 10.27 10.04 2.54
C ILE A 113 11.05 8.77 2.22
N GLU A 114 12.32 8.94 1.87
CA GLU A 114 13.18 7.81 1.54
C GLU A 114 13.27 6.84 2.71
N ALA A 115 13.53 7.37 3.90
CA ALA A 115 13.64 6.55 5.10
C ALA A 115 12.35 5.76 5.34
N ASN A 116 11.21 6.43 5.19
CA ASN A 116 9.92 5.79 5.40
C ASN A 116 9.74 4.61 4.46
N LEU A 117 10.01 4.83 3.17
CA LEU A 117 9.89 3.78 2.17
C LEU A 117 10.71 2.55 2.55
N ALA A 118 11.86 2.80 3.18
CA ALA A 118 12.74 1.72 3.61
C ALA A 118 12.12 0.93 4.75
N LEU A 119 11.43 1.62 5.64
CA LEU A 119 10.78 0.98 6.79
C LEU A 119 9.66 0.05 6.33
N ARG A 120 8.83 0.55 5.43
CA ARG A 120 7.71 -0.23 4.92
C ARG A 120 8.20 -1.47 4.17
N ARG A 121 9.32 -1.32 3.47
CA ARG A 121 9.90 -2.42 2.71
C ARG A 121 10.46 -3.49 3.65
N ALA A 122 11.24 -3.06 4.64
CA ALA A 122 11.83 -3.97 5.60
C ALA A 122 10.75 -4.76 6.34
N ARG A 123 9.75 -4.06 6.85
CA ARG A 123 8.66 -4.69 7.59
C ARG A 123 8.03 -5.81 6.76
N THR A 124 7.71 -5.50 5.51
CA THR A 124 7.10 -6.48 4.62
C THR A 124 8.02 -7.66 4.38
N ARG A 125 9.32 -7.38 4.31
CA ARG A 125 10.33 -8.42 4.08
C ARG A 125 10.30 -9.46 5.21
N VAL A 126 10.37 -8.98 6.45
CA VAL A 126 10.36 -9.86 7.61
C VAL A 126 9.01 -10.57 7.74
N GLU A 127 7.94 -9.86 7.38
CA GLU A 127 6.60 -10.43 7.45
C GLU A 127 6.43 -11.57 6.45
N ALA A 128 6.90 -11.35 5.24
CA ALA A 128 6.80 -12.35 4.18
C ALA A 128 7.76 -13.51 4.44
N SER A 129 8.95 -13.18 4.95
CA SER A 129 9.96 -14.20 5.23
C SER A 129 9.54 -15.06 6.42
N ASN A 130 9.00 -14.42 7.44
CA ASN A 130 8.56 -15.14 8.64
C ASN A 130 7.04 -15.04 8.80
N THR A 131 6.32 -15.27 7.71
CA THR A 131 4.87 -15.21 7.73
C THR A 131 4.30 -16.17 8.77
N ILE A 132 4.71 -17.43 8.70
CA ILE A 132 4.24 -18.44 9.64
C ILE A 132 5.26 -19.56 9.80
N SER A 133 5.93 -19.59 10.94
CA SER A 133 6.94 -20.61 11.21
C SER A 133 6.27 -21.96 11.49
N SER A 134 7.02 -23.03 11.30
CA SER A 134 6.51 -24.38 11.53
C SER A 134 6.77 -24.82 12.97
N MET A 1 -15.44 -10.67 -4.98
CA MET A 1 -15.82 -11.99 -5.45
C MET A 1 -15.54 -12.15 -6.94
N VAL A 2 -15.86 -11.11 -7.71
CA VAL A 2 -15.64 -11.13 -9.16
C VAL A 2 -14.29 -10.52 -9.51
N MET A 3 -13.89 -9.51 -8.75
CA MET A 3 -12.61 -8.84 -8.99
C MET A 3 -11.53 -9.39 -8.07
N THR A 4 -10.27 -9.13 -8.44
CA THR A 4 -9.14 -9.61 -7.65
C THR A 4 -7.98 -8.62 -7.70
N VAL A 5 -7.82 -7.86 -6.61
CA VAL A 5 -6.75 -6.88 -6.53
C VAL A 5 -5.51 -7.46 -5.86
N ARG A 6 -4.34 -7.11 -6.38
CA ARG A 6 -3.08 -7.60 -5.83
C ARG A 6 -2.10 -6.45 -5.61
N VAL A 7 -1.46 -6.45 -4.44
CA VAL A 7 -0.50 -5.41 -4.10
C VAL A 7 0.92 -5.91 -4.25
N ILE A 8 1.82 -5.03 -4.68
CA ILE A 8 3.22 -5.38 -4.85
C ILE A 8 4.14 -4.37 -4.18
N ALA A 9 5.00 -4.86 -3.30
CA ALA A 9 5.94 -4.00 -2.59
C ALA A 9 7.28 -3.90 -3.32
N PRO A 10 8.06 -2.87 -3.02
CA PRO A 10 9.37 -2.64 -3.63
C PRO A 10 10.40 -3.68 -3.18
N ASP A 11 10.03 -4.49 -2.21
CA ASP A 11 10.92 -5.53 -1.70
C ASP A 11 10.48 -6.91 -2.17
N LYS A 12 9.21 -7.03 -2.53
CA LYS A 12 8.66 -8.30 -3.00
C LYS A 12 7.15 -8.18 -3.24
N THR A 13 6.51 -9.33 -3.45
CA THR A 13 5.07 -9.36 -3.69
C THR A 13 4.29 -9.37 -2.37
N VAL A 14 3.39 -8.40 -2.22
CA VAL A 14 2.58 -8.29 -1.01
C VAL A 14 1.59 -9.45 -0.92
N TRP A 15 0.60 -9.46 -1.80
CA TRP A 15 -0.41 -10.51 -1.81
C TRP A 15 -1.42 -10.28 -2.91
N ASP A 16 -2.50 -11.05 -2.89
CA ASP A 16 -3.56 -10.92 -3.89
C ASP A 16 -4.90 -11.39 -3.34
N ALA A 17 -5.71 -10.45 -2.89
CA ALA A 17 -7.02 -10.77 -2.34
C ALA A 17 -8.14 -10.37 -3.30
N PRO A 18 -9.32 -10.98 -3.13
CA PRO A 18 -10.49 -10.71 -3.97
C PRO A 18 -11.07 -9.32 -3.73
N ALA A 19 -12.06 -8.96 -4.52
CA ALA A 19 -12.71 -7.65 -4.39
C ALA A 19 -13.83 -7.49 -5.41
N GLU A 20 -14.56 -6.39 -5.31
CA GLU A 20 -15.67 -6.12 -6.21
C GLU A 20 -15.54 -4.74 -6.84
N GLU A 21 -15.07 -3.78 -6.06
CA GLU A 21 -14.89 -2.41 -6.53
C GLU A 21 -13.74 -1.72 -5.81
N VAL A 22 -12.85 -1.09 -6.56
CA VAL A 22 -11.72 -0.38 -5.99
C VAL A 22 -11.79 1.12 -6.26
N ILE A 23 -11.83 1.89 -5.19
CA ILE A 23 -11.91 3.35 -5.30
C ILE A 23 -10.75 4.02 -4.59
N LEU A 24 -10.03 4.87 -5.31
CA LEU A 24 -8.89 5.59 -4.75
C LEU A 24 -8.53 6.80 -5.61
N PRO A 25 -7.78 7.73 -5.01
CA PRO A 25 -7.34 8.96 -5.70
C PRO A 25 -6.30 8.67 -6.78
N SER A 26 -6.57 9.13 -8.00
CA SER A 26 -5.65 8.92 -9.11
C SER A 26 -5.29 10.25 -9.77
N THR A 27 -4.61 10.17 -10.91
CA THR A 27 -4.19 11.37 -11.62
C THR A 27 -5.35 12.33 -11.80
N THR A 28 -6.41 11.88 -12.46
CA THR A 28 -7.59 12.69 -12.69
C THR A 28 -8.28 13.05 -11.39
N GLY A 29 -7.92 12.34 -10.33
CA GLY A 29 -8.53 12.59 -9.02
C GLY A 29 -9.36 11.42 -8.54
N GLN A 30 -10.17 10.86 -9.42
CA GLN A 30 -11.03 9.73 -9.08
C GLN A 30 -10.71 8.52 -9.96
N LEU A 31 -10.60 7.35 -9.34
CA LEU A 31 -10.31 6.13 -10.06
C LEU A 31 -11.15 4.96 -9.52
N GLY A 32 -12.09 4.49 -10.32
CA GLY A 32 -12.93 3.39 -9.90
C GLY A 32 -12.85 2.21 -10.85
N ILE A 33 -12.10 1.18 -10.45
CA ILE A 33 -11.94 -0.01 -11.27
C ILE A 33 -12.77 -1.17 -10.72
N LEU A 34 -13.58 -1.77 -11.58
CA LEU A 34 -14.43 -2.90 -11.18
C LEU A 34 -13.92 -4.20 -11.79
N SER A 35 -14.60 -5.30 -11.48
CA SER A 35 -14.22 -6.61 -12.00
C SER A 35 -14.45 -6.68 -13.50
N ASN A 36 -15.62 -6.21 -13.94
CA ASN A 36 -15.97 -6.23 -15.36
C ASN A 36 -15.09 -5.25 -16.14
N HIS A 37 -14.47 -4.32 -15.43
CA HIS A 37 -13.60 -3.33 -16.06
C HIS A 37 -12.60 -4.00 -16.99
N ALA A 38 -12.06 -3.22 -17.93
CA ALA A 38 -11.09 -3.74 -18.88
C ALA A 38 -9.66 -3.49 -18.41
N PRO A 39 -8.71 -4.20 -19.02
CA PRO A 39 -7.29 -4.07 -18.68
C PRO A 39 -6.70 -2.72 -19.10
N LEU A 40 -6.12 -2.01 -18.15
CA LEU A 40 -5.52 -0.71 -18.42
C LEU A 40 -4.52 -0.32 -17.33
N LEU A 41 -3.53 0.47 -17.71
CA LEU A 41 -2.51 0.92 -16.77
C LEU A 41 -2.81 2.32 -16.26
N THR A 42 -2.50 2.56 -14.98
CA THR A 42 -2.75 3.86 -14.37
C THR A 42 -1.70 4.17 -13.30
N ALA A 43 -1.75 5.38 -12.76
CA ALA A 43 -0.80 5.80 -11.74
C ALA A 43 -1.52 6.39 -10.53
N LEU A 44 -0.95 6.20 -9.36
CA LEU A 44 -1.54 6.72 -8.12
C LEU A 44 -0.46 7.27 -7.19
N GLU A 45 -0.76 8.39 -6.54
CA GLU A 45 0.18 9.01 -5.61
C GLU A 45 -0.01 8.48 -4.20
N THR A 46 0.83 8.93 -3.28
CA THR A 46 0.75 8.50 -1.89
C THR A 46 -0.66 8.67 -1.34
N GLY A 47 -1.18 7.61 -0.72
CA GLY A 47 -2.52 7.67 -0.15
C GLY A 47 -3.05 6.29 0.18
N VAL A 48 -4.26 6.24 0.72
CA VAL A 48 -4.89 4.99 1.10
C VAL A 48 -5.90 4.54 0.05
N MET A 49 -6.12 3.23 -0.04
CA MET A 49 -7.06 2.67 -1.00
C MET A 49 -8.21 1.97 -0.29
N ARG A 50 -9.42 2.14 -0.82
CA ARG A 50 -10.61 1.52 -0.24
C ARG A 50 -11.08 0.35 -1.09
N VAL A 51 -10.99 -0.86 -0.53
CA VAL A 51 -11.41 -2.07 -1.23
C VAL A 51 -12.76 -2.56 -0.71
N ARG A 52 -13.64 -2.94 -1.63
CA ARG A 52 -14.97 -3.43 -1.27
C ARG A 52 -15.25 -4.77 -1.93
N GLN A 53 -15.35 -5.82 -1.12
CA GLN A 53 -15.61 -7.16 -1.63
C GLN A 53 -17.11 -7.40 -1.78
N ASP A 54 -17.88 -7.00 -0.76
CA ASP A 54 -19.32 -7.17 -0.79
C ASP A 54 -19.96 -6.59 0.47
N ARG A 55 -19.77 -7.29 1.58
CA ARG A 55 -20.33 -6.85 2.86
C ARG A 55 -19.25 -6.26 3.74
N GLU A 56 -18.02 -6.74 3.59
CA GLU A 56 -16.90 -6.26 4.38
C GLU A 56 -16.16 -5.14 3.65
N TRP A 57 -15.26 -4.47 4.36
CA TRP A 57 -14.49 -3.37 3.78
C TRP A 57 -13.04 -3.42 4.25
N VAL A 58 -12.11 -3.42 3.29
CA VAL A 58 -10.70 -3.46 3.61
C VAL A 58 -9.99 -2.20 3.14
N ALA A 59 -9.10 -1.67 3.98
CA ALA A 59 -8.35 -0.47 3.63
C ALA A 59 -6.85 -0.68 3.82
N ILE A 60 -6.07 -0.22 2.84
CA ILE A 60 -4.62 -0.36 2.89
C ILE A 60 -3.93 0.95 2.54
N ALA A 61 -2.81 1.22 3.21
CA ALA A 61 -2.05 2.43 2.97
C ALA A 61 -0.76 2.15 2.22
N LEU A 62 -0.54 2.85 1.12
CA LEU A 62 0.65 2.67 0.30
C LEU A 62 1.13 3.99 -0.29
N MET A 63 2.41 4.29 -0.12
CA MET A 63 2.99 5.52 -0.64
C MET A 63 2.88 5.57 -2.16
N GLY A 64 3.59 6.52 -2.77
CA GLY A 64 3.56 6.66 -4.21
C GLY A 64 3.84 5.35 -4.92
N GLY A 65 3.16 5.11 -6.03
CA GLY A 65 3.35 3.90 -6.79
C GLY A 65 2.51 3.85 -8.05
N PHE A 66 2.55 2.72 -8.74
CA PHE A 66 1.79 2.55 -9.98
C PHE A 66 0.81 1.38 -9.86
N ALA A 67 -0.37 1.55 -10.43
CA ALA A 67 -1.39 0.51 -10.39
C ALA A 67 -1.85 0.14 -11.80
N GLU A 68 -2.13 -1.15 -12.00
CA GLU A 68 -2.57 -1.64 -13.29
C GLU A 68 -3.50 -2.84 -13.14
N VAL A 69 -4.70 -2.72 -13.69
CA VAL A 69 -5.68 -3.79 -13.61
C VAL A 69 -5.83 -4.50 -14.95
N GLU A 70 -6.26 -5.75 -14.91
CA GLU A 70 -6.44 -6.55 -16.12
C GLU A 70 -7.12 -7.88 -15.81
N ASN A 71 -8.34 -8.06 -16.31
CA ASN A 71 -9.10 -9.28 -16.09
C ASN A 71 -9.14 -9.63 -14.60
N ASN A 72 -9.57 -8.67 -13.79
CA ASN A 72 -9.66 -8.87 -12.34
C ASN A 72 -8.28 -9.10 -11.74
N GLU A 73 -7.26 -8.48 -12.34
CA GLU A 73 -5.89 -8.62 -11.85
C GLU A 73 -5.23 -7.26 -11.70
N VAL A 74 -5.23 -6.76 -10.47
CA VAL A 74 -4.62 -5.47 -10.17
C VAL A 74 -3.21 -5.63 -9.61
N THR A 75 -2.31 -4.74 -10.03
CA THR A 75 -0.93 -4.78 -9.57
C THR A 75 -0.45 -3.40 -9.12
N ILE A 76 -0.33 -3.23 -7.81
CA ILE A 76 0.11 -1.96 -7.25
C ILE A 76 1.59 -2.03 -6.85
N LEU A 77 2.46 -1.59 -7.75
CA LEU A 77 3.90 -1.59 -7.49
C LEU A 77 4.34 -0.26 -6.88
N VAL A 78 4.22 -0.15 -5.57
CA VAL A 78 4.61 1.06 -4.86
C VAL A 78 6.02 0.93 -4.30
N ASN A 79 6.51 2.01 -3.68
CA ASN A 79 7.84 2.02 -3.10
C ASN A 79 7.79 2.24 -1.59
N GLY A 80 6.99 1.40 -0.91
CA GLY A 80 6.87 1.52 0.53
C GLY A 80 5.41 1.64 0.98
N ALA A 81 4.82 0.50 1.30
CA ALA A 81 3.42 0.47 1.75
C ALA A 81 3.29 -0.15 3.13
N GLU A 82 2.07 -0.39 3.56
CA GLU A 82 1.81 -0.98 4.86
C GLU A 82 0.31 -1.15 5.11
N ARG A 83 -0.05 -2.17 5.89
CA ARG A 83 -1.44 -2.44 6.19
C ARG A 83 -1.86 -1.78 7.50
N GLY A 84 -2.98 -1.08 7.48
CA GLY A 84 -3.46 -0.41 8.68
C GLY A 84 -3.72 -1.39 9.81
N ASP A 85 -3.86 -2.66 9.48
CA ASP A 85 -4.12 -3.69 10.48
C ASP A 85 -2.82 -4.20 11.09
N THR A 86 -1.74 -4.07 10.33
CA THR A 86 -0.43 -4.54 10.78
C THR A 86 0.37 -3.38 11.39
N ILE A 87 -0.34 -2.48 12.07
CA ILE A 87 0.30 -1.34 12.72
C ILE A 87 -0.21 -1.16 14.14
N ASP A 88 0.71 -0.86 15.06
CA ASP A 88 0.35 -0.65 16.45
C ASP A 88 0.03 0.82 16.72
N PRO A 89 -0.68 1.08 17.83
CA PRO A 89 -1.07 2.44 18.22
C PRO A 89 0.12 3.27 18.68
N GLN A 90 1.01 2.65 19.45
CA GLN A 90 2.19 3.33 19.95
C GLN A 90 3.25 3.47 18.86
N GLU A 91 3.22 2.55 17.89
CA GLU A 91 4.17 2.57 16.80
C GLU A 91 4.19 3.93 16.10
N ALA A 92 3.02 4.55 16.03
CA ALA A 92 2.90 5.86 15.40
C ALA A 92 3.81 6.89 16.07
N GLN A 93 3.75 6.95 17.39
CA GLN A 93 4.57 7.88 18.16
C GLN A 93 6.05 7.50 18.06
N GLN A 94 6.32 6.20 18.02
CA GLN A 94 7.70 5.72 17.93
C GLN A 94 8.33 6.09 16.59
N THR A 95 7.55 5.98 15.53
CA THR A 95 8.04 6.30 14.19
C THR A 95 8.29 7.80 14.05
N LEU A 96 7.47 8.61 14.72
CA LEU A 96 7.62 10.05 14.67
C LEU A 96 8.86 10.50 15.43
N GLU A 97 9.20 9.77 16.49
CA GLU A 97 10.37 10.09 17.30
C GLU A 97 11.66 9.75 16.55
N ILE A 98 11.72 8.54 16.02
CA ILE A 98 12.89 8.08 15.29
C ILE A 98 13.16 8.96 14.07
N ALA A 99 12.08 9.40 13.42
CA ALA A 99 12.21 10.25 12.24
C ALA A 99 12.73 11.63 12.62
N GLU A 100 12.16 12.22 13.68
CA GLU A 100 12.56 13.53 14.14
C GLU A 100 14.01 13.52 14.64
N ALA A 101 14.31 12.56 15.51
CA ALA A 101 15.65 12.43 16.07
C ALA A 101 16.69 12.20 14.96
N ASN A 102 16.33 11.36 14.00
CA ASN A 102 17.22 11.06 12.88
C ASN A 102 17.42 12.28 11.98
N LEU A 103 16.33 12.99 11.72
CA LEU A 103 16.38 14.18 10.88
C LEU A 103 17.28 15.24 11.49
N ARG A 104 17.40 15.21 12.81
CA ARG A 104 18.24 16.17 13.54
C ARG A 104 19.63 16.22 12.94
N LYS A 105 20.08 15.09 12.39
CA LYS A 105 21.41 15.00 11.79
C LYS A 105 21.31 14.76 10.29
N ALA A 106 20.33 13.96 9.89
CA ALA A 106 20.13 13.65 8.48
C ALA A 106 19.64 14.88 7.71
N GLU A 107 19.36 14.70 6.43
CA GLU A 107 18.89 15.79 5.58
C GLU A 107 17.56 16.33 6.09
N GLY A 108 16.94 17.20 5.29
CA GLY A 108 15.67 17.79 5.68
C GLY A 108 14.53 16.78 5.65
N ALA A 109 13.32 17.26 5.38
CA ALA A 109 12.15 16.39 5.32
C ALA A 109 12.37 15.25 4.34
N ARG A 110 13.24 15.46 3.35
CA ARG A 110 13.53 14.44 2.35
C ARG A 110 13.99 13.15 3.01
N GLN A 111 14.93 13.27 3.95
CA GLN A 111 15.45 12.10 4.66
C GLN A 111 14.39 11.49 5.57
N LYS A 112 13.54 12.34 6.13
CA LYS A 112 12.48 11.88 7.02
C LYS A 112 11.52 10.94 6.29
N ILE A 113 11.00 11.40 5.16
CA ILE A 113 10.08 10.61 4.36
C ILE A 113 10.71 9.28 3.96
N GLU A 114 11.96 9.34 3.50
CA GLU A 114 12.68 8.14 3.09
C GLU A 114 12.81 7.15 4.23
N ALA A 115 12.90 7.68 5.44
CA ALA A 115 13.03 6.83 6.63
C ALA A 115 11.71 6.14 6.96
N ASN A 116 10.61 6.85 6.74
CA ASN A 116 9.28 6.30 7.01
C ASN A 116 9.00 5.08 6.14
N LEU A 117 9.16 5.26 4.83
CA LEU A 117 8.93 4.18 3.88
C LEU A 117 9.91 3.03 4.11
N ALA A 118 11.13 3.38 4.51
CA ALA A 118 12.16 2.38 4.76
C ALA A 118 11.69 1.36 5.80
N LEU A 119 11.23 1.86 6.94
CA LEU A 119 10.75 0.99 8.02
C LEU A 119 9.50 0.23 7.58
N ARG A 120 8.60 0.92 6.89
CA ARG A 120 7.37 0.31 6.42
C ARG A 120 7.66 -0.86 5.49
N ARG A 121 8.67 -0.71 4.65
CA ARG A 121 9.06 -1.75 3.71
C ARG A 121 9.58 -2.99 4.45
N ALA A 122 10.61 -2.78 5.26
CA ALA A 122 11.20 -3.87 6.03
C ALA A 122 10.13 -4.64 6.80
N ARG A 123 9.23 -3.90 7.46
CA ARG A 123 8.17 -4.51 8.24
C ARG A 123 7.37 -5.52 7.39
N THR A 124 6.89 -5.06 6.24
CA THR A 124 6.12 -5.90 5.34
C THR A 124 6.95 -7.10 4.87
N ARG A 125 8.23 -6.85 4.61
CA ARG A 125 9.13 -7.91 4.16
C ARG A 125 9.15 -9.08 5.14
N VAL A 126 9.26 -8.76 6.43
CA VAL A 126 9.29 -9.78 7.46
C VAL A 126 7.94 -10.48 7.58
N GLU A 127 6.86 -9.70 7.47
CA GLU A 127 5.52 -10.25 7.58
C GLU A 127 5.21 -11.18 6.40
N ALA A 128 5.85 -10.92 5.27
CA ALA A 128 5.66 -11.73 4.07
C ALA A 128 6.58 -12.95 4.08
N SER A 129 7.81 -12.74 4.51
CA SER A 129 8.79 -13.82 4.57
C SER A 129 8.40 -14.85 5.62
N ASN A 130 7.99 -14.37 6.79
CA ASN A 130 7.59 -15.25 7.88
C ASN A 130 6.09 -15.12 8.16
N THR A 131 5.29 -15.13 7.10
CA THR A 131 3.84 -15.02 7.23
C THR A 131 3.27 -16.19 8.01
N ILE A 132 3.79 -17.39 7.76
CA ILE A 132 3.34 -18.59 8.45
C ILE A 132 4.42 -19.66 8.47
N SER A 133 5.02 -19.85 9.64
CA SER A 133 6.08 -20.84 9.80
C SER A 133 5.54 -22.25 9.56
N SER A 134 6.39 -23.11 9.01
CA SER A 134 6.00 -24.49 8.71
C SER A 134 5.54 -25.20 9.99
N MET A 1 -19.41 -11.42 -12.53
CA MET A 1 -18.99 -10.04 -12.31
C MET A 1 -18.21 -9.90 -11.00
N VAL A 2 -16.90 -10.02 -11.08
CA VAL A 2 -16.04 -9.91 -9.90
C VAL A 2 -14.60 -9.64 -10.30
N MET A 3 -14.03 -8.58 -9.74
CA MET A 3 -12.65 -8.22 -10.03
C MET A 3 -11.70 -8.74 -8.95
N THR A 4 -10.40 -8.57 -9.18
CA THR A 4 -9.40 -9.04 -8.23
C THR A 4 -8.19 -8.10 -8.21
N VAL A 5 -8.14 -7.23 -7.20
CA VAL A 5 -7.04 -6.29 -7.06
C VAL A 5 -5.98 -6.82 -6.10
N ARG A 6 -4.82 -7.15 -6.64
CA ARG A 6 -3.71 -7.67 -5.84
C ARG A 6 -2.70 -6.57 -5.52
N VAL A 7 -2.19 -6.58 -4.30
CA VAL A 7 -1.21 -5.58 -3.88
C VAL A 7 0.20 -6.13 -3.95
N ILE A 8 1.14 -5.29 -4.37
CA ILE A 8 2.54 -5.69 -4.50
C ILE A 8 3.46 -4.68 -3.83
N ALA A 9 4.19 -5.13 -2.82
CA ALA A 9 5.12 -4.26 -2.10
C ALA A 9 6.47 -4.18 -2.81
N PRO A 10 7.23 -3.13 -2.50
CA PRO A 10 8.55 -2.92 -3.10
C PRO A 10 9.58 -3.93 -2.63
N ASP A 11 9.20 -4.75 -1.65
CA ASP A 11 10.09 -5.77 -1.12
C ASP A 11 9.58 -7.16 -1.44
N LYS A 12 8.30 -7.25 -1.79
CA LYS A 12 7.67 -8.53 -2.14
C LYS A 12 6.18 -8.36 -2.37
N THR A 13 5.58 -9.34 -3.04
CA THR A 13 4.16 -9.30 -3.34
C THR A 13 3.32 -9.48 -2.08
N VAL A 14 2.43 -8.52 -1.83
CA VAL A 14 1.57 -8.57 -0.65
C VAL A 14 0.61 -9.75 -0.73
N TRP A 15 -0.41 -9.62 -1.58
CA TRP A 15 -1.41 -10.67 -1.74
C TRP A 15 -2.47 -10.27 -2.75
N ASP A 16 -3.54 -11.05 -2.83
CA ASP A 16 -4.63 -10.77 -3.75
C ASP A 16 -5.89 -10.35 -2.99
N ALA A 17 -6.45 -9.21 -3.37
CA ALA A 17 -7.65 -8.68 -2.73
C ALA A 17 -8.86 -8.79 -3.65
N PRO A 18 -9.46 -9.99 -3.71
CA PRO A 18 -10.63 -10.25 -4.56
C PRO A 18 -11.88 -9.52 -4.05
N ALA A 19 -12.73 -9.11 -4.97
CA ALA A 19 -13.96 -8.41 -4.63
C ALA A 19 -14.78 -8.07 -5.87
N GLU A 20 -15.94 -7.48 -5.66
CA GLU A 20 -16.82 -7.10 -6.77
C GLU A 20 -16.30 -5.84 -7.46
N GLU A 21 -15.83 -4.89 -6.67
CA GLU A 21 -15.32 -3.63 -7.21
C GLU A 21 -14.36 -2.96 -6.22
N VAL A 22 -13.41 -2.20 -6.75
CA VAL A 22 -12.44 -1.51 -5.91
C VAL A 22 -12.49 0.00 -6.14
N ILE A 23 -12.35 0.76 -5.07
CA ILE A 23 -12.38 2.21 -5.15
C ILE A 23 -11.23 2.84 -4.35
N LEU A 24 -10.52 3.77 -4.98
CA LEU A 24 -9.40 4.44 -4.31
C LEU A 24 -9.05 5.74 -5.04
N PRO A 25 -8.34 6.64 -4.34
CA PRO A 25 -7.92 7.92 -4.90
C PRO A 25 -6.84 7.76 -5.97
N SER A 26 -7.03 8.44 -7.09
CA SER A 26 -6.08 8.38 -8.19
C SER A 26 -5.71 9.78 -8.69
N THR A 27 -5.01 9.84 -9.82
CA THR A 27 -4.59 11.11 -10.38
C THR A 27 -5.75 12.10 -10.45
N THR A 28 -6.80 11.71 -11.17
CA THR A 28 -7.98 12.56 -11.32
C THR A 28 -8.67 12.77 -9.97
N GLY A 29 -8.32 11.95 -9.00
CA GLY A 29 -8.92 12.06 -7.68
C GLY A 29 -9.76 10.84 -7.31
N GLN A 30 -10.59 10.39 -8.26
CA GLN A 30 -11.45 9.24 -8.03
C GLN A 30 -11.17 8.15 -9.06
N LEU A 31 -11.07 6.91 -8.58
CA LEU A 31 -10.80 5.78 -9.45
C LEU A 31 -11.64 4.57 -9.04
N GLY A 32 -12.01 3.75 -10.02
CA GLY A 32 -12.80 2.57 -9.74
C GLY A 32 -12.63 1.49 -10.78
N ILE A 33 -12.17 0.32 -10.35
CA ILE A 33 -11.95 -0.80 -11.27
C ILE A 33 -12.97 -1.90 -11.03
N LEU A 34 -13.47 -2.48 -12.11
CA LEU A 34 -14.46 -3.55 -12.02
C LEU A 34 -14.04 -4.75 -12.87
N SER A 35 -14.86 -5.79 -12.85
CA SER A 35 -14.57 -7.00 -13.62
C SER A 35 -14.66 -6.73 -15.12
N ASN A 36 -15.72 -6.03 -15.52
CA ASN A 36 -15.92 -5.70 -16.93
C ASN A 36 -14.80 -4.79 -17.44
N HIS A 37 -14.07 -4.18 -16.52
CA HIS A 37 -12.97 -3.29 -16.87
C HIS A 37 -12.07 -3.93 -17.92
N ALA A 38 -11.32 -3.12 -18.63
CA ALA A 38 -10.40 -3.61 -19.66
C ALA A 38 -8.95 -3.47 -19.21
N PRO A 39 -8.05 -4.17 -19.92
CA PRO A 39 -6.62 -4.15 -19.61
C PRO A 39 -5.97 -2.81 -19.94
N LEU A 40 -5.73 -2.01 -18.90
CA LEU A 40 -5.12 -0.70 -19.08
C LEU A 40 -4.09 -0.42 -17.98
N LEU A 41 -3.09 0.39 -18.31
CA LEU A 41 -2.05 0.73 -17.36
C LEU A 41 -2.17 2.19 -16.91
N THR A 42 -2.28 2.39 -15.61
CA THR A 42 -2.41 3.74 -15.05
C THR A 42 -1.44 3.95 -13.90
N ALA A 43 -1.37 5.18 -13.40
CA ALA A 43 -0.49 5.51 -12.29
C ALA A 43 -1.28 5.82 -11.02
N LEU A 44 -0.73 5.46 -9.88
CA LEU A 44 -1.39 5.70 -8.60
C LEU A 44 -0.50 6.55 -7.69
N GLU A 45 -1.13 7.27 -6.76
CA GLU A 45 -0.39 8.12 -5.83
C GLU A 45 -0.51 7.58 -4.40
N THR A 46 0.21 8.21 -3.48
CA THR A 46 0.19 7.80 -2.08
C THR A 46 -1.19 8.00 -1.46
N GLY A 47 -1.55 7.11 -0.55
CA GLY A 47 -2.84 7.21 0.11
C GLY A 47 -3.34 5.87 0.62
N VAL A 48 -4.65 5.72 0.72
CA VAL A 48 -5.25 4.47 1.20
C VAL A 48 -6.23 3.90 0.19
N MET A 49 -6.30 2.58 0.11
CA MET A 49 -7.20 1.91 -0.82
C MET A 49 -8.34 1.23 -0.07
N ARG A 50 -9.54 1.27 -0.64
CA ARG A 50 -10.71 0.67 -0.02
C ARG A 50 -11.29 -0.41 -0.94
N VAL A 51 -11.26 -1.66 -0.46
CA VAL A 51 -11.78 -2.78 -1.24
C VAL A 51 -13.25 -3.03 -0.91
N ARG A 52 -14.06 -3.24 -1.94
CA ARG A 52 -15.49 -3.48 -1.77
C ARG A 52 -15.88 -4.85 -2.31
N GLN A 53 -16.12 -5.79 -1.40
CA GLN A 53 -16.50 -7.14 -1.80
C GLN A 53 -18.01 -7.25 -2.02
N ASP A 54 -18.77 -6.73 -1.07
CA ASP A 54 -20.22 -6.76 -1.17
C ASP A 54 -20.86 -5.96 -0.03
N ARG A 55 -20.70 -6.45 1.20
CA ARG A 55 -21.25 -5.78 2.37
C ARG A 55 -20.15 -5.27 3.28
N GLU A 56 -18.99 -5.92 3.22
CA GLU A 56 -17.85 -5.53 4.04
C GLU A 56 -16.81 -4.77 3.22
N TRP A 57 -15.92 -4.05 3.90
CA TRP A 57 -14.88 -3.29 3.22
C TRP A 57 -13.55 -3.44 3.95
N VAL A 58 -12.46 -3.27 3.21
CA VAL A 58 -11.12 -3.38 3.77
C VAL A 58 -10.30 -2.12 3.52
N ALA A 59 -9.46 -1.77 4.49
CA ALA A 59 -8.62 -0.58 4.37
C ALA A 59 -7.14 -0.95 4.48
N ILE A 60 -6.37 -0.62 3.44
CA ILE A 60 -4.94 -0.91 3.43
C ILE A 60 -4.14 0.35 3.11
N ALA A 61 -3.02 0.51 3.81
CA ALA A 61 -2.15 1.66 3.60
C ALA A 61 -1.07 1.36 2.57
N LEU A 62 -0.88 2.29 1.64
CA LEU A 62 0.12 2.13 0.59
C LEU A 62 0.55 3.48 0.03
N MET A 63 1.84 3.65 -0.18
CA MET A 63 2.39 4.89 -0.71
C MET A 63 2.28 4.92 -2.23
N GLY A 64 2.81 5.97 -2.84
CA GLY A 64 2.76 6.11 -4.28
C GLY A 64 3.29 4.88 -5.00
N GLY A 65 2.93 4.73 -6.26
CA GLY A 65 3.38 3.59 -7.04
C GLY A 65 2.69 3.49 -8.38
N PHE A 66 2.71 2.29 -8.96
CA PHE A 66 2.08 2.07 -10.26
C PHE A 66 0.93 1.07 -10.14
N ALA A 67 -0.02 1.17 -11.07
CA ALA A 67 -1.19 0.29 -11.07
C ALA A 67 -1.48 -0.23 -12.47
N GLU A 68 -1.64 -1.54 -12.60
CA GLU A 68 -1.93 -2.14 -13.89
C GLU A 68 -3.05 -3.18 -13.76
N VAL A 69 -4.20 -2.88 -14.33
CA VAL A 69 -5.34 -3.78 -14.28
C VAL A 69 -5.58 -4.45 -15.63
N GLU A 70 -6.00 -5.71 -15.61
CA GLU A 70 -6.26 -6.46 -16.82
C GLU A 70 -6.90 -7.81 -16.51
N ASN A 71 -8.06 -8.07 -17.11
CA ASN A 71 -8.77 -9.32 -16.89
C ASN A 71 -8.90 -9.62 -15.40
N ASN A 72 -9.50 -8.69 -14.67
CA ASN A 72 -9.68 -8.85 -13.23
C ASN A 72 -8.35 -9.12 -12.54
N GLU A 73 -7.29 -8.48 -13.02
CA GLU A 73 -5.96 -8.65 -12.44
C GLU A 73 -5.26 -7.31 -12.29
N VAL A 74 -5.30 -6.76 -11.08
CA VAL A 74 -4.67 -5.48 -10.78
C VAL A 74 -3.35 -5.67 -10.03
N THR A 75 -2.34 -4.88 -10.39
CA THR A 75 -1.05 -4.96 -9.74
C THR A 75 -0.62 -3.61 -9.19
N ILE A 76 -0.64 -3.47 -7.87
CA ILE A 76 -0.25 -2.23 -7.23
C ILE A 76 1.18 -2.30 -6.70
N LEU A 77 2.12 -1.81 -7.51
CA LEU A 77 3.53 -1.83 -7.13
C LEU A 77 3.91 -0.54 -6.41
N VAL A 78 3.63 -0.49 -5.11
CA VAL A 78 3.94 0.69 -4.30
C VAL A 78 5.39 0.66 -3.84
N ASN A 79 5.85 1.77 -3.28
CA ASN A 79 7.22 1.88 -2.78
C ASN A 79 7.23 2.11 -1.27
N GLY A 80 6.33 1.43 -0.57
CA GLY A 80 6.26 1.57 0.88
C GLY A 80 4.84 1.57 1.39
N ALA A 81 4.33 0.39 1.72
CA ALA A 81 2.98 0.24 2.24
C ALA A 81 2.97 -0.30 3.65
N GLU A 82 1.78 -0.44 4.23
CA GLU A 82 1.65 -0.96 5.58
C GLU A 82 0.22 -1.44 5.85
N ARG A 83 0.09 -2.44 6.71
CA ARG A 83 -1.22 -2.99 7.05
C ARG A 83 -1.78 -2.33 8.30
N GLY A 84 -3.05 -1.93 8.23
CA GLY A 84 -3.69 -1.29 9.36
C GLY A 84 -3.70 -2.17 10.59
N ASP A 85 -3.53 -3.48 10.39
CA ASP A 85 -3.54 -4.43 11.49
C ASP A 85 -2.13 -4.58 12.07
N THR A 86 -1.12 -4.32 11.25
CA THR A 86 0.27 -4.43 11.67
C THR A 86 0.82 -3.08 12.12
N ILE A 87 -0.05 -2.27 12.72
CA ILE A 87 0.36 -0.94 13.19
C ILE A 87 0.15 -0.81 14.70
N ASP A 88 1.11 -0.18 15.37
CA ASP A 88 1.03 0.01 16.82
C ASP A 88 1.18 1.48 17.16
N PRO A 89 0.72 1.85 18.38
CA PRO A 89 0.79 3.23 18.86
C PRO A 89 2.22 3.68 19.16
N GLN A 90 3.12 2.70 19.28
CA GLN A 90 4.53 2.99 19.57
C GLN A 90 5.21 3.61 18.35
N GLU A 91 4.69 3.30 17.16
CA GLU A 91 5.25 3.83 15.92
C GLU A 91 5.37 5.35 15.98
N ALA A 92 4.43 5.99 16.68
CA ALA A 92 4.43 7.43 16.82
C ALA A 92 5.67 7.92 17.56
N GLN A 93 6.02 7.23 18.65
CA GLN A 93 7.17 7.60 19.45
C GLN A 93 8.46 7.22 18.74
N GLN A 94 8.47 6.06 18.09
CA GLN A 94 9.64 5.58 17.37
C GLN A 94 9.97 6.51 16.20
N THR A 95 8.97 6.76 15.34
CA THR A 95 9.16 7.62 14.19
C THR A 95 9.60 9.02 14.62
N LEU A 96 8.95 9.56 15.64
CA LEU A 96 9.27 10.88 16.15
C LEU A 96 10.68 10.92 16.71
N GLU A 97 11.13 9.79 17.27
CA GLU A 97 12.46 9.70 17.84
C GLU A 97 13.52 9.62 16.75
N ILE A 98 13.30 8.75 15.78
CA ILE A 98 14.24 8.58 14.68
C ILE A 98 14.37 9.86 13.86
N ALA A 99 13.23 10.47 13.54
CA ALA A 99 13.22 11.71 12.76
C ALA A 99 13.94 12.82 13.50
N GLU A 100 13.67 12.94 14.80
CA GLU A 100 14.29 13.97 15.62
C GLU A 100 15.81 13.83 15.61
N ALA A 101 16.29 12.59 15.60
CA ALA A 101 17.73 12.32 15.59
C ALA A 101 18.32 12.65 14.23
N ASN A 102 17.59 12.28 13.17
CA ASN A 102 18.06 12.53 11.80
C ASN A 102 18.13 14.03 11.51
N LEU A 103 17.04 14.73 11.80
CA LEU A 103 16.97 16.17 11.57
C LEU A 103 17.90 16.91 12.53
N ARG A 104 18.14 16.31 13.70
CA ARG A 104 19.00 16.93 14.71
C ARG A 104 20.35 17.32 14.10
N LYS A 105 20.79 16.56 13.10
CA LYS A 105 22.05 16.83 12.43
C LYS A 105 21.84 17.21 10.98
N ALA A 106 20.89 16.54 10.32
CA ALA A 106 20.58 16.82 8.93
C ALA A 106 19.52 17.90 8.81
N GLU A 107 19.05 18.12 7.58
CA GLU A 107 18.04 19.15 7.33
C GLU A 107 17.47 19.02 5.91
N GLY A 108 16.49 18.14 5.76
CA GLY A 108 15.88 17.94 4.46
C GLY A 108 14.59 17.14 4.54
N ALA A 109 13.59 17.57 3.77
CA ALA A 109 12.30 16.88 3.75
C ALA A 109 12.43 15.48 3.18
N ARG A 110 13.28 15.33 2.18
CA ARG A 110 13.49 14.03 1.54
C ARG A 110 13.98 13.00 2.54
N GLN A 111 14.78 13.46 3.51
CA GLN A 111 15.32 12.57 4.54
C GLN A 111 14.19 11.91 5.32
N LYS A 112 13.18 12.69 5.68
CA LYS A 112 12.05 12.18 6.43
C LYS A 112 11.28 11.14 5.63
N ILE A 113 10.92 11.49 4.41
CA ILE A 113 10.18 10.59 3.53
C ILE A 113 10.95 9.29 3.32
N GLU A 114 12.25 9.41 3.05
CA GLU A 114 13.10 8.25 2.82
C GLU A 114 13.07 7.31 4.03
N ALA A 115 12.99 7.90 5.22
CA ALA A 115 12.96 7.11 6.45
C ALA A 115 11.60 6.44 6.63
N ASN A 116 10.54 7.17 6.31
CA ASN A 116 9.18 6.64 6.44
C ASN A 116 9.01 5.38 5.59
N LEU A 117 9.27 5.51 4.30
CA LEU A 117 9.14 4.38 3.38
C LEU A 117 10.10 3.26 3.75
N ALA A 118 11.29 3.64 4.22
CA ALA A 118 12.29 2.67 4.61
C ALA A 118 11.74 1.67 5.63
N LEU A 119 11.11 2.20 6.68
CA LEU A 119 10.53 1.36 7.72
C LEU A 119 9.42 0.49 7.16
N ARG A 120 8.56 1.09 6.34
CA ARG A 120 7.44 0.37 5.73
C ARG A 120 7.96 -0.82 4.92
N ARG A 121 9.12 -0.65 4.30
CA ARG A 121 9.71 -1.71 3.48
C ARG A 121 10.21 -2.86 4.37
N ALA A 122 10.83 -2.52 5.49
CA ALA A 122 11.36 -3.52 6.40
C ALA A 122 10.22 -4.25 7.11
N ARG A 123 9.21 -3.50 7.55
CA ARG A 123 8.08 -4.08 8.24
C ARG A 123 7.42 -5.18 7.40
N THR A 124 7.05 -4.83 6.17
CA THR A 124 6.42 -5.78 5.26
C THR A 124 7.35 -6.93 4.93
N ARG A 125 8.65 -6.65 4.92
CA ARG A 125 9.65 -7.66 4.62
C ARG A 125 9.61 -8.79 5.65
N VAL A 126 9.49 -8.42 6.92
CA VAL A 126 9.44 -9.40 7.99
C VAL A 126 8.16 -10.22 7.93
N GLU A 127 7.03 -9.55 7.75
CA GLU A 127 5.75 -10.22 7.67
C GLU A 127 5.68 -11.14 6.46
N ALA A 128 6.35 -10.73 5.38
CA ALA A 128 6.38 -11.52 4.15
C ALA A 128 7.31 -12.71 4.29
N SER A 129 8.45 -12.51 4.94
CA SER A 129 9.43 -13.57 5.13
C SER A 129 8.89 -14.64 6.08
N ASN A 130 8.49 -14.21 7.27
CA ASN A 130 7.95 -15.13 8.27
C ASN A 130 6.42 -15.08 8.30
N THR A 131 5.81 -15.11 7.12
CA THR A 131 4.36 -15.07 7.00
C THR A 131 3.71 -16.19 7.80
N ILE A 132 4.37 -17.35 7.82
CA ILE A 132 3.85 -18.51 8.55
C ILE A 132 4.79 -19.70 8.43
N SER A 133 5.46 -20.03 9.53
CA SER A 133 6.39 -21.15 9.54
C SER A 133 5.64 -22.48 9.53
N SER A 134 6.34 -23.54 9.13
CA SER A 134 5.74 -24.87 9.07
C SER A 134 6.13 -25.70 10.29
N MET A 1 -16.93 -12.91 -11.80
CA MET A 1 -17.81 -11.93 -11.15
C MET A 1 -16.99 -10.86 -10.45
N VAL A 2 -15.97 -11.28 -9.72
CA VAL A 2 -15.11 -10.34 -9.00
C VAL A 2 -13.68 -10.40 -9.53
N MET A 3 -12.91 -9.34 -9.26
CA MET A 3 -11.52 -9.28 -9.70
C MET A 3 -10.57 -9.71 -8.59
N THR A 4 -9.29 -9.80 -8.91
CA THR A 4 -8.28 -10.20 -7.94
C THR A 4 -7.24 -9.10 -7.74
N VAL A 5 -7.39 -8.35 -6.66
CA VAL A 5 -6.46 -7.26 -6.35
C VAL A 5 -5.35 -7.74 -5.42
N ARG A 6 -4.10 -7.46 -5.80
CA ARG A 6 -2.95 -7.87 -5.01
C ARG A 6 -1.95 -6.71 -4.88
N VAL A 7 -1.45 -6.50 -3.66
CA VAL A 7 -0.48 -5.44 -3.41
C VAL A 7 0.94 -5.99 -3.39
N ILE A 8 1.87 -5.22 -3.96
CA ILE A 8 3.27 -5.62 -4.00
C ILE A 8 4.19 -4.42 -3.79
N ALA A 9 5.31 -4.67 -3.13
CA ALA A 9 6.29 -3.61 -2.86
C ALA A 9 7.64 -3.94 -3.48
N PRO A 10 8.48 -2.91 -3.66
CA PRO A 10 9.81 -3.06 -4.24
C PRO A 10 10.76 -3.81 -3.32
N ASP A 11 10.32 -4.07 -2.10
CA ASP A 11 11.14 -4.79 -1.13
C ASP A 11 10.62 -6.22 -0.94
N LYS A 12 9.37 -6.44 -1.30
CA LYS A 12 8.76 -7.76 -1.17
C LYS A 12 7.31 -7.73 -1.61
N THR A 13 6.59 -8.82 -1.34
CA THR A 13 5.18 -8.92 -1.69
C THR A 13 4.28 -8.71 -0.48
N VAL A 14 3.05 -8.27 -0.72
CA VAL A 14 2.10 -8.03 0.35
C VAL A 14 1.07 -9.16 0.44
N TRP A 15 0.20 -9.22 -0.56
CA TRP A 15 -0.85 -10.25 -0.59
C TRP A 15 -1.70 -10.11 -1.86
N ASP A 16 -2.62 -11.06 -2.05
CA ASP A 16 -3.48 -11.05 -3.22
C ASP A 16 -4.88 -11.54 -2.85
N ALA A 17 -5.75 -10.61 -2.48
CA ALA A 17 -7.11 -10.95 -2.11
C ALA A 17 -8.11 -10.51 -3.18
N PRO A 18 -9.29 -11.13 -3.18
CA PRO A 18 -10.34 -10.82 -4.16
C PRO A 18 -10.96 -9.45 -3.92
N ALA A 19 -11.85 -9.03 -4.82
CA ALA A 19 -12.52 -7.74 -4.71
C ALA A 19 -13.54 -7.56 -5.82
N GLU A 20 -14.69 -6.99 -5.46
CA GLU A 20 -15.76 -6.75 -6.44
C GLU A 20 -15.59 -5.39 -7.11
N GLU A 21 -15.07 -4.43 -6.35
CA GLU A 21 -14.87 -3.08 -6.86
C GLU A 21 -13.86 -2.32 -6.01
N VAL A 22 -12.90 -1.69 -6.66
CA VAL A 22 -11.87 -0.92 -5.97
C VAL A 22 -11.88 0.54 -6.40
N ILE A 23 -12.09 1.43 -5.43
CA ILE A 23 -12.13 2.86 -5.72
C ILE A 23 -10.98 3.59 -5.02
N LEU A 24 -10.32 4.48 -5.75
CA LEU A 24 -9.20 5.23 -5.21
C LEU A 24 -8.92 6.47 -6.06
N PRO A 25 -8.21 7.44 -5.47
CA PRO A 25 -7.85 8.69 -6.16
C PRO A 25 -6.82 8.47 -7.26
N SER A 26 -7.14 8.92 -8.47
CA SER A 26 -6.24 8.78 -9.60
C SER A 26 -5.97 10.12 -10.26
N THR A 27 -5.31 10.09 -11.42
CA THR A 27 -4.99 11.31 -12.15
C THR A 27 -6.21 12.20 -12.29
N THR A 28 -7.26 11.67 -12.93
CA THR A 28 -8.49 12.43 -13.13
C THR A 28 -9.16 12.74 -11.80
N GLY A 29 -8.73 12.07 -10.74
CA GLY A 29 -9.30 12.30 -9.43
C GLY A 29 -10.05 11.09 -8.90
N GLN A 30 -10.87 10.48 -9.76
CA GLN A 30 -11.64 9.30 -9.37
C GLN A 30 -11.31 8.11 -10.27
N LEU A 31 -11.13 6.95 -9.65
CA LEU A 31 -10.81 5.73 -10.39
C LEU A 31 -11.60 4.54 -9.85
N GLY A 32 -12.03 3.67 -10.75
CA GLY A 32 -12.78 2.51 -10.35
C GLY A 32 -12.53 1.31 -11.24
N ILE A 33 -11.97 0.25 -10.68
CA ILE A 33 -11.68 -0.96 -11.44
C ILE A 33 -12.54 -2.12 -10.97
N LEU A 34 -12.95 -2.97 -11.92
CA LEU A 34 -13.78 -4.13 -11.61
C LEU A 34 -13.28 -5.37 -12.34
N SER A 35 -13.97 -6.49 -12.13
CA SER A 35 -13.60 -7.74 -12.77
C SER A 35 -13.85 -7.69 -14.27
N ASN A 36 -15.01 -7.18 -14.65
CA ASN A 36 -15.38 -7.06 -16.05
C ASN A 36 -14.43 -6.12 -16.78
N HIS A 37 -13.71 -5.30 -16.02
CA HIS A 37 -12.76 -4.36 -16.60
C HIS A 37 -11.84 -5.05 -17.59
N ALA A 38 -11.23 -4.27 -18.49
CA ALA A 38 -10.32 -4.81 -19.49
C ALA A 38 -8.87 -4.66 -19.04
N PRO A 39 -7.97 -5.40 -19.70
CA PRO A 39 -6.54 -5.37 -19.40
C PRO A 39 -5.89 -4.04 -19.77
N LEU A 40 -5.64 -3.21 -18.77
CA LEU A 40 -5.02 -1.90 -19.00
C LEU A 40 -4.24 -1.46 -17.77
N LEU A 41 -3.21 -0.66 -18.01
CA LEU A 41 -2.36 -0.16 -16.92
C LEU A 41 -2.61 1.33 -16.69
N THR A 42 -2.44 1.77 -15.44
CA THR A 42 -2.64 3.17 -15.10
C THR A 42 -1.66 3.60 -14.00
N ALA A 43 -1.62 4.91 -13.74
CA ALA A 43 -0.73 5.45 -12.73
C ALA A 43 -1.52 6.09 -11.58
N LEU A 44 -1.08 5.86 -10.36
CA LEU A 44 -1.75 6.41 -9.18
C LEU A 44 -0.75 7.08 -8.25
N GLU A 45 -1.22 8.08 -7.51
CA GLU A 45 -0.37 8.82 -6.59
C GLU A 45 -0.63 8.37 -5.14
N THR A 46 0.14 8.93 -4.22
CA THR A 46 -0.01 8.59 -2.80
C THR A 46 -1.44 8.81 -2.33
N GLY A 47 -1.95 7.85 -1.55
CA GLY A 47 -3.30 7.96 -1.04
C GLY A 47 -3.78 6.67 -0.40
N VAL A 48 -5.09 6.57 -0.17
CA VAL A 48 -5.67 5.39 0.45
C VAL A 48 -6.59 4.68 -0.52
N MET A 49 -6.65 3.35 -0.41
CA MET A 49 -7.50 2.55 -1.29
C MET A 49 -8.63 1.90 -0.48
N ARG A 50 -9.84 1.92 -1.04
CA ARG A 50 -11.00 1.34 -0.39
C ARG A 50 -11.58 0.20 -1.22
N VAL A 51 -11.53 -1.01 -0.68
CA VAL A 51 -12.05 -2.18 -1.37
C VAL A 51 -13.49 -2.45 -0.97
N ARG A 52 -14.31 -2.84 -1.95
CA ARG A 52 -15.72 -3.14 -1.70
C ARG A 52 -16.10 -4.49 -2.29
N GLN A 53 -16.43 -5.45 -1.42
CA GLN A 53 -16.81 -6.78 -1.87
C GLN A 53 -18.31 -6.84 -2.17
N ASP A 54 -19.12 -6.85 -1.12
CA ASP A 54 -20.57 -6.91 -1.27
C ASP A 54 -21.26 -6.88 0.08
N ARG A 55 -20.70 -6.13 1.02
CA ARG A 55 -21.26 -6.02 2.36
C ARG A 55 -20.45 -5.06 3.21
N GLU A 56 -19.13 -5.24 3.21
CA GLU A 56 -18.24 -4.38 3.99
C GLU A 56 -17.16 -3.78 3.11
N TRP A 57 -16.23 -3.05 3.73
CA TRP A 57 -15.14 -2.42 3.00
C TRP A 57 -13.86 -2.42 3.82
N VAL A 58 -12.71 -2.40 3.13
CA VAL A 58 -11.42 -2.40 3.80
C VAL A 58 -10.57 -1.22 3.36
N ALA A 59 -9.74 -0.71 4.26
CA ALA A 59 -8.87 0.42 3.96
C ALA A 59 -7.40 0.01 4.06
N ILE A 60 -6.60 0.46 3.09
CA ILE A 60 -5.18 0.15 3.07
C ILE A 60 -4.37 1.32 2.55
N ALA A 61 -3.51 1.88 3.40
CA ALA A 61 -2.68 3.00 3.02
C ALA A 61 -1.67 2.61 1.94
N LEU A 62 -1.85 3.16 0.74
CA LEU A 62 -0.97 2.86 -0.38
C LEU A 62 -0.36 4.14 -0.96
N MET A 63 0.92 4.35 -0.69
CA MET A 63 1.62 5.53 -1.19
C MET A 63 1.71 5.51 -2.71
N GLY A 64 2.51 6.43 -3.26
CA GLY A 64 2.66 6.49 -4.70
C GLY A 64 3.03 5.15 -5.31
N GLY A 65 2.38 4.82 -6.43
CA GLY A 65 2.66 3.55 -7.08
C GLY A 65 1.95 3.42 -8.41
N PHE A 66 1.97 2.23 -8.98
CA PHE A 66 1.32 1.96 -10.26
C PHE A 66 0.34 0.80 -10.14
N ALA A 67 -0.79 0.92 -10.84
CA ALA A 67 -1.81 -0.13 -10.81
C ALA A 67 -2.09 -0.63 -12.22
N GLU A 68 -2.23 -1.95 -12.35
CA GLU A 68 -2.51 -2.56 -13.64
C GLU A 68 -3.49 -3.72 -13.49
N VAL A 69 -4.67 -3.56 -14.07
CA VAL A 69 -5.71 -4.60 -14.00
C VAL A 69 -5.85 -5.33 -15.33
N GLU A 70 -6.15 -6.61 -15.28
CA GLU A 70 -6.32 -7.42 -16.49
C GLU A 70 -6.84 -8.81 -16.15
N ASN A 71 -7.98 -9.17 -16.74
CA ASN A 71 -8.58 -10.48 -16.50
C ASN A 71 -8.68 -10.77 -15.00
N ASN A 72 -9.30 -9.84 -14.26
CA ASN A 72 -9.46 -10.00 -12.83
C ASN A 72 -8.11 -10.13 -12.14
N GLU A 73 -7.12 -9.40 -12.65
CA GLU A 73 -5.77 -9.45 -12.08
C GLU A 73 -5.20 -8.04 -11.93
N VAL A 74 -5.31 -7.49 -10.73
CA VAL A 74 -4.80 -6.15 -10.45
C VAL A 74 -3.44 -6.20 -9.78
N THR A 75 -2.51 -5.36 -10.23
CA THR A 75 -1.17 -5.32 -9.67
C THR A 75 -0.81 -3.90 -9.22
N ILE A 76 -0.85 -3.68 -7.92
CA ILE A 76 -0.52 -2.37 -7.36
C ILE A 76 0.90 -2.35 -6.80
N LEU A 77 1.84 -1.90 -7.62
CA LEU A 77 3.24 -1.83 -7.21
C LEU A 77 3.53 -0.50 -6.50
N VAL A 78 3.28 -0.47 -5.19
CA VAL A 78 3.52 0.73 -4.40
C VAL A 78 4.89 0.68 -3.73
N ASN A 79 5.52 1.85 -3.59
CA ASN A 79 6.83 1.95 -2.97
C ASN A 79 6.70 2.23 -1.47
N GLY A 80 5.78 1.53 -0.83
CA GLY A 80 5.57 1.72 0.60
C GLY A 80 4.10 1.83 0.97
N ALA A 81 3.65 0.96 1.86
CA ALA A 81 2.26 0.96 2.29
C ALA A 81 2.13 0.49 3.74
N GLU A 82 0.92 0.58 4.28
CA GLU A 82 0.68 0.17 5.66
C GLU A 82 -0.80 -0.15 5.86
N ARG A 83 -1.07 -1.30 6.48
CA ARG A 83 -2.44 -1.73 6.74
C ARG A 83 -2.88 -1.30 8.14
N GLY A 84 -4.08 -0.70 8.21
CA GLY A 84 -4.60 -0.26 9.49
C GLY A 84 -4.74 -1.39 10.49
N ASP A 85 -4.77 -2.62 9.99
CA ASP A 85 -4.91 -3.79 10.84
C ASP A 85 -3.54 -4.25 11.36
N THR A 86 -2.50 -3.93 10.60
CA THR A 86 -1.13 -4.31 10.98
C THR A 86 -0.43 -3.16 11.72
N ILE A 87 -1.21 -2.37 12.44
CA ILE A 87 -0.66 -1.25 13.20
C ILE A 87 -0.33 -1.66 14.62
N ASP A 88 0.87 -1.28 15.07
CA ASP A 88 1.32 -1.60 16.42
C ASP A 88 1.83 -0.35 17.14
N PRO A 89 1.88 -0.43 18.48
CA PRO A 89 2.35 0.70 19.31
C PRO A 89 3.85 0.94 19.16
N GLN A 90 4.56 -0.04 18.61
CA GLN A 90 6.00 0.08 18.41
C GLN A 90 6.31 1.01 17.24
N GLU A 91 5.40 1.06 16.28
CA GLU A 91 5.58 1.91 15.11
C GLU A 91 5.86 3.35 15.52
N ALA A 92 5.07 3.85 16.47
CA ALA A 92 5.22 5.21 16.95
C ALA A 92 6.65 5.48 17.43
N GLN A 93 7.22 4.51 18.14
CA GLN A 93 8.58 4.63 18.66
C GLN A 93 9.60 4.54 17.52
N GLN A 94 9.30 3.71 16.53
CA GLN A 94 10.18 3.52 15.39
C GLN A 94 10.25 4.79 14.55
N THR A 95 9.09 5.34 14.21
CA THR A 95 9.03 6.55 13.40
C THR A 95 9.75 7.70 14.09
N LEU A 96 9.59 7.80 15.40
CA LEU A 96 10.23 8.86 16.18
C LEU A 96 11.73 8.64 16.27
N GLU A 97 12.14 7.38 16.31
CA GLU A 97 13.55 7.03 16.39
C GLU A 97 14.32 7.57 15.19
N ILE A 98 13.77 7.35 14.00
CA ILE A 98 14.40 7.82 12.77
C ILE A 98 14.44 9.34 12.73
N ALA A 99 13.32 9.97 13.06
CA ALA A 99 13.23 11.43 13.06
C ALA A 99 14.21 12.05 14.06
N GLU A 100 14.47 11.32 15.14
CA GLU A 100 15.39 11.79 16.17
C GLU A 100 16.82 11.83 15.64
N ALA A 101 17.25 10.74 15.01
CA ALA A 101 18.59 10.65 14.46
C ALA A 101 18.87 11.80 13.50
N ASN A 102 17.92 12.06 12.60
CA ASN A 102 18.07 13.14 11.63
C ASN A 102 18.15 14.50 12.32
N LEU A 103 17.27 14.70 13.31
CA LEU A 103 17.24 15.96 14.05
C LEU A 103 18.53 16.16 14.83
N ARG A 104 19.19 15.05 15.18
CA ARG A 104 20.43 15.11 15.92
C ARG A 104 21.44 16.03 15.25
N LYS A 105 21.93 15.61 14.09
CA LYS A 105 22.90 16.40 13.33
C LYS A 105 22.33 16.81 11.97
N ALA A 106 21.60 15.89 11.34
CA ALA A 106 20.99 16.16 10.04
C ALA A 106 19.94 17.26 10.14
N GLU A 107 19.35 17.62 9.00
CA GLU A 107 18.34 18.66 8.97
C GLU A 107 17.78 18.82 7.56
N GLY A 108 16.72 18.08 7.25
CA GLY A 108 16.10 18.15 5.94
C GLY A 108 14.74 17.50 5.91
N ALA A 109 13.76 18.20 5.34
CA ALA A 109 12.40 17.68 5.24
C ALA A 109 12.36 16.44 4.36
N ARG A 110 13.07 16.47 3.24
CA ARG A 110 13.11 15.35 2.32
C ARG A 110 13.56 14.08 3.03
N GLN A 111 14.52 14.23 3.93
CA GLN A 111 15.05 13.09 4.67
C GLN A 111 13.95 12.39 5.45
N LYS A 112 13.08 13.18 6.06
CA LYS A 112 11.97 12.65 6.85
C LYS A 112 10.99 11.88 5.96
N ILE A 113 10.60 12.50 4.85
CA ILE A 113 9.67 11.89 3.91
C ILE A 113 10.20 10.54 3.43
N GLU A 114 11.43 10.54 2.92
CA GLU A 114 12.05 9.31 2.42
C GLU A 114 12.05 8.23 3.50
N ALA A 115 12.40 8.61 4.72
CA ALA A 115 12.44 7.67 5.83
C ALA A 115 11.05 7.16 6.16
N ASN A 116 10.04 8.02 5.99
CA ASN A 116 8.66 7.65 6.27
C ASN A 116 8.23 6.45 5.42
N LEU A 117 8.36 6.59 4.11
CA LEU A 117 7.98 5.52 3.19
C LEU A 117 8.83 4.27 3.44
N ALA A 118 10.09 4.48 3.81
CA ALA A 118 11.00 3.37 4.08
C ALA A 118 10.56 2.58 5.30
N LEU A 119 9.92 3.27 6.25
CA LEU A 119 9.44 2.63 7.47
C LEU A 119 8.23 1.75 7.19
N ARG A 120 7.19 2.34 6.60
CA ARG A 120 5.97 1.61 6.28
C ARG A 120 6.28 0.43 5.36
N ARG A 121 7.24 0.62 4.46
CA ARG A 121 7.61 -0.43 3.52
C ARG A 121 8.38 -1.54 4.23
N ALA A 122 9.40 -1.16 4.99
CA ALA A 122 10.21 -2.12 5.74
C ALA A 122 9.33 -3.05 6.56
N ARG A 123 8.43 -2.47 7.35
CA ARG A 123 7.53 -3.25 8.19
C ARG A 123 6.70 -4.21 7.36
N THR A 124 6.15 -3.70 6.25
CA THR A 124 5.34 -4.52 5.36
C THR A 124 6.07 -5.78 4.93
N ARG A 125 7.38 -5.64 4.70
CA ARG A 125 8.19 -6.77 4.28
C ARG A 125 8.33 -7.80 5.40
N VAL A 126 8.56 -7.31 6.61
CA VAL A 126 8.71 -8.19 7.78
C VAL A 126 7.49 -9.07 7.95
N GLU A 127 6.31 -8.45 8.01
CA GLU A 127 5.06 -9.19 8.18
C GLU A 127 4.85 -10.17 7.01
N ALA A 128 5.25 -9.75 5.82
CA ALA A 128 5.10 -10.58 4.63
C ALA A 128 5.93 -11.85 4.75
N SER A 129 7.23 -11.69 5.01
CA SER A 129 8.12 -12.84 5.15
C SER A 129 7.67 -13.76 6.27
N ASN A 130 7.28 -13.17 7.39
CA ASN A 130 6.81 -13.95 8.54
C ASN A 130 5.30 -13.83 8.70
N THR A 131 4.58 -13.99 7.59
CA THR A 131 3.13 -13.91 7.61
C THR A 131 2.53 -14.91 8.60
N ILE A 132 3.16 -16.08 8.70
CA ILE A 132 2.68 -17.12 9.61
C ILE A 132 3.58 -18.34 9.55
N SER A 133 4.35 -18.57 10.61
CA SER A 133 5.25 -19.72 10.67
C SER A 133 4.82 -20.68 11.78
N SER A 134 4.89 -21.98 11.47
CA SER A 134 4.50 -23.01 12.42
C SER A 134 4.86 -24.40 11.90
N MET A 1 -16.77 -12.26 -14.04
CA MET A 1 -17.55 -11.16 -13.47
C MET A 1 -16.99 -10.75 -12.12
N VAL A 2 -15.67 -10.87 -11.96
CA VAL A 2 -15.02 -10.52 -10.71
C VAL A 2 -13.63 -9.92 -10.96
N MET A 3 -13.18 -9.07 -10.05
CA MET A 3 -11.88 -8.43 -10.18
C MET A 3 -10.95 -8.86 -9.05
N THR A 4 -9.65 -8.90 -9.34
CA THR A 4 -8.67 -9.30 -8.34
C THR A 4 -7.54 -8.27 -8.24
N VAL A 5 -7.62 -7.42 -7.22
CA VAL A 5 -6.61 -6.38 -7.01
C VAL A 5 -5.54 -6.85 -6.03
N ARG A 6 -4.35 -7.12 -6.56
CA ARG A 6 -3.25 -7.58 -5.73
C ARG A 6 -2.21 -6.48 -5.55
N VAL A 7 -1.55 -6.48 -4.39
CA VAL A 7 -0.54 -5.47 -4.08
C VAL A 7 0.86 -6.07 -4.12
N ILE A 8 1.83 -5.28 -4.56
CA ILE A 8 3.21 -5.74 -4.64
C ILE A 8 4.18 -4.61 -4.30
N ALA A 9 5.31 -4.96 -3.70
CA ALA A 9 6.32 -3.99 -3.32
C ALA A 9 7.62 -4.23 -4.08
N PRO A 10 8.47 -3.19 -4.15
CA PRO A 10 9.76 -3.27 -4.83
C PRO A 10 10.75 -4.16 -4.11
N ASP A 11 10.38 -4.60 -2.91
CA ASP A 11 11.25 -5.46 -2.11
C ASP A 11 10.72 -6.89 -2.09
N LYS A 12 9.43 -7.04 -2.41
CA LYS A 12 8.80 -8.36 -2.43
C LYS A 12 7.31 -8.24 -2.74
N THR A 13 6.59 -9.35 -2.56
CA THR A 13 5.15 -9.36 -2.82
C THR A 13 4.35 -9.13 -1.54
N VAL A 14 3.28 -8.37 -1.66
CA VAL A 14 2.43 -8.07 -0.51
C VAL A 14 1.38 -9.16 -0.31
N TRP A 15 0.38 -9.17 -1.18
CA TRP A 15 -0.71 -10.15 -1.10
C TRP A 15 -1.73 -9.93 -2.21
N ASP A 16 -2.80 -10.72 -2.18
CA ASP A 16 -3.85 -10.60 -3.18
C ASP A 16 -5.16 -10.15 -2.54
N ALA A 17 -5.69 -9.02 -3.01
CA ALA A 17 -6.93 -8.49 -2.50
C ALA A 17 -8.06 -8.63 -3.51
N PRO A 18 -8.68 -9.82 -3.55
CA PRO A 18 -9.77 -10.11 -4.48
C PRO A 18 -11.05 -9.36 -4.12
N ALA A 19 -11.72 -8.82 -5.12
CA ALA A 19 -12.96 -8.08 -4.91
C ALA A 19 -13.54 -7.59 -6.23
N GLU A 20 -14.86 -7.69 -6.36
CA GLU A 20 -15.55 -7.25 -7.58
C GLU A 20 -15.13 -5.83 -7.95
N GLU A 21 -15.17 -4.94 -6.98
CA GLU A 21 -14.80 -3.54 -7.21
C GLU A 21 -13.99 -2.99 -6.04
N VAL A 22 -13.14 -2.02 -6.33
CA VAL A 22 -12.29 -1.40 -5.30
C VAL A 22 -12.26 0.11 -5.45
N ILE A 23 -12.70 0.81 -4.41
CA ILE A 23 -12.72 2.28 -4.42
C ILE A 23 -11.61 2.84 -3.54
N LEU A 24 -10.94 3.88 -4.04
CA LEU A 24 -9.86 4.51 -3.30
C LEU A 24 -9.55 5.89 -3.87
N PRO A 25 -8.88 6.74 -3.06
CA PRO A 25 -8.50 8.09 -3.46
C PRO A 25 -7.42 8.10 -4.53
N SER A 26 -7.70 8.79 -5.64
CA SER A 26 -6.74 8.88 -6.73
C SER A 26 -6.46 10.32 -7.10
N THR A 27 -5.75 10.53 -8.21
CA THR A 27 -5.41 11.88 -8.67
C THR A 27 -6.64 12.77 -8.70
N THR A 28 -7.65 12.37 -9.47
CA THR A 28 -8.87 13.14 -9.57
C THR A 28 -9.63 13.18 -8.25
N GLY A 29 -9.24 12.29 -7.34
CA GLY A 29 -9.89 12.24 -6.04
C GLY A 29 -10.64 10.94 -5.82
N GLN A 30 -11.38 10.51 -6.84
CA GLN A 30 -12.16 9.27 -6.75
C GLN A 30 -11.73 8.28 -7.83
N LEU A 31 -11.54 7.03 -7.45
CA LEU A 31 -11.13 6.00 -8.39
C LEU A 31 -11.88 4.70 -8.12
N GLY A 32 -12.48 4.13 -9.17
CA GLY A 32 -13.22 2.89 -9.02
C GLY A 32 -12.94 1.92 -10.16
N ILE A 33 -12.24 0.83 -9.84
CA ILE A 33 -11.92 -0.17 -10.85
C ILE A 33 -12.70 -1.46 -10.61
N LEU A 34 -13.34 -1.95 -11.66
CA LEU A 34 -14.13 -3.18 -11.56
C LEU A 34 -13.61 -4.23 -12.53
N SER A 35 -14.20 -5.42 -12.48
CA SER A 35 -13.80 -6.52 -13.36
C SER A 35 -14.03 -6.16 -14.82
N ASN A 36 -15.07 -5.37 -15.07
CA ASN A 36 -15.39 -4.94 -16.44
C ASN A 36 -14.37 -3.94 -16.96
N HIS A 37 -13.62 -3.35 -16.04
CA HIS A 37 -12.60 -2.36 -16.41
C HIS A 37 -11.72 -2.89 -17.54
N ALA A 38 -11.06 -1.98 -18.23
CA ALA A 38 -10.18 -2.35 -19.34
C ALA A 38 -8.71 -2.29 -18.91
N PRO A 39 -7.84 -2.90 -19.73
CA PRO A 39 -6.39 -2.93 -19.46
C PRO A 39 -5.74 -1.56 -19.63
N LEU A 40 -5.43 -0.92 -18.52
CA LEU A 40 -4.80 0.40 -18.55
C LEU A 40 -3.99 0.65 -17.28
N LEU A 41 -2.94 1.47 -17.40
CA LEU A 41 -2.09 1.79 -16.27
C LEU A 41 -2.44 3.16 -15.68
N THR A 42 -2.47 3.23 -14.36
CA THR A 42 -2.80 4.47 -13.67
C THR A 42 -1.82 4.74 -12.53
N ALA A 43 -1.94 5.91 -11.92
CA ALA A 43 -1.08 6.29 -10.80
C ALA A 43 -1.89 6.56 -9.54
N LEU A 44 -1.30 6.24 -8.39
CA LEU A 44 -1.97 6.45 -7.12
C LEU A 44 -0.99 6.97 -6.06
N GLU A 45 -1.47 7.85 -5.19
CA GLU A 45 -0.63 8.41 -4.13
C GLU A 45 -0.86 7.70 -2.81
N THR A 46 -0.14 8.13 -1.78
CA THR A 46 -0.27 7.53 -0.45
C THR A 46 -1.69 7.68 0.08
N GLY A 47 -2.13 6.69 0.84
CA GLY A 47 -3.47 6.73 1.41
C GLY A 47 -4.06 5.35 1.61
N VAL A 48 -5.28 5.30 2.15
CA VAL A 48 -5.95 4.03 2.40
C VAL A 48 -6.88 3.67 1.24
N MET A 49 -7.09 2.37 1.06
CA MET A 49 -7.97 1.89 -0.02
C MET A 49 -9.10 1.05 0.55
N ARG A 50 -10.24 1.05 -0.13
CA ARG A 50 -11.41 0.29 0.31
C ARG A 50 -11.69 -0.86 -0.66
N VAL A 51 -11.68 -2.08 -0.13
CA VAL A 51 -11.93 -3.27 -0.94
C VAL A 51 -13.40 -3.68 -0.85
N ARG A 52 -13.99 -3.99 -2.00
CA ARG A 52 -15.39 -4.40 -2.06
C ARG A 52 -15.52 -5.78 -2.68
N GLN A 53 -15.69 -6.80 -1.83
CA GLN A 53 -15.83 -8.17 -2.29
C GLN A 53 -17.28 -8.48 -2.68
N ASP A 54 -18.19 -8.15 -1.78
CA ASP A 54 -19.62 -8.39 -2.03
C ASP A 54 -20.46 -7.85 -0.87
N ARG A 55 -20.24 -8.40 0.33
CA ARG A 55 -20.99 -7.97 1.50
C ARG A 55 -20.06 -7.36 2.54
N GLU A 56 -18.79 -7.77 2.51
CA GLU A 56 -17.79 -7.26 3.45
C GLU A 56 -16.85 -6.28 2.76
N TRP A 57 -16.04 -5.60 3.56
CA TRP A 57 -15.09 -4.63 3.03
C TRP A 57 -13.76 -4.70 3.77
N VAL A 58 -12.69 -4.29 3.10
CA VAL A 58 -11.35 -4.31 3.70
C VAL A 58 -10.66 -2.97 3.52
N ALA A 59 -9.78 -2.64 4.47
CA ALA A 59 -9.03 -1.39 4.42
C ALA A 59 -7.53 -1.64 4.49
N ILE A 60 -6.80 -1.09 3.52
CA ILE A 60 -5.36 -1.25 3.47
C ILE A 60 -4.66 0.08 3.21
N ALA A 61 -3.50 0.26 3.83
CA ALA A 61 -2.73 1.50 3.67
C ALA A 61 -1.50 1.25 2.79
N LEU A 62 -1.12 2.28 2.02
CA LEU A 62 0.03 2.17 1.14
C LEU A 62 0.54 3.56 0.75
N MET A 63 1.85 3.68 0.57
CA MET A 63 2.46 4.95 0.20
C MET A 63 2.40 5.16 -1.32
N GLY A 64 3.11 6.17 -1.81
CA GLY A 64 3.13 6.45 -3.23
C GLY A 64 3.48 5.23 -4.05
N GLY A 65 2.92 5.15 -5.26
CA GLY A 65 3.18 4.02 -6.13
C GLY A 65 2.34 4.06 -7.39
N PHE A 66 2.46 3.01 -8.21
CA PHE A 66 1.71 2.92 -9.45
C PHE A 66 0.69 1.79 -9.40
N ALA A 67 -0.13 1.68 -10.44
CA ALA A 67 -1.14 0.64 -10.50
C ALA A 67 -1.42 0.24 -11.95
N GLU A 68 -1.44 -1.06 -12.21
CA GLU A 68 -1.69 -1.58 -13.55
C GLU A 68 -2.81 -2.62 -13.53
N VAL A 69 -3.98 -2.23 -14.03
CA VAL A 69 -5.13 -3.12 -14.07
C VAL A 69 -5.39 -3.61 -15.50
N GLU A 70 -5.75 -4.87 -15.62
CA GLU A 70 -6.03 -5.46 -16.93
C GLU A 70 -6.60 -6.87 -16.78
N ASN A 71 -7.77 -7.10 -17.37
CA ASN A 71 -8.42 -8.40 -17.31
C ASN A 71 -8.49 -8.90 -15.87
N ASN A 72 -9.10 -8.09 -14.99
CA ASN A 72 -9.23 -8.46 -13.59
C ASN A 72 -7.87 -8.75 -12.97
N GLU A 73 -6.85 -8.02 -13.41
CA GLU A 73 -5.50 -8.19 -12.90
C GLU A 73 -4.87 -6.86 -12.55
N VAL A 74 -4.97 -6.46 -11.28
CA VAL A 74 -4.41 -5.20 -10.82
C VAL A 74 -3.10 -5.43 -10.07
N THR A 75 -2.14 -4.54 -10.28
CA THR A 75 -0.84 -4.64 -9.63
C THR A 75 -0.45 -3.33 -8.97
N ILE A 76 -0.58 -3.27 -7.64
CA ILE A 76 -0.24 -2.07 -6.90
C ILE A 76 1.23 -2.07 -6.49
N LEU A 77 2.06 -1.42 -7.30
CA LEU A 77 3.49 -1.34 -7.03
C LEU A 77 3.81 -0.17 -6.12
N VAL A 78 3.61 -0.35 -4.82
CA VAL A 78 3.88 0.70 -3.85
C VAL A 78 5.27 0.54 -3.24
N ASN A 79 5.98 1.65 -3.10
CA ASN A 79 7.32 1.64 -2.53
C ASN A 79 7.31 1.03 -1.13
N GLY A 80 6.24 1.31 -0.38
CA GLY A 80 6.13 0.80 0.97
C GLY A 80 4.71 0.90 1.52
N ALA A 81 4.05 -0.25 1.66
CA ALA A 81 2.70 -0.28 2.18
C ALA A 81 2.59 -1.18 3.41
N GLU A 82 1.40 -1.22 4.00
CA GLU A 82 1.18 -2.04 5.18
C GLU A 82 -0.31 -2.17 5.48
N ARG A 83 -0.65 -3.08 6.39
CA ARG A 83 -2.05 -3.31 6.75
C ARG A 83 -2.52 -2.27 7.77
N GLY A 84 -3.73 -1.76 7.56
CA GLY A 84 -4.27 -0.77 8.47
C GLY A 84 -4.37 -1.28 9.91
N ASP A 85 -4.35 -2.60 10.06
CA ASP A 85 -4.44 -3.21 11.39
C ASP A 85 -3.11 -3.11 12.12
N THR A 86 -2.02 -3.02 11.36
CA THR A 86 -0.69 -2.92 11.94
C THR A 86 -0.24 -1.46 12.03
N ILE A 87 -1.20 -0.56 12.14
CA ILE A 87 -0.90 0.87 12.23
C ILE A 87 -1.49 1.47 13.50
N ASP A 88 -0.63 1.83 14.44
CA ASP A 88 -1.07 2.42 15.70
C ASP A 88 -0.64 3.89 15.79
N PRO A 89 -1.32 4.65 16.66
CA PRO A 89 -1.03 6.07 16.87
C PRO A 89 0.31 6.30 17.55
N GLN A 90 0.85 5.25 18.16
CA GLN A 90 2.13 5.34 18.86
C GLN A 90 3.28 5.38 17.86
N GLU A 91 3.07 4.76 16.70
CA GLU A 91 4.10 4.73 15.66
C GLU A 91 4.49 6.14 15.22
N ALA A 92 3.50 7.04 15.19
CA ALA A 92 3.73 8.42 14.80
C ALA A 92 4.84 9.05 15.63
N GLN A 93 4.83 8.78 16.93
CA GLN A 93 5.83 9.32 17.83
C GLN A 93 7.19 8.66 17.60
N GLN A 94 7.18 7.34 17.41
CA GLN A 94 8.40 6.59 17.18
C GLN A 94 9.11 7.07 15.91
N THR A 95 8.36 7.13 14.81
CA THR A 95 8.90 7.56 13.53
C THR A 95 9.50 8.96 13.65
N LEU A 96 8.81 9.84 14.37
CA LEU A 96 9.27 11.21 14.55
C LEU A 96 10.65 11.24 15.21
N GLU A 97 10.85 10.35 16.18
CA GLU A 97 12.13 10.28 16.89
C GLU A 97 13.25 9.88 15.94
N ILE A 98 12.96 8.94 15.06
CA ILE A 98 13.95 8.47 14.09
C ILE A 98 14.33 9.58 13.11
N ALA A 99 13.33 10.27 12.58
CA ALA A 99 13.57 11.35 11.64
C ALA A 99 14.35 12.50 12.30
N GLU A 100 14.09 12.70 13.58
CA GLU A 100 14.76 13.76 14.33
C GLU A 100 16.24 13.44 14.52
N ALA A 101 16.54 12.18 14.81
CA ALA A 101 17.92 11.75 15.01
C ALA A 101 18.75 11.96 13.75
N ASN A 102 18.18 11.60 12.61
CA ASN A 102 18.86 11.74 11.32
C ASN A 102 18.91 13.20 10.90
N LEU A 103 17.76 13.87 10.95
CA LEU A 103 17.67 15.28 10.56
C LEU A 103 18.59 16.13 11.42
N ARG A 104 18.86 15.66 12.65
CA ARG A 104 19.72 16.39 13.57
C ARG A 104 21.06 16.72 12.91
N LYS A 105 21.48 15.87 11.98
CA LYS A 105 22.74 16.07 11.27
C LYS A 105 22.50 16.32 9.78
N ALA A 106 21.52 15.63 9.23
CA ALA A 106 21.19 15.77 7.82
C ALA A 106 20.19 16.91 7.60
N GLU A 107 19.78 17.10 6.35
CA GLU A 107 18.84 18.17 6.01
C GLU A 107 18.27 17.96 4.61
N GLY A 108 17.21 17.15 4.52
CA GLY A 108 16.60 16.89 3.24
C GLY A 108 15.24 16.23 3.38
N ALA A 109 14.27 16.71 2.60
CA ALA A 109 12.92 16.16 2.63
C ALA A 109 12.91 14.71 2.16
N ARG A 110 13.75 14.40 1.18
CA ARG A 110 13.83 13.06 0.63
C ARG A 110 14.12 12.04 1.72
N GLN A 111 15.04 12.39 2.64
CA GLN A 111 15.40 11.51 3.73
C GLN A 111 14.18 11.15 4.58
N LYS A 112 13.32 12.14 4.80
CA LYS A 112 12.12 11.93 5.60
C LYS A 112 11.21 10.89 4.95
N ILE A 113 10.93 11.08 3.66
CA ILE A 113 10.07 10.15 2.93
C ILE A 113 10.70 8.76 2.87
N GLU A 114 12.00 8.71 2.61
CA GLU A 114 12.72 7.45 2.53
C GLU A 114 12.59 6.67 3.83
N ALA A 115 12.52 7.38 4.95
CA ALA A 115 12.40 6.75 6.25
C ALA A 115 11.01 6.13 6.44
N ASN A 116 9.99 6.87 6.02
CA ASN A 116 8.61 6.40 6.14
C ASN A 116 8.42 5.07 5.40
N LEU A 117 8.71 5.10 4.10
CA LEU A 117 8.57 3.90 3.28
C LEU A 117 9.48 2.79 3.78
N ALA A 118 10.65 3.16 4.27
CA ALA A 118 11.60 2.19 4.79
C ALA A 118 10.97 1.32 5.88
N LEU A 119 10.33 1.97 6.84
CA LEU A 119 9.68 1.25 7.94
C LEU A 119 8.59 0.33 7.41
N ARG A 120 7.69 0.87 6.60
CA ARG A 120 6.60 0.09 6.03
C ARG A 120 7.13 -1.16 5.34
N ARG A 121 8.16 -0.99 4.52
CA ARG A 121 8.76 -2.10 3.80
C ARG A 121 9.40 -3.09 4.76
N ALA A 122 9.94 -2.58 5.87
CA ALA A 122 10.58 -3.43 6.87
C ALA A 122 9.55 -4.28 7.60
N ARG A 123 8.45 -3.65 8.01
CA ARG A 123 7.39 -4.36 8.72
C ARG A 123 6.84 -5.50 7.89
N THR A 124 6.47 -5.20 6.65
CA THR A 124 5.92 -6.21 5.75
C THR A 124 6.95 -7.29 5.45
N ARG A 125 8.23 -6.92 5.49
CA ARG A 125 9.30 -7.87 5.23
C ARG A 125 9.41 -8.91 6.35
N VAL A 126 9.19 -8.46 7.58
CA VAL A 126 9.26 -9.35 8.74
C VAL A 126 8.13 -10.37 8.70
N GLU A 127 6.90 -9.89 8.52
CA GLU A 127 5.74 -10.77 8.48
C GLU A 127 5.81 -11.69 7.27
N ALA A 128 6.26 -11.16 6.14
CA ALA A 128 6.37 -11.94 4.92
C ALA A 128 7.41 -13.05 5.07
N SER A 129 8.52 -12.73 5.73
CA SER A 129 9.58 -13.71 5.94
C SER A 129 9.12 -14.83 6.86
N ASN A 130 8.47 -14.46 7.96
CA ASN A 130 7.97 -15.43 8.93
C ASN A 130 6.45 -15.52 8.88
N THR A 131 5.91 -15.60 7.68
CA THR A 131 4.45 -15.69 7.49
C THR A 131 3.88 -16.88 8.26
N ILE A 132 4.64 -17.97 8.31
CA ILE A 132 4.20 -19.17 9.01
C ILE A 132 5.25 -20.26 8.92
N SER A 133 5.90 -20.54 10.06
CA SER A 133 6.93 -21.57 10.12
C SER A 133 6.34 -22.96 9.88
N SER A 134 6.49 -23.47 8.67
CA SER A 134 5.96 -24.79 8.32
C SER A 134 7.07 -25.71 7.87
N MET A 1 -16.10 -9.33 -4.41
CA MET A 1 -17.17 -10.16 -4.98
C MET A 1 -16.79 -10.68 -6.36
N VAL A 2 -16.80 -9.78 -7.34
CA VAL A 2 -16.46 -10.15 -8.71
C VAL A 2 -15.07 -9.66 -9.08
N MET A 3 -14.61 -8.62 -8.39
CA MET A 3 -13.29 -8.06 -8.64
C MET A 3 -12.26 -8.61 -7.66
N THR A 4 -11.00 -8.63 -8.07
CA THR A 4 -9.92 -9.14 -7.23
C THR A 4 -8.71 -8.21 -7.28
N VAL A 5 -8.47 -7.51 -6.18
CA VAL A 5 -7.34 -6.59 -6.08
C VAL A 5 -6.12 -7.28 -5.48
N ARG A 6 -4.97 -7.08 -6.11
CA ARG A 6 -3.73 -7.69 -5.63
C ARG A 6 -2.60 -6.67 -5.60
N VAL A 7 -1.98 -6.50 -4.44
CA VAL A 7 -0.89 -5.55 -4.28
C VAL A 7 0.47 -6.25 -4.36
N ILE A 8 1.46 -5.56 -4.93
CA ILE A 8 2.79 -6.12 -5.07
C ILE A 8 3.85 -5.08 -4.72
N ALA A 9 4.97 -5.55 -4.18
CA ALA A 9 6.07 -4.66 -3.80
C ALA A 9 7.34 -5.01 -4.56
N PRO A 10 8.28 -4.05 -4.63
CA PRO A 10 9.55 -4.23 -5.32
C PRO A 10 10.47 -5.20 -4.60
N ASP A 11 10.07 -5.61 -3.40
CA ASP A 11 10.86 -6.54 -2.60
C ASP A 11 10.20 -7.92 -2.57
N LYS A 12 8.90 -7.97 -2.86
CA LYS A 12 8.16 -9.22 -2.86
C LYS A 12 6.68 -8.96 -3.12
N THR A 13 5.86 -10.00 -2.94
CA THR A 13 4.43 -9.89 -3.14
C THR A 13 3.71 -9.56 -1.85
N VAL A 14 2.73 -8.66 -1.93
CA VAL A 14 1.96 -8.26 -0.76
C VAL A 14 0.84 -9.26 -0.47
N TRP A 15 -0.17 -9.28 -1.33
CA TRP A 15 -1.30 -10.18 -1.16
C TRP A 15 -2.33 -9.98 -2.27
N ASP A 16 -3.47 -10.65 -2.13
CA ASP A 16 -4.54 -10.55 -3.12
C ASP A 16 -5.90 -10.87 -2.50
N ALA A 17 -6.64 -9.82 -2.15
CA ALA A 17 -7.95 -10.00 -1.54
C ALA A 17 -9.06 -9.65 -2.53
N PRO A 18 -10.27 -10.16 -2.27
CA PRO A 18 -11.44 -9.91 -3.12
C PRO A 18 -11.93 -8.47 -3.02
N ALA A 19 -12.81 -8.09 -3.93
CA ALA A 19 -13.37 -6.74 -3.96
C ALA A 19 -14.39 -6.57 -5.08
N GLU A 20 -15.00 -5.39 -5.15
CA GLU A 20 -15.99 -5.10 -6.17
C GLU A 20 -15.78 -3.71 -6.75
N GLU A 21 -15.49 -2.75 -5.89
CA GLU A 21 -15.27 -1.37 -6.31
C GLU A 21 -14.29 -0.66 -5.39
N VAL A 22 -13.30 0.00 -5.98
CA VAL A 22 -12.30 0.72 -5.21
C VAL A 22 -12.07 2.13 -5.77
N ILE A 23 -12.02 3.11 -4.88
CA ILE A 23 -11.81 4.49 -5.28
C ILE A 23 -10.60 5.09 -4.57
N LEU A 24 -9.78 5.84 -5.32
CA LEU A 24 -8.60 6.47 -4.76
C LEU A 24 -8.10 7.60 -5.67
N PRO A 25 -7.31 8.51 -5.09
CA PRO A 25 -6.75 9.65 -5.83
C PRO A 25 -5.69 9.21 -6.84
N SER A 26 -5.82 9.69 -8.07
CA SER A 26 -4.87 9.35 -9.13
C SER A 26 -4.46 10.60 -9.90
N THR A 27 -3.77 10.39 -11.02
CA THR A 27 -3.31 11.50 -11.86
C THR A 27 -4.44 12.47 -12.14
N THR A 28 -5.51 11.98 -12.76
CA THR A 28 -6.66 12.81 -13.10
C THR A 28 -7.32 13.36 -11.83
N GLY A 29 -6.99 12.76 -10.70
CA GLY A 29 -7.57 13.20 -9.43
C GLY A 29 -8.46 12.14 -8.80
N GLN A 30 -9.33 11.54 -9.61
CA GLN A 30 -10.24 10.51 -9.12
C GLN A 30 -10.04 9.20 -9.88
N LEU A 31 -9.97 8.10 -9.15
CA LEU A 31 -9.78 6.79 -9.75
C LEU A 31 -10.88 5.82 -9.31
N GLY A 32 -11.29 4.96 -10.22
CA GLY A 32 -12.33 3.99 -9.91
C GLY A 32 -12.19 2.71 -10.71
N ILE A 33 -11.95 1.61 -10.02
CA ILE A 33 -11.80 0.31 -10.67
C ILE A 33 -12.87 -0.67 -10.20
N LEU A 34 -13.31 -1.53 -11.12
CA LEU A 34 -14.34 -2.52 -10.80
C LEU A 34 -14.04 -3.84 -11.49
N SER A 35 -14.85 -4.86 -11.20
CA SER A 35 -14.67 -6.18 -11.78
C SER A 35 -14.98 -6.15 -13.28
N ASN A 36 -16.07 -5.51 -13.65
CA ASN A 36 -16.47 -5.41 -15.04
C ASN A 36 -15.48 -4.57 -15.84
N HIS A 37 -14.66 -3.80 -15.12
CA HIS A 37 -13.66 -2.95 -15.76
C HIS A 37 -12.86 -3.74 -16.79
N ALA A 38 -12.23 -3.02 -17.72
CA ALA A 38 -11.42 -3.66 -18.76
C ALA A 38 -9.94 -3.65 -18.38
N PRO A 39 -9.15 -4.47 -19.09
CA PRO A 39 -7.71 -4.58 -18.85
C PRO A 39 -6.96 -3.32 -19.27
N LEU A 40 -6.59 -2.51 -18.29
CA LEU A 40 -5.86 -1.27 -18.56
C LEU A 40 -4.81 -1.02 -17.49
N LEU A 41 -3.74 -0.32 -17.87
CA LEU A 41 -2.65 -0.02 -16.95
C LEU A 41 -2.58 1.48 -16.68
N THR A 42 -2.31 1.85 -15.43
CA THR A 42 -2.21 3.25 -15.04
C THR A 42 -1.19 3.44 -13.93
N ALA A 43 -0.93 4.70 -13.57
CA ALA A 43 0.02 5.01 -12.52
C ALA A 43 -0.67 5.67 -11.33
N LEU A 44 -0.10 5.49 -10.14
CA LEU A 44 -0.67 6.07 -8.93
C LEU A 44 0.42 6.73 -8.09
N GLU A 45 0.00 7.64 -7.21
CA GLU A 45 0.94 8.35 -6.34
C GLU A 45 0.72 7.96 -4.88
N THR A 46 1.59 8.45 -4.01
CA THR A 46 1.49 8.16 -2.58
C THR A 46 0.10 8.46 -2.05
N GLY A 47 -0.36 7.64 -1.12
CA GLY A 47 -1.68 7.84 -0.54
C GLY A 47 -2.39 6.53 -0.24
N VAL A 48 -3.50 6.62 0.48
CA VAL A 48 -4.27 5.43 0.84
C VAL A 48 -5.49 5.27 -0.07
N MET A 49 -5.94 4.03 -0.23
CA MET A 49 -7.09 3.75 -1.08
C MET A 49 -8.20 3.08 -0.27
N ARG A 50 -9.45 3.27 -0.69
CA ARG A 50 -10.59 2.70 -0.01
C ARG A 50 -11.20 1.57 -0.83
N VAL A 51 -11.16 0.36 -0.30
CA VAL A 51 -11.72 -0.81 -0.99
C VAL A 51 -13.14 -1.08 -0.54
N ARG A 52 -13.99 -1.45 -1.50
CA ARG A 52 -15.39 -1.74 -1.20
C ARG A 52 -15.75 -3.16 -1.65
N GLN A 53 -15.91 -4.07 -0.70
CA GLN A 53 -16.26 -5.44 -1.00
C GLN A 53 -17.75 -5.58 -1.27
N ASP A 54 -18.56 -4.97 -0.41
CA ASP A 54 -20.01 -5.02 -0.56
C ASP A 54 -20.69 -4.22 0.55
N ARG A 55 -20.51 -4.66 1.80
CA ARG A 55 -21.11 -3.99 2.94
C ARG A 55 -20.04 -3.42 3.86
N GLU A 56 -18.86 -4.04 3.84
CA GLU A 56 -17.75 -3.60 4.68
C GLU A 56 -16.77 -2.75 3.87
N TRP A 57 -15.86 -2.10 4.59
CA TRP A 57 -14.86 -1.24 3.94
C TRP A 57 -13.46 -1.52 4.50
N VAL A 58 -12.45 -1.33 3.67
CA VAL A 58 -11.07 -1.57 4.08
C VAL A 58 -10.13 -0.59 3.39
N ALA A 59 -9.32 0.12 4.18
CA ALA A 59 -8.37 1.08 3.65
C ALA A 59 -6.94 0.62 3.86
N ILE A 60 -6.07 0.91 2.90
CA ILE A 60 -4.67 0.51 2.98
C ILE A 60 -3.76 1.64 2.52
N ALA A 61 -2.61 1.77 3.17
CA ALA A 61 -1.64 2.81 2.82
C ALA A 61 -0.61 2.28 1.81
N LEU A 62 -0.40 3.04 0.75
CA LEU A 62 0.55 2.66 -0.29
C LEU A 62 1.24 3.89 -0.88
N MET A 63 2.54 3.99 -0.69
CA MET A 63 3.32 5.11 -1.21
C MET A 63 3.29 5.14 -2.73
N GLY A 64 4.14 5.96 -3.33
CA GLY A 64 4.20 6.06 -4.77
C GLY A 64 4.33 4.71 -5.44
N GLY A 65 3.59 4.50 -6.52
CA GLY A 65 3.65 3.23 -7.23
C GLY A 65 2.83 3.25 -8.51
N PHE A 66 2.26 2.10 -8.85
CA PHE A 66 1.45 1.98 -10.06
C PHE A 66 0.22 1.12 -9.81
N ALA A 67 -0.65 1.04 -10.80
CA ALA A 67 -1.87 0.25 -10.69
C ALA A 67 -2.35 -0.21 -12.07
N GLU A 68 -2.63 -1.51 -12.19
CA GLU A 68 -3.09 -2.07 -13.45
C GLU A 68 -4.15 -3.15 -13.21
N VAL A 69 -5.36 -2.90 -13.70
CA VAL A 69 -6.46 -3.84 -13.54
C VAL A 69 -6.77 -4.56 -14.85
N GLU A 70 -7.20 -5.81 -14.74
CA GLU A 70 -7.54 -6.61 -15.93
C GLU A 70 -8.17 -7.93 -15.53
N ASN A 71 -9.39 -8.17 -16.00
CA ASN A 71 -10.10 -9.39 -15.69
C ASN A 71 -10.10 -9.67 -14.20
N ASN A 72 -10.57 -8.71 -13.42
CA ASN A 72 -10.62 -8.84 -11.97
C ASN A 72 -9.23 -9.12 -11.40
N GLU A 73 -8.22 -8.50 -12.01
CA GLU A 73 -6.85 -8.68 -11.57
C GLU A 73 -6.12 -7.33 -11.49
N VAL A 74 -6.01 -6.81 -10.27
CA VAL A 74 -5.34 -5.52 -10.06
C VAL A 74 -3.91 -5.72 -9.56
N THR A 75 -3.00 -4.89 -10.06
CA THR A 75 -1.60 -4.99 -9.66
C THR A 75 -1.08 -3.64 -9.15
N ILE A 76 -0.95 -3.52 -7.83
CA ILE A 76 -0.47 -2.29 -7.22
C ILE A 76 1.03 -2.37 -6.94
N LEU A 77 1.82 -1.77 -7.82
CA LEU A 77 3.28 -1.76 -7.66
C LEU A 77 3.72 -0.62 -6.75
N VAL A 78 3.53 -0.80 -5.45
CA VAL A 78 3.92 0.21 -4.47
C VAL A 78 5.30 -0.07 -3.89
N ASN A 79 6.13 0.96 -3.81
CA ASN A 79 7.48 0.81 -3.28
C ASN A 79 7.50 1.09 -1.78
N GLY A 80 6.54 0.53 -1.07
CA GLY A 80 6.46 0.72 0.37
C GLY A 80 5.07 1.06 0.85
N ALA A 81 4.28 0.04 1.14
CA ALA A 81 2.91 0.23 1.61
C ALA A 81 2.75 -0.19 3.07
N GLU A 82 1.99 0.58 3.83
CA GLU A 82 1.76 0.29 5.23
C GLU A 82 0.37 -0.30 5.46
N ARG A 83 0.33 -1.50 6.02
CA ARG A 83 -0.93 -2.18 6.28
C ARG A 83 -1.47 -1.81 7.67
N GLY A 84 -2.74 -1.41 7.71
CA GLY A 84 -3.35 -1.04 8.98
C GLY A 84 -3.37 -2.18 9.97
N ASP A 85 -3.17 -3.40 9.48
CA ASP A 85 -3.16 -4.57 10.33
C ASP A 85 -1.77 -4.82 10.91
N THR A 86 -0.75 -4.36 10.20
CA THR A 86 0.62 -4.53 10.63
C THR A 86 1.11 -3.31 11.40
N ILE A 87 0.22 -2.70 12.17
CA ILE A 87 0.56 -1.53 12.96
C ILE A 87 0.39 -1.80 14.46
N ASP A 88 1.36 -1.35 15.24
CA ASP A 88 1.32 -1.54 16.69
C ASP A 88 1.56 -0.23 17.42
N PRO A 89 1.16 -0.18 18.70
CA PRO A 89 1.32 1.01 19.54
C PRO A 89 2.78 1.29 19.88
N GLN A 90 3.57 0.22 20.01
CA GLN A 90 4.98 0.36 20.34
C GLN A 90 5.76 0.91 19.16
N GLU A 91 5.54 0.35 17.97
CA GLU A 91 6.22 0.79 16.77
C GLU A 91 5.77 2.19 16.37
N ALA A 92 4.47 2.44 16.49
CA ALA A 92 3.90 3.74 16.13
C ALA A 92 4.64 4.87 16.86
N GLN A 93 4.81 4.70 18.17
CA GLN A 93 5.49 5.70 18.98
C GLN A 93 6.94 5.90 18.52
N GLN A 94 7.66 4.78 18.40
CA GLN A 94 9.05 4.83 17.98
C GLN A 94 9.19 5.56 16.63
N THR A 95 8.35 5.18 15.67
CA THR A 95 8.39 5.80 14.35
C THR A 95 8.06 7.28 14.44
N LEU A 96 7.23 7.65 15.41
CA LEU A 96 6.83 9.03 15.59
C LEU A 96 8.00 9.87 16.11
N GLU A 97 8.92 9.22 16.82
CA GLU A 97 10.09 9.90 17.37
C GLU A 97 11.10 10.22 16.27
N ILE A 98 11.46 9.21 15.50
CA ILE A 98 12.42 9.37 14.42
C ILE A 98 11.94 10.43 13.43
N ALA A 99 10.64 10.46 13.19
CA ALA A 99 10.05 11.42 12.26
C ALA A 99 10.24 12.85 12.75
N GLU A 100 9.78 13.10 13.97
CA GLU A 100 9.90 14.44 14.56
C GLU A 100 11.37 14.83 14.72
N ALA A 101 12.20 13.86 15.06
CA ALA A 101 13.63 14.10 15.24
C ALA A 101 14.30 14.44 13.90
N ASN A 102 13.86 13.78 12.85
CA ASN A 102 14.42 14.00 11.52
C ASN A 102 14.22 15.46 11.08
N LEU A 103 12.98 15.93 11.17
CA LEU A 103 12.67 17.31 10.80
C LEU A 103 13.32 18.30 11.75
N ARG A 104 13.57 17.85 12.98
CA ARG A 104 14.20 18.71 13.98
C ARG A 104 15.51 19.28 13.47
N LYS A 105 16.51 18.41 13.32
CA LYS A 105 17.82 18.83 12.82
C LYS A 105 18.15 18.14 11.51
N ALA A 106 17.81 16.86 11.42
CA ALA A 106 18.07 16.08 10.21
C ALA A 106 17.35 16.68 9.00
N GLU A 107 17.38 15.96 7.89
CA GLU A 107 16.72 16.42 6.67
C GLU A 107 15.24 16.65 6.90
N GLY A 108 14.53 17.05 5.85
CA GLY A 108 13.11 17.31 5.95
C GLY A 108 12.28 16.06 5.72
N ALA A 109 11.07 16.25 5.18
CA ALA A 109 10.17 15.14 4.91
C ALA A 109 10.85 14.10 4.01
N ARG A 110 11.83 14.54 3.23
CA ARG A 110 12.55 13.65 2.33
C ARG A 110 13.15 12.47 3.09
N GLN A 111 13.73 12.76 4.25
CA GLN A 111 14.34 11.73 5.08
C GLN A 111 13.29 10.78 5.62
N LYS A 112 12.11 11.32 5.92
CA LYS A 112 11.01 10.51 6.45
C LYS A 112 10.58 9.44 5.46
N ILE A 113 10.47 9.83 4.19
CA ILE A 113 10.08 8.90 3.14
C ILE A 113 11.10 7.79 2.98
N GLU A 114 12.37 8.16 2.91
CA GLU A 114 13.44 7.19 2.75
C GLU A 114 13.41 6.16 3.88
N ALA A 115 13.11 6.62 5.09
CA ALA A 115 13.04 5.74 6.25
C ALA A 115 11.75 4.92 6.24
N ASN A 116 10.69 5.50 5.70
CA ASN A 116 9.40 4.82 5.63
C ASN A 116 9.46 3.63 4.68
N LEU A 117 9.97 3.88 3.48
CA LEU A 117 10.08 2.82 2.46
C LEU A 117 11.10 1.78 2.89
N ALA A 118 12.15 2.23 3.56
CA ALA A 118 13.20 1.32 4.02
C ALA A 118 12.64 0.30 5.00
N LEU A 119 11.96 0.78 6.03
CA LEU A 119 11.37 -0.10 7.04
C LEU A 119 10.28 -0.98 6.44
N ARG A 120 9.55 -0.43 5.48
CA ARG A 120 8.49 -1.17 4.81
C ARG A 120 9.04 -2.32 3.99
N ARG A 121 10.02 -2.02 3.14
CA ARG A 121 10.65 -3.03 2.29
C ARG A 121 11.16 -4.20 3.14
N ALA A 122 11.73 -3.88 4.29
CA ALA A 122 12.26 -4.90 5.18
C ALA A 122 11.14 -5.64 5.91
N ARG A 123 10.11 -4.88 6.30
CA ARG A 123 8.98 -5.46 7.02
C ARG A 123 8.40 -6.64 6.24
N THR A 124 8.41 -6.54 4.91
CA THR A 124 7.89 -7.60 4.06
C THR A 124 8.89 -8.73 3.90
N ARG A 125 10.13 -8.36 3.58
CA ARG A 125 11.19 -9.36 3.40
C ARG A 125 11.32 -10.24 4.63
N VAL A 126 11.21 -9.63 5.81
CA VAL A 126 11.31 -10.37 7.07
C VAL A 126 10.09 -11.27 7.28
N GLU A 127 8.91 -10.69 7.17
CA GLU A 127 7.67 -11.43 7.36
C GLU A 127 7.60 -12.61 6.38
N ALA A 128 8.22 -12.46 5.22
CA ALA A 128 8.23 -13.50 4.21
C ALA A 128 9.32 -14.53 4.50
N SER A 129 10.51 -14.04 4.85
CA SER A 129 11.64 -14.91 5.15
C SER A 129 11.31 -15.84 6.31
N ASN A 130 11.04 -15.26 7.47
CA ASN A 130 10.71 -16.04 8.66
C ASN A 130 9.20 -16.05 8.91
N THR A 131 8.43 -16.30 7.85
CA THR A 131 6.98 -16.33 7.96
C THR A 131 6.53 -17.35 9.00
N ILE A 132 7.25 -18.46 9.09
CA ILE A 132 6.92 -19.51 10.05
C ILE A 132 7.91 -20.67 9.95
N SER A 133 8.76 -20.80 10.97
CA SER A 133 9.75 -21.86 11.01
C SER A 133 9.09 -23.24 10.86
N SER A 134 9.73 -24.10 10.08
CA SER A 134 9.21 -25.44 9.85
C SER A 134 10.34 -26.44 9.63
N MET A 1 -19.69 -13.08 -9.62
CA MET A 1 -19.18 -12.00 -10.46
C MET A 1 -18.42 -10.96 -9.63
N VAL A 2 -17.13 -11.20 -9.43
CA VAL A 2 -16.30 -10.29 -8.66
C VAL A 2 -14.89 -10.20 -9.24
N MET A 3 -14.16 -9.15 -8.85
CA MET A 3 -12.80 -8.95 -9.33
C MET A 3 -11.79 -9.44 -8.31
N THR A 4 -10.51 -9.42 -8.69
CA THR A 4 -9.44 -9.86 -7.80
C THR A 4 -8.29 -8.86 -7.79
N VAL A 5 -8.17 -8.11 -6.70
CA VAL A 5 -7.10 -7.12 -6.57
C VAL A 5 -5.89 -7.71 -5.87
N ARG A 6 -4.70 -7.45 -6.42
CA ARG A 6 -3.46 -7.96 -5.85
C ARG A 6 -2.44 -6.85 -5.69
N VAL A 7 -1.91 -6.70 -4.49
CA VAL A 7 -0.91 -5.66 -4.22
C VAL A 7 0.51 -6.24 -4.25
N ILE A 8 1.45 -5.44 -4.73
CA ILE A 8 2.85 -5.87 -4.81
C ILE A 8 3.77 -4.86 -4.14
N ALA A 9 4.59 -5.35 -3.22
CA ALA A 9 5.54 -4.50 -2.51
C ALA A 9 6.90 -4.49 -3.19
N PRO A 10 7.70 -3.46 -2.89
CA PRO A 10 9.05 -3.32 -3.45
C PRO A 10 10.03 -4.37 -2.93
N ASP A 11 9.58 -5.13 -1.93
CA ASP A 11 10.41 -6.17 -1.34
C ASP A 11 9.87 -7.56 -1.67
N LYS A 12 8.59 -7.61 -2.04
CA LYS A 12 7.95 -8.87 -2.39
C LYS A 12 6.45 -8.68 -2.63
N THR A 13 5.80 -9.72 -3.13
CA THR A 13 4.38 -9.67 -3.41
C THR A 13 3.57 -9.61 -2.12
N VAL A 14 2.73 -8.58 -1.99
CA VAL A 14 1.90 -8.41 -0.81
C VAL A 14 0.88 -9.54 -0.68
N TRP A 15 -0.10 -9.56 -1.58
CA TRP A 15 -1.13 -10.59 -1.57
C TRP A 15 -2.14 -10.36 -2.69
N ASP A 16 -3.03 -11.33 -2.88
CA ASP A 16 -4.05 -11.24 -3.92
C ASP A 16 -5.41 -11.66 -3.39
N ALA A 17 -6.19 -10.69 -2.91
CA ALA A 17 -7.52 -10.97 -2.38
C ALA A 17 -8.61 -10.49 -3.34
N PRO A 18 -9.81 -11.07 -3.20
CA PRO A 18 -10.96 -10.72 -4.04
C PRO A 18 -11.48 -9.32 -3.76
N ALA A 19 -12.45 -8.88 -4.55
CA ALA A 19 -13.04 -7.56 -4.39
C ALA A 19 -14.14 -7.31 -5.41
N GLU A 20 -14.87 -6.21 -5.24
CA GLU A 20 -15.95 -5.86 -6.15
C GLU A 20 -15.73 -4.48 -6.76
N GLU A 21 -15.18 -3.57 -5.95
CA GLU A 21 -14.92 -2.20 -6.41
C GLU A 21 -13.84 -1.55 -5.56
N VAL A 22 -12.86 -0.93 -6.22
CA VAL A 22 -11.76 -0.27 -5.53
C VAL A 22 -11.68 1.20 -5.92
N ILE A 23 -11.74 2.07 -4.93
CA ILE A 23 -11.67 3.51 -5.17
C ILE A 23 -10.45 4.13 -4.49
N LEU A 24 -9.76 5.00 -5.21
CA LEU A 24 -8.56 5.66 -4.69
C LEU A 24 -8.22 6.90 -5.51
N PRO A 25 -7.42 7.80 -4.91
CA PRO A 25 -7.00 9.04 -5.56
C PRO A 25 -6.03 8.79 -6.71
N SER A 26 -6.36 9.30 -7.89
CA SER A 26 -5.51 9.13 -9.07
C SER A 26 -5.17 10.48 -9.68
N THR A 27 -4.56 10.43 -10.87
CA THR A 27 -4.18 11.65 -11.58
C THR A 27 -5.33 12.64 -11.64
N THR A 28 -6.44 12.22 -12.24
CA THR A 28 -7.62 13.06 -12.38
C THR A 28 -8.21 13.38 -11.01
N GLY A 29 -7.80 12.63 -9.99
CA GLY A 29 -8.30 12.87 -8.66
C GLY A 29 -9.11 11.69 -8.13
N GLN A 30 -10.00 11.18 -8.97
CA GLN A 30 -10.84 10.05 -8.59
C GLN A 30 -10.64 8.88 -9.54
N LEU A 31 -10.54 7.67 -8.97
CA LEU A 31 -10.33 6.47 -9.76
C LEU A 31 -11.18 5.32 -9.23
N GLY A 32 -11.67 4.48 -10.13
CA GLY A 32 -12.49 3.35 -9.73
C GLY A 32 -12.37 2.17 -10.68
N ILE A 33 -11.89 1.05 -10.19
CA ILE A 33 -11.73 -0.14 -11.01
C ILE A 33 -12.70 -1.24 -10.57
N LEU A 34 -13.20 -2.00 -11.55
CA LEU A 34 -14.14 -3.08 -11.26
C LEU A 34 -13.76 -4.34 -12.05
N SER A 35 -14.55 -5.39 -11.86
CA SER A 35 -14.30 -6.66 -12.55
C SER A 35 -14.53 -6.51 -14.06
N ASN A 36 -15.63 -5.87 -14.43
CA ASN A 36 -15.97 -5.67 -15.83
C ASN A 36 -14.91 -4.82 -16.52
N HIS A 37 -14.10 -4.12 -15.72
CA HIS A 37 -13.04 -3.27 -16.26
C HIS A 37 -12.21 -4.02 -17.28
N ALA A 38 -11.51 -3.28 -18.13
CA ALA A 38 -10.67 -3.88 -19.16
C ALA A 38 -9.20 -3.85 -18.74
N PRO A 39 -8.37 -4.65 -19.44
CA PRO A 39 -6.93 -4.74 -19.15
C PRO A 39 -6.19 -3.46 -19.55
N LEU A 40 -5.86 -2.64 -18.55
CA LEU A 40 -5.15 -1.40 -18.80
C LEU A 40 -4.30 -1.02 -17.60
N LEU A 41 -3.21 -0.30 -17.85
CA LEU A 41 -2.31 0.13 -16.79
C LEU A 41 -2.48 1.63 -16.50
N THR A 42 -2.24 2.01 -15.25
CA THR A 42 -2.37 3.41 -14.85
C THR A 42 -1.33 3.77 -13.79
N ALA A 43 -1.28 5.05 -13.43
CA ALA A 43 -0.33 5.52 -12.43
C ALA A 43 -1.06 6.17 -11.26
N LEU A 44 -0.51 6.00 -10.06
CA LEU A 44 -1.11 6.57 -8.86
C LEU A 44 -0.04 7.13 -7.92
N GLU A 45 -0.42 8.12 -7.12
CA GLU A 45 0.51 8.73 -6.18
C GLU A 45 0.28 8.21 -4.76
N THR A 46 1.18 8.56 -3.85
CA THR A 46 1.07 8.13 -2.47
C THR A 46 -0.30 8.47 -1.89
N GLY A 47 -0.93 7.47 -1.27
CA GLY A 47 -2.25 7.68 -0.70
C GLY A 47 -2.82 6.41 -0.09
N VAL A 48 -4.12 6.42 0.15
CA VAL A 48 -4.80 5.26 0.73
C VAL A 48 -5.77 4.62 -0.27
N MET A 49 -6.07 3.35 -0.06
CA MET A 49 -6.98 2.63 -0.94
C MET A 49 -8.12 1.99 -0.15
N ARG A 50 -9.35 2.21 -0.60
CA ARG A 50 -10.52 1.66 0.07
C ARG A 50 -11.18 0.58 -0.80
N VAL A 51 -11.18 -0.65 -0.30
CA VAL A 51 -11.77 -1.77 -1.02
C VAL A 51 -13.18 -2.07 -0.51
N ARG A 52 -14.09 -2.37 -1.43
CA ARG A 52 -15.47 -2.67 -1.06
C ARG A 52 -15.98 -3.88 -1.83
N GLN A 53 -16.26 -4.97 -1.11
CA GLN A 53 -16.75 -6.19 -1.72
C GLN A 53 -18.26 -6.16 -1.86
N ASP A 54 -18.94 -5.76 -0.80
CA ASP A 54 -20.40 -5.68 -0.80
C ASP A 54 -20.92 -5.12 0.52
N ARG A 55 -20.59 -5.79 1.62
CA ARG A 55 -21.02 -5.37 2.94
C ARG A 55 -19.82 -4.97 3.80
N GLU A 56 -18.67 -5.54 3.49
CA GLU A 56 -17.44 -5.25 4.25
C GLU A 56 -16.51 -4.34 3.44
N TRP A 57 -15.52 -3.77 4.11
CA TRP A 57 -14.57 -2.90 3.46
C TRP A 57 -13.18 -3.03 4.08
N VAL A 58 -12.15 -2.88 3.25
CA VAL A 58 -10.77 -2.99 3.72
C VAL A 58 -10.00 -1.71 3.45
N ALA A 59 -9.07 -1.39 4.35
CA ALA A 59 -8.27 -0.19 4.22
C ALA A 59 -6.78 -0.53 4.19
N ILE A 60 -6.07 0.00 3.21
CA ILE A 60 -4.64 -0.24 3.08
C ILE A 60 -3.90 1.03 2.69
N ALA A 61 -2.72 1.23 3.28
CA ALA A 61 -1.90 2.40 2.99
C ALA A 61 -0.68 2.04 2.15
N LEU A 62 -0.50 2.76 1.05
CA LEU A 62 0.62 2.50 0.15
C LEU A 62 1.12 3.80 -0.47
N MET A 63 2.44 4.00 -0.43
CA MET A 63 3.04 5.20 -0.99
C MET A 63 2.93 5.21 -2.52
N GLY A 64 3.64 6.13 -3.16
CA GLY A 64 3.60 6.23 -4.60
C GLY A 64 3.86 4.90 -5.28
N GLY A 65 3.16 4.65 -6.38
CA GLY A 65 3.32 3.40 -7.11
C GLY A 65 2.52 3.36 -8.39
N PHE A 66 2.42 2.18 -8.99
CA PHE A 66 1.67 2.01 -10.23
C PHE A 66 0.63 0.91 -10.09
N ALA A 67 -0.53 1.10 -10.71
CA ALA A 67 -1.60 0.11 -10.65
C ALA A 67 -2.00 -0.34 -12.05
N GLU A 68 -2.25 -1.63 -12.20
CA GLU A 68 -2.63 -2.19 -13.50
C GLU A 68 -3.68 -3.29 -13.32
N VAL A 69 -4.86 -3.07 -13.87
CA VAL A 69 -5.95 -4.04 -13.78
C VAL A 69 -6.17 -4.75 -15.11
N GLU A 70 -6.58 -6.01 -15.05
CA GLU A 70 -6.82 -6.80 -16.24
C GLU A 70 -7.45 -8.15 -15.89
N ASN A 71 -8.64 -8.39 -16.41
CA ASN A 71 -9.35 -9.64 -16.15
C ASN A 71 -9.42 -9.93 -14.66
N ASN A 72 -9.92 -8.95 -13.90
CA ASN A 72 -10.04 -9.10 -12.45
C ASN A 72 -8.67 -9.35 -11.82
N GLU A 73 -7.64 -8.74 -12.39
CA GLU A 73 -6.28 -8.90 -11.88
C GLU A 73 -5.60 -7.54 -11.73
N VAL A 74 -5.55 -7.04 -10.51
CA VAL A 74 -4.92 -5.75 -10.23
C VAL A 74 -3.51 -5.93 -9.69
N THR A 75 -2.60 -5.07 -10.12
CA THR A 75 -1.22 -5.13 -9.68
C THR A 75 -0.72 -3.76 -9.21
N ILE A 76 -0.63 -3.60 -7.90
CA ILE A 76 -0.17 -2.33 -7.33
C ILE A 76 1.30 -2.42 -6.92
N LEU A 77 2.18 -1.98 -7.81
CA LEU A 77 3.62 -2.00 -7.55
C LEU A 77 4.07 -0.71 -6.87
N VAL A 78 3.93 -0.65 -5.55
CA VAL A 78 4.32 0.52 -4.78
C VAL A 78 5.77 0.42 -4.32
N ASN A 79 6.31 1.53 -3.82
CA ASN A 79 7.68 1.57 -3.35
C ASN A 79 7.73 1.76 -1.83
N GLY A 80 6.83 1.08 -1.12
CA GLY A 80 6.79 1.20 0.32
C GLY A 80 5.39 1.37 0.85
N ALA A 81 4.72 0.24 1.13
CA ALA A 81 3.36 0.27 1.65
C ALA A 81 3.27 -0.45 2.98
N GLU A 82 2.04 -0.57 3.50
CA GLU A 82 1.82 -1.24 4.77
C GLU A 82 0.33 -1.36 5.07
N ARG A 83 -0.03 -2.35 5.88
CA ARG A 83 -1.43 -2.57 6.24
C ARG A 83 -1.76 -1.89 7.56
N GLY A 84 -2.87 -1.16 7.60
CA GLY A 84 -3.29 -0.48 8.81
C GLY A 84 -3.50 -1.43 9.97
N ASP A 85 -3.70 -2.70 9.65
CA ASP A 85 -3.93 -3.71 10.68
C ASP A 85 -2.61 -4.15 11.30
N THR A 86 -1.53 -4.03 10.54
CA THR A 86 -0.21 -4.42 11.02
C THR A 86 0.55 -3.22 11.59
N ILE A 87 -0.19 -2.28 12.16
CA ILE A 87 0.41 -1.09 12.74
C ILE A 87 0.42 -1.16 14.26
N ASP A 88 1.59 -1.48 14.83
CA ASP A 88 1.74 -1.57 16.27
C ASP A 88 2.15 -0.24 16.88
N PRO A 89 1.93 -0.09 18.20
CA PRO A 89 2.27 1.14 18.92
C PRO A 89 3.79 1.34 19.05
N GLN A 90 4.54 0.27 18.83
CA GLN A 90 5.99 0.33 18.92
C GLN A 90 6.59 0.98 17.67
N GLU A 91 5.98 0.71 16.52
CA GLU A 91 6.45 1.27 15.26
C GLU A 91 6.46 2.79 15.31
N ALA A 92 5.35 3.36 15.77
CA ALA A 92 5.22 4.82 15.87
C ALA A 92 6.40 5.41 16.63
N GLN A 93 6.87 4.71 17.65
CA GLN A 93 7.98 5.17 18.46
C GLN A 93 9.28 5.15 17.66
N GLN A 94 9.45 4.12 16.85
CA GLN A 94 10.65 3.97 16.03
C GLN A 94 10.75 5.12 15.02
N THR A 95 9.69 5.32 14.25
CA THR A 95 9.67 6.38 13.25
C THR A 95 9.74 7.76 13.90
N LEU A 96 9.20 7.87 15.10
CA LEU A 96 9.20 9.13 15.84
C LEU A 96 10.62 9.49 16.28
N GLU A 97 11.34 8.50 16.79
CA GLU A 97 12.71 8.71 17.25
C GLU A 97 13.61 9.13 16.10
N ILE A 98 13.44 8.49 14.94
CA ILE A 98 14.24 8.80 13.76
C ILE A 98 13.82 10.14 13.16
N ALA A 99 12.52 10.41 13.13
CA ALA A 99 12.02 11.66 12.59
C ALA A 99 12.45 12.85 13.42
N GLU A 100 12.26 12.74 14.74
CA GLU A 100 12.64 13.82 15.66
C GLU A 100 14.15 14.04 15.64
N ALA A 101 14.90 12.94 15.57
CA ALA A 101 16.36 13.01 15.55
C ALA A 101 16.84 13.80 14.34
N ASN A 102 16.17 13.62 13.20
CA ASN A 102 16.54 14.31 11.97
C ASN A 102 16.20 15.78 12.06
N LEU A 103 15.08 16.10 12.70
CA LEU A 103 14.63 17.48 12.85
C LEU A 103 15.57 18.24 13.79
N ARG A 104 16.23 17.52 14.68
CA ARG A 104 17.15 18.13 15.63
C ARG A 104 18.14 19.05 14.92
N LYS A 105 19.05 18.45 14.17
CA LYS A 105 20.05 19.21 13.43
C LYS A 105 19.64 19.39 11.97
N ALA A 106 19.08 18.35 11.39
CA ALA A 106 18.63 18.39 9.99
C ALA A 106 17.19 18.87 9.89
N GLU A 107 16.68 18.94 8.68
CA GLU A 107 15.31 19.39 8.45
C GLU A 107 14.92 19.24 6.98
N GLY A 108 14.35 18.09 6.63
CA GLY A 108 13.94 17.84 5.26
C GLY A 108 12.77 16.88 5.17
N ALA A 109 11.77 17.24 4.38
CA ALA A 109 10.59 16.41 4.20
C ALA A 109 10.94 15.10 3.51
N ARG A 110 11.89 15.16 2.58
CA ARG A 110 12.31 13.97 1.85
C ARG A 110 12.86 12.92 2.80
N GLN A 111 13.65 13.36 3.78
CA GLN A 111 14.24 12.45 4.75
C GLN A 111 13.15 11.67 5.49
N LYS A 112 12.05 12.33 5.78
CA LYS A 112 10.94 11.70 6.48
C LYS A 112 10.29 10.62 5.61
N ILE A 113 10.00 10.97 4.37
CA ILE A 113 9.38 10.04 3.44
C ILE A 113 10.24 8.80 3.24
N GLU A 114 11.54 9.02 3.00
CA GLU A 114 12.47 7.93 2.79
C GLU A 114 12.51 7.01 4.01
N ALA A 115 12.48 7.60 5.19
CA ALA A 115 12.51 6.84 6.44
C ALA A 115 11.21 6.08 6.64
N ASN A 116 10.11 6.64 6.15
CA ASN A 116 8.80 6.01 6.29
C ASN A 116 8.71 4.76 5.41
N LEU A 117 8.92 4.94 4.11
CA LEU A 117 8.85 3.84 3.17
C LEU A 117 9.84 2.74 3.55
N ALA A 118 10.98 3.13 4.10
CA ALA A 118 12.01 2.18 4.51
C ALA A 118 11.47 1.25 5.60
N LEU A 119 10.92 1.82 6.65
CA LEU A 119 10.37 1.04 7.76
C LEU A 119 9.17 0.22 7.30
N ARG A 120 8.33 0.83 6.46
CA ARG A 120 7.15 0.16 5.95
C ARG A 120 7.53 -1.07 5.12
N ARG A 121 8.56 -0.93 4.30
CA ARG A 121 9.02 -2.02 3.45
C ARG A 121 9.54 -3.18 4.30
N ALA A 122 10.34 -2.84 5.31
CA ALA A 122 10.91 -3.85 6.20
C ALA A 122 9.83 -4.50 7.04
N ARG A 123 8.84 -3.72 7.45
CA ARG A 123 7.75 -4.23 8.27
C ARG A 123 7.06 -5.40 7.57
N THR A 124 6.65 -5.20 6.33
CA THR A 124 5.98 -6.23 5.56
C THR A 124 6.92 -7.37 5.22
N ARG A 125 8.21 -7.04 5.09
CA ARG A 125 9.22 -8.04 4.77
C ARG A 125 9.31 -9.10 5.85
N VAL A 126 9.46 -8.65 7.10
CA VAL A 126 9.56 -9.56 8.24
C VAL A 126 8.23 -10.25 8.51
N GLU A 127 7.14 -9.55 8.21
CA GLU A 127 5.80 -10.11 8.42
C GLU A 127 5.54 -11.27 7.47
N ALA A 128 5.88 -11.09 6.21
CA ALA A 128 5.68 -12.13 5.20
C ALA A 128 6.73 -13.23 5.34
N SER A 129 7.95 -12.84 5.68
CA SER A 129 9.04 -13.79 5.85
C SER A 129 8.80 -14.70 7.05
N ASN A 130 8.28 -14.13 8.12
CA ASN A 130 8.00 -14.88 9.34
C ASN A 130 6.52 -14.78 9.71
N THR A 131 5.66 -14.96 8.71
CA THR A 131 4.21 -14.90 8.93
C THR A 131 3.78 -15.89 10.00
N ILE A 132 4.16 -17.15 9.83
CA ILE A 132 3.80 -18.20 10.78
C ILE A 132 4.81 -19.34 10.74
N SER A 133 5.64 -19.42 11.78
CA SER A 133 6.65 -20.47 11.87
C SER A 133 6.05 -21.76 12.39
N SER A 134 6.25 -22.85 11.63
CA SER A 134 5.72 -24.15 12.01
C SER A 134 6.66 -25.27 11.56
N MET A 1 -16.31 -12.48 -12.45
CA MET A 1 -17.31 -12.23 -11.42
C MET A 1 -17.01 -10.96 -10.65
N VAL A 2 -15.75 -10.76 -10.30
CA VAL A 2 -15.33 -9.58 -9.56
C VAL A 2 -13.89 -9.20 -9.89
N MET A 3 -13.39 -8.16 -9.23
CA MET A 3 -12.02 -7.71 -9.46
C MET A 3 -11.07 -8.29 -8.41
N THR A 4 -9.78 -8.25 -8.70
CA THR A 4 -8.77 -8.78 -7.79
C THR A 4 -7.61 -7.80 -7.65
N VAL A 5 -7.61 -7.04 -6.55
CA VAL A 5 -6.55 -6.07 -6.29
C VAL A 5 -5.51 -6.64 -5.33
N ARG A 6 -4.34 -6.95 -5.86
CA ARG A 6 -3.25 -7.49 -5.05
C ARG A 6 -2.17 -6.45 -4.82
N VAL A 7 -1.62 -6.45 -3.61
CA VAL A 7 -0.57 -5.50 -3.25
C VAL A 7 0.81 -6.13 -3.35
N ILE A 8 1.80 -5.35 -3.75
CA ILE A 8 3.16 -5.84 -3.89
C ILE A 8 4.16 -4.83 -3.33
N ALA A 9 5.07 -5.33 -2.47
CA ALA A 9 6.08 -4.47 -1.86
C ALA A 9 7.36 -4.45 -2.71
N PRO A 10 8.19 -3.43 -2.49
CA PRO A 10 9.45 -3.28 -3.22
C PRO A 10 10.48 -4.33 -2.81
N ASP A 11 10.16 -5.11 -1.79
CA ASP A 11 11.06 -6.15 -1.31
C ASP A 11 10.46 -7.53 -1.54
N LYS A 12 9.15 -7.58 -1.76
CA LYS A 12 8.45 -8.83 -2.00
C LYS A 12 6.95 -8.61 -2.09
N THR A 13 6.23 -9.59 -2.64
CA THR A 13 4.79 -9.50 -2.78
C THR A 13 4.12 -9.42 -1.41
N VAL A 14 3.02 -8.67 -1.34
CA VAL A 14 2.27 -8.52 -0.09
C VAL A 14 1.20 -9.59 0.03
N TRP A 15 0.15 -9.47 -0.76
CA TRP A 15 -0.95 -10.43 -0.74
C TRP A 15 -1.99 -10.08 -1.80
N ASP A 16 -3.03 -10.92 -1.89
CA ASP A 16 -4.09 -10.71 -2.85
C ASP A 16 -5.37 -10.24 -2.16
N ALA A 17 -5.84 -9.05 -2.54
CA ALA A 17 -7.06 -8.49 -1.94
C ALA A 17 -8.20 -8.49 -2.94
N PRO A 18 -8.88 -9.64 -3.07
CA PRO A 18 -10.01 -9.80 -3.99
C PRO A 18 -11.23 -9.01 -3.55
N ALA A 19 -11.90 -8.36 -4.50
CA ALA A 19 -13.08 -7.57 -4.21
C ALA A 19 -13.71 -7.02 -5.49
N GLU A 20 -15.01 -6.77 -5.44
CA GLU A 20 -15.72 -6.24 -6.60
C GLU A 20 -15.02 -4.99 -7.14
N GLU A 21 -15.16 -3.88 -6.44
CA GLU A 21 -14.54 -2.63 -6.86
C GLU A 21 -13.63 -2.08 -5.76
N VAL A 22 -12.70 -1.20 -6.16
CA VAL A 22 -11.76 -0.61 -5.21
C VAL A 22 -11.68 0.90 -5.39
N ILE A 23 -11.68 1.63 -4.28
CA ILE A 23 -11.62 3.08 -4.32
C ILE A 23 -10.40 3.60 -3.56
N LEU A 24 -9.71 4.57 -4.14
CA LEU A 24 -8.52 5.15 -3.52
C LEU A 24 -8.18 6.50 -4.14
N PRO A 25 -7.38 7.30 -3.42
CA PRO A 25 -6.96 8.63 -3.88
C PRO A 25 -6.01 8.55 -5.05
N SER A 26 -6.34 9.25 -6.14
CA SER A 26 -5.50 9.26 -7.33
C SER A 26 -5.15 10.68 -7.73
N THR A 27 -4.54 10.83 -8.90
CA THR A 27 -4.15 12.14 -9.41
C THR A 27 -5.29 13.13 -9.31
N THR A 28 -6.41 12.81 -9.98
CA THR A 28 -7.59 13.68 -9.97
C THR A 28 -8.18 13.77 -8.57
N GLY A 29 -7.77 12.86 -7.70
CA GLY A 29 -8.28 12.86 -6.33
C GLY A 29 -9.11 11.62 -6.03
N GLN A 30 -9.99 11.25 -6.95
CA GLN A 30 -10.84 10.08 -6.78
C GLN A 30 -10.60 9.06 -7.89
N LEU A 31 -10.48 7.80 -7.51
CA LEU A 31 -10.26 6.73 -8.48
C LEU A 31 -11.05 5.48 -8.12
N GLY A 32 -11.72 4.89 -9.11
CA GLY A 32 -12.51 3.70 -8.86
C GLY A 32 -12.42 2.71 -10.00
N ILE A 33 -11.80 1.56 -9.74
CA ILE A 33 -11.64 0.52 -10.74
C ILE A 33 -12.50 -0.70 -10.42
N LEU A 34 -12.98 -1.36 -11.46
CA LEU A 34 -13.82 -2.55 -11.29
C LEU A 34 -13.30 -3.71 -12.12
N SER A 35 -13.97 -4.85 -12.01
CA SER A 35 -13.57 -6.04 -12.76
C SER A 35 -13.80 -5.85 -14.26
N ASN A 36 -14.95 -5.31 -14.61
CA ASN A 36 -15.31 -5.08 -16.01
C ASN A 36 -14.34 -4.08 -16.64
N HIS A 37 -13.62 -3.35 -15.80
CA HIS A 37 -12.66 -2.36 -16.28
C HIS A 37 -11.74 -2.96 -17.33
N ALA A 38 -11.12 -2.11 -18.15
CA ALA A 38 -10.22 -2.56 -19.20
C ALA A 38 -8.77 -2.52 -18.73
N PRO A 39 -7.89 -3.21 -19.46
CA PRO A 39 -6.46 -3.28 -19.14
C PRO A 39 -5.76 -1.95 -19.37
N LEU A 40 -5.47 -1.25 -18.28
CA LEU A 40 -4.79 0.04 -18.37
C LEU A 40 -3.95 0.30 -17.12
N LEU A 41 -2.88 1.07 -17.28
CA LEU A 41 -2.00 1.40 -16.16
C LEU A 41 -2.27 2.81 -15.64
N THR A 42 -2.04 3.02 -14.35
CA THR A 42 -2.26 4.32 -13.75
C THR A 42 -1.21 4.61 -12.68
N ALA A 43 -1.22 5.83 -12.15
CA ALA A 43 -0.27 6.23 -11.12
C ALA A 43 -0.99 6.73 -9.88
N LEU A 44 -0.43 6.43 -8.71
CA LEU A 44 -1.02 6.84 -7.44
C LEU A 44 0.06 7.27 -6.46
N GLU A 45 -0.30 8.12 -5.51
CA GLU A 45 0.64 8.60 -4.50
C GLU A 45 0.43 7.88 -3.17
N THR A 46 1.27 8.19 -2.19
CA THR A 46 1.18 7.57 -0.88
C THR A 46 -0.15 7.90 -0.21
N GLY A 47 -0.60 7.00 0.66
CA GLY A 47 -1.85 7.20 1.37
C GLY A 47 -2.58 5.90 1.64
N VAL A 48 -3.81 6.01 2.14
CA VAL A 48 -4.62 4.83 2.45
C VAL A 48 -5.47 4.42 1.26
N MET A 49 -5.77 3.14 1.18
CA MET A 49 -6.58 2.61 0.08
C MET A 49 -7.84 1.94 0.62
N ARG A 50 -8.95 2.08 -0.12
CA ARG A 50 -10.21 1.48 0.27
C ARG A 50 -10.65 0.40 -0.70
N VAL A 51 -11.09 -0.73 -0.17
CA VAL A 51 -11.53 -1.84 -1.01
C VAL A 51 -13.01 -2.17 -0.74
N ARG A 52 -13.71 -2.56 -1.80
CA ARG A 52 -15.12 -2.91 -1.69
C ARG A 52 -15.38 -4.31 -2.22
N GLN A 53 -15.65 -5.25 -1.31
CA GLN A 53 -15.92 -6.63 -1.69
C GLN A 53 -17.38 -6.81 -2.09
N ASP A 54 -18.27 -6.11 -1.39
CA ASP A 54 -19.69 -6.20 -1.67
C ASP A 54 -20.48 -5.27 -0.74
N ARG A 55 -20.51 -5.60 0.54
CA ARG A 55 -21.23 -4.80 1.53
C ARG A 55 -20.26 -4.19 2.54
N GLU A 56 -19.12 -4.85 2.73
CA GLU A 56 -18.12 -4.38 3.68
C GLU A 56 -16.98 -3.67 2.95
N TRP A 57 -16.04 -3.13 3.72
CA TRP A 57 -14.89 -2.43 3.15
C TRP A 57 -13.65 -2.62 4.01
N VAL A 58 -12.47 -2.51 3.39
CA VAL A 58 -11.22 -2.67 4.10
C VAL A 58 -10.27 -1.52 3.82
N ALA A 59 -9.42 -1.20 4.78
CA ALA A 59 -8.47 -0.11 4.64
C ALA A 59 -7.04 -0.61 4.82
N ILE A 60 -6.13 -0.10 3.98
CA ILE A 60 -4.73 -0.50 4.05
C ILE A 60 -3.81 0.69 3.77
N ALA A 61 -2.63 0.67 4.39
CA ALA A 61 -1.66 1.74 4.21
C ALA A 61 -0.60 1.35 3.18
N LEU A 62 -0.29 2.28 2.28
CA LEU A 62 0.71 2.02 1.24
C LEU A 62 1.30 3.34 0.74
N MET A 63 2.63 3.37 0.62
CA MET A 63 3.32 4.57 0.15
C MET A 63 3.12 4.75 -1.35
N GLY A 64 3.78 5.76 -1.91
CA GLY A 64 3.68 6.02 -3.34
C GLY A 64 3.95 4.78 -4.17
N GLY A 65 3.44 4.77 -5.40
CA GLY A 65 3.65 3.63 -6.28
C GLY A 65 2.79 3.70 -7.53
N PHE A 66 2.78 2.61 -8.30
CA PHE A 66 1.99 2.56 -9.52
C PHE A 66 1.05 1.37 -9.50
N ALA A 67 -0.12 1.54 -10.11
CA ALA A 67 -1.13 0.49 -10.16
C ALA A 67 -1.46 0.12 -11.61
N GLU A 68 -1.65 -1.17 -11.86
CA GLU A 68 -1.97 -1.65 -13.20
C GLU A 68 -3.09 -2.69 -13.15
N VAL A 69 -4.25 -2.33 -13.69
CA VAL A 69 -5.40 -3.22 -13.71
C VAL A 69 -5.64 -3.78 -15.11
N GLU A 70 -6.07 -5.04 -15.18
CA GLU A 70 -6.33 -5.69 -16.46
C GLU A 70 -6.98 -7.04 -16.25
N ASN A 71 -8.12 -7.26 -16.91
CA ASN A 71 -8.84 -8.51 -16.79
C ASN A 71 -9.04 -8.90 -15.33
N ASN A 72 -9.59 -7.98 -14.55
CA ASN A 72 -9.84 -8.22 -13.13
C ASN A 72 -8.54 -8.58 -12.41
N GLU A 73 -7.45 -7.94 -12.81
CA GLU A 73 -6.15 -8.19 -12.21
C GLU A 73 -5.40 -6.88 -11.97
N VAL A 74 -5.40 -6.42 -10.72
CA VAL A 74 -4.72 -5.18 -10.36
C VAL A 74 -3.40 -5.47 -9.66
N THR A 75 -2.39 -4.67 -9.98
CA THR A 75 -1.06 -4.83 -9.38
C THR A 75 -0.58 -3.53 -8.74
N ILE A 76 -0.63 -3.48 -7.43
CA ILE A 76 -0.19 -2.29 -6.69
C ILE A 76 1.27 -2.41 -6.28
N LEU A 77 2.16 -1.86 -7.09
CA LEU A 77 3.59 -1.90 -6.81
C LEU A 77 4.04 -0.64 -6.08
N VAL A 78 3.95 -0.67 -4.75
CA VAL A 78 4.34 0.47 -3.93
C VAL A 78 5.80 0.35 -3.50
N ASN A 79 6.30 1.38 -2.81
CA ASN A 79 7.67 1.39 -2.33
C ASN A 79 7.72 1.40 -0.80
N GLY A 80 6.86 0.60 -0.19
CA GLY A 80 6.82 0.52 1.27
C GLY A 80 5.42 0.70 1.82
N ALA A 81 4.71 -0.40 2.02
CA ALA A 81 3.35 -0.35 2.55
C ALA A 81 3.27 -1.02 3.92
N GLU A 82 2.09 -0.99 4.51
CA GLU A 82 1.87 -1.60 5.83
C GLU A 82 0.40 -1.91 6.06
N ARG A 83 0.13 -3.01 6.75
CA ARG A 83 -1.24 -3.41 7.03
C ARG A 83 -1.72 -2.81 8.36
N GLY A 84 -2.95 -2.33 8.37
CA GLY A 84 -3.51 -1.74 9.58
C GLY A 84 -3.58 -2.72 10.72
N ASP A 85 -3.53 -4.02 10.40
CA ASP A 85 -3.60 -5.07 11.42
C ASP A 85 -2.22 -5.35 11.99
N THR A 86 -1.18 -5.08 11.19
CA THR A 86 0.19 -5.31 11.61
C THR A 86 0.81 -4.04 12.17
N ILE A 87 0.00 -3.21 12.80
CA ILE A 87 0.47 -1.96 13.38
C ILE A 87 0.59 -2.07 14.89
N ASP A 88 1.69 -1.57 15.44
CA ASP A 88 1.92 -1.61 16.87
C ASP A 88 2.15 -0.20 17.42
N PRO A 89 1.98 -0.04 18.74
CA PRO A 89 2.16 1.24 19.42
C PRO A 89 3.62 1.67 19.47
N GLN A 90 4.52 0.70 19.55
CA GLN A 90 5.94 0.97 19.60
C GLN A 90 6.48 1.32 18.22
N GLU A 91 5.86 0.77 17.19
CA GLU A 91 6.28 1.02 15.81
C GLU A 91 5.93 2.44 15.39
N ALA A 92 4.67 2.82 15.60
CA ALA A 92 4.20 4.15 15.24
C ALA A 92 5.10 5.23 15.85
N GLN A 93 5.50 5.02 17.09
CA GLN A 93 6.36 5.97 17.78
C GLN A 93 7.78 5.93 17.21
N GLN A 94 8.21 4.76 16.77
CA GLN A 94 9.54 4.58 16.22
C GLN A 94 9.68 5.34 14.90
N THR A 95 8.77 5.07 13.97
CA THR A 95 8.80 5.72 12.66
C THR A 95 8.68 7.24 12.81
N LEU A 96 7.86 7.68 13.76
CA LEU A 96 7.66 9.10 14.00
C LEU A 96 8.89 9.73 14.65
N GLU A 97 9.56 8.95 15.51
CA GLU A 97 10.74 9.43 16.20
C GLU A 97 11.91 9.60 15.22
N ILE A 98 12.11 8.60 14.37
CA ILE A 98 13.19 8.64 13.39
C ILE A 98 12.98 9.77 12.39
N ALA A 99 11.75 9.85 11.85
CA ALA A 99 11.42 10.89 10.89
C ALA A 99 11.63 12.27 11.48
N GLU A 100 11.07 12.50 12.66
CA GLU A 100 11.20 13.80 13.33
C GLU A 100 12.66 14.10 13.65
N ALA A 101 13.37 13.09 14.13
CA ALA A 101 14.78 13.24 14.47
C ALA A 101 15.61 13.66 13.25
N ASN A 102 15.41 12.93 12.15
CA ASN A 102 16.14 13.21 10.92
C ASN A 102 15.79 14.60 10.39
N LEU A 103 14.50 14.91 10.38
CA LEU A 103 14.03 16.22 9.90
C LEU A 103 14.54 17.35 10.79
N ARG A 104 14.78 17.03 12.05
CA ARG A 104 15.28 18.01 13.01
C ARG A 104 16.52 18.71 12.47
N LYS A 105 17.29 18.00 11.65
CA LYS A 105 18.51 18.55 11.06
C LYS A 105 18.37 18.69 9.56
N ALA A 106 17.70 17.72 8.94
CA ALA A 106 17.50 17.73 7.50
C ALA A 106 16.25 18.52 7.12
N GLU A 107 15.87 18.46 5.85
CA GLU A 107 14.69 19.17 5.36
C GLU A 107 14.40 18.80 3.91
N GLY A 108 13.66 17.72 3.72
CA GLY A 108 13.32 17.28 2.37
C GLY A 108 12.23 16.24 2.35
N ALA A 109 11.24 16.43 1.49
CA ALA A 109 10.12 15.49 1.38
C ALA A 109 10.62 14.09 1.04
N ARG A 110 11.61 14.01 0.16
CA ARG A 110 12.17 12.74 -0.25
C ARG A 110 12.77 12.00 0.94
N GLN A 111 13.36 12.75 1.86
CA GLN A 111 13.98 12.16 3.04
C GLN A 111 12.95 11.42 3.87
N LYS A 112 11.80 12.05 4.09
CA LYS A 112 10.73 11.44 4.88
C LYS A 112 10.24 10.15 4.23
N ILE A 113 10.04 10.20 2.92
CA ILE A 113 9.57 9.02 2.18
C ILE A 113 10.60 7.91 2.23
N GLU A 114 11.88 8.28 2.18
CA GLU A 114 12.96 7.30 2.21
C GLU A 114 12.95 6.53 3.53
N ALA A 115 12.90 7.27 4.64
CA ALA A 115 12.88 6.65 5.96
C ALA A 115 11.73 5.65 6.08
N ASN A 116 10.51 6.12 5.84
CA ASN A 116 9.33 5.27 5.93
C ASN A 116 9.49 4.04 5.05
N LEU A 117 10.00 4.25 3.84
CA LEU A 117 10.20 3.15 2.90
C LEU A 117 11.06 2.05 3.50
N ALA A 118 12.08 2.46 4.24
CA ALA A 118 12.99 1.51 4.88
C ALA A 118 12.25 0.65 5.89
N LEU A 119 11.48 1.28 6.77
CA LEU A 119 10.73 0.58 7.79
C LEU A 119 9.67 -0.32 7.15
N ARG A 120 8.80 0.27 6.32
CA ARG A 120 7.76 -0.48 5.65
C ARG A 120 8.33 -1.67 4.90
N ARG A 121 9.43 -1.43 4.17
CA ARG A 121 10.07 -2.47 3.40
C ARG A 121 10.45 -3.66 4.29
N ALA A 122 11.12 -3.37 5.39
CA ALA A 122 11.53 -4.41 6.32
C ALA A 122 10.33 -5.13 6.92
N ARG A 123 9.37 -4.36 7.42
CA ARG A 123 8.16 -4.92 8.01
C ARG A 123 7.49 -5.90 7.06
N THR A 124 7.22 -5.44 5.84
CA THR A 124 6.57 -6.27 4.84
C THR A 124 7.34 -7.58 4.64
N ARG A 125 8.65 -7.47 4.44
CA ARG A 125 9.50 -8.64 4.23
C ARG A 125 9.34 -9.62 5.38
N VAL A 126 9.26 -9.10 6.60
CA VAL A 126 9.11 -9.93 7.79
C VAL A 126 7.87 -10.81 7.68
N GLU A 127 6.72 -10.19 7.41
CA GLU A 127 5.47 -10.92 7.28
C GLU A 127 5.50 -11.86 6.09
N ALA A 128 6.27 -11.50 5.07
CA ALA A 128 6.40 -12.31 3.87
C ALA A 128 7.19 -13.59 4.15
N SER A 129 8.29 -13.45 4.87
CA SER A 129 9.13 -14.59 5.21
C SER A 129 8.50 -15.42 6.32
N ASN A 130 8.01 -14.75 7.35
CA ASN A 130 7.39 -15.43 8.48
C ASN A 130 5.86 -15.49 8.31
N THR A 131 5.43 -15.88 7.11
CA THR A 131 4.01 -15.98 6.81
C THR A 131 3.30 -16.91 7.79
N ILE A 132 4.00 -17.97 8.18
CA ILE A 132 3.44 -18.93 9.12
C ILE A 132 4.44 -20.05 9.42
N SER A 133 4.97 -20.05 10.64
CA SER A 133 5.94 -21.05 11.06
C SER A 133 5.41 -21.85 12.25
N SER A 134 5.65 -23.17 12.21
CA SER A 134 5.19 -24.04 13.28
C SER A 134 6.18 -24.06 14.44
N MET A 1 -19.54 -12.25 -9.89
CA MET A 1 -18.11 -12.25 -9.67
C MET A 1 -17.63 -10.88 -9.16
N VAL A 2 -16.46 -10.88 -8.52
CA VAL A 2 -15.90 -9.64 -7.98
C VAL A 2 -14.50 -9.40 -8.52
N MET A 3 -13.86 -8.33 -8.05
CA MET A 3 -12.50 -7.99 -8.48
C MET A 3 -11.48 -8.51 -7.49
N THR A 4 -10.24 -8.66 -7.95
CA THR A 4 -9.16 -9.15 -7.11
C THR A 4 -7.94 -8.23 -7.18
N VAL A 5 -7.78 -7.38 -6.18
CA VAL A 5 -6.66 -6.45 -6.14
C VAL A 5 -5.54 -6.98 -5.24
N ARG A 6 -4.30 -6.79 -5.67
CA ARG A 6 -3.15 -7.25 -4.91
C ARG A 6 -2.04 -6.19 -4.90
N VAL A 7 -1.42 -6.00 -3.74
CA VAL A 7 -0.35 -5.02 -3.60
C VAL A 7 1.02 -5.69 -3.69
N ILE A 8 1.95 -5.02 -4.37
CA ILE A 8 3.30 -5.55 -4.53
C ILE A 8 4.34 -4.44 -4.40
N ALA A 9 5.51 -4.78 -3.88
CA ALA A 9 6.58 -3.81 -3.71
C ALA A 9 7.84 -4.27 -4.44
N PRO A 10 8.75 -3.32 -4.69
CA PRO A 10 10.02 -3.61 -5.38
C PRO A 10 10.98 -4.43 -4.52
N ASP A 11 10.61 -4.63 -3.26
CA ASP A 11 11.43 -5.39 -2.33
C ASP A 11 10.81 -6.77 -2.07
N LYS A 12 9.51 -6.89 -2.33
CA LYS A 12 8.81 -8.14 -2.12
C LYS A 12 7.32 -7.99 -2.44
N THR A 13 6.54 -9.00 -2.08
CA THR A 13 5.09 -8.97 -2.32
C THR A 13 4.33 -8.71 -1.04
N VAL A 14 3.17 -8.07 -1.17
CA VAL A 14 2.34 -7.75 -0.01
C VAL A 14 1.25 -8.79 0.18
N TRP A 15 0.28 -8.80 -0.71
CA TRP A 15 -0.82 -9.76 -0.65
C TRP A 15 -1.82 -9.53 -1.78
N ASP A 16 -2.81 -10.40 -1.88
CA ASP A 16 -3.83 -10.30 -2.91
C ASP A 16 -5.21 -10.59 -2.34
N ALA A 17 -5.94 -9.53 -2.00
CA ALA A 17 -7.28 -9.66 -1.43
C ALA A 17 -8.34 -9.24 -2.44
N PRO A 18 -9.58 -9.73 -2.25
CA PRO A 18 -10.70 -9.40 -3.13
C PRO A 18 -11.14 -7.95 -3.00
N ALA A 19 -12.09 -7.55 -3.84
CA ALA A 19 -12.60 -6.19 -3.83
C ALA A 19 -13.70 -5.99 -4.87
N GLU A 20 -14.74 -5.27 -4.48
CA GLU A 20 -15.87 -5.01 -5.38
C GLU A 20 -15.71 -3.67 -6.09
N GLU A 21 -14.95 -2.78 -5.46
CA GLU A 21 -14.73 -1.44 -6.02
C GLU A 21 -13.59 -0.73 -5.29
N VAL A 22 -12.67 -0.17 -6.05
CA VAL A 22 -11.53 0.54 -5.48
C VAL A 22 -11.49 1.99 -5.96
N ILE A 23 -11.43 2.93 -5.02
CA ILE A 23 -11.39 4.35 -5.35
C ILE A 23 -10.16 5.01 -4.74
N LEU A 24 -9.42 5.75 -5.56
CA LEU A 24 -8.22 6.44 -5.11
C LEU A 24 -7.87 7.59 -6.04
N PRO A 25 -7.07 8.55 -5.53
CA PRO A 25 -6.64 9.72 -6.30
C PRO A 25 -5.66 9.35 -7.42
N SER A 26 -5.92 9.85 -8.61
CA SER A 26 -5.06 9.58 -9.76
C SER A 26 -4.76 10.86 -10.54
N THR A 27 -4.18 10.71 -11.72
CA THR A 27 -3.84 11.85 -12.56
C THR A 27 -5.03 12.79 -12.71
N THR A 28 -6.13 12.27 -13.23
CA THR A 28 -7.34 13.07 -13.43
C THR A 28 -7.89 13.56 -12.10
N GLY A 29 -7.43 12.95 -11.01
CA GLY A 29 -7.90 13.33 -9.68
C GLY A 29 -8.69 12.23 -9.01
N GLN A 30 -9.60 11.62 -9.74
CA GLN A 30 -10.44 10.55 -9.20
C GLN A 30 -10.27 9.27 -10.02
N LEU A 31 -10.09 8.15 -9.32
CA LEU A 31 -9.92 6.86 -9.97
C LEU A 31 -10.91 5.84 -9.43
N GLY A 32 -11.40 4.96 -10.31
CA GLY A 32 -12.35 3.94 -9.89
C GLY A 32 -12.28 2.71 -10.77
N ILE A 33 -11.91 1.58 -10.17
CA ILE A 33 -11.82 0.33 -10.91
C ILE A 33 -12.75 -0.72 -10.33
N LEU A 34 -13.22 -1.63 -11.18
CA LEU A 34 -14.12 -2.69 -10.75
C LEU A 34 -13.78 -4.01 -11.45
N SER A 35 -14.54 -5.05 -11.12
CA SER A 35 -14.32 -6.37 -11.71
C SER A 35 -14.67 -6.36 -13.20
N ASN A 36 -15.82 -5.78 -13.53
CA ASN A 36 -16.26 -5.70 -14.92
C ASN A 36 -15.29 -4.88 -15.76
N HIS A 37 -14.44 -4.11 -15.09
CA HIS A 37 -13.45 -3.28 -15.78
C HIS A 37 -12.67 -4.11 -16.80
N ALA A 38 -12.07 -3.42 -17.77
CA ALA A 38 -11.29 -4.10 -18.80
C ALA A 38 -9.80 -4.07 -18.47
N PRO A 39 -9.02 -4.92 -19.17
CA PRO A 39 -7.57 -5.00 -18.97
C PRO A 39 -6.85 -3.76 -19.49
N LEU A 40 -6.45 -2.90 -18.56
CA LEU A 40 -5.74 -1.67 -18.92
C LEU A 40 -4.75 -1.28 -17.83
N LEU A 41 -3.67 -0.61 -18.23
CA LEU A 41 -2.65 -0.17 -17.29
C LEU A 41 -2.68 1.35 -17.10
N THR A 42 -2.44 1.79 -15.88
CA THR A 42 -2.44 3.23 -15.58
C THR A 42 -1.42 3.55 -14.48
N ALA A 43 -1.25 4.85 -14.22
CA ALA A 43 -0.31 5.30 -13.20
C ALA A 43 -1.03 5.98 -12.05
N LEU A 44 -0.59 5.71 -10.83
CA LEU A 44 -1.20 6.30 -9.64
C LEU A 44 -0.14 6.93 -8.75
N GLU A 45 -0.54 7.95 -8.00
CA GLU A 45 0.38 8.64 -7.09
C GLU A 45 0.20 8.15 -5.66
N THR A 46 1.00 8.70 -4.75
CA THR A 46 0.93 8.32 -3.35
C THR A 46 -0.39 8.76 -2.71
N GLY A 47 -0.83 8.02 -1.70
CA GLY A 47 -2.07 8.37 -1.03
C GLY A 47 -2.73 7.15 -0.40
N VAL A 48 -3.92 7.36 0.16
CA VAL A 48 -4.66 6.28 0.80
C VAL A 48 -5.69 5.68 -0.15
N MET A 49 -5.71 4.35 -0.24
CA MET A 49 -6.64 3.66 -1.12
C MET A 49 -7.81 3.09 -0.32
N ARG A 50 -9.03 3.36 -0.78
CA ARG A 50 -10.23 2.87 -0.11
C ARG A 50 -10.81 1.65 -0.83
N VAL A 51 -10.74 0.51 -0.18
CA VAL A 51 -11.26 -0.73 -0.75
C VAL A 51 -12.72 -0.95 -0.37
N ARG A 52 -13.53 -1.36 -1.34
CA ARG A 52 -14.95 -1.60 -1.10
C ARG A 52 -15.30 -3.05 -1.41
N GLN A 53 -15.34 -3.89 -0.38
CA GLN A 53 -15.67 -5.29 -0.54
C GLN A 53 -17.18 -5.51 -0.49
N ASP A 54 -17.93 -4.42 -0.45
CA ASP A 54 -19.38 -4.49 -0.41
C ASP A 54 -19.86 -5.13 0.89
N ARG A 55 -18.95 -5.23 1.87
CA ARG A 55 -19.28 -5.82 3.15
C ARG A 55 -18.06 -5.81 4.08
N GLU A 56 -16.88 -5.99 3.50
CA GLU A 56 -15.64 -6.00 4.27
C GLU A 56 -14.72 -4.87 3.84
N TRP A 57 -15.17 -3.63 4.02
CA TRP A 57 -14.39 -2.46 3.65
C TRP A 57 -13.00 -2.53 4.25
N VAL A 58 -12.01 -2.00 3.53
CA VAL A 58 -10.63 -1.99 4.00
C VAL A 58 -9.91 -0.72 3.57
N ALA A 59 -8.94 -0.30 4.38
CA ALA A 59 -8.18 0.91 4.08
C ALA A 59 -6.69 0.63 4.15
N ILE A 60 -5.94 1.15 3.18
CA ILE A 60 -4.50 0.97 3.13
C ILE A 60 -3.80 2.22 2.62
N ALA A 61 -2.74 2.62 3.30
CA ALA A 61 -1.98 3.80 2.92
C ALA A 61 -0.76 3.42 2.10
N LEU A 62 -0.85 3.61 0.78
CA LEU A 62 0.25 3.28 -0.11
C LEU A 62 0.90 4.54 -0.66
N MET A 63 2.04 4.37 -1.32
CA MET A 63 2.77 5.51 -1.89
C MET A 63 2.76 5.45 -3.42
N GLY A 64 3.58 6.29 -4.05
CA GLY A 64 3.65 6.31 -5.50
C GLY A 64 3.89 4.94 -6.08
N GLY A 65 3.19 4.63 -7.17
CA GLY A 65 3.35 3.34 -7.82
C GLY A 65 2.53 3.22 -9.09
N PHE A 66 2.51 2.02 -9.67
CA PHE A 66 1.76 1.78 -10.89
C PHE A 66 0.58 0.85 -10.63
N ALA A 67 -0.54 1.13 -11.30
CA ALA A 67 -1.74 0.31 -11.14
C ALA A 67 -2.20 -0.24 -12.48
N GLU A 68 -2.44 -1.55 -12.52
CA GLU A 68 -2.89 -2.21 -13.74
C GLU A 68 -3.95 -3.27 -13.44
N VAL A 69 -5.16 -3.03 -13.94
CA VAL A 69 -6.26 -3.96 -13.72
C VAL A 69 -6.58 -4.75 -14.98
N GLU A 70 -6.99 -6.00 -14.81
CA GLU A 70 -7.31 -6.86 -15.95
C GLU A 70 -7.93 -8.17 -15.47
N ASN A 71 -9.14 -8.46 -15.93
CA ASN A 71 -9.84 -9.69 -15.56
C ASN A 71 -9.83 -9.87 -14.04
N ASN A 72 -10.31 -8.86 -13.33
CA ASN A 72 -10.36 -8.91 -11.87
C ASN A 72 -8.98 -9.13 -11.28
N GLU A 73 -7.97 -8.54 -11.92
CA GLU A 73 -6.59 -8.68 -11.47
C GLU A 73 -5.88 -7.32 -11.46
N VAL A 74 -5.78 -6.72 -10.28
CA VAL A 74 -5.12 -5.42 -10.14
C VAL A 74 -3.69 -5.58 -9.63
N THR A 75 -2.78 -4.82 -10.21
CA THR A 75 -1.38 -4.88 -9.83
C THR A 75 -0.87 -3.51 -9.36
N ILE A 76 -0.70 -3.37 -8.05
CA ILE A 76 -0.23 -2.11 -7.48
C ILE A 76 1.25 -2.20 -7.11
N LEU A 77 2.10 -1.75 -8.01
CA LEU A 77 3.55 -1.79 -7.79
C LEU A 77 4.02 -0.49 -7.11
N VAL A 78 3.81 -0.40 -5.81
CA VAL A 78 4.21 0.78 -5.05
C VAL A 78 5.59 0.57 -4.41
N ASN A 79 6.31 1.67 -4.23
CA ASN A 79 7.64 1.62 -3.63
C ASN A 79 7.58 1.90 -2.14
N GLY A 80 6.42 1.62 -1.53
CA GLY A 80 6.25 1.86 -0.11
C GLY A 80 4.79 1.99 0.28
N ALA A 81 4.44 1.44 1.45
CA ALA A 81 3.07 1.51 1.94
C ALA A 81 3.02 1.23 3.43
N GLU A 82 1.80 1.04 3.95
CA GLU A 82 1.62 0.78 5.38
C GLU A 82 0.16 0.41 5.67
N ARG A 83 -0.04 -0.74 6.30
CA ARG A 83 -1.38 -1.21 6.63
C ARG A 83 -1.77 -0.75 8.04
N GLY A 84 -2.94 -0.13 8.14
CA GLY A 84 -3.41 0.34 9.44
C GLY A 84 -3.60 -0.78 10.43
N ASP A 85 -3.65 -2.01 9.93
CA ASP A 85 -3.83 -3.18 10.78
C ASP A 85 -2.49 -3.70 11.28
N THR A 86 -1.42 -3.41 10.53
CA THR A 86 -0.09 -3.86 10.90
C THR A 86 0.66 -2.76 11.65
N ILE A 87 -0.07 -2.01 12.46
CA ILE A 87 0.52 -0.93 13.26
C ILE A 87 0.72 -1.35 14.70
N ASP A 88 1.85 -0.95 15.27
CA ASP A 88 2.16 -1.28 16.66
C ASP A 88 2.24 -0.02 17.53
N PRO A 89 2.11 -0.20 18.84
CA PRO A 89 2.17 0.91 19.80
C PRO A 89 3.57 1.51 19.91
N GLN A 90 4.58 0.64 19.96
CA GLN A 90 5.96 1.08 20.07
C GLN A 90 6.36 1.93 18.86
N GLU A 91 5.69 1.69 17.73
CA GLU A 91 5.97 2.43 16.50
C GLU A 91 5.92 3.93 16.75
N ALA A 92 5.09 4.34 17.70
CA ALA A 92 4.95 5.76 18.03
C ALA A 92 6.28 6.36 18.43
N GLN A 93 7.02 5.64 19.28
CA GLN A 93 8.32 6.11 19.74
C GLN A 93 9.37 6.01 18.64
N GLN A 94 9.29 4.93 17.86
CA GLN A 94 10.23 4.71 16.76
C GLN A 94 10.13 5.83 15.72
N THR A 95 8.92 6.07 15.24
CA THR A 95 8.69 7.11 14.24
C THR A 95 9.10 8.47 14.77
N LEU A 96 8.78 8.72 16.03
CA LEU A 96 9.12 10.00 16.66
C LEU A 96 10.63 10.19 16.73
N GLU A 97 11.35 9.10 16.98
CA GLU A 97 12.80 9.15 17.08
C GLU A 97 13.43 9.54 15.75
N ILE A 98 12.88 8.99 14.66
CA ILE A 98 13.39 9.27 13.32
C ILE A 98 13.09 10.72 12.93
N ALA A 99 11.83 11.13 13.12
CA ALA A 99 11.42 12.48 12.79
C ALA A 99 12.20 13.52 13.60
N GLU A 100 12.41 13.22 14.87
CA GLU A 100 13.15 14.11 15.75
C GLU A 100 14.60 14.26 15.30
N ALA A 101 15.19 13.15 14.88
CA ALA A 101 16.57 13.14 14.41
C ALA A 101 16.77 14.11 13.26
N ASN A 102 15.87 14.06 12.28
CA ASN A 102 15.94 14.94 11.12
C ASN A 102 15.57 16.37 11.49
N LEU A 103 14.59 16.50 12.38
CA LEU A 103 14.13 17.82 12.81
C LEU A 103 15.26 18.59 13.49
N ARG A 104 16.21 17.85 14.06
CA ARG A 104 17.34 18.46 14.75
C ARG A 104 18.04 19.48 13.85
N LYS A 105 18.70 19.00 12.81
CA LYS A 105 19.40 19.87 11.88
C LYS A 105 18.81 19.77 10.49
N ALA A 106 18.45 18.55 10.09
CA ALA A 106 17.86 18.32 8.77
C ALA A 106 16.45 18.90 8.69
N GLU A 107 15.79 18.67 7.56
CA GLU A 107 14.44 19.17 7.36
C GLU A 107 13.88 18.69 6.02
N GLY A 108 13.13 17.60 6.06
CA GLY A 108 12.54 17.05 4.85
C GLY A 108 11.44 16.05 5.13
N ALA A 109 10.31 16.22 4.46
CA ALA A 109 9.17 15.31 4.65
C ALA A 109 9.51 13.91 4.17
N ARG A 110 10.46 13.81 3.24
CA ARG A 110 10.87 12.52 2.70
C ARG A 110 11.29 11.57 3.82
N GLN A 111 11.86 12.13 4.88
CA GLN A 111 12.31 11.34 6.02
C GLN A 111 11.16 10.52 6.60
N LYS A 112 10.04 11.20 6.88
CA LYS A 112 8.87 10.54 7.44
C LYS A 112 8.30 9.52 6.46
N ILE A 113 8.41 9.81 5.17
CA ILE A 113 7.91 8.93 4.14
C ILE A 113 8.74 7.64 4.06
N GLU A 114 10.06 7.79 4.10
CA GLU A 114 10.96 6.66 4.03
C GLU A 114 10.74 5.72 5.22
N ALA A 115 10.40 6.31 6.36
CA ALA A 115 10.16 5.53 7.57
C ALA A 115 8.93 4.63 7.42
N ASN A 116 7.82 5.23 7.01
CA ASN A 116 6.58 4.49 6.82
C ASN A 116 6.80 3.26 5.95
N LEU A 117 7.28 3.49 4.72
CA LEU A 117 7.53 2.41 3.79
C LEU A 117 8.56 1.43 4.36
N ALA A 118 9.52 1.96 5.11
CA ALA A 118 10.56 1.14 5.72
C ALA A 118 9.97 0.14 6.71
N LEU A 119 8.88 0.55 7.37
CA LEU A 119 8.22 -0.30 8.35
C LEU A 119 7.48 -1.45 7.67
N ARG A 120 6.59 -1.10 6.74
CA ARG A 120 5.83 -2.11 6.01
C ARG A 120 6.75 -3.02 5.21
N ARG A 121 7.63 -2.43 4.42
CA ARG A 121 8.56 -3.18 3.60
C ARG A 121 9.33 -4.20 4.45
N ALA A 122 9.77 -3.76 5.63
CA ALA A 122 10.51 -4.63 6.53
C ALA A 122 9.61 -5.72 7.11
N ARG A 123 8.44 -5.31 7.59
CA ARG A 123 7.49 -6.25 8.17
C ARG A 123 7.07 -7.32 7.15
N THR A 124 7.12 -6.95 5.87
CA THR A 124 6.76 -7.86 4.80
C THR A 124 7.80 -8.96 4.63
N ARG A 125 9.06 -8.55 4.47
CA ARG A 125 10.15 -9.48 4.28
C ARG A 125 10.19 -10.49 5.43
N VAL A 126 9.87 -10.04 6.63
CA VAL A 126 9.87 -10.91 7.81
C VAL A 126 8.73 -11.91 7.75
N GLU A 127 7.54 -11.42 7.40
CA GLU A 127 6.36 -12.28 7.30
C GLU A 127 6.53 -13.32 6.20
N ALA A 128 7.08 -12.89 5.07
CA ALA A 128 7.30 -13.77 3.94
C ALA A 128 8.45 -14.74 4.20
N SER A 129 9.43 -14.28 4.99
CA SER A 129 10.59 -15.10 5.33
C SER A 129 10.18 -16.29 6.18
N ASN A 130 9.32 -16.05 7.15
CA ASN A 130 8.85 -17.11 8.03
C ASN A 130 7.33 -17.21 8.01
N THR A 131 6.75 -17.18 6.80
CA THR A 131 5.30 -17.27 6.64
C THR A 131 4.74 -18.46 7.39
N ILE A 132 5.40 -19.61 7.27
CA ILE A 132 4.96 -20.83 7.94
C ILE A 132 6.12 -21.78 8.15
N SER A 133 6.56 -21.89 9.40
CA SER A 133 7.67 -22.77 9.75
C SER A 133 7.17 -24.04 10.43
N SER A 134 7.25 -25.16 9.72
CA SER A 134 6.81 -26.44 10.26
C SER A 134 7.98 -27.38 10.47
N MET A 1 -16.26 -12.56 -13.78
CA MET A 1 -17.05 -12.77 -12.58
C MET A 1 -16.94 -11.59 -11.63
N VAL A 2 -15.74 -11.37 -11.10
CA VAL A 2 -15.50 -10.27 -10.18
C VAL A 2 -14.14 -9.63 -10.42
N MET A 3 -13.79 -8.64 -9.61
CA MET A 3 -12.52 -7.96 -9.74
C MET A 3 -11.52 -8.46 -8.70
N THR A 4 -10.24 -8.44 -9.06
CA THR A 4 -9.18 -8.89 -8.16
C THR A 4 -7.99 -7.94 -8.18
N VAL A 5 -7.91 -7.08 -7.19
CA VAL A 5 -6.81 -6.11 -7.10
C VAL A 5 -5.68 -6.66 -6.23
N ARG A 6 -4.56 -7.00 -6.87
CA ARG A 6 -3.41 -7.54 -6.16
C ARG A 6 -2.38 -6.44 -5.91
N VAL A 7 -1.79 -6.45 -4.71
CA VAL A 7 -0.78 -5.45 -4.35
C VAL A 7 0.62 -6.01 -4.50
N ILE A 8 1.53 -5.18 -4.99
CA ILE A 8 2.92 -5.60 -5.18
C ILE A 8 3.89 -4.60 -4.54
N ALA A 9 4.72 -5.09 -3.63
CA ALA A 9 5.69 -4.24 -2.96
C ALA A 9 7.00 -4.17 -3.74
N PRO A 10 7.80 -3.14 -3.47
CA PRO A 10 9.09 -2.94 -4.13
C PRO A 10 10.13 -3.99 -3.73
N ASP A 11 9.78 -4.81 -2.73
CA ASP A 11 10.68 -5.85 -2.26
C ASP A 11 10.11 -7.23 -2.56
N LYS A 12 8.81 -7.29 -2.83
CA LYS A 12 8.15 -8.55 -3.14
C LYS A 12 6.65 -8.36 -3.28
N THR A 13 5.98 -9.34 -3.90
CA THR A 13 4.54 -9.26 -4.10
C THR A 13 3.80 -9.38 -2.78
N VAL A 14 2.95 -8.41 -2.49
CA VAL A 14 2.17 -8.41 -1.26
C VAL A 14 1.19 -9.57 -1.23
N TRP A 15 0.12 -9.45 -2.02
CA TRP A 15 -0.90 -10.50 -2.08
C TRP A 15 -2.02 -10.10 -3.04
N ASP A 16 -3.11 -10.87 -3.02
CA ASP A 16 -4.25 -10.59 -3.89
C ASP A 16 -5.46 -10.15 -3.07
N ALA A 17 -6.02 -9.01 -3.43
CA ALA A 17 -7.18 -8.47 -2.73
C ALA A 17 -8.44 -8.56 -3.59
N PRO A 18 -9.06 -9.74 -3.60
CA PRO A 18 -10.28 -9.99 -4.39
C PRO A 18 -11.48 -9.24 -3.83
N ALA A 19 -12.28 -8.66 -4.72
CA ALA A 19 -13.47 -7.92 -4.32
C ALA A 19 -14.23 -7.40 -5.54
N GLU A 20 -15.53 -7.17 -5.37
CA GLU A 20 -16.36 -6.67 -6.46
C GLU A 20 -15.78 -5.39 -7.05
N GLU A 21 -15.84 -4.31 -6.29
CA GLU A 21 -15.32 -3.02 -6.75
C GLU A 21 -14.29 -2.47 -5.76
N VAL A 22 -13.41 -1.62 -6.25
CA VAL A 22 -12.38 -1.02 -5.41
C VAL A 22 -12.34 0.49 -5.60
N ILE A 23 -12.36 1.23 -4.50
CA ILE A 23 -12.31 2.68 -4.55
C ILE A 23 -11.12 3.22 -3.77
N LEU A 24 -10.41 4.17 -4.37
CA LEU A 24 -9.24 4.78 -3.74
C LEU A 24 -8.89 6.10 -4.40
N PRO A 25 -8.11 6.93 -3.68
CA PRO A 25 -7.68 8.24 -4.17
C PRO A 25 -6.70 8.14 -5.34
N SER A 26 -7.01 8.80 -6.44
CA SER A 26 -6.15 8.77 -7.62
C SER A 26 -5.84 10.19 -8.09
N THR A 27 -5.23 10.29 -9.27
CA THR A 27 -4.87 11.59 -9.84
C THR A 27 -6.06 12.55 -9.79
N THR A 28 -7.16 12.16 -10.45
CA THR A 28 -8.36 12.99 -10.49
C THR A 28 -8.97 13.13 -9.10
N GLY A 29 -8.53 12.28 -8.17
CA GLY A 29 -9.05 12.33 -6.82
C GLY A 29 -9.89 11.10 -6.47
N GLN A 30 -10.78 10.72 -7.38
CA GLN A 30 -11.64 9.57 -7.17
C GLN A 30 -11.43 8.52 -8.25
N LEU A 31 -11.22 7.28 -7.84
CA LEU A 31 -11.02 6.19 -8.79
C LEU A 31 -11.86 4.97 -8.41
N GLY A 32 -12.58 4.42 -9.38
CA GLY A 32 -13.40 3.26 -9.12
C GLY A 32 -13.30 2.23 -10.24
N ILE A 33 -12.66 1.10 -9.93
CA ILE A 33 -12.49 0.03 -10.90
C ILE A 33 -13.33 -1.19 -10.53
N LEU A 34 -14.00 -1.77 -11.51
CA LEU A 34 -14.83 -2.95 -11.29
C LEU A 34 -14.41 -4.09 -12.20
N SER A 35 -15.09 -5.23 -12.07
CA SER A 35 -14.80 -6.40 -12.88
C SER A 35 -15.05 -6.12 -14.36
N ASN A 36 -16.04 -5.28 -14.63
CA ASN A 36 -16.39 -4.93 -16.01
C ASN A 36 -15.32 -4.03 -16.63
N HIS A 37 -14.49 -3.43 -15.78
CA HIS A 37 -13.43 -2.55 -16.23
C HIS A 37 -12.65 -3.19 -17.38
N ALA A 38 -11.96 -2.36 -18.16
CA ALA A 38 -11.17 -2.85 -19.29
C ALA A 38 -9.68 -2.78 -18.98
N PRO A 39 -8.88 -3.48 -19.80
CA PRO A 39 -7.42 -3.53 -19.64
C PRO A 39 -6.78 -2.19 -19.98
N LEU A 40 -6.30 -1.49 -18.96
CA LEU A 40 -5.64 -0.20 -19.14
C LEU A 40 -4.65 0.07 -18.02
N LEU A 41 -3.62 0.86 -18.33
CA LEU A 41 -2.60 1.19 -17.35
C LEU A 41 -2.84 2.59 -16.78
N THR A 42 -2.75 2.71 -15.47
CA THR A 42 -2.96 3.98 -14.79
C THR A 42 -1.89 4.24 -13.73
N ALA A 43 -1.91 5.42 -13.15
CA ALA A 43 -0.94 5.78 -12.11
C ALA A 43 -1.64 6.09 -10.80
N LEU A 44 -0.92 5.89 -9.69
CA LEU A 44 -1.47 6.15 -8.37
C LEU A 44 -0.42 6.79 -7.46
N GLU A 45 -0.88 7.61 -6.53
CA GLU A 45 0.01 8.28 -5.59
C GLU A 45 -0.09 7.68 -4.20
N THR A 46 0.70 8.20 -3.27
CA THR A 46 0.70 7.70 -1.90
C THR A 46 -0.67 7.92 -1.24
N GLY A 47 -1.01 7.03 -0.32
CA GLY A 47 -2.29 7.13 0.36
C GLY A 47 -2.91 5.78 0.63
N VAL A 48 -4.08 5.78 1.28
CA VAL A 48 -4.78 4.55 1.60
C VAL A 48 -5.76 4.18 0.50
N MET A 49 -6.21 2.93 0.50
CA MET A 49 -7.16 2.45 -0.49
C MET A 49 -8.28 1.64 0.16
N ARG A 50 -9.48 1.73 -0.42
CA ARG A 50 -10.63 1.02 0.11
C ARG A 50 -11.06 -0.11 -0.84
N VAL A 51 -11.37 -1.27 -0.26
CA VAL A 51 -11.79 -2.42 -1.05
C VAL A 51 -13.21 -2.84 -0.69
N ARG A 52 -14.00 -3.17 -1.72
CA ARG A 52 -15.38 -3.59 -1.52
C ARG A 52 -15.62 -4.99 -2.09
N GLN A 53 -15.71 -5.97 -1.21
CA GLN A 53 -15.92 -7.35 -1.64
C GLN A 53 -17.41 -7.64 -1.79
N ASP A 54 -18.21 -7.11 -0.87
CA ASP A 54 -19.66 -7.31 -0.90
C ASP A 54 -20.33 -6.58 0.26
N ARG A 55 -20.09 -7.07 1.47
CA ARG A 55 -20.68 -6.46 2.66
C ARG A 55 -19.60 -5.87 3.56
N GLU A 56 -18.40 -6.43 3.46
CA GLU A 56 -17.27 -5.95 4.27
C GLU A 56 -16.39 -5.00 3.48
N TRP A 57 -15.34 -4.50 4.13
CA TRP A 57 -14.43 -3.56 3.48
C TRP A 57 -13.01 -3.74 4.01
N VAL A 58 -12.03 -3.38 3.20
CA VAL A 58 -10.63 -3.50 3.59
C VAL A 58 -9.87 -2.19 3.34
N ALA A 59 -8.86 -1.93 4.16
CA ALA A 59 -8.06 -0.73 4.03
C ALA A 59 -6.57 -1.05 3.99
N ILE A 60 -5.86 -0.47 3.04
CA ILE A 60 -4.43 -0.70 2.89
C ILE A 60 -3.70 0.59 2.52
N ALA A 61 -2.48 0.73 3.01
CA ALA A 61 -1.67 1.91 2.73
C ALA A 61 -0.56 1.59 1.75
N LEU A 62 -0.18 2.58 0.94
CA LEU A 62 0.88 2.41 -0.05
C LEU A 62 1.34 3.75 -0.60
N MET A 63 2.64 3.89 -0.80
CA MET A 63 3.21 5.13 -1.32
C MET A 63 3.04 5.20 -2.83
N GLY A 64 3.70 6.17 -3.45
CA GLY A 64 3.61 6.34 -4.90
C GLY A 64 3.89 5.05 -5.64
N GLY A 65 3.40 4.96 -6.87
CA GLY A 65 3.62 3.77 -7.68
C GLY A 65 2.74 3.74 -8.92
N PHE A 66 2.73 2.60 -9.60
CA PHE A 66 1.93 2.44 -10.81
C PHE A 66 0.84 1.40 -10.61
N ALA A 67 -0.13 1.37 -11.54
CA ALA A 67 -1.23 0.43 -11.45
C ALA A 67 -1.64 -0.06 -12.84
N GLU A 68 -1.75 -1.37 -12.99
CA GLU A 68 -2.14 -1.96 -14.27
C GLU A 68 -3.29 -2.95 -14.09
N VAL A 69 -4.48 -2.56 -14.55
CA VAL A 69 -5.65 -3.42 -14.43
C VAL A 69 -6.04 -4.01 -15.78
N GLU A 70 -6.46 -5.27 -15.77
CA GLU A 70 -6.85 -5.94 -17.00
C GLU A 70 -7.48 -7.30 -16.70
N ASN A 71 -8.70 -7.50 -17.18
CA ASN A 71 -9.40 -8.77 -16.96
C ASN A 71 -9.40 -9.14 -15.49
N ASN A 72 -9.88 -8.23 -14.64
CA ASN A 72 -9.93 -8.46 -13.20
C ASN A 72 -8.53 -8.78 -12.66
N GLU A 73 -7.52 -8.14 -13.23
CA GLU A 73 -6.14 -8.35 -12.80
C GLU A 73 -5.42 -7.02 -12.62
N VAL A 74 -5.40 -6.52 -11.39
CA VAL A 74 -4.74 -5.26 -11.08
C VAL A 74 -3.39 -5.49 -10.42
N THR A 75 -2.40 -4.68 -10.79
CA THR A 75 -1.06 -4.80 -10.24
C THR A 75 -0.57 -3.46 -9.71
N ILE A 76 -0.58 -3.32 -8.38
CA ILE A 76 -0.13 -2.09 -7.74
C ILE A 76 1.34 -2.19 -7.33
N LEU A 77 2.21 -1.70 -8.20
CA LEU A 77 3.65 -1.72 -7.92
C LEU A 77 4.10 -0.43 -7.24
N VAL A 78 3.99 -0.39 -5.92
CA VAL A 78 4.39 0.78 -5.16
C VAL A 78 5.83 0.67 -4.69
N ASN A 79 6.35 1.74 -4.10
CA ASN A 79 7.72 1.76 -3.60
C ASN A 79 7.75 2.01 -2.10
N GLY A 80 6.95 1.24 -1.36
CA GLY A 80 6.90 1.39 0.07
C GLY A 80 5.49 1.41 0.61
N ALA A 81 4.90 0.23 0.79
CA ALA A 81 3.54 0.11 1.30
C ALA A 81 3.50 -0.72 2.57
N GLU A 82 2.33 -0.77 3.21
CA GLU A 82 2.17 -1.53 4.44
C GLU A 82 0.69 -1.80 4.71
N ARG A 83 0.41 -2.88 5.45
CA ARG A 83 -0.96 -3.25 5.77
C ARG A 83 -1.39 -2.62 7.10
N GLY A 84 -2.65 -2.20 7.16
CA GLY A 84 -3.16 -1.59 8.37
C GLY A 84 -3.13 -2.52 9.56
N ASP A 85 -3.09 -3.82 9.28
CA ASP A 85 -3.05 -4.83 10.34
C ASP A 85 -1.71 -4.80 11.07
N THR A 86 -0.67 -4.34 10.38
CA THR A 86 0.66 -4.28 10.96
C THR A 86 0.96 -2.87 11.48
N ILE A 87 -0.11 -2.14 11.81
CA ILE A 87 0.05 -0.78 12.32
C ILE A 87 -0.21 -0.73 13.82
N ASP A 88 0.80 -0.32 14.58
CA ASP A 88 0.68 -0.21 16.03
C ASP A 88 0.84 1.23 16.50
N PRO A 89 0.37 1.52 17.71
CA PRO A 89 0.44 2.86 18.30
C PRO A 89 1.87 3.26 18.66
N GLN A 90 2.76 2.26 18.73
CA GLN A 90 4.16 2.51 19.06
C GLN A 90 4.91 3.08 17.86
N GLU A 91 4.42 2.78 16.66
CA GLU A 91 5.05 3.26 15.44
C GLU A 91 5.09 4.79 15.41
N ALA A 92 3.96 5.41 15.73
CA ALA A 92 3.87 6.86 15.74
C ALA A 92 4.98 7.48 16.59
N GLN A 93 5.25 6.86 17.73
CA GLN A 93 6.29 7.34 18.64
C GLN A 93 7.67 7.13 18.03
N GLN A 94 7.88 5.98 17.41
CA GLN A 94 9.16 5.66 16.79
C GLN A 94 9.48 6.64 15.67
N THR A 95 8.50 6.86 14.79
CA THR A 95 8.68 7.77 13.66
C THR A 95 8.93 9.20 14.13
N LEU A 96 8.34 9.55 15.28
CA LEU A 96 8.50 10.88 15.85
C LEU A 96 9.92 11.07 16.37
N GLU A 97 10.52 10.00 16.85
CA GLU A 97 11.88 10.06 17.38
C GLU A 97 12.90 10.19 16.26
N ILE A 98 12.81 9.31 15.28
CA ILE A 98 13.73 9.33 14.14
C ILE A 98 13.66 10.67 13.40
N ALA A 99 12.46 11.22 13.30
CA ALA A 99 12.25 12.49 12.63
C ALA A 99 12.96 13.62 13.38
N GLU A 100 12.73 13.70 14.69
CA GLU A 100 13.34 14.74 15.51
C GLU A 100 14.86 14.63 15.48
N ALA A 101 15.36 13.40 15.59
CA ALA A 101 16.80 13.16 15.58
C ALA A 101 17.44 13.72 14.31
N ASN A 102 16.77 13.52 13.18
CA ASN A 102 17.27 14.00 11.90
C ASN A 102 17.08 15.51 11.77
N LEU A 103 16.03 16.02 12.42
CA LEU A 103 15.74 17.45 12.38
C LEU A 103 16.80 18.24 13.13
N ARG A 104 17.45 17.59 14.09
CA ARG A 104 18.48 18.24 14.89
C ARG A 104 19.51 18.93 14.00
N LYS A 105 20.31 18.14 13.30
CA LYS A 105 21.33 18.68 12.40
C LYS A 105 20.83 18.68 10.96
N ALA A 106 20.14 17.62 10.57
CA ALA A 106 19.61 17.51 9.22
C ALA A 106 18.21 18.13 9.12
N GLU A 107 17.65 18.10 7.92
CA GLU A 107 16.32 18.65 7.70
C GLU A 107 15.89 18.47 6.24
N GLY A 108 15.27 17.33 5.95
CA GLY A 108 14.82 17.05 4.60
C GLY A 108 13.66 16.08 4.57
N ALA A 109 12.65 16.38 3.76
CA ALA A 109 11.48 15.53 3.64
C ALA A 109 11.85 14.17 3.04
N ARG A 110 12.89 14.16 2.20
CA ARG A 110 13.34 12.93 1.56
C ARG A 110 13.72 11.89 2.60
N GLN A 111 14.45 12.31 3.64
CA GLN A 111 14.88 11.41 4.70
C GLN A 111 13.67 10.76 5.36
N LYS A 112 12.61 11.53 5.56
CA LYS A 112 11.40 11.04 6.19
C LYS A 112 10.76 9.95 5.35
N ILE A 113 10.58 10.23 4.06
CA ILE A 113 9.97 9.28 3.14
C ILE A 113 10.81 8.01 3.04
N GLU A 114 12.11 8.17 2.94
CA GLU A 114 13.02 7.04 2.84
C GLU A 114 12.93 6.16 4.08
N ALA A 115 12.80 6.79 5.24
CA ALA A 115 12.70 6.07 6.50
C ALA A 115 11.34 5.40 6.65
N ASN A 116 10.30 6.07 6.14
CA ASN A 116 8.94 5.55 6.22
C ASN A 116 8.79 4.29 5.36
N LEU A 117 9.18 4.39 4.09
CA LEU A 117 9.10 3.27 3.17
C LEU A 117 10.01 2.14 3.60
N ALA A 118 11.16 2.49 4.15
CA ALA A 118 12.12 1.50 4.62
C ALA A 118 11.53 0.64 5.74
N LEU A 119 10.99 1.28 6.76
CA LEU A 119 10.40 0.57 7.89
C LEU A 119 9.21 -0.27 7.43
N ARG A 120 8.33 0.33 6.63
CA ARG A 120 7.16 -0.36 6.12
C ARG A 120 7.56 -1.61 5.34
N ARG A 121 8.55 -1.46 4.45
CA ARG A 121 9.02 -2.58 3.64
C ARG A 121 9.66 -3.66 4.52
N ALA A 122 10.52 -3.23 5.44
CA ALA A 122 11.18 -4.16 6.34
C ALA A 122 10.17 -4.98 7.14
N ARG A 123 9.19 -4.28 7.73
CA ARG A 123 8.17 -4.93 8.52
C ARG A 123 7.46 -6.03 7.71
N THR A 124 7.21 -5.74 6.43
CA THR A 124 6.54 -6.69 5.57
C THR A 124 7.33 -7.99 5.45
N ARG A 125 8.63 -7.87 5.25
CA ARG A 125 9.51 -9.03 5.12
C ARG A 125 9.47 -9.86 6.39
N VAL A 126 9.39 -9.20 7.54
CA VAL A 126 9.36 -9.88 8.82
C VAL A 126 8.13 -10.77 8.93
N GLU A 127 6.96 -10.21 8.67
CA GLU A 127 5.71 -10.96 8.73
C GLU A 127 5.70 -12.09 7.71
N ALA A 128 6.17 -11.80 6.50
CA ALA A 128 6.22 -12.79 5.45
C ALA A 128 7.02 -14.02 5.87
N SER A 129 8.19 -13.79 6.44
CA SER A 129 9.05 -14.89 6.90
C SER A 129 8.42 -15.62 8.08
N ASN A 130 8.07 -14.87 9.12
CA ASN A 130 7.46 -15.44 10.31
C ASN A 130 5.94 -15.42 10.20
N THR A 131 5.43 -15.84 9.05
CA THR A 131 3.99 -15.86 8.82
C THR A 131 3.28 -16.70 9.88
N ILE A 132 3.92 -17.78 10.31
CA ILE A 132 3.36 -18.66 11.31
C ILE A 132 4.30 -19.81 11.64
N SER A 133 4.89 -19.77 12.83
CA SER A 133 5.82 -20.80 13.26
C SER A 133 5.09 -22.13 13.47
N SER A 134 5.85 -23.22 13.49
CA SER A 134 5.29 -24.56 13.68
C SER A 134 4.58 -24.65 15.03
N MET A 1 -17.81 -10.33 -13.27
CA MET A 1 -17.99 -9.99 -11.86
C MET A 1 -16.86 -10.56 -11.02
N VAL A 2 -16.69 -10.00 -9.81
CA VAL A 2 -15.63 -10.45 -8.91
C VAL A 2 -14.26 -10.21 -9.50
N MET A 3 -13.57 -9.20 -9.02
CA MET A 3 -12.23 -8.87 -9.50
C MET A 3 -11.16 -9.46 -8.58
N THR A 4 -9.92 -9.44 -9.06
CA THR A 4 -8.80 -9.98 -8.29
C THR A 4 -7.70 -8.95 -8.12
N VAL A 5 -7.67 -8.33 -6.94
CA VAL A 5 -6.66 -7.31 -6.64
C VAL A 5 -5.46 -7.92 -5.94
N ARG A 6 -4.27 -7.65 -6.48
CA ARG A 6 -3.03 -8.18 -5.89
C ARG A 6 -1.98 -7.09 -5.78
N VAL A 7 -1.31 -7.03 -4.62
CA VAL A 7 -0.28 -6.03 -4.38
C VAL A 7 1.10 -6.62 -4.59
N ILE A 8 2.02 -5.80 -5.11
CA ILE A 8 3.38 -6.24 -5.35
C ILE A 8 4.39 -5.13 -5.01
N ALA A 9 5.55 -5.54 -4.51
CA ALA A 9 6.59 -4.58 -4.14
C ALA A 9 7.87 -4.83 -4.94
N PRO A 10 8.73 -3.81 -5.01
CA PRO A 10 10.00 -3.90 -5.74
C PRO A 10 11.00 -4.83 -5.07
N ASP A 11 10.66 -5.29 -3.86
CA ASP A 11 11.52 -6.19 -3.12
C ASP A 11 10.97 -7.61 -3.13
N LYS A 12 9.68 -7.73 -3.41
CA LYS A 12 9.02 -9.04 -3.45
C LYS A 12 7.52 -8.89 -3.72
N THR A 13 6.79 -9.99 -3.56
CA THR A 13 5.36 -9.98 -3.79
C THR A 13 4.59 -9.92 -2.47
N VAL A 14 3.47 -9.20 -2.47
CA VAL A 14 2.65 -9.06 -1.28
C VAL A 14 1.62 -10.17 -1.19
N TRP A 15 0.63 -10.12 -2.09
CA TRP A 15 -0.43 -11.13 -2.11
C TRP A 15 -1.43 -10.83 -3.23
N ASP A 16 -2.40 -11.73 -3.40
CA ASP A 16 -3.42 -11.56 -4.43
C ASP A 16 -4.77 -12.06 -3.94
N ALA A 17 -5.56 -11.16 -3.37
CA ALA A 17 -6.89 -11.51 -2.86
C ALA A 17 -7.99 -10.97 -3.76
N PRO A 18 -9.18 -11.57 -3.67
CA PRO A 18 -10.34 -11.16 -4.47
C PRO A 18 -10.87 -9.80 -4.06
N ALA A 19 -11.87 -9.31 -4.80
CA ALA A 19 -12.47 -8.01 -4.51
C ALA A 19 -13.65 -7.73 -5.44
N GLU A 20 -14.37 -6.66 -5.17
CA GLU A 20 -15.51 -6.27 -5.99
C GLU A 20 -15.36 -4.85 -6.52
N GLU A 21 -14.77 -3.98 -5.70
CA GLU A 21 -14.58 -2.59 -6.10
C GLU A 21 -13.57 -1.91 -5.17
N VAL A 22 -12.60 -1.21 -5.76
CA VAL A 22 -11.58 -0.52 -5.00
C VAL A 22 -11.66 0.99 -5.22
N ILE A 23 -11.84 1.74 -4.14
CA ILE A 23 -11.92 3.19 -4.23
C ILE A 23 -10.79 3.86 -3.44
N LEU A 24 -10.09 4.77 -4.10
CA LEU A 24 -8.99 5.48 -3.46
C LEU A 24 -8.65 6.76 -4.22
N PRO A 25 -7.97 7.69 -3.54
CA PRO A 25 -7.58 8.98 -4.13
C PRO A 25 -6.50 8.82 -5.19
N SER A 26 -6.69 9.47 -6.34
CA SER A 26 -5.73 9.40 -7.44
C SER A 26 -5.44 10.79 -7.98
N THR A 27 -4.76 10.83 -9.13
CA THR A 27 -4.41 12.09 -9.76
C THR A 27 -5.62 13.01 -9.86
N THR A 28 -6.66 12.55 -10.54
CA THR A 28 -7.88 13.33 -10.71
C THR A 28 -8.57 13.57 -9.37
N GLY A 29 -8.16 12.82 -8.36
CA GLY A 29 -8.74 12.97 -7.04
C GLY A 29 -9.54 11.76 -6.61
N GLN A 30 -10.38 11.27 -7.51
CA GLN A 30 -11.23 10.11 -7.23
C GLN A 30 -10.95 8.98 -8.22
N LEU A 31 -10.76 7.78 -7.71
CA LEU A 31 -10.49 6.61 -8.55
C LEU A 31 -11.37 5.43 -8.14
N GLY A 32 -11.88 4.72 -9.14
CA GLY A 32 -12.73 3.57 -8.87
C GLY A 32 -12.60 2.50 -9.92
N ILE A 33 -12.11 1.33 -9.52
CA ILE A 33 -11.93 0.22 -10.43
C ILE A 33 -12.87 -0.94 -10.09
N LEU A 34 -13.36 -1.62 -11.12
CA LEU A 34 -14.27 -2.74 -10.92
C LEU A 34 -13.81 -3.96 -11.72
N SER A 35 -14.49 -5.09 -11.52
CA SER A 35 -14.15 -6.31 -12.22
C SER A 35 -14.47 -6.20 -13.70
N ASN A 36 -15.66 -5.67 -14.01
CA ASN A 36 -16.08 -5.50 -15.39
C ASN A 36 -15.23 -4.45 -16.11
N HIS A 37 -14.52 -3.64 -15.32
CA HIS A 37 -13.66 -2.61 -15.88
C HIS A 37 -12.77 -3.16 -16.97
N ALA A 38 -12.54 -2.37 -18.01
CA ALA A 38 -11.70 -2.78 -19.12
C ALA A 38 -10.22 -2.75 -18.74
N PRO A 39 -9.39 -3.41 -19.56
CA PRO A 39 -7.94 -3.47 -19.32
C PRO A 39 -7.26 -2.12 -19.53
N LEU A 40 -6.93 -1.45 -18.44
CA LEU A 40 -6.27 -0.15 -18.50
C LEU A 40 -5.30 0.03 -17.34
N LEU A 41 -4.27 0.82 -17.55
CA LEU A 41 -3.26 1.08 -16.52
C LEU A 41 -3.42 2.50 -15.96
N THR A 42 -3.06 2.66 -14.69
CA THR A 42 -3.16 3.96 -14.03
C THR A 42 -2.05 4.13 -12.99
N ALA A 43 -1.96 5.33 -12.42
CA ALA A 43 -0.95 5.63 -11.42
C ALA A 43 -1.59 6.17 -10.15
N LEU A 44 -0.94 5.92 -9.01
CA LEU A 44 -1.44 6.39 -7.72
C LEU A 44 -0.30 6.89 -6.84
N GLU A 45 -0.61 7.83 -5.96
CA GLU A 45 0.38 8.39 -5.06
C GLU A 45 0.26 7.78 -3.66
N THR A 46 1.21 8.11 -2.79
CA THR A 46 1.21 7.59 -1.42
C THR A 46 -0.13 7.82 -0.76
N GLY A 47 -0.64 6.80 -0.08
CA GLY A 47 -1.92 6.92 0.60
C GLY A 47 -2.54 5.56 0.89
N VAL A 48 -3.73 5.58 1.50
CA VAL A 48 -4.43 4.35 1.84
C VAL A 48 -5.62 4.11 0.91
N MET A 49 -5.92 2.85 0.65
CA MET A 49 -7.04 2.49 -0.21
C MET A 49 -8.07 1.65 0.54
N ARG A 50 -9.30 1.65 0.04
CA ARG A 50 -10.38 0.90 0.66
C ARG A 50 -10.93 -0.16 -0.29
N VAL A 51 -10.71 -1.42 0.04
CA VAL A 51 -11.19 -2.53 -0.79
C VAL A 51 -12.44 -3.16 -0.20
N ARG A 52 -13.44 -3.40 -1.05
CA ARG A 52 -14.69 -4.00 -0.59
C ARG A 52 -15.18 -5.04 -1.61
N GLN A 53 -15.31 -6.28 -1.15
CA GLN A 53 -15.77 -7.36 -2.02
C GLN A 53 -17.29 -7.44 -2.03
N ASP A 54 -17.92 -6.31 -2.32
CA ASP A 54 -19.38 -6.25 -2.37
C ASP A 54 -19.98 -6.50 -0.99
N ARG A 55 -19.14 -6.42 0.04
CA ARG A 55 -19.59 -6.64 1.41
C ARG A 55 -18.42 -6.50 2.39
N GLU A 56 -17.25 -6.93 1.97
CA GLU A 56 -16.07 -6.84 2.81
C GLU A 56 -15.69 -5.39 3.08
N TRP A 57 -14.78 -5.19 4.03
CA TRP A 57 -14.33 -3.85 4.40
C TRP A 57 -12.91 -3.87 4.93
N VAL A 58 -11.94 -3.66 4.05
CA VAL A 58 -10.54 -3.66 4.44
C VAL A 58 -9.80 -2.48 3.80
N ALA A 59 -8.77 -2.00 4.49
CA ALA A 59 -7.98 -0.88 4.00
C ALA A 59 -6.48 -1.17 4.12
N ILE A 60 -5.74 -0.88 3.05
CA ILE A 60 -4.31 -1.11 3.03
C ILE A 60 -3.54 0.19 2.82
N ALA A 61 -2.64 0.50 3.74
CA ALA A 61 -1.84 1.72 3.66
C ALA A 61 -0.51 1.45 2.96
N LEU A 62 -0.35 2.00 1.77
CA LEU A 62 0.88 1.83 1.01
C LEU A 62 1.36 3.15 0.42
N MET A 63 2.67 3.29 0.28
CA MET A 63 3.27 4.51 -0.27
C MET A 63 3.00 4.61 -1.77
N GLY A 64 3.67 5.56 -2.42
CA GLY A 64 3.50 5.75 -3.84
C GLY A 64 3.69 4.46 -4.63
N GLY A 65 2.87 4.26 -5.65
CA GLY A 65 2.97 3.06 -6.46
C GLY A 65 2.13 3.14 -7.72
N PHE A 66 2.02 2.02 -8.43
CA PHE A 66 1.24 1.96 -9.66
C PHE A 66 0.14 0.92 -9.55
N ALA A 67 -0.80 0.97 -10.50
CA ALA A 67 -1.92 0.04 -10.53
C ALA A 67 -2.48 -0.11 -11.92
N GLU A 68 -2.91 -1.33 -12.26
CA GLU A 68 -3.46 -1.61 -13.58
C GLU A 68 -4.42 -2.79 -13.52
N VAL A 69 -5.66 -2.58 -13.96
CA VAL A 69 -6.67 -3.62 -13.96
C VAL A 69 -6.93 -4.12 -15.37
N GLU A 70 -7.33 -5.39 -15.49
CA GLU A 70 -7.63 -5.99 -16.78
C GLU A 70 -8.22 -7.38 -16.62
N ASN A 71 -9.38 -7.60 -17.25
CA ASN A 71 -10.07 -8.88 -17.17
C ASN A 71 -10.19 -9.35 -15.72
N ASN A 72 -10.68 -8.46 -14.86
CA ASN A 72 -10.86 -8.78 -13.45
C ASN A 72 -9.52 -9.15 -12.81
N GLU A 73 -8.48 -8.43 -13.21
CA GLU A 73 -7.14 -8.68 -12.66
C GLU A 73 -6.40 -7.36 -12.43
N VAL A 74 -6.25 -7.00 -11.16
CA VAL A 74 -5.56 -5.77 -10.78
C VAL A 74 -4.13 -6.06 -10.35
N THR A 75 -3.19 -5.26 -10.85
CA THR A 75 -1.78 -5.43 -10.50
C THR A 75 -1.19 -4.14 -9.95
N ILE A 76 -0.90 -4.14 -8.65
CA ILE A 76 -0.32 -2.97 -8.00
C ILE A 76 1.17 -3.14 -7.76
N LEU A 77 1.93 -2.07 -7.96
CA LEU A 77 3.38 -2.11 -7.77
C LEU A 77 3.84 -0.92 -6.93
N VAL A 78 3.65 -1.01 -5.62
CA VAL A 78 4.05 0.05 -4.71
C VAL A 78 5.43 -0.21 -4.12
N ASN A 79 6.19 0.85 -3.89
CA ASN A 79 7.53 0.73 -3.32
C ASN A 79 7.47 0.20 -1.89
N GLY A 80 6.37 0.49 -1.20
CA GLY A 80 6.21 0.05 0.16
C GLY A 80 4.75 -0.18 0.54
N ALA A 81 4.53 -1.04 1.52
CA ALA A 81 3.17 -1.34 1.97
C ALA A 81 3.12 -1.50 3.48
N GLU A 82 1.91 -1.51 4.04
CA GLU A 82 1.72 -1.66 5.47
C GLU A 82 0.24 -1.83 5.82
N ARG A 83 -0.05 -2.83 6.64
CA ARG A 83 -1.42 -3.10 7.05
C ARG A 83 -1.78 -2.35 8.32
N GLY A 84 -3.02 -1.89 8.41
CA GLY A 84 -3.46 -1.16 9.58
C GLY A 84 -3.50 -2.02 10.83
N ASP A 85 -3.51 -3.33 10.64
CA ASP A 85 -3.54 -4.27 11.75
C ASP A 85 -2.29 -4.14 12.61
N THR A 86 -1.16 -3.91 11.95
CA THR A 86 0.12 -3.77 12.65
C THR A 86 0.43 -2.31 12.93
N ILE A 87 -0.60 -1.53 13.21
CA ILE A 87 -0.43 -0.10 13.50
C ILE A 87 -0.92 0.23 14.90
N ASP A 88 0.02 0.60 15.77
CA ASP A 88 -0.32 0.95 17.15
C ASP A 88 -0.19 2.46 17.37
N PRO A 89 -0.84 2.96 18.43
CA PRO A 89 -0.80 4.39 18.78
C PRO A 89 0.56 4.83 19.29
N GLN A 90 1.37 3.86 19.72
CA GLN A 90 2.70 4.15 20.23
C GLN A 90 3.67 4.41 19.09
N GLU A 91 3.54 3.65 18.02
CA GLU A 91 4.40 3.80 16.85
C GLU A 91 4.40 5.23 16.36
N ALA A 92 3.23 5.86 16.34
CA ALA A 92 3.10 7.24 15.89
C ALA A 92 4.08 8.15 16.61
N GLN A 93 4.22 7.96 17.91
CA GLN A 93 5.13 8.76 18.73
C GLN A 93 6.58 8.48 18.34
N GLN A 94 6.89 7.21 18.11
CA GLN A 94 8.24 6.82 17.74
C GLN A 94 8.65 7.44 16.41
N THR A 95 7.71 7.49 15.47
CA THR A 95 7.97 8.07 14.15
C THR A 95 8.14 9.57 14.24
N LEU A 96 7.46 10.19 15.20
CA LEU A 96 7.54 11.63 15.39
C LEU A 96 8.88 12.03 15.99
N GLU A 97 9.47 11.13 16.76
CA GLU A 97 10.76 11.38 17.40
C GLU A 97 11.89 11.33 16.38
N ILE A 98 11.95 10.26 15.62
CA ILE A 98 12.98 10.10 14.60
C ILE A 98 12.83 11.13 13.49
N ALA A 99 11.58 11.44 13.14
CA ALA A 99 11.31 12.41 12.09
C ALA A 99 11.88 13.77 12.45
N GLU A 100 11.49 14.29 13.61
CA GLU A 100 11.98 15.59 14.07
C GLU A 100 13.47 15.55 14.34
N ALA A 101 13.95 14.43 14.88
CA ALA A 101 15.36 14.26 15.18
C ALA A 101 16.21 14.34 13.93
N ASN A 102 15.70 13.79 12.83
CA ASN A 102 16.41 13.79 11.56
C ASN A 102 16.53 15.22 11.01
N LEU A 103 15.41 15.94 10.99
CA LEU A 103 15.40 17.31 10.50
C LEU A 103 16.27 18.21 11.36
N ARG A 104 16.44 17.83 12.63
CA ARG A 104 17.25 18.61 13.56
C ARG A 104 18.66 18.81 13.02
N LYS A 105 19.43 17.72 12.98
CA LYS A 105 20.80 17.77 12.50
C LYS A 105 20.96 16.93 11.23
N ALA A 106 20.31 15.77 11.22
CA ALA A 106 20.37 14.87 10.08
C ALA A 106 19.80 15.53 8.82
N GLU A 107 19.72 14.77 7.74
CA GLU A 107 19.18 15.28 6.48
C GLU A 107 17.77 15.82 6.67
N GLY A 108 17.20 16.35 5.60
CA GLY A 108 15.86 16.90 5.66
C GLY A 108 14.79 15.85 5.46
N ALA A 109 13.66 16.25 4.89
CA ALA A 109 12.56 15.34 4.63
C ALA A 109 13.01 14.14 3.79
N ARG A 110 14.07 14.34 3.02
CA ARG A 110 14.61 13.28 2.17
C ARG A 110 14.94 12.04 3.00
N GLN A 111 15.62 12.25 4.12
CA GLN A 111 15.99 11.15 5.00
C GLN A 111 14.77 10.48 5.60
N LYS A 112 13.76 11.28 5.93
CA LYS A 112 12.53 10.77 6.51
C LYS A 112 11.84 9.79 5.55
N ILE A 113 11.74 10.19 4.29
CA ILE A 113 11.10 9.36 3.27
C ILE A 113 11.82 8.02 3.14
N GLU A 114 13.15 8.06 3.11
CA GLU A 114 13.95 6.84 2.99
C GLU A 114 13.65 5.89 4.14
N ALA A 115 13.46 6.44 5.33
CA ALA A 115 13.17 5.64 6.51
C ALA A 115 11.74 5.11 6.48
N ASN A 116 10.83 5.90 5.92
CA ASN A 116 9.43 5.50 5.83
C ASN A 116 9.27 4.29 4.91
N LEU A 117 9.76 4.42 3.68
CA LEU A 117 9.67 3.34 2.71
C LEU A 117 10.42 2.11 3.19
N ALA A 118 11.54 2.33 3.88
CA ALA A 118 12.35 1.23 4.40
C ALA A 118 11.59 0.43 5.45
N LEU A 119 10.98 1.14 6.40
CA LEU A 119 10.21 0.49 7.46
C LEU A 119 8.95 -0.16 6.90
N ARG A 120 8.44 0.39 5.80
CA ARG A 120 7.24 -0.13 5.17
C ARG A 120 7.54 -1.41 4.39
N ARG A 121 8.63 -1.38 3.63
CA ARG A 121 9.04 -2.53 2.83
C ARG A 121 9.49 -3.68 3.72
N ALA A 122 10.14 -3.34 4.82
CA ALA A 122 10.63 -4.34 5.77
C ALA A 122 9.47 -5.06 6.45
N ARG A 123 8.53 -4.28 6.99
CA ARG A 123 7.38 -4.84 7.67
C ARG A 123 6.64 -5.84 6.78
N THR A 124 6.29 -5.40 5.58
CA THR A 124 5.59 -6.26 4.63
C THR A 124 6.44 -7.45 4.23
N ARG A 125 7.76 -7.25 4.21
CA ARG A 125 8.68 -8.32 3.85
C ARG A 125 8.66 -9.44 4.89
N VAL A 126 8.81 -9.07 6.15
CA VAL A 126 8.80 -10.04 7.24
C VAL A 126 7.46 -10.76 7.32
N GLU A 127 6.38 -10.02 7.15
CA GLU A 127 5.04 -10.59 7.21
C GLU A 127 4.83 -11.59 6.07
N ALA A 128 5.47 -11.34 4.94
CA ALA A 128 5.36 -12.23 3.79
C ALA A 128 6.25 -13.45 3.95
N SER A 129 7.48 -13.23 4.37
CA SER A 129 8.43 -14.33 4.55
C SER A 129 7.98 -15.26 5.67
N ASN A 130 7.64 -14.68 6.81
CA ASN A 130 7.18 -15.47 7.96
C ASN A 130 5.67 -15.34 8.13
N THR A 131 4.93 -15.48 7.03
CA THR A 131 3.49 -15.39 7.06
C THR A 131 2.89 -16.39 8.04
N ILE A 132 3.50 -17.56 8.12
CA ILE A 132 3.03 -18.61 9.02
C ILE A 132 3.91 -19.84 8.94
N SER A 133 4.69 -20.10 9.99
CA SER A 133 5.58 -21.24 10.04
C SER A 133 4.79 -22.55 10.14
N SER A 134 4.86 -23.36 9.10
CA SER A 134 4.14 -24.63 9.06
C SER A 134 5.04 -25.74 8.53
N MET A 1 -17.52 -13.45 -11.33
CA MET A 1 -18.15 -12.13 -11.43
C MET A 1 -17.55 -11.17 -10.43
N VAL A 2 -16.28 -11.37 -10.10
CA VAL A 2 -15.58 -10.51 -9.15
C VAL A 2 -14.15 -10.23 -9.61
N MET A 3 -13.56 -9.16 -9.09
CA MET A 3 -12.20 -8.78 -9.44
C MET A 3 -11.21 -9.30 -8.40
N THR A 4 -9.92 -9.13 -8.67
CA THR A 4 -8.88 -9.58 -7.76
C THR A 4 -7.76 -8.55 -7.65
N VAL A 5 -7.66 -7.90 -6.50
CA VAL A 5 -6.63 -6.90 -6.27
C VAL A 5 -5.40 -7.50 -5.63
N ARG A 6 -4.23 -7.12 -6.12
CA ARG A 6 -2.97 -7.64 -5.58
C ARG A 6 -1.98 -6.50 -5.32
N VAL A 7 -1.38 -6.51 -4.14
CA VAL A 7 -0.42 -5.47 -3.77
C VAL A 7 1.01 -6.00 -3.85
N ILE A 8 1.93 -5.13 -4.24
CA ILE A 8 3.34 -5.50 -4.37
C ILE A 8 4.25 -4.45 -3.73
N ALA A 9 5.14 -4.89 -2.86
CA ALA A 9 6.06 -3.99 -2.19
C ALA A 9 7.42 -3.98 -2.89
N PRO A 10 8.21 -2.93 -2.63
CA PRO A 10 9.54 -2.77 -3.23
C PRO A 10 10.55 -3.78 -2.68
N ASP A 11 10.14 -4.52 -1.65
CA ASP A 11 11.00 -5.52 -1.04
C ASP A 11 10.55 -6.93 -1.42
N LYS A 12 9.29 -7.06 -1.82
CA LYS A 12 8.74 -8.35 -2.22
C LYS A 12 7.26 -8.23 -2.55
N THR A 13 6.60 -9.37 -2.70
CA THR A 13 5.18 -9.40 -3.02
C THR A 13 4.33 -9.40 -1.75
N VAL A 14 3.38 -8.47 -1.67
CA VAL A 14 2.50 -8.36 -0.51
C VAL A 14 1.52 -9.52 -0.47
N TRP A 15 0.58 -9.53 -1.40
CA TRP A 15 -0.43 -10.58 -1.47
C TRP A 15 -1.38 -10.36 -2.64
N ASP A 16 -2.45 -11.14 -2.69
CA ASP A 16 -3.44 -11.02 -3.74
C ASP A 16 -4.79 -11.55 -3.29
N ALA A 17 -5.66 -10.65 -2.83
CA ALA A 17 -6.98 -11.04 -2.36
C ALA A 17 -8.06 -10.60 -3.35
N PRO A 18 -9.23 -11.24 -3.27
CA PRO A 18 -10.37 -10.94 -4.15
C PRO A 18 -10.98 -9.57 -3.85
N ALA A 19 -11.94 -9.17 -4.66
CA ALA A 19 -12.61 -7.89 -4.49
C ALA A 19 -13.78 -7.74 -5.46
N GLU A 20 -14.68 -6.80 -5.16
CA GLU A 20 -15.83 -6.55 -6.01
C GLU A 20 -15.80 -5.14 -6.59
N GLU A 21 -15.13 -4.24 -5.88
CA GLU A 21 -15.01 -2.85 -6.33
C GLU A 21 -14.18 -2.03 -5.35
N VAL A 22 -13.22 -1.27 -5.88
CA VAL A 22 -12.35 -0.44 -5.06
C VAL A 22 -12.40 1.01 -5.50
N ILE A 23 -12.21 1.91 -4.55
CA ILE A 23 -12.23 3.35 -4.84
C ILE A 23 -11.11 4.07 -4.11
N LEU A 24 -10.38 4.91 -4.84
CA LEU A 24 -9.28 5.67 -4.26
C LEU A 24 -8.95 6.90 -5.12
N PRO A 25 -8.29 7.89 -4.50
CA PRO A 25 -7.89 9.12 -5.20
C PRO A 25 -6.79 8.88 -6.23
N SER A 26 -6.97 9.42 -7.42
CA SER A 26 -5.99 9.26 -8.49
C SER A 26 -5.76 10.59 -9.22
N THR A 27 -5.06 10.52 -10.34
CA THR A 27 -4.77 11.71 -11.13
C THR A 27 -6.03 12.53 -11.37
N THR A 28 -7.02 11.92 -12.01
CA THR A 28 -8.28 12.59 -12.30
C THR A 28 -9.01 12.97 -11.01
N GLY A 29 -8.58 12.39 -9.90
CA GLY A 29 -9.21 12.68 -8.62
C GLY A 29 -9.94 11.49 -8.04
N GLN A 30 -10.72 10.81 -8.88
CA GLN A 30 -11.47 9.64 -8.44
C GLN A 30 -11.11 8.42 -9.27
N LEU A 31 -10.84 7.31 -8.59
CA LEU A 31 -10.47 6.06 -9.25
C LEU A 31 -11.44 4.94 -8.89
N GLY A 32 -11.77 4.11 -9.87
CA GLY A 32 -12.68 3.00 -9.62
C GLY A 32 -12.36 1.78 -10.46
N ILE A 33 -11.95 0.71 -9.80
CA ILE A 33 -11.60 -0.53 -10.50
C ILE A 33 -12.58 -1.64 -10.15
N LEU A 34 -13.07 -2.34 -11.17
CA LEU A 34 -14.01 -3.43 -10.98
C LEU A 34 -13.60 -4.65 -11.81
N SER A 35 -14.39 -5.72 -11.70
CA SER A 35 -14.12 -6.95 -12.43
C SER A 35 -14.32 -6.74 -13.94
N ASN A 36 -15.43 -6.10 -14.28
CA ASN A 36 -15.75 -5.84 -15.68
C ASN A 36 -14.72 -4.91 -16.31
N HIS A 37 -13.94 -4.24 -15.47
CA HIS A 37 -12.91 -3.33 -15.95
C HIS A 37 -12.04 -3.98 -17.02
N ALA A 38 -11.37 -3.17 -17.82
CA ALA A 38 -10.52 -3.67 -18.88
C ALA A 38 -9.04 -3.57 -18.49
N PRO A 39 -8.19 -4.30 -19.24
CA PRO A 39 -6.74 -4.31 -18.99
C PRO A 39 -6.08 -2.97 -19.34
N LEU A 40 -5.79 -2.18 -18.32
CA LEU A 40 -5.15 -0.88 -18.51
C LEU A 40 -4.28 -0.52 -17.32
N LEU A 41 -3.24 0.27 -17.57
CA LEU A 41 -2.32 0.69 -16.52
C LEU A 41 -2.58 2.14 -16.12
N THR A 42 -2.31 2.46 -14.86
CA THR A 42 -2.52 3.81 -14.35
C THR A 42 -1.48 4.16 -13.29
N ALA A 43 -1.49 5.42 -12.85
CA ALA A 43 -0.56 5.87 -11.83
C ALA A 43 -1.29 6.49 -10.64
N LEU A 44 -0.78 6.27 -9.44
CA LEU A 44 -1.38 6.81 -8.23
C LEU A 44 -0.31 7.30 -7.25
N GLU A 45 -0.70 8.22 -6.38
CA GLU A 45 0.22 8.76 -5.39
C GLU A 45 0.04 8.08 -4.03
N THR A 46 0.84 8.49 -3.06
CA THR A 46 0.76 7.92 -1.71
C THR A 46 -0.61 8.15 -1.10
N GLY A 47 -1.03 7.23 -0.23
CA GLY A 47 -2.32 7.36 0.41
C GLY A 47 -2.97 6.01 0.68
N VAL A 48 -4.08 6.03 1.41
CA VAL A 48 -4.80 4.80 1.72
C VAL A 48 -5.98 4.59 0.79
N MET A 49 -6.13 3.36 0.30
CA MET A 49 -7.22 3.03 -0.61
C MET A 49 -8.34 2.29 0.13
N ARG A 50 -9.56 2.43 -0.37
CA ARG A 50 -10.72 1.79 0.24
C ARG A 50 -11.17 0.58 -0.59
N VAL A 51 -11.01 -0.61 -0.03
CA VAL A 51 -11.39 -1.84 -0.71
C VAL A 51 -12.78 -2.28 -0.28
N ARG A 52 -13.61 -2.66 -1.26
CA ARG A 52 -14.96 -3.11 -0.98
C ARG A 52 -15.27 -4.40 -1.73
N GLN A 53 -15.30 -5.51 -1.00
CA GLN A 53 -15.59 -6.81 -1.59
C GLN A 53 -17.09 -7.07 -1.65
N ASP A 54 -17.87 -6.04 -1.34
CA ASP A 54 -19.33 -6.16 -1.36
C ASP A 54 -19.81 -7.09 -0.25
N ARG A 55 -19.02 -7.20 0.81
CA ARG A 55 -19.38 -8.06 1.94
C ARG A 55 -18.79 -7.52 3.23
N GLU A 56 -17.54 -7.07 3.17
CA GLU A 56 -16.87 -6.52 4.33
C GLU A 56 -16.04 -5.30 3.96
N TRP A 57 -15.81 -4.44 4.95
CA TRP A 57 -15.03 -3.22 4.73
C TRP A 57 -13.54 -3.47 4.96
N VAL A 58 -12.72 -3.08 3.99
CA VAL A 58 -11.28 -3.27 4.08
C VAL A 58 -10.53 -2.04 3.56
N ALA A 59 -9.35 -1.80 4.12
CA ALA A 59 -8.54 -0.67 3.70
C ALA A 59 -7.04 -0.99 3.79
N ILE A 60 -6.24 -0.32 2.99
CA ILE A 60 -4.80 -0.54 2.98
C ILE A 60 -4.05 0.75 2.68
N ALA A 61 -2.90 0.93 3.34
CA ALA A 61 -2.09 2.12 3.14
C ALA A 61 -0.84 1.80 2.32
N LEU A 62 -0.53 2.67 1.37
CA LEU A 62 0.64 2.47 0.51
C LEU A 62 1.12 3.81 -0.06
N MET A 63 2.43 4.02 -0.03
CA MET A 63 3.02 5.25 -0.55
C MET A 63 2.89 5.32 -2.07
N GLY A 64 3.58 6.27 -2.67
CA GLY A 64 3.53 6.43 -4.12
C GLY A 64 3.80 5.13 -4.85
N GLY A 65 3.15 4.95 -5.99
CA GLY A 65 3.33 3.74 -6.78
C GLY A 65 2.50 3.72 -8.04
N PHE A 66 2.47 2.58 -8.72
CA PHE A 66 1.70 2.44 -9.94
C PHE A 66 0.73 1.27 -9.84
N ALA A 67 -0.45 1.44 -10.42
CA ALA A 67 -1.47 0.40 -10.40
C ALA A 67 -1.85 -0.04 -11.80
N GLU A 68 -2.01 -1.35 -12.00
CA GLU A 68 -2.36 -1.89 -13.30
C GLU A 68 -3.38 -3.02 -13.16
N VAL A 69 -4.58 -2.80 -13.68
CA VAL A 69 -5.64 -3.80 -13.62
C VAL A 69 -5.87 -4.45 -14.98
N GLU A 70 -6.20 -5.74 -14.95
CA GLU A 70 -6.44 -6.48 -16.19
C GLU A 70 -6.99 -7.88 -15.89
N ASN A 71 -8.14 -8.19 -16.46
CA ASN A 71 -8.76 -9.50 -16.26
C ASN A 71 -8.85 -9.82 -14.77
N ASN A 72 -9.38 -8.89 -13.99
CA ASN A 72 -9.51 -9.09 -12.55
C ASN A 72 -8.15 -9.30 -11.90
N GLU A 73 -7.14 -8.60 -12.40
CA GLU A 73 -5.79 -8.71 -11.86
C GLU A 73 -5.16 -7.34 -11.69
N VAL A 74 -5.14 -6.85 -10.45
CA VAL A 74 -4.56 -5.55 -10.14
C VAL A 74 -3.15 -5.69 -9.58
N THR A 75 -2.25 -4.83 -10.04
CA THR A 75 -0.86 -4.86 -9.58
C THR A 75 -0.43 -3.50 -9.04
N ILE A 76 -0.37 -3.38 -7.72
CA ILE A 76 0.03 -2.14 -7.08
C ILE A 76 1.50 -2.19 -6.66
N LEU A 77 2.38 -1.67 -7.52
CA LEU A 77 3.81 -1.65 -7.24
C LEU A 77 4.21 -0.33 -6.58
N VAL A 78 4.11 -0.27 -5.26
CA VAL A 78 4.47 0.92 -4.51
C VAL A 78 5.91 0.84 -3.99
N ASN A 79 6.35 1.91 -3.33
CA ASN A 79 7.70 1.95 -2.79
C ASN A 79 7.67 2.10 -1.27
N GLY A 80 6.89 1.24 -0.61
CA GLY A 80 6.80 1.28 0.84
C GLY A 80 5.35 1.41 1.31
N ALA A 81 4.69 0.28 1.52
CA ALA A 81 3.31 0.27 1.97
C ALA A 81 3.17 -0.47 3.30
N GLU A 82 1.94 -0.58 3.78
CA GLU A 82 1.68 -1.26 5.05
C GLU A 82 0.17 -1.44 5.26
N ARG A 83 -0.20 -2.49 6.00
CA ARG A 83 -1.59 -2.77 6.28
C ARG A 83 -2.02 -2.16 7.61
N GLY A 84 -3.26 -1.68 7.68
CA GLY A 84 -3.76 -1.08 8.89
C GLY A 84 -3.91 -2.09 10.02
N ASP A 85 -3.94 -3.36 9.66
CA ASP A 85 -4.08 -4.43 10.65
C ASP A 85 -2.74 -4.77 11.29
N THR A 86 -1.66 -4.52 10.54
CA THR A 86 -0.31 -4.79 11.03
C THR A 86 0.31 -3.54 11.64
N ILE A 87 -0.51 -2.73 12.29
CA ILE A 87 -0.03 -1.50 12.92
C ILE A 87 0.10 -1.67 14.42
N ASP A 88 1.21 -1.20 14.97
CA ASP A 88 1.46 -1.30 16.41
C ASP A 88 1.62 0.09 17.02
N PRO A 89 1.46 0.16 18.35
CA PRO A 89 1.57 1.42 19.10
C PRO A 89 3.01 1.93 19.15
N GLN A 90 3.96 1.01 19.24
CA GLN A 90 5.37 1.36 19.31
C GLN A 90 5.88 1.77 17.92
N GLU A 91 5.28 1.22 16.89
CA GLU A 91 5.67 1.54 15.51
C GLU A 91 5.42 3.01 15.19
N ALA A 92 4.19 3.45 15.44
CA ALA A 92 3.82 4.84 15.18
C ALA A 92 4.80 5.80 15.84
N GLN A 93 5.06 5.60 17.12
CA GLN A 93 5.98 6.45 17.86
C GLN A 93 7.39 6.34 17.31
N GLN A 94 7.74 5.16 16.80
CA GLN A 94 9.07 4.93 16.23
C GLN A 94 9.24 5.71 14.94
N THR A 95 8.22 5.66 14.08
CA THR A 95 8.27 6.36 12.80
C THR A 95 8.53 7.85 13.00
N LEU A 96 7.73 8.48 13.86
CA LEU A 96 7.88 9.90 14.14
C LEU A 96 9.17 10.18 14.90
N GLU A 97 9.63 9.19 15.66
CA GLU A 97 10.84 9.34 16.44
C GLU A 97 12.06 9.44 15.52
N ILE A 98 12.16 8.53 14.56
CA ILE A 98 13.27 8.52 13.63
C ILE A 98 13.28 9.79 12.78
N ALA A 99 12.10 10.20 12.32
CA ALA A 99 11.98 11.40 11.50
C ALA A 99 12.37 12.65 12.29
N GLU A 100 11.95 12.69 13.55
CA GLU A 100 12.26 13.82 14.41
C GLU A 100 13.74 13.86 14.78
N ALA A 101 14.29 12.69 15.10
CA ALA A 101 15.69 12.59 15.46
C ALA A 101 16.59 12.99 14.30
N ASN A 102 16.26 12.51 13.10
CA ASN A 102 17.04 12.82 11.91
C ASN A 102 16.84 14.28 11.50
N LEU A 103 15.59 14.72 11.48
CA LEU A 103 15.27 16.08 11.11
C LEU A 103 15.89 17.08 12.08
N ARG A 104 16.11 16.63 13.32
CA ARG A 104 16.69 17.49 14.35
C ARG A 104 18.02 18.07 13.87
N LYS A 105 18.98 17.20 13.60
CA LYS A 105 20.29 17.64 13.14
C LYS A 105 20.28 17.91 11.64
N ALA A 106 19.58 17.06 10.89
CA ALA A 106 19.48 17.21 9.44
C ALA A 106 18.43 18.25 9.07
N GLU A 107 18.13 18.36 7.78
CA GLU A 107 17.15 19.32 7.29
C GLU A 107 16.88 19.10 5.81
N GLY A 108 15.96 18.18 5.51
CA GLY A 108 15.62 17.90 4.12
C GLY A 108 14.35 17.08 4.00
N ALA A 109 13.46 17.50 3.11
CA ALA A 109 12.19 16.81 2.91
C ALA A 109 12.44 15.41 2.33
N ARG A 110 13.45 15.30 1.48
CA ARG A 110 13.79 14.02 0.86
C ARG A 110 14.12 12.97 1.92
N GLN A 111 14.81 13.39 2.97
CA GLN A 111 15.19 12.49 4.05
C GLN A 111 13.96 11.90 4.73
N LYS A 112 12.94 12.75 4.93
CA LYS A 112 11.71 12.31 5.57
C LYS A 112 11.03 11.23 4.74
N ILE A 113 10.90 11.48 3.44
CA ILE A 113 10.27 10.51 2.54
C ILE A 113 11.00 9.18 2.54
N GLU A 114 12.34 9.24 2.52
CA GLU A 114 13.15 8.04 2.53
C GLU A 114 12.96 7.25 3.81
N ALA A 115 12.74 7.98 4.91
CA ALA A 115 12.52 7.34 6.21
C ALA A 115 11.16 6.67 6.29
N ASN A 116 10.13 7.36 5.83
CA ASN A 116 8.78 6.82 5.84
C ASN A 116 8.71 5.50 5.08
N LEU A 117 9.17 5.52 3.83
CA LEU A 117 9.16 4.31 3.00
C LEU A 117 10.08 3.24 3.58
N ALA A 118 11.17 3.67 4.20
CA ALA A 118 12.13 2.75 4.79
C ALA A 118 11.45 1.84 5.79
N LEU A 119 10.68 2.43 6.71
CA LEU A 119 9.98 1.65 7.72
C LEU A 119 8.91 0.76 7.09
N ARG A 120 8.03 1.36 6.30
CA ARG A 120 6.97 0.62 5.63
C ARG A 120 7.55 -0.55 4.83
N ARG A 121 8.78 -0.40 4.38
CA ARG A 121 9.45 -1.45 3.60
C ARG A 121 9.77 -2.65 4.48
N ALA A 122 10.58 -2.43 5.51
CA ALA A 122 10.98 -3.49 6.42
C ALA A 122 9.75 -4.17 7.02
N ARG A 123 8.77 -3.38 7.43
CA ARG A 123 7.55 -3.91 8.01
C ARG A 123 6.91 -4.94 7.10
N THR A 124 6.72 -4.57 5.83
CA THR A 124 6.11 -5.47 4.85
C THR A 124 6.88 -6.79 4.77
N ARG A 125 8.20 -6.71 4.85
CA ARG A 125 9.04 -7.90 4.79
C ARG A 125 8.72 -8.86 5.93
N VAL A 126 8.46 -8.29 7.11
CA VAL A 126 8.14 -9.10 8.28
C VAL A 126 6.86 -9.90 8.06
N GLU A 127 5.79 -9.21 7.70
CA GLU A 127 4.50 -9.85 7.46
C GLU A 127 4.57 -10.78 6.24
N ALA A 128 5.48 -10.46 5.33
CA ALA A 128 5.65 -11.27 4.12
C ALA A 128 6.32 -12.59 4.44
N SER A 129 7.33 -12.55 5.30
CA SER A 129 8.07 -13.75 5.68
C SER A 129 7.18 -14.69 6.49
N ASN A 130 6.43 -14.13 7.42
CA ASN A 130 5.54 -14.92 8.26
C ASN A 130 4.08 -14.64 7.92
N THR A 131 3.77 -14.63 6.63
CA THR A 131 2.41 -14.37 6.16
C THR A 131 1.43 -15.37 6.78
N ILE A 132 1.70 -16.65 6.59
CA ILE A 132 0.84 -17.69 7.14
C ILE A 132 1.64 -18.95 7.45
N SER A 133 1.86 -19.21 8.74
CA SER A 133 2.61 -20.39 9.17
C SER A 133 1.67 -21.49 9.63
N SER A 134 2.03 -22.73 9.32
CA SER A 134 1.23 -23.88 9.70
C SER A 134 1.45 -24.26 11.16
N MET A 1 -17.96 -10.11 -12.27
CA MET A 1 -18.84 -10.12 -11.10
C MET A 1 -18.09 -9.65 -9.85
N VAL A 2 -16.79 -9.87 -9.83
CA VAL A 2 -15.96 -9.47 -8.71
C VAL A 2 -14.55 -9.10 -9.16
N MET A 3 -13.97 -8.10 -8.50
CA MET A 3 -12.62 -7.65 -8.83
C MET A 3 -11.60 -8.25 -7.88
N THR A 4 -10.33 -8.15 -8.25
CA THR A 4 -9.25 -8.69 -7.42
C THR A 4 -7.99 -7.83 -7.53
N VAL A 5 -7.77 -6.98 -6.53
CA VAL A 5 -6.61 -6.10 -6.51
C VAL A 5 -5.61 -6.55 -5.45
N ARG A 6 -4.41 -6.92 -5.89
CA ARG A 6 -3.37 -7.37 -4.99
C ARG A 6 -2.31 -6.29 -4.80
N VAL A 7 -1.60 -6.34 -3.68
CA VAL A 7 -0.56 -5.37 -3.38
C VAL A 7 0.82 -6.03 -3.31
N ILE A 8 1.84 -5.31 -3.76
CA ILE A 8 3.21 -5.83 -3.74
C ILE A 8 4.19 -4.76 -3.31
N ALA A 9 5.13 -5.14 -2.46
CA ALA A 9 6.15 -4.21 -1.97
C ALA A 9 7.46 -4.39 -2.74
N PRO A 10 8.33 -3.36 -2.66
CA PRO A 10 9.63 -3.37 -3.34
C PRO A 10 10.60 -4.37 -2.70
N ASP A 11 10.20 -4.95 -1.58
CA ASP A 11 11.04 -5.93 -0.89
C ASP A 11 10.49 -7.34 -1.07
N LYS A 12 9.20 -7.43 -1.43
CA LYS A 12 8.57 -8.72 -1.64
C LYS A 12 7.09 -8.55 -1.95
N THR A 13 6.34 -9.65 -1.93
CA THR A 13 4.92 -9.62 -2.21
C THR A 13 4.10 -9.55 -0.92
N VAL A 14 3.11 -8.67 -0.90
CA VAL A 14 2.26 -8.50 0.27
C VAL A 14 1.16 -9.57 0.31
N TRP A 15 0.16 -9.41 -0.56
CA TRP A 15 -0.95 -10.35 -0.63
C TRP A 15 -1.97 -9.91 -1.67
N ASP A 16 -3.12 -10.58 -1.68
CA ASP A 16 -4.18 -10.26 -2.63
C ASP A 16 -5.41 -9.70 -1.90
N ALA A 17 -5.90 -8.56 -2.39
CA ALA A 17 -7.06 -7.91 -1.79
C ALA A 17 -8.28 -8.02 -2.70
N PRO A 18 -8.95 -9.17 -2.65
CA PRO A 18 -10.14 -9.44 -3.46
C PRO A 18 -11.34 -8.60 -3.02
N ALA A 19 -12.06 -8.05 -4.00
CA ALA A 19 -13.23 -7.23 -3.71
C ALA A 19 -14.06 -6.99 -4.97
N GLU A 20 -15.38 -6.91 -4.79
CA GLU A 20 -16.28 -6.67 -5.92
C GLU A 20 -15.83 -5.47 -6.74
N GLU A 21 -15.40 -4.41 -6.05
CA GLU A 21 -14.96 -3.20 -6.72
C GLU A 21 -13.76 -2.59 -5.98
N VAL A 22 -12.99 -1.78 -6.70
CA VAL A 22 -11.82 -1.13 -6.11
C VAL A 22 -11.95 0.39 -6.20
N ILE A 23 -11.66 1.06 -5.08
CA ILE A 23 -11.74 2.52 -5.03
C ILE A 23 -10.53 3.11 -4.31
N LEU A 24 -9.84 4.02 -4.98
CA LEU A 24 -8.66 4.67 -4.41
C LEU A 24 -8.32 5.95 -5.15
N PRO A 25 -7.55 6.83 -4.50
CA PRO A 25 -7.14 8.11 -5.08
C PRO A 25 -6.15 7.93 -6.23
N SER A 26 -6.36 8.68 -7.30
CA SER A 26 -5.49 8.61 -8.47
C SER A 26 -5.13 10.00 -8.97
N THR A 27 -4.55 10.06 -10.17
CA THR A 27 -4.16 11.33 -10.76
C THR A 27 -5.30 12.34 -10.71
N THR A 28 -6.42 11.99 -11.33
CA THR A 28 -7.59 12.85 -11.36
C THR A 28 -8.14 13.09 -9.95
N GLY A 29 -7.71 12.25 -9.01
CA GLY A 29 -8.17 12.38 -7.64
C GLY A 29 -9.02 11.21 -7.20
N GLN A 30 -9.95 10.80 -8.04
CA GLN A 30 -10.83 9.68 -7.72
C GLN A 30 -10.73 8.59 -8.78
N LEU A 31 -10.61 7.34 -8.32
CA LEU A 31 -10.49 6.20 -9.23
C LEU A 31 -11.43 5.07 -8.80
N GLY A 32 -12.06 4.43 -9.79
CA GLY A 32 -12.96 3.34 -9.49
C GLY A 32 -12.99 2.29 -10.59
N ILE A 33 -12.52 1.10 -10.27
CA ILE A 33 -12.48 0.01 -11.24
C ILE A 33 -13.49 -1.08 -10.87
N LEU A 34 -14.22 -1.55 -11.87
CA LEU A 34 -15.21 -2.60 -11.66
C LEU A 34 -14.83 -3.88 -12.40
N SER A 35 -15.59 -4.94 -12.16
CA SER A 35 -15.33 -6.22 -12.82
C SER A 35 -15.50 -6.11 -14.33
N ASN A 36 -16.43 -5.27 -14.75
CA ASN A 36 -16.69 -5.07 -16.18
C ASN A 36 -15.58 -4.26 -16.82
N HIS A 37 -14.79 -3.57 -15.99
CA HIS A 37 -13.69 -2.76 -16.48
C HIS A 37 -12.82 -3.54 -17.47
N ALA A 38 -12.07 -2.82 -18.30
CA ALA A 38 -11.20 -3.45 -19.27
C ALA A 38 -9.74 -3.39 -18.84
N PRO A 39 -8.88 -4.20 -19.48
CA PRO A 39 -7.45 -4.25 -19.18
C PRO A 39 -6.72 -2.98 -19.61
N LEU A 40 -6.26 -2.21 -18.64
CA LEU A 40 -5.54 -0.97 -18.93
C LEU A 40 -4.55 -0.65 -17.82
N LEU A 41 -3.48 0.07 -18.16
CA LEU A 41 -2.46 0.44 -17.18
C LEU A 41 -2.73 1.84 -16.64
N THR A 42 -2.36 2.06 -15.38
CA THR A 42 -2.55 3.35 -14.74
C THR A 42 -1.45 3.64 -13.74
N ALA A 43 -1.45 4.85 -13.18
CA ALA A 43 -0.45 5.25 -12.20
C ALA A 43 -1.09 5.84 -10.96
N LEU A 44 -0.46 5.65 -9.81
CA LEU A 44 -0.97 6.16 -8.55
C LEU A 44 0.15 6.72 -7.69
N GLU A 45 -0.17 7.73 -6.89
CA GLU A 45 0.82 8.35 -6.02
C GLU A 45 0.65 7.88 -4.57
N THR A 46 1.50 8.38 -3.69
CA THR A 46 1.45 8.00 -2.28
C THR A 46 0.07 8.29 -1.69
N GLY A 47 -0.35 7.45 -0.74
CA GLY A 47 -1.64 7.63 -0.11
C GLY A 47 -2.19 6.33 0.45
N VAL A 48 -3.51 6.17 0.36
CA VAL A 48 -4.17 4.97 0.88
C VAL A 48 -5.17 4.42 -0.13
N MET A 49 -5.40 3.12 -0.07
CA MET A 49 -6.34 2.47 -0.99
C MET A 49 -7.59 2.00 -0.23
N ARG A 50 -8.73 2.01 -0.92
CA ARG A 50 -9.99 1.60 -0.32
C ARG A 50 -10.54 0.36 -1.03
N VAL A 51 -10.68 -0.74 -0.29
CA VAL A 51 -11.20 -1.98 -0.84
C VAL A 51 -12.72 -2.06 -0.68
N ARG A 52 -13.40 -2.44 -1.75
CA ARG A 52 -14.85 -2.56 -1.73
C ARG A 52 -15.28 -4.02 -1.84
N GLN A 53 -15.53 -4.64 -0.70
CA GLN A 53 -15.95 -6.04 -0.67
C GLN A 53 -17.46 -6.16 -0.83
N ASP A 54 -18.12 -5.03 -1.08
CA ASP A 54 -19.56 -5.01 -1.25
C ASP A 54 -20.26 -5.38 0.06
N ARG A 55 -19.52 -5.36 1.15
CA ARG A 55 -20.08 -5.70 2.46
C ARG A 55 -19.01 -5.60 3.55
N GLU A 56 -17.78 -5.95 3.19
CA GLU A 56 -16.67 -5.90 4.14
C GLU A 56 -15.59 -4.93 3.66
N TRP A 57 -15.87 -3.64 3.77
CA TRP A 57 -14.92 -2.61 3.35
C TRP A 57 -13.63 -2.69 4.16
N VAL A 58 -12.51 -2.40 3.51
CA VAL A 58 -11.21 -2.43 4.18
C VAL A 58 -10.29 -1.33 3.65
N ALA A 59 -9.39 -0.86 4.50
CA ALA A 59 -8.46 0.19 4.12
C ALA A 59 -7.01 -0.25 4.38
N ILE A 60 -6.12 0.15 3.48
CA ILE A 60 -4.71 -0.19 3.60
C ILE A 60 -3.81 0.96 3.14
N ALA A 61 -2.66 1.10 3.78
CA ALA A 61 -1.72 2.15 3.44
C ALA A 61 -0.75 1.68 2.35
N LEU A 62 -0.23 2.63 1.57
CA LEU A 62 0.71 2.32 0.50
C LEU A 62 1.28 3.58 -0.11
N MET A 63 2.59 3.58 -0.33
CA MET A 63 3.26 4.74 -0.92
C MET A 63 3.10 4.75 -2.43
N GLY A 64 3.84 5.63 -3.10
CA GLY A 64 3.77 5.72 -4.54
C GLY A 64 3.94 4.38 -5.22
N GLY A 65 3.49 4.28 -6.47
CA GLY A 65 3.62 3.04 -7.20
C GLY A 65 2.78 3.03 -8.47
N PHE A 66 2.80 1.91 -9.18
CA PHE A 66 2.03 1.77 -10.42
C PHE A 66 0.91 0.75 -10.26
N ALA A 67 -0.21 1.00 -10.94
CA ALA A 67 -1.36 0.11 -10.87
C ALA A 67 -1.80 -0.33 -12.27
N GLU A 68 -2.15 -1.60 -12.40
CA GLU A 68 -2.58 -2.14 -13.68
C GLU A 68 -3.69 -3.18 -13.49
N VAL A 69 -4.86 -2.89 -14.04
CA VAL A 69 -6.00 -3.80 -13.94
C VAL A 69 -6.26 -4.51 -15.25
N GLU A 70 -6.77 -5.73 -15.17
CA GLU A 70 -7.07 -6.53 -16.36
C GLU A 70 -7.81 -7.81 -15.99
N ASN A 71 -9.01 -7.97 -16.54
CA ASN A 71 -9.82 -9.15 -16.27
C ASN A 71 -9.96 -9.39 -14.77
N ASN A 72 -10.36 -8.35 -14.05
CA ASN A 72 -10.52 -8.43 -12.60
C ASN A 72 -9.20 -8.77 -11.92
N GLU A 73 -8.10 -8.27 -12.48
CA GLU A 73 -6.77 -8.51 -11.93
C GLU A 73 -5.98 -7.21 -11.83
N VAL A 74 -5.98 -6.61 -10.65
CA VAL A 74 -5.27 -5.37 -10.41
C VAL A 74 -3.92 -5.63 -9.73
N THR A 75 -2.88 -4.95 -10.22
CA THR A 75 -1.55 -5.11 -9.66
C THR A 75 -0.96 -3.77 -9.26
N ILE A 76 -0.94 -3.49 -7.96
CA ILE A 76 -0.40 -2.24 -7.45
C ILE A 76 0.99 -2.44 -6.88
N LEU A 77 2.00 -2.10 -7.67
CA LEU A 77 3.39 -2.24 -7.25
C LEU A 77 3.87 -0.97 -6.56
N VAL A 78 3.71 -0.92 -5.25
CA VAL A 78 4.14 0.24 -4.47
C VAL A 78 5.60 0.11 -4.04
N ASN A 79 6.12 1.16 -3.41
CA ASN A 79 7.51 1.17 -2.96
C ASN A 79 7.58 1.29 -1.44
N GLY A 80 6.61 0.71 -0.74
CA GLY A 80 6.57 0.78 0.70
C GLY A 80 5.17 0.96 1.25
N ALA A 81 4.50 -0.15 1.53
CA ALA A 81 3.15 -0.11 2.06
C ALA A 81 3.07 -0.79 3.42
N GLU A 82 1.91 -0.69 4.06
CA GLU A 82 1.71 -1.29 5.37
C GLU A 82 0.22 -1.53 5.64
N ARG A 83 -0.08 -2.64 6.31
CA ARG A 83 -1.46 -2.99 6.63
C ARG A 83 -1.84 -2.47 8.01
N GLY A 84 -3.04 -1.90 8.11
CA GLY A 84 -3.51 -1.38 9.38
C GLY A 84 -3.65 -2.46 10.44
N ASP A 85 -3.73 -3.71 9.99
CA ASP A 85 -3.87 -4.83 10.91
C ASP A 85 -2.51 -5.30 11.42
N THR A 86 -1.47 -5.04 10.63
CA THR A 86 -0.11 -5.42 11.01
C THR A 86 0.63 -4.27 11.69
N ILE A 87 -0.12 -3.48 12.46
CA ILE A 87 0.47 -2.35 13.17
C ILE A 87 0.72 -2.68 14.64
N ASP A 88 1.85 -2.21 15.15
CA ASP A 88 2.21 -2.46 16.55
C ASP A 88 2.45 -1.15 17.29
N PRO A 89 2.38 -1.20 18.63
CA PRO A 89 2.59 -0.03 19.48
C PRO A 89 4.05 0.44 19.47
N GLN A 90 4.97 -0.51 19.54
CA GLN A 90 6.40 -0.18 19.54
C GLN A 90 6.85 0.27 18.15
N GLU A 91 6.23 -0.29 17.12
CA GLU A 91 6.57 0.05 15.75
C GLU A 91 6.18 1.49 15.43
N ALA A 92 4.91 1.82 15.66
CA ALA A 92 4.41 3.17 15.40
C ALA A 92 5.20 4.21 16.20
N GLN A 93 5.41 3.94 17.48
CA GLN A 93 6.15 4.85 18.35
C GLN A 93 7.59 5.01 17.86
N GLN A 94 8.16 3.92 17.38
CA GLN A 94 9.53 3.94 16.89
C GLN A 94 9.66 4.82 15.64
N THR A 95 8.76 4.60 14.69
CA THR A 95 8.77 5.37 13.45
C THR A 95 8.67 6.86 13.73
N LEU A 96 7.92 7.22 14.77
CA LEU A 96 7.75 8.63 15.14
C LEU A 96 9.04 9.18 15.75
N GLU A 97 9.76 8.33 16.47
CA GLU A 97 11.00 8.75 17.12
C GLU A 97 12.10 8.94 16.08
N ILE A 98 12.29 7.94 15.22
CA ILE A 98 13.31 8.00 14.19
C ILE A 98 13.08 9.19 13.26
N ALA A 99 11.82 9.49 12.97
CA ALA A 99 11.47 10.60 12.11
C ALA A 99 11.89 11.93 12.73
N GLU A 100 11.47 12.16 13.97
CA GLU A 100 11.80 13.39 14.67
C GLU A 100 13.31 13.52 14.87
N ALA A 101 13.95 12.39 15.17
CA ALA A 101 15.40 12.37 15.39
C ALA A 101 16.15 12.71 14.11
N ASN A 102 15.76 12.05 13.02
CA ASN A 102 16.40 12.28 11.72
C ASN A 102 16.17 13.71 11.25
N LEU A 103 14.93 14.17 11.36
CA LEU A 103 14.58 15.53 10.94
C LEU A 103 15.30 16.56 11.81
N ARG A 104 15.61 16.18 13.04
CA ARG A 104 16.29 17.07 13.97
C ARG A 104 17.58 17.61 13.35
N LYS A 105 18.51 16.72 13.06
CA LYS A 105 19.78 17.11 12.47
C LYS A 105 19.64 17.33 10.97
N ALA A 106 18.87 16.48 10.31
CA ALA A 106 18.64 16.59 8.88
C ALA A 106 17.46 17.50 8.57
N GLU A 107 17.73 18.62 7.92
CA GLU A 107 16.68 19.57 7.56
C GLU A 107 16.31 19.46 6.09
N GLY A 108 15.42 18.52 5.78
CA GLY A 108 15.00 18.33 4.40
C GLY A 108 13.76 17.46 4.30
N ALA A 109 12.80 17.89 3.48
CA ALA A 109 11.57 17.14 3.29
C ALA A 109 11.83 15.79 2.63
N ARG A 110 12.80 15.77 1.71
CA ARG A 110 13.15 14.54 1.00
C ARG A 110 13.63 13.47 1.99
N GLN A 111 14.40 13.89 2.98
CA GLN A 111 14.93 12.98 3.97
C GLN A 111 13.80 12.28 4.72
N LYS A 112 12.72 13.00 4.98
CA LYS A 112 11.57 12.46 5.68
C LYS A 112 10.90 11.37 4.86
N ILE A 113 10.51 11.71 3.63
CA ILE A 113 9.86 10.77 2.74
C ILE A 113 10.73 9.52 2.54
N GLU A 114 12.03 9.71 2.45
CA GLU A 114 12.97 8.61 2.26
C GLU A 114 12.94 7.67 3.46
N ALA A 115 12.86 8.24 4.65
CA ALA A 115 12.84 7.45 5.88
C ALA A 115 11.48 6.77 6.06
N ASN A 116 10.43 7.38 5.52
CA ASN A 116 9.09 6.83 5.62
C ASN A 116 8.96 5.55 4.80
N LEU A 117 9.27 5.64 3.51
CA LEU A 117 9.20 4.49 2.62
C LEU A 117 10.16 3.39 3.07
N ALA A 118 11.31 3.80 3.61
CA ALA A 118 12.31 2.86 4.07
C ALA A 118 11.73 1.94 5.15
N LEU A 119 11.09 2.52 6.15
CA LEU A 119 10.51 1.76 7.24
C LEU A 119 9.36 0.88 6.73
N ARG A 120 8.44 1.48 5.99
CA ARG A 120 7.30 0.75 5.44
C ARG A 120 7.77 -0.48 4.66
N ARG A 121 8.93 -0.36 4.03
CA ARG A 121 9.49 -1.47 3.25
C ARG A 121 9.94 -2.60 4.16
N ALA A 122 10.82 -2.29 5.10
CA ALA A 122 11.33 -3.29 6.04
C ALA A 122 10.19 -3.97 6.79
N ARG A 123 9.18 -3.19 7.16
CA ARG A 123 8.03 -3.71 7.89
C ARG A 123 7.36 -4.84 7.09
N THR A 124 6.99 -4.54 5.85
CA THR A 124 6.34 -5.52 4.99
C THR A 124 7.21 -6.75 4.80
N ARG A 125 8.52 -6.53 4.72
CA ARG A 125 9.47 -7.62 4.53
C ARG A 125 9.48 -8.54 5.75
N VAL A 126 9.33 -7.95 6.94
CA VAL A 126 9.31 -8.72 8.18
C VAL A 126 8.15 -9.69 8.21
N GLU A 127 6.94 -9.17 8.01
CA GLU A 127 5.73 -9.99 8.02
C GLU A 127 5.78 -11.04 6.91
N ALA A 128 6.43 -10.67 5.80
CA ALA A 128 6.54 -11.58 4.66
C ALA A 128 7.49 -12.74 4.97
N SER A 129 8.63 -12.43 5.58
CA SER A 129 9.62 -13.43 5.93
C SER A 129 9.09 -14.35 7.02
N ASN A 130 8.22 -13.82 7.87
CA ASN A 130 7.64 -14.58 8.96
C ASN A 130 6.12 -14.57 8.89
N THR A 131 5.58 -14.82 7.69
CA THR A 131 4.14 -14.83 7.49
C THR A 131 3.47 -15.85 8.41
N ILE A 132 4.14 -16.97 8.66
CA ILE A 132 3.61 -18.01 9.52
C ILE A 132 4.58 -19.17 9.64
N SER A 133 5.19 -19.30 10.82
CA SER A 133 6.15 -20.38 11.07
C SER A 133 5.48 -21.56 11.76
N SER A 134 5.83 -22.77 11.35
CA SER A 134 5.26 -23.98 11.94
C SER A 134 6.17 -25.18 11.71
N MET A 1 -17.58 -10.00 -13.04
CA MET A 1 -18.51 -9.60 -11.99
C MET A 1 -17.77 -8.84 -10.88
N VAL A 2 -16.64 -9.39 -10.45
CA VAL A 2 -15.84 -8.78 -9.40
C VAL A 2 -14.39 -8.62 -9.83
N MET A 3 -13.72 -7.61 -9.30
CA MET A 3 -12.32 -7.35 -9.63
C MET A 3 -11.41 -7.95 -8.56
N THR A 4 -10.10 -7.91 -8.84
CA THR A 4 -9.11 -8.45 -7.91
C THR A 4 -7.82 -7.66 -7.97
N VAL A 5 -7.63 -6.77 -6.99
CA VAL A 5 -6.44 -5.95 -6.91
C VAL A 5 -5.43 -6.50 -5.91
N ARG A 6 -4.31 -6.99 -6.42
CA ARG A 6 -3.27 -7.55 -5.58
C ARG A 6 -2.13 -6.56 -5.35
N VAL A 7 -1.59 -6.54 -4.14
CA VAL A 7 -0.51 -5.64 -3.80
C VAL A 7 0.85 -6.34 -3.89
N ILE A 8 1.85 -5.63 -4.40
CA ILE A 8 3.19 -6.19 -4.53
C ILE A 8 4.24 -5.12 -4.27
N ALA A 9 5.32 -5.52 -3.60
CA ALA A 9 6.41 -4.60 -3.28
C ALA A 9 7.66 -4.93 -4.10
N PRO A 10 8.56 -3.95 -4.21
CA PRO A 10 9.81 -4.11 -4.96
C PRO A 10 10.78 -5.09 -4.30
N ASP A 11 10.44 -5.51 -3.08
CA ASP A 11 11.28 -6.43 -2.33
C ASP A 11 10.56 -7.76 -2.11
N LYS A 12 9.24 -7.75 -2.31
CA LYS A 12 8.44 -8.95 -2.14
C LYS A 12 6.96 -8.65 -2.33
N THR A 13 6.20 -9.65 -2.78
CA THR A 13 4.77 -9.49 -3.01
C THR A 13 4.00 -9.50 -1.70
N VAL A 14 2.81 -8.91 -1.72
CA VAL A 14 1.97 -8.86 -0.52
C VAL A 14 0.88 -9.93 -0.57
N TRP A 15 -0.13 -9.70 -1.39
CA TRP A 15 -1.23 -10.65 -1.53
C TRP A 15 -2.28 -10.15 -2.51
N ASP A 16 -3.39 -10.86 -2.62
CA ASP A 16 -4.47 -10.47 -3.52
C ASP A 16 -5.66 -9.93 -2.74
N ALA A 17 -6.16 -8.77 -3.15
CA ALA A 17 -7.30 -8.15 -2.50
C ALA A 17 -8.54 -8.21 -3.38
N PRO A 18 -9.23 -9.37 -3.37
CA PRO A 18 -10.43 -9.58 -4.16
C PRO A 18 -11.62 -8.77 -3.65
N ALA A 19 -12.44 -8.27 -4.57
CA ALA A 19 -13.61 -7.47 -4.21
C ALA A 19 -14.40 -7.07 -5.45
N GLU A 20 -15.50 -6.37 -5.23
CA GLU A 20 -16.35 -5.91 -6.33
C GLU A 20 -15.77 -4.68 -6.99
N GLU A 21 -15.22 -3.78 -6.18
CA GLU A 21 -14.63 -2.54 -6.69
C GLU A 21 -13.53 -2.04 -5.75
N VAL A 22 -12.64 -1.21 -6.28
CA VAL A 22 -11.55 -0.66 -5.49
C VAL A 22 -11.51 0.86 -5.60
N ILE A 23 -11.32 1.52 -4.47
CA ILE A 23 -11.26 2.98 -4.43
C ILE A 23 -10.05 3.46 -3.65
N LEU A 24 -9.33 4.43 -4.21
CA LEU A 24 -8.14 4.98 -3.57
C LEU A 24 -7.77 6.33 -4.18
N PRO A 25 -6.95 7.10 -3.45
CA PRO A 25 -6.50 8.42 -3.89
C PRO A 25 -5.54 8.34 -5.07
N SER A 26 -5.85 9.07 -6.14
CA SER A 26 -5.01 9.07 -7.34
C SER A 26 -4.61 10.50 -7.71
N THR A 27 -3.96 10.63 -8.86
CA THR A 27 -3.51 11.94 -9.33
C THR A 27 -4.64 12.97 -9.25
N THR A 28 -5.74 12.69 -9.93
CA THR A 28 -6.88 13.59 -9.94
C THR A 28 -7.48 13.72 -8.54
N GLY A 29 -7.17 12.77 -7.67
CA GLY A 29 -7.67 12.80 -6.31
C GLY A 29 -8.50 11.57 -5.98
N GLN A 30 -9.40 11.19 -6.88
CA GLN A 30 -10.25 10.03 -6.67
C GLN A 30 -10.07 9.01 -7.79
N LEU A 31 -10.05 7.74 -7.43
CA LEU A 31 -9.88 6.67 -8.40
C LEU A 31 -10.82 5.50 -8.10
N GLY A 32 -11.51 5.02 -9.14
CA GLY A 32 -12.43 3.91 -8.96
C GLY A 32 -12.34 2.90 -10.08
N ILE A 33 -11.78 1.73 -9.78
CA ILE A 33 -11.63 0.67 -10.76
C ILE A 33 -12.55 -0.51 -10.46
N LEU A 34 -13.14 -1.08 -11.50
CA LEU A 34 -14.04 -2.22 -11.33
C LEU A 34 -13.56 -3.40 -12.16
N SER A 35 -14.30 -4.51 -12.08
CA SER A 35 -13.96 -5.72 -12.82
C SER A 35 -14.12 -5.51 -14.32
N ASN A 36 -15.24 -4.90 -14.71
CA ASN A 36 -15.53 -4.64 -16.12
C ASN A 36 -14.47 -3.72 -16.72
N HIS A 37 -13.72 -3.02 -15.85
CA HIS A 37 -12.68 -2.11 -16.30
C HIS A 37 -11.76 -2.79 -17.31
N ALA A 38 -11.75 -2.26 -18.53
CA ALA A 38 -10.91 -2.80 -19.59
C ALA A 38 -9.44 -2.82 -19.18
N PRO A 39 -8.63 -3.59 -19.92
CA PRO A 39 -7.19 -3.71 -19.64
C PRO A 39 -6.43 -2.43 -19.97
N LEU A 40 -6.06 -1.69 -18.94
CA LEU A 40 -5.33 -0.43 -19.11
C LEU A 40 -4.40 -0.18 -17.94
N LEU A 41 -3.30 0.52 -18.20
CA LEU A 41 -2.32 0.84 -17.16
C LEU A 41 -2.50 2.28 -16.67
N THR A 42 -2.22 2.49 -15.38
CA THR A 42 -2.35 3.81 -14.78
C THR A 42 -1.31 4.02 -13.69
N ALA A 43 -1.25 5.24 -13.16
CA ALA A 43 -0.31 5.57 -12.10
C ALA A 43 -1.04 5.90 -10.80
N LEU A 44 -0.41 5.55 -9.68
CA LEU A 44 -1.00 5.82 -8.37
C LEU A 44 -0.01 6.54 -7.46
N GLU A 45 -0.54 7.26 -6.48
CA GLU A 45 0.29 8.01 -5.55
C GLU A 45 0.12 7.50 -4.12
N THR A 46 0.85 8.09 -3.18
CA THR A 46 0.78 7.69 -1.79
C THR A 46 -0.64 7.82 -1.25
N GLY A 47 -0.95 7.08 -0.19
CA GLY A 47 -2.27 7.14 0.41
C GLY A 47 -2.79 5.76 0.78
N VAL A 48 -3.89 5.74 1.53
CA VAL A 48 -4.49 4.48 1.95
C VAL A 48 -5.55 4.01 0.96
N MET A 49 -5.55 2.72 0.67
CA MET A 49 -6.51 2.15 -0.27
C MET A 49 -7.65 1.47 0.48
N ARG A 50 -8.87 1.57 -0.07
CA ARG A 50 -10.03 0.96 0.55
C ARG A 50 -10.67 -0.06 -0.38
N VAL A 51 -10.66 -1.32 0.04
CA VAL A 51 -11.24 -2.40 -0.75
C VAL A 51 -12.70 -2.63 -0.39
N ARG A 52 -13.54 -2.79 -1.41
CA ARG A 52 -14.97 -3.02 -1.20
C ARG A 52 -15.42 -4.32 -1.85
N GLN A 53 -15.68 -5.33 -1.04
CA GLN A 53 -16.12 -6.63 -1.53
C GLN A 53 -17.61 -6.62 -1.84
N ASP A 54 -18.41 -6.24 -0.84
CA ASP A 54 -19.86 -6.20 -1.00
C ASP A 54 -20.53 -5.71 0.28
N ARG A 55 -20.20 -6.36 1.39
CA ARG A 55 -20.78 -6.00 2.68
C ARG A 55 -19.69 -5.51 3.64
N GLU A 56 -18.46 -5.97 3.42
CA GLU A 56 -17.34 -5.58 4.26
C GLU A 56 -16.32 -4.77 3.47
N TRP A 57 -15.38 -4.16 4.19
CA TRP A 57 -14.34 -3.36 3.55
C TRP A 57 -13.00 -3.53 4.25
N VAL A 58 -11.92 -3.30 3.52
CA VAL A 58 -10.58 -3.43 4.08
C VAL A 58 -9.80 -2.12 3.96
N ALA A 59 -8.94 -1.85 4.93
CA ALA A 59 -8.13 -0.64 4.93
C ALA A 59 -6.64 -0.97 4.98
N ILE A 60 -5.90 -0.52 3.97
CA ILE A 60 -4.47 -0.75 3.90
C ILE A 60 -3.72 0.48 3.43
N ALA A 61 -2.66 0.83 4.15
CA ALA A 61 -1.85 1.99 3.80
C ALA A 61 -0.74 1.63 2.82
N LEU A 62 -0.53 2.49 1.84
CA LEU A 62 0.50 2.26 0.83
C LEU A 62 1.03 3.58 0.28
N MET A 63 2.20 3.53 -0.35
CA MET A 63 2.82 4.71 -0.92
C MET A 63 2.71 4.70 -2.45
N GLY A 64 3.42 5.62 -3.09
CA GLY A 64 3.40 5.70 -4.54
C GLY A 64 3.71 4.37 -5.20
N GLY A 65 3.21 4.17 -6.41
CA GLY A 65 3.45 2.94 -7.12
C GLY A 65 2.78 2.91 -8.49
N PHE A 66 2.75 1.73 -9.11
CA PHE A 66 2.15 1.58 -10.43
C PHE A 66 0.90 0.71 -10.34
N ALA A 67 -0.12 1.06 -11.12
CA ALA A 67 -1.37 0.31 -11.14
C ALA A 67 -1.68 -0.20 -12.55
N GLU A 68 -2.04 -1.47 -12.63
CA GLU A 68 -2.37 -2.08 -13.92
C GLU A 68 -3.56 -3.03 -13.80
N VAL A 69 -4.70 -2.61 -14.34
CA VAL A 69 -5.90 -3.43 -14.27
C VAL A 69 -6.22 -4.04 -15.63
N GLU A 70 -6.70 -5.28 -15.62
CA GLU A 70 -7.05 -5.98 -16.85
C GLU A 70 -7.75 -7.31 -16.55
N ASN A 71 -8.92 -7.49 -17.14
CA ASN A 71 -9.69 -8.71 -16.94
C ASN A 71 -9.83 -9.02 -15.45
N ASN A 72 -10.37 -8.07 -14.70
CA ASN A 72 -10.55 -8.25 -13.26
C ASN A 72 -9.23 -8.61 -12.59
N GLU A 73 -8.14 -8.02 -13.07
CA GLU A 73 -6.82 -8.28 -12.51
C GLU A 73 -6.04 -6.98 -12.33
N VAL A 74 -6.06 -6.45 -11.12
CA VAL A 74 -5.35 -5.20 -10.82
C VAL A 74 -4.08 -5.47 -10.01
N THR A 75 -3.02 -4.75 -10.36
CA THR A 75 -1.74 -4.92 -9.66
C THR A 75 -1.18 -3.58 -9.22
N ILE A 76 -1.12 -3.36 -7.91
CA ILE A 76 -0.61 -2.11 -7.36
C ILE A 76 0.80 -2.30 -6.79
N LEU A 77 1.81 -1.99 -7.59
CA LEU A 77 3.19 -2.12 -7.17
C LEU A 77 3.61 -0.95 -6.28
N VAL A 78 3.41 -1.11 -4.98
CA VAL A 78 3.76 -0.07 -4.02
C VAL A 78 5.20 -0.22 -3.55
N ASN A 79 5.90 0.91 -3.41
CA ASN A 79 7.28 0.90 -2.97
C ASN A 79 7.38 1.12 -1.46
N GLY A 80 6.30 0.77 -0.75
CA GLY A 80 6.29 0.93 0.69
C GLY A 80 4.88 1.04 1.25
N ALA A 81 4.39 -0.05 1.84
CA ALA A 81 3.05 -0.07 2.41
C ALA A 81 3.05 -0.75 3.78
N GLU A 82 1.87 -0.82 4.40
CA GLU A 82 1.73 -1.43 5.71
C GLU A 82 0.27 -1.73 6.02
N ARG A 83 0.03 -2.85 6.69
CA ARG A 83 -1.33 -3.25 7.04
C ARG A 83 -1.70 -2.73 8.43
N GLY A 84 -2.88 -2.12 8.54
CA GLY A 84 -3.32 -1.58 9.81
C GLY A 84 -3.41 -2.65 10.89
N ASP A 85 -3.47 -3.91 10.47
CA ASP A 85 -3.56 -5.02 11.41
C ASP A 85 -2.19 -5.36 11.98
N THR A 86 -1.14 -5.05 11.22
CA THR A 86 0.22 -5.32 11.65
C THR A 86 0.85 -4.10 12.31
N ILE A 87 0.03 -3.32 13.00
CA ILE A 87 0.51 -2.12 13.68
C ILE A 87 0.69 -2.37 15.18
N ASP A 88 1.70 -1.73 15.76
CA ASP A 88 1.99 -1.89 17.18
C ASP A 88 2.25 -0.53 17.83
N PRO A 89 2.13 -0.48 19.16
CA PRO A 89 2.35 0.76 19.93
C PRO A 89 3.83 1.15 19.95
N GLN A 90 4.71 0.16 20.02
CA GLN A 90 6.15 0.42 20.05
C GLN A 90 6.67 0.77 18.65
N GLU A 91 6.07 0.15 17.64
CA GLU A 91 6.48 0.39 16.26
C GLU A 91 6.07 1.80 15.82
N ALA A 92 4.80 2.14 16.01
CA ALA A 92 4.29 3.45 15.64
C ALA A 92 5.14 4.57 16.25
N GLN A 93 5.47 4.42 17.53
CA GLN A 93 6.27 5.41 18.22
C GLN A 93 7.68 5.49 17.64
N GLN A 94 8.26 4.33 17.37
CA GLN A 94 9.60 4.26 16.82
C GLN A 94 9.67 4.98 15.47
N THR A 95 8.80 4.58 14.55
CA THR A 95 8.77 5.18 13.22
C THR A 95 8.63 6.70 13.31
N LEU A 96 7.82 7.16 14.27
CA LEU A 96 7.61 8.58 14.45
C LEU A 96 8.87 9.26 15.00
N GLU A 97 9.61 8.53 15.82
CA GLU A 97 10.84 9.06 16.40
C GLU A 97 11.94 9.17 15.35
N ILE A 98 12.16 8.10 14.60
CA ILE A 98 13.18 8.08 13.56
C ILE A 98 12.90 9.14 12.50
N ALA A 99 11.61 9.33 12.19
CA ALA A 99 11.21 10.31 11.18
C ALA A 99 11.43 11.73 11.69
N GLU A 100 10.90 12.02 12.88
CA GLU A 100 11.04 13.33 13.48
C GLU A 100 12.51 13.69 13.68
N ALA A 101 13.30 12.71 14.09
CA ALA A 101 14.72 12.91 14.33
C ALA A 101 15.47 13.06 13.02
N ASN A 102 15.08 12.29 12.01
CA ASN A 102 15.72 12.34 10.71
C ASN A 102 15.51 13.70 10.05
N LEU A 103 14.26 14.15 10.02
CA LEU A 103 13.93 15.44 9.42
C LEU A 103 14.48 16.59 10.26
N ARG A 104 14.63 16.35 11.55
CA ARG A 104 15.15 17.37 12.47
C ARG A 104 16.49 17.91 11.97
N LYS A 105 17.47 17.01 11.81
CA LYS A 105 18.79 17.41 11.34
C LYS A 105 18.81 17.50 9.82
N ALA A 106 18.13 16.58 9.15
CA ALA A 106 18.07 16.57 7.70
C ALA A 106 16.90 17.41 7.19
N GLU A 107 17.23 18.54 6.57
CA GLU A 107 16.21 19.44 6.03
C GLU A 107 15.89 19.10 4.58
N GLY A 108 15.01 18.12 4.40
CA GLY A 108 14.62 17.70 3.07
C GLY A 108 13.41 16.79 3.07
N ALA A 109 12.44 17.10 2.21
CA ALA A 109 11.23 16.31 2.12
C ALA A 109 11.52 14.89 1.64
N ARG A 110 12.38 14.78 0.63
CA ARG A 110 12.75 13.48 0.08
C ARG A 110 13.32 12.58 1.17
N GLN A 111 14.17 13.14 2.02
CA GLN A 111 14.78 12.39 3.11
C GLN A 111 13.72 11.82 4.04
N LYS A 112 12.72 12.63 4.34
CA LYS A 112 11.64 12.22 5.24
C LYS A 112 10.90 11.01 4.65
N ILE A 113 10.56 11.09 3.37
CA ILE A 113 9.85 10.02 2.70
C ILE A 113 10.72 8.77 2.60
N GLU A 114 12.02 8.97 2.37
CA GLU A 114 12.95 7.87 2.25
C GLU A 114 12.96 7.02 3.52
N ALA A 115 12.85 7.67 4.67
CA ALA A 115 12.85 6.99 5.95
C ALA A 115 11.50 6.33 6.21
N ASN A 116 10.43 6.98 5.76
CA ASN A 116 9.09 6.45 5.95
C ASN A 116 8.88 5.17 5.13
N LEU A 117 9.18 5.25 3.84
CA LEU A 117 9.02 4.11 2.95
C LEU A 117 9.97 2.98 3.35
N ALA A 118 11.18 3.36 3.79
CA ALA A 118 12.18 2.38 4.20
C ALA A 118 11.67 1.53 5.36
N LEU A 119 11.14 2.20 6.39
CA LEU A 119 10.63 1.51 7.56
C LEU A 119 9.42 0.66 7.20
N ARG A 120 8.50 1.23 6.43
CA ARG A 120 7.30 0.53 6.01
C ARG A 120 7.66 -0.76 5.27
N ARG A 121 8.65 -0.67 4.39
CA ARG A 121 9.09 -1.82 3.62
C ARG A 121 9.70 -2.89 4.51
N ALA A 122 10.46 -2.45 5.51
CA ALA A 122 11.10 -3.37 6.44
C ALA A 122 10.07 -4.07 7.33
N ARG A 123 9.12 -3.29 7.83
CA ARG A 123 8.07 -3.83 8.70
C ARG A 123 7.37 -5.01 8.03
N THR A 124 6.88 -4.78 6.81
CA THR A 124 6.20 -5.82 6.06
C THR A 124 7.15 -6.95 5.68
N ARG A 125 8.43 -6.62 5.54
CA ARG A 125 9.44 -7.61 5.18
C ARG A 125 9.53 -8.71 6.24
N VAL A 126 9.68 -8.30 7.50
CA VAL A 126 9.78 -9.24 8.61
C VAL A 126 8.45 -9.93 8.86
N GLU A 127 7.37 -9.22 8.59
CA GLU A 127 6.02 -9.76 8.80
C GLU A 127 5.76 -10.92 7.83
N ALA A 128 6.13 -10.73 6.57
CA ALA A 128 5.92 -11.74 5.54
C ALA A 128 6.96 -12.86 5.67
N SER A 129 8.19 -12.48 5.97
CA SER A 129 9.28 -13.44 6.11
C SER A 129 9.06 -14.33 7.34
N ASN A 130 8.45 -13.76 8.36
CA ASN A 130 8.18 -14.48 9.59
C ASN A 130 6.70 -14.40 9.97
N THR A 131 5.83 -14.61 8.99
CA THR A 131 4.39 -14.55 9.22
C THR A 131 3.96 -15.51 10.32
N ILE A 132 4.35 -16.78 10.17
CA ILE A 132 4.02 -17.81 11.15
C ILE A 132 5.04 -18.94 11.14
N SER A 133 5.88 -18.98 12.16
CA SER A 133 6.90 -20.02 12.27
C SER A 133 6.45 -21.14 13.20
N SER A 134 6.78 -22.37 12.83
CA SER A 134 6.40 -23.53 13.61
C SER A 134 7.36 -23.73 14.79
N MET A 1 -15.15 -13.85 -12.44
CA MET A 1 -16.44 -13.34 -12.01
C MET A 1 -16.27 -12.11 -11.13
N VAL A 2 -15.45 -12.25 -10.09
CA VAL A 2 -15.20 -11.15 -9.16
C VAL A 2 -13.84 -10.50 -9.43
N MET A 3 -13.51 -9.48 -8.65
CA MET A 3 -12.25 -8.78 -8.81
C MET A 3 -11.20 -9.31 -7.83
N THR A 4 -9.93 -9.00 -8.10
CA THR A 4 -8.84 -9.45 -7.25
C THR A 4 -7.72 -8.41 -7.18
N VAL A 5 -7.67 -7.68 -6.08
CA VAL A 5 -6.65 -6.65 -5.89
C VAL A 5 -5.47 -7.18 -5.09
N ARG A 6 -4.27 -7.03 -5.63
CA ARG A 6 -3.05 -7.49 -4.96
C ARG A 6 -1.99 -6.40 -4.96
N VAL A 7 -1.22 -6.34 -3.88
CA VAL A 7 -0.16 -5.34 -3.75
C VAL A 7 1.22 -6.00 -3.81
N ILE A 8 2.16 -5.33 -4.47
CA ILE A 8 3.51 -5.84 -4.60
C ILE A 8 4.54 -4.73 -4.41
N ALA A 9 5.67 -5.08 -3.82
CA ALA A 9 6.74 -4.11 -3.58
C ALA A 9 7.92 -4.36 -4.51
N PRO A 10 8.77 -3.34 -4.68
CA PRO A 10 9.95 -3.43 -5.54
C PRO A 10 11.03 -4.34 -4.97
N ASP A 11 10.81 -4.80 -3.74
CA ASP A 11 11.76 -5.70 -3.07
C ASP A 11 11.15 -7.09 -2.89
N LYS A 12 9.83 -7.17 -2.97
CA LYS A 12 9.12 -8.44 -2.81
C LYS A 12 7.62 -8.22 -2.80
N THR A 13 6.87 -9.32 -2.95
CA THR A 13 5.42 -9.25 -2.94
C THR A 13 4.88 -8.90 -1.56
N VAL A 14 3.64 -8.41 -1.52
CA VAL A 14 3.01 -8.03 -0.26
C VAL A 14 1.84 -8.94 0.06
N TRP A 15 0.83 -8.95 -0.82
CA TRP A 15 -0.34 -9.78 -0.63
C TRP A 15 -1.22 -9.77 -1.88
N ASP A 16 -2.33 -10.52 -1.83
CA ASP A 16 -3.24 -10.59 -2.96
C ASP A 16 -4.62 -11.09 -2.51
N ALA A 17 -5.49 -10.15 -2.15
CA ALA A 17 -6.84 -10.49 -1.71
C ALA A 17 -7.88 -10.15 -2.77
N PRO A 18 -9.06 -10.77 -2.67
CA PRO A 18 -10.16 -10.54 -3.61
C PRO A 18 -10.77 -9.15 -3.45
N ALA A 19 -11.70 -8.83 -4.35
CA ALA A 19 -12.37 -7.53 -4.30
C ALA A 19 -13.45 -7.44 -5.38
N GLU A 20 -14.15 -6.31 -5.41
CA GLU A 20 -15.22 -6.09 -6.38
C GLU A 20 -15.22 -4.64 -6.87
N GLU A 21 -15.04 -3.71 -5.95
CA GLU A 21 -15.03 -2.29 -6.28
C GLU A 21 -14.22 -1.50 -5.27
N VAL A 22 -13.33 -0.64 -5.76
CA VAL A 22 -12.49 0.18 -4.89
C VAL A 22 -12.35 1.59 -5.44
N ILE A 23 -12.50 2.58 -4.57
CA ILE A 23 -12.39 3.98 -4.97
C ILE A 23 -11.26 4.67 -4.20
N LEU A 24 -10.49 5.49 -4.92
CA LEU A 24 -9.38 6.21 -4.31
C LEU A 24 -8.93 7.37 -5.21
N PRO A 25 -8.23 8.35 -4.60
CA PRO A 25 -7.74 9.52 -5.32
C PRO A 25 -6.62 9.17 -6.28
N SER A 26 -6.78 9.55 -7.55
CA SER A 26 -5.77 9.28 -8.57
C SER A 26 -5.36 10.56 -9.29
N THR A 27 -4.59 10.41 -10.36
CA THR A 27 -4.12 11.56 -11.13
C THR A 27 -5.27 12.50 -11.46
N THR A 28 -6.27 11.97 -12.17
CA THR A 28 -7.43 12.77 -12.55
C THR A 28 -8.23 13.22 -11.33
N GLY A 29 -7.95 12.59 -10.19
CA GLY A 29 -8.65 12.93 -8.97
C GLY A 29 -9.52 11.80 -8.46
N GLN A 30 -10.27 11.18 -9.36
CA GLN A 30 -11.14 10.08 -8.99
C GLN A 30 -10.79 8.82 -9.77
N LEU A 31 -10.73 7.70 -9.07
CA LEU A 31 -10.41 6.42 -9.70
C LEU A 31 -11.29 5.30 -9.17
N GLY A 32 -11.73 4.42 -10.07
CA GLY A 32 -12.59 3.32 -9.67
C GLY A 32 -12.29 2.04 -10.44
N ILE A 33 -11.80 1.03 -9.74
CA ILE A 33 -11.47 -0.25 -10.37
C ILE A 33 -12.46 -1.33 -9.94
N LEU A 34 -13.04 -2.02 -10.91
CA LEU A 34 -14.00 -3.09 -10.65
C LEU A 34 -13.60 -4.37 -11.37
N SER A 35 -14.37 -5.43 -11.15
CA SER A 35 -14.10 -6.72 -11.79
C SER A 35 -14.33 -6.64 -13.30
N ASN A 36 -15.45 -6.04 -13.68
CA ASN A 36 -15.79 -5.90 -15.10
C ASN A 36 -14.79 -4.99 -15.82
N HIS A 37 -14.03 -4.23 -15.03
CA HIS A 37 -13.04 -3.33 -15.59
C HIS A 37 -12.19 -4.02 -16.65
N ALA A 38 -11.56 -3.24 -17.52
CA ALA A 38 -10.71 -3.79 -18.57
C ALA A 38 -9.24 -3.69 -18.20
N PRO A 39 -8.39 -4.42 -18.93
CA PRO A 39 -6.94 -4.43 -18.71
C PRO A 39 -6.28 -3.11 -19.09
N LEU A 40 -5.98 -2.29 -18.09
CA LEU A 40 -5.35 -0.99 -18.32
C LEU A 40 -4.41 -0.64 -17.17
N LEU A 41 -3.28 -0.02 -17.51
CA LEU A 41 -2.29 0.38 -16.51
C LEU A 41 -2.41 1.87 -16.20
N THR A 42 -2.17 2.22 -14.94
CA THR A 42 -2.25 3.61 -14.51
C THR A 42 -1.25 3.91 -13.40
N ALA A 43 -1.15 5.17 -13.01
CA ALA A 43 -0.23 5.57 -11.96
C ALA A 43 -0.99 6.13 -10.76
N LEU A 44 -0.43 5.94 -9.57
CA LEU A 44 -1.05 6.42 -8.34
C LEU A 44 -0.02 7.03 -7.40
N GLU A 45 -0.45 7.97 -6.58
CA GLU A 45 0.45 8.64 -5.63
C GLU A 45 0.16 8.17 -4.21
N THR A 46 1.06 8.52 -3.29
CA THR A 46 0.92 8.14 -1.89
C THR A 46 -0.46 8.51 -1.36
N GLY A 47 -1.03 7.64 -0.53
CA GLY A 47 -2.34 7.90 0.03
C GLY A 47 -3.08 6.62 0.39
N VAL A 48 -4.26 6.77 0.99
CA VAL A 48 -5.06 5.62 1.39
C VAL A 48 -6.18 5.36 0.39
N MET A 49 -6.69 4.14 0.38
CA MET A 49 -7.76 3.75 -0.53
C MET A 49 -8.88 3.03 0.22
N ARG A 50 -10.10 3.13 -0.30
CA ARG A 50 -11.25 2.48 0.32
C ARG A 50 -11.69 1.26 -0.49
N VAL A 51 -11.50 0.08 0.10
CA VAL A 51 -11.88 -1.16 -0.57
C VAL A 51 -13.30 -1.59 -0.19
N ARG A 52 -14.07 -2.00 -1.20
CA ARG A 52 -15.45 -2.42 -0.97
C ARG A 52 -15.76 -3.68 -1.78
N GLN A 53 -15.92 -4.80 -1.08
CA GLN A 53 -16.22 -6.07 -1.72
C GLN A 53 -17.72 -6.22 -1.96
N ASP A 54 -18.51 -5.62 -1.07
CA ASP A 54 -19.97 -5.69 -1.19
C ASP A 54 -20.64 -4.91 -0.05
N ARG A 55 -20.54 -5.44 1.16
CA ARG A 55 -21.14 -4.80 2.32
C ARG A 55 -20.05 -4.36 3.31
N GLU A 56 -18.92 -5.03 3.28
CA GLU A 56 -17.81 -4.70 4.16
C GLU A 56 -16.91 -3.63 3.56
N TRP A 57 -15.93 -3.18 4.32
CA TRP A 57 -15.00 -2.15 3.85
C TRP A 57 -13.62 -2.34 4.47
N VAL A 58 -12.58 -2.01 3.70
CA VAL A 58 -11.22 -2.14 4.16
C VAL A 58 -10.33 -1.03 3.61
N ALA A 59 -9.74 -0.26 4.51
CA ALA A 59 -8.86 0.84 4.11
C ALA A 59 -7.39 0.44 4.23
N ILE A 60 -6.61 0.83 3.22
CA ILE A 60 -5.18 0.51 3.19
C ILE A 60 -4.36 1.72 2.78
N ALA A 61 -3.18 1.86 3.38
CA ALA A 61 -2.30 2.97 3.07
C ALA A 61 -1.05 2.50 2.32
N LEU A 62 -0.62 3.28 1.34
CA LEU A 62 0.56 2.93 0.55
C LEU A 62 1.19 4.17 -0.07
N MET A 63 2.51 4.23 -0.05
CA MET A 63 3.24 5.37 -0.62
C MET A 63 3.13 5.38 -2.14
N GLY A 64 3.93 6.24 -2.77
CA GLY A 64 3.91 6.32 -4.22
C GLY A 64 4.09 4.96 -4.88
N GLY A 65 3.39 4.75 -5.99
CA GLY A 65 3.48 3.49 -6.70
C GLY A 65 2.69 3.49 -7.99
N PHE A 66 2.51 2.31 -8.57
CA PHE A 66 1.77 2.17 -9.82
C PHE A 66 0.66 1.13 -9.68
N ALA A 67 -0.49 1.42 -10.30
CA ALA A 67 -1.63 0.52 -10.25
C ALA A 67 -2.04 0.06 -11.65
N GLU A 68 -2.19 -1.24 -11.83
CA GLU A 68 -2.59 -1.79 -13.11
C GLU A 68 -3.58 -2.94 -12.95
N VAL A 69 -4.79 -2.75 -13.46
CA VAL A 69 -5.83 -3.78 -13.36
C VAL A 69 -6.05 -4.47 -14.70
N GLU A 70 -6.36 -5.76 -14.65
CA GLU A 70 -6.60 -6.53 -15.87
C GLU A 70 -7.12 -7.92 -15.53
N ASN A 71 -8.29 -8.26 -16.05
CA ASN A 71 -8.90 -9.56 -15.81
C ASN A 71 -8.91 -9.88 -14.31
N ASN A 72 -9.42 -8.94 -13.52
CA ASN A 72 -9.51 -9.12 -12.08
C ASN A 72 -8.11 -9.29 -11.47
N GLU A 73 -7.14 -8.56 -12.03
CA GLU A 73 -5.77 -8.63 -11.54
C GLU A 73 -5.19 -7.23 -11.36
N VAL A 74 -5.24 -6.72 -10.13
CA VAL A 74 -4.71 -5.40 -9.83
C VAL A 74 -3.32 -5.49 -9.21
N THR A 75 -2.33 -4.92 -9.90
CA THR A 75 -0.96 -4.95 -9.42
C THR A 75 -0.54 -3.58 -8.88
N ILE A 76 -0.35 -3.49 -7.57
CA ILE A 76 0.04 -2.24 -6.95
C ILE A 76 1.54 -2.24 -6.61
N LEU A 77 2.34 -1.68 -7.51
CA LEU A 77 3.78 -1.61 -7.31
C LEU A 77 4.16 -0.42 -6.45
N VAL A 78 3.94 -0.55 -5.14
CA VAL A 78 4.26 0.51 -4.20
C VAL A 78 5.64 0.30 -3.58
N ASN A 79 6.40 1.39 -3.46
CA ASN A 79 7.74 1.33 -2.89
C ASN A 79 7.70 1.54 -1.37
N GLY A 80 6.80 0.81 -0.71
CA GLY A 80 6.68 0.93 0.73
C GLY A 80 5.26 1.28 1.16
N ALA A 81 4.48 0.26 1.50
CA ALA A 81 3.10 0.47 1.94
C ALA A 81 2.88 -0.07 3.34
N GLU A 82 1.65 0.04 3.83
CA GLU A 82 1.31 -0.43 5.17
C GLU A 82 -0.20 -0.61 5.31
N ARG A 83 -0.60 -1.73 5.90
CA ARG A 83 -2.02 -2.03 6.10
C ARG A 83 -2.49 -1.55 7.47
N GLY A 84 -3.66 -0.93 7.51
CA GLY A 84 -4.20 -0.44 8.76
C GLY A 84 -4.43 -1.55 9.77
N ASP A 85 -4.51 -2.78 9.28
CA ASP A 85 -4.74 -3.93 10.15
C ASP A 85 -3.43 -4.48 10.67
N THR A 86 -2.35 -4.26 9.91
CA THR A 86 -1.04 -4.73 10.30
C THR A 86 -0.24 -3.64 11.00
N ILE A 87 -0.93 -2.82 11.78
CA ILE A 87 -0.29 -1.73 12.51
C ILE A 87 -0.35 -1.97 14.01
N ASP A 88 0.66 -1.48 14.72
CA ASP A 88 0.73 -1.64 16.17
C ASP A 88 0.65 -0.29 16.87
N PRO A 89 0.30 -0.31 18.16
CA PRO A 89 0.18 0.90 18.97
C PRO A 89 1.53 1.56 19.25
N GLN A 90 2.52 0.73 19.60
CA GLN A 90 3.85 1.23 19.89
C GLN A 90 4.61 1.55 18.61
N GLU A 91 4.23 0.88 17.53
CA GLU A 91 4.88 1.09 16.23
C GLU A 91 4.76 2.54 15.80
N ALA A 92 3.56 3.11 15.94
CA ALA A 92 3.31 4.49 15.56
C ALA A 92 4.32 5.42 16.21
N GLN A 93 4.55 5.24 17.51
CA GLN A 93 5.50 6.07 18.24
C GLN A 93 6.92 5.82 17.77
N GLN A 94 7.21 4.57 17.41
CA GLN A 94 8.54 4.20 16.95
C GLN A 94 8.88 4.92 15.65
N THR A 95 7.97 4.84 14.67
CA THR A 95 8.18 5.50 13.39
C THR A 95 8.43 6.98 13.56
N LEU A 96 7.57 7.64 14.31
CA LEU A 96 7.70 9.08 14.56
C LEU A 96 9.04 9.40 15.21
N GLU A 97 9.55 8.45 15.99
CA GLU A 97 10.83 8.65 16.66
C GLU A 97 11.98 8.68 15.66
N ILE A 98 11.92 7.81 14.65
CA ILE A 98 12.95 7.74 13.63
C ILE A 98 13.02 9.05 12.83
N ALA A 99 11.85 9.57 12.47
CA ALA A 99 11.77 10.82 11.71
C ALA A 99 12.31 11.98 12.53
N GLU A 100 12.00 12.00 13.81
CA GLU A 100 12.45 13.07 14.70
C GLU A 100 13.95 12.97 14.95
N ALA A 101 14.44 11.74 15.11
CA ALA A 101 15.85 11.50 15.36
C ALA A 101 16.70 12.02 14.20
N ASN A 102 16.33 11.64 12.98
CA ASN A 102 17.06 12.06 11.79
C ASN A 102 16.90 13.56 11.55
N LEU A 103 15.66 14.04 11.65
CA LEU A 103 15.37 15.46 11.45
C LEU A 103 16.11 16.32 12.46
N ARG A 104 16.41 15.73 13.62
CA ARG A 104 17.12 16.44 14.67
C ARG A 104 18.42 17.04 14.15
N LYS A 105 18.99 16.39 13.13
CA LYS A 105 20.24 16.86 12.53
C LYS A 105 20.02 17.28 11.08
N ALA A 106 19.17 16.55 10.38
CA ALA A 106 18.87 16.83 8.99
C ALA A 106 17.74 17.84 8.86
N GLU A 107 17.32 18.11 7.63
CA GLU A 107 16.24 19.06 7.38
C GLU A 107 15.79 19.00 5.93
N GLY A 108 14.91 18.05 5.62
CA GLY A 108 14.41 17.89 4.27
C GLY A 108 13.22 16.97 4.18
N ALA A 109 12.27 17.31 3.33
CA ALA A 109 11.07 16.50 3.16
C ALA A 109 11.41 15.13 2.58
N ARG A 110 12.35 15.11 1.64
CA ARG A 110 12.77 13.87 1.01
C ARG A 110 13.34 12.89 2.03
N GLN A 111 14.01 13.44 3.04
CA GLN A 111 14.61 12.62 4.09
C GLN A 111 13.55 11.83 4.83
N LYS A 112 12.47 12.49 5.21
CA LYS A 112 11.37 11.84 5.92
C LYS A 112 10.75 10.74 5.08
N ILE A 113 10.57 11.02 3.79
CA ILE A 113 9.99 10.05 2.88
C ILE A 113 10.90 8.85 2.68
N GLU A 114 12.18 9.12 2.44
CA GLU A 114 13.16 8.05 2.24
C GLU A 114 13.12 7.06 3.40
N ALA A 115 13.18 7.58 4.61
CA ALA A 115 13.16 6.74 5.80
C ALA A 115 11.87 5.92 5.87
N ASN A 116 10.76 6.54 5.50
CA ASN A 116 9.47 5.87 5.52
C ASN A 116 9.45 4.68 4.56
N LEU A 117 9.83 4.93 3.31
CA LEU A 117 9.87 3.88 2.30
C LEU A 117 10.71 2.69 2.77
N ALA A 118 11.76 2.98 3.53
CA ALA A 118 12.63 1.94 4.05
C ALA A 118 11.92 1.09 5.10
N LEU A 119 11.32 1.75 6.08
CA LEU A 119 10.59 1.06 7.14
C LEU A 119 9.48 0.19 6.56
N ARG A 120 8.61 0.79 5.76
CA ARG A 120 7.51 0.08 5.15
C ARG A 120 8.01 -1.15 4.39
N ARG A 121 9.15 -1.00 3.72
CA ARG A 121 9.73 -2.09 2.96
C ARG A 121 10.22 -3.21 3.89
N ALA A 122 10.87 -2.82 4.97
CA ALA A 122 11.38 -3.78 5.94
C ALA A 122 10.25 -4.56 6.60
N ARG A 123 9.24 -3.83 7.06
CA ARG A 123 8.09 -4.45 7.72
C ARG A 123 7.50 -5.56 6.85
N THR A 124 7.27 -5.25 5.57
CA THR A 124 6.71 -6.21 4.64
C THR A 124 7.57 -7.46 4.55
N ARG A 125 8.88 -7.25 4.44
CA ARG A 125 9.81 -8.37 4.35
C ARG A 125 9.63 -9.33 5.52
N VAL A 126 9.37 -8.79 6.70
CA VAL A 126 9.18 -9.59 7.89
C VAL A 126 7.87 -10.38 7.82
N GLU A 127 6.81 -9.71 7.37
CA GLU A 127 5.51 -10.34 7.25
C GLU A 127 5.52 -11.42 6.17
N ALA A 128 6.40 -11.25 5.18
CA ALA A 128 6.51 -12.22 4.09
C ALA A 128 7.44 -13.36 4.47
N SER A 129 8.48 -13.05 5.25
CA SER A 129 9.44 -14.06 5.68
C SER A 129 8.78 -15.10 6.58
N ASN A 130 7.93 -14.63 7.48
CA ASN A 130 7.24 -15.51 8.42
C ASN A 130 5.72 -15.29 8.34
N THR A 131 5.20 -15.22 7.12
CA THR A 131 3.78 -15.02 6.92
C THR A 131 2.96 -16.09 7.63
N ILE A 132 3.28 -17.35 7.37
CA ILE A 132 2.58 -18.46 7.98
C ILE A 132 3.46 -19.71 8.05
N SER A 133 3.93 -20.03 9.26
CA SER A 133 4.79 -21.19 9.46
C SER A 133 4.05 -22.28 10.24
N SER A 134 4.29 -23.53 9.85
CA SER A 134 3.66 -24.67 10.50
C SER A 134 4.62 -25.37 11.45
N MET A 1 -18.16 -8.77 -14.11
CA MET A 1 -18.50 -8.92 -12.70
C MET A 1 -17.40 -9.67 -11.96
N VAL A 2 -17.26 -9.36 -10.67
CA VAL A 2 -16.24 -10.00 -9.84
C VAL A 2 -14.84 -9.70 -10.37
N MET A 3 -14.17 -8.73 -9.74
CA MET A 3 -12.83 -8.35 -10.14
C MET A 3 -11.78 -9.03 -9.26
N THR A 4 -10.52 -8.86 -9.61
CA THR A 4 -9.42 -9.46 -8.85
C THR A 4 -8.27 -8.48 -8.69
N VAL A 5 -8.08 -7.98 -7.47
CA VAL A 5 -7.00 -7.04 -7.18
C VAL A 5 -5.76 -7.76 -6.70
N ARG A 6 -4.60 -7.35 -7.19
CA ARG A 6 -3.33 -7.95 -6.80
C ARG A 6 -2.33 -6.89 -6.38
N VAL A 7 -1.68 -7.10 -5.24
CA VAL A 7 -0.69 -6.16 -4.73
C VAL A 7 0.72 -6.65 -5.01
N ILE A 8 1.62 -5.72 -5.27
CA ILE A 8 3.02 -6.04 -5.56
C ILE A 8 3.96 -5.11 -4.82
N ALA A 9 4.91 -5.69 -4.09
CA ALA A 9 5.89 -4.91 -3.35
C ALA A 9 7.19 -4.76 -4.13
N PRO A 10 7.99 -3.75 -3.75
CA PRO A 10 9.28 -3.47 -4.40
C PRO A 10 10.32 -4.54 -4.12
N ASP A 11 9.98 -5.47 -3.22
CA ASP A 11 10.89 -6.54 -2.86
C ASP A 11 10.42 -7.87 -3.46
N LYS A 12 9.13 -7.94 -3.79
CA LYS A 12 8.56 -9.15 -4.37
C LYS A 12 7.06 -8.99 -4.57
N THR A 13 6.38 -10.10 -4.89
CA THR A 13 4.94 -10.08 -5.10
C THR A 13 4.19 -10.34 -3.81
N VAL A 14 3.21 -9.49 -3.51
CA VAL A 14 2.42 -9.62 -2.30
C VAL A 14 1.43 -10.77 -2.42
N TRP A 15 0.43 -10.59 -3.27
CA TRP A 15 -0.60 -11.62 -3.48
C TRP A 15 -1.63 -11.16 -4.50
N ASP A 16 -2.71 -11.92 -4.62
CA ASP A 16 -3.78 -11.60 -5.55
C ASP A 16 -5.12 -12.15 -5.06
N ALA A 17 -5.89 -11.30 -4.41
CA ALA A 17 -7.20 -11.70 -3.90
C ALA A 17 -8.33 -11.09 -4.72
N PRO A 18 -9.52 -11.70 -4.64
CA PRO A 18 -10.70 -11.24 -5.38
C PRO A 18 -11.23 -9.92 -4.83
N ALA A 19 -12.24 -9.37 -5.51
CA ALA A 19 -12.84 -8.11 -5.10
C ALA A 19 -14.00 -7.73 -6.00
N GLU A 20 -14.73 -6.68 -5.63
CA GLU A 20 -15.88 -6.23 -6.41
C GLU A 20 -15.66 -4.80 -6.90
N GLU A 21 -14.90 -4.03 -6.15
CA GLU A 21 -14.61 -2.64 -6.51
C GLU A 21 -13.62 -2.02 -5.52
N VAL A 22 -12.60 -1.35 -6.07
CA VAL A 22 -11.59 -0.70 -5.24
C VAL A 22 -11.60 0.81 -5.44
N ILE A 23 -11.80 1.54 -4.35
CA ILE A 23 -11.83 2.99 -4.40
C ILE A 23 -10.67 3.59 -3.62
N LEU A 24 -9.91 4.47 -4.29
CA LEU A 24 -8.77 5.12 -3.66
C LEU A 24 -8.47 6.46 -4.32
N PRO A 25 -7.75 7.33 -3.61
CA PRO A 25 -7.38 8.66 -4.10
C PRO A 25 -6.36 8.59 -5.23
N SER A 26 -6.69 9.22 -6.36
CA SER A 26 -5.80 9.23 -7.51
C SER A 26 -5.52 10.66 -7.98
N THR A 27 -4.90 10.78 -9.15
CA THR A 27 -4.57 12.09 -9.70
C THR A 27 -5.79 13.01 -9.67
N THR A 28 -6.86 12.60 -10.35
CA THR A 28 -8.08 13.38 -10.41
C THR A 28 -8.73 13.51 -9.03
N GLY A 29 -8.27 12.67 -8.10
CA GLY A 29 -8.82 12.70 -6.75
C GLY A 29 -9.61 11.46 -6.42
N GLN A 30 -10.48 11.04 -7.33
CA GLN A 30 -11.31 9.86 -7.13
C GLN A 30 -11.05 8.83 -8.22
N LEU A 31 -10.85 7.58 -7.81
CA LEU A 31 -10.59 6.49 -8.75
C LEU A 31 -11.35 5.24 -8.35
N GLY A 32 -11.99 4.60 -9.32
CA GLY A 32 -12.74 3.39 -9.06
C GLY A 32 -12.54 2.34 -10.12
N ILE A 33 -11.89 1.24 -9.75
CA ILE A 33 -11.63 0.15 -10.67
C ILE A 33 -12.55 -1.04 -10.41
N LEU A 34 -13.24 -1.49 -11.45
CA LEU A 34 -14.15 -2.62 -11.31
C LEU A 34 -13.73 -3.77 -12.22
N SER A 35 -14.49 -4.86 -12.18
CA SER A 35 -14.19 -6.03 -13.00
C SER A 35 -14.38 -5.73 -14.48
N ASN A 36 -15.49 -5.07 -14.81
CA ASN A 36 -15.80 -4.72 -16.19
C ASN A 36 -14.77 -3.73 -16.74
N HIS A 37 -14.04 -3.09 -15.83
CA HIS A 37 -13.03 -2.11 -16.21
C HIS A 37 -12.11 -2.69 -17.29
N ALA A 38 -12.12 -2.07 -18.47
CA ALA A 38 -11.28 -2.50 -19.57
C ALA A 38 -9.81 -2.50 -19.19
N PRO A 39 -8.99 -3.18 -20.00
CA PRO A 39 -7.53 -3.27 -19.76
C PRO A 39 -6.83 -1.94 -19.98
N LEU A 40 -6.50 -1.26 -18.89
CA LEU A 40 -5.82 0.03 -18.98
C LEU A 40 -4.91 0.24 -17.77
N LEU A 41 -3.84 1.02 -17.97
CA LEU A 41 -2.90 1.30 -16.90
C LEU A 41 -3.09 2.72 -16.36
N THR A 42 -2.79 2.90 -15.08
CA THR A 42 -2.92 4.21 -14.45
C THR A 42 -1.85 4.42 -13.38
N ALA A 43 -1.81 5.62 -12.83
CA ALA A 43 -0.84 5.95 -11.80
C ALA A 43 -1.52 6.37 -10.51
N LEU A 44 -0.91 6.04 -9.38
CA LEU A 44 -1.46 6.38 -8.07
C LEU A 44 -0.35 6.80 -7.10
N GLU A 45 -0.72 7.62 -6.12
CA GLU A 45 0.24 8.10 -5.13
C GLU A 45 0.07 7.35 -3.81
N THR A 46 0.91 7.71 -2.84
CA THR A 46 0.85 7.07 -1.52
C THR A 46 -0.56 7.09 -0.96
N GLY A 47 -0.86 6.14 -0.07
CA GLY A 47 -2.18 6.07 0.53
C GLY A 47 -2.70 4.65 0.62
N VAL A 48 -3.79 4.47 1.37
CA VAL A 48 -4.38 3.16 1.53
C VAL A 48 -5.55 2.95 0.57
N MET A 49 -5.62 1.76 -0.02
CA MET A 49 -6.69 1.44 -0.96
C MET A 49 -7.82 0.70 -0.26
N ARG A 50 -9.06 1.10 -0.55
CA ARG A 50 -10.22 0.47 0.05
C ARG A 50 -10.80 -0.62 -0.87
N VAL A 51 -10.71 -1.87 -0.43
CA VAL A 51 -11.22 -2.99 -1.22
C VAL A 51 -12.60 -3.41 -0.74
N ARG A 52 -13.51 -3.63 -1.69
CA ARG A 52 -14.86 -4.05 -1.35
C ARG A 52 -15.28 -5.26 -2.18
N GLN A 53 -15.37 -6.42 -1.54
CA GLN A 53 -15.77 -7.64 -2.21
C GLN A 53 -17.28 -7.77 -2.28
N ASP A 54 -17.96 -7.26 -1.26
CA ASP A 54 -19.42 -7.31 -1.21
C ASP A 54 -19.94 -6.64 0.05
N ARG A 55 -19.77 -7.31 1.19
CA ARG A 55 -20.23 -6.77 2.47
C ARG A 55 -19.05 -6.49 3.39
N GLU A 56 -17.95 -7.21 3.18
CA GLU A 56 -16.75 -7.04 3.99
C GLU A 56 -15.98 -5.79 3.57
N TRP A 57 -14.82 -5.59 4.19
CA TRP A 57 -13.99 -4.43 3.89
C TRP A 57 -12.53 -4.72 4.17
N VAL A 58 -11.70 -4.64 3.13
CA VAL A 58 -10.27 -4.89 3.25
C VAL A 58 -9.45 -3.70 2.78
N ALA A 59 -8.73 -3.07 3.70
CA ALA A 59 -7.90 -1.92 3.38
C ALA A 59 -6.42 -2.26 3.51
N ILE A 60 -5.64 -1.89 2.50
CA ILE A 60 -4.20 -2.15 2.51
C ILE A 60 -3.41 -0.88 2.25
N ALA A 61 -2.55 -0.53 3.20
CA ALA A 61 -1.72 0.67 3.08
C ALA A 61 -0.52 0.42 2.17
N LEU A 62 -0.44 1.19 1.10
CA LEU A 62 0.66 1.05 0.14
C LEU A 62 1.21 2.41 -0.26
N MET A 63 2.52 2.51 -0.38
CA MET A 63 3.17 3.76 -0.76
C MET A 63 2.95 4.05 -2.24
N GLY A 64 3.59 5.10 -2.75
CA GLY A 64 3.45 5.47 -4.14
C GLY A 64 3.73 4.31 -5.08
N GLY A 65 3.12 4.34 -6.25
CA GLY A 65 3.32 3.28 -7.23
C GLY A 65 2.42 3.41 -8.42
N PHE A 66 2.30 2.33 -9.20
CA PHE A 66 1.46 2.34 -10.40
C PHE A 66 0.51 1.15 -10.40
N ALA A 67 -0.73 1.38 -10.84
CA ALA A 67 -1.73 0.32 -10.90
C ALA A 67 -2.22 0.11 -12.32
N GLU A 68 -2.54 -1.14 -12.66
CA GLU A 68 -3.02 -1.48 -13.99
C GLU A 68 -4.03 -2.62 -13.93
N VAL A 69 -5.25 -2.33 -14.38
CA VAL A 69 -6.32 -3.33 -14.37
C VAL A 69 -6.59 -3.84 -15.79
N GLU A 70 -6.98 -5.11 -15.88
CA GLU A 70 -7.28 -5.72 -17.17
C GLU A 70 -7.86 -7.12 -16.99
N ASN A 71 -9.07 -7.32 -17.52
CA ASN A 71 -9.74 -8.60 -17.42
C ASN A 71 -9.76 -9.10 -15.96
N ASN A 72 -10.18 -8.23 -15.06
CA ASN A 72 -10.24 -8.57 -13.64
C ASN A 72 -8.86 -8.88 -13.09
N GLU A 73 -7.85 -8.17 -13.61
CA GLU A 73 -6.48 -8.38 -13.16
C GLU A 73 -5.80 -7.04 -12.86
N VAL A 74 -5.74 -6.70 -11.58
CA VAL A 74 -5.12 -5.45 -11.14
C VAL A 74 -3.69 -5.69 -10.65
N THR A 75 -2.76 -4.88 -11.14
CA THR A 75 -1.37 -5.00 -10.74
C THR A 75 -0.84 -3.67 -10.18
N ILE A 76 -0.70 -3.62 -8.85
CA ILE A 76 -0.21 -2.42 -8.19
C ILE A 76 1.24 -2.60 -7.75
N LEU A 77 2.12 -1.78 -8.31
CA LEU A 77 3.54 -1.84 -7.97
C LEU A 77 3.96 -0.64 -7.14
N VAL A 78 3.87 -0.78 -5.82
CA VAL A 78 4.23 0.29 -4.90
C VAL A 78 5.66 0.12 -4.40
N ASN A 79 6.13 1.08 -3.61
CA ASN A 79 7.47 1.05 -3.06
C ASN A 79 7.45 0.90 -1.55
N GLY A 80 6.36 0.34 -1.03
CA GLY A 80 6.23 0.15 0.40
C GLY A 80 4.91 -0.51 0.79
N ALA A 81 4.90 -1.18 1.93
CA ALA A 81 3.70 -1.84 2.41
C ALA A 81 3.44 -1.54 3.88
N GLU A 82 2.17 -1.51 4.26
CA GLU A 82 1.79 -1.22 5.64
C GLU A 82 0.40 -1.78 5.95
N ARG A 83 0.29 -2.48 7.08
CA ARG A 83 -0.98 -3.07 7.49
C ARG A 83 -1.72 -2.14 8.44
N GLY A 84 -2.99 -1.88 8.15
CA GLY A 84 -3.78 -1.02 9.00
C GLY A 84 -4.16 -1.68 10.31
N ASP A 85 -3.84 -2.96 10.45
CA ASP A 85 -4.15 -3.71 11.66
C ASP A 85 -3.10 -3.45 12.74
N THR A 86 -1.90 -3.08 12.31
CA THR A 86 -0.82 -2.80 13.24
C THR A 86 -0.72 -1.30 13.55
N ILE A 87 -1.88 -0.66 13.62
CA ILE A 87 -1.93 0.78 13.91
C ILE A 87 -2.11 1.03 15.41
N ASP A 88 -1.04 1.45 16.06
CA ASP A 88 -1.08 1.72 17.49
C ASP A 88 -0.38 3.04 17.81
N PRO A 89 -0.69 3.61 18.98
CA PRO A 89 -0.11 4.88 19.44
C PRO A 89 1.37 4.74 19.78
N GLN A 90 1.80 3.52 20.05
CA GLN A 90 3.19 3.26 20.39
C GLN A 90 4.08 3.33 19.15
N GLU A 91 3.62 2.72 18.07
CA GLU A 91 4.39 2.72 16.82
C GLU A 91 4.67 4.15 16.35
N ALA A 92 3.64 4.98 16.38
CA ALA A 92 3.78 6.38 15.96
C ALA A 92 4.95 7.05 16.70
N GLN A 93 5.11 6.72 17.96
CA GLN A 93 6.18 7.29 18.78
C GLN A 93 7.54 6.80 18.29
N GLN A 94 7.64 5.51 18.00
CA GLN A 94 8.89 4.92 17.53
C GLN A 94 9.34 5.58 16.23
N THR A 95 8.40 5.79 15.31
CA THR A 95 8.70 6.39 14.03
C THR A 95 9.06 7.87 14.19
N LEU A 96 8.47 8.51 15.20
CA LEU A 96 8.73 9.92 15.47
C LEU A 96 10.13 10.11 16.04
N GLU A 97 10.61 9.13 16.79
CA GLU A 97 11.92 9.18 17.41
C GLU A 97 13.02 9.03 16.36
N ILE A 98 12.89 7.99 15.53
CA ILE A 98 13.87 7.73 14.48
C ILE A 98 13.95 8.89 13.51
N ALA A 99 12.80 9.50 13.22
CA ALA A 99 12.76 10.63 12.30
C ALA A 99 13.39 11.88 12.92
N GLU A 100 13.02 12.15 14.17
CA GLU A 100 13.55 13.31 14.88
C GLU A 100 15.05 13.19 15.08
N ALA A 101 15.51 11.98 15.40
CA ALA A 101 16.93 11.73 15.61
C ALA A 101 17.74 12.07 14.37
N ASN A 102 17.28 11.57 13.22
CA ASN A 102 17.97 11.81 11.96
C ASN A 102 17.88 13.29 11.58
N LEU A 103 16.73 13.90 11.83
CA LEU A 103 16.53 15.30 11.50
C LEU A 103 17.43 16.20 12.35
N ARG A 104 17.80 15.71 13.53
CA ARG A 104 18.65 16.45 14.44
C ARG A 104 19.94 16.88 13.73
N LYS A 105 20.35 16.10 12.74
CA LYS A 105 21.56 16.40 11.99
C LYS A 105 21.23 16.73 10.54
N ALA A 106 20.25 16.04 9.98
CA ALA A 106 19.84 16.28 8.60
C ALA A 106 18.77 17.35 8.52
N GLU A 107 18.22 17.56 7.33
CA GLU A 107 17.18 18.56 7.13
C GLU A 107 16.71 18.57 5.67
N GLY A 108 15.74 17.72 5.36
CA GLY A 108 15.22 17.63 4.01
C GLY A 108 13.92 16.86 3.93
N ALA A 109 12.98 17.35 3.14
CA ALA A 109 11.69 16.70 2.97
C ALA A 109 11.86 15.28 2.46
N ARG A 110 12.67 15.13 1.41
CA ARG A 110 12.91 13.83 0.80
C ARG A 110 13.43 12.84 1.85
N GLN A 111 14.30 13.33 2.73
CA GLN A 111 14.87 12.49 3.78
C GLN A 111 13.77 11.87 4.64
N LYS A 112 12.81 12.68 5.04
CA LYS A 112 11.70 12.22 5.87
C LYS A 112 10.91 11.13 5.16
N ILE A 113 10.69 11.31 3.86
CA ILE A 113 9.95 10.33 3.07
C ILE A 113 10.71 9.02 2.97
N GLU A 114 12.01 9.09 2.73
CA GLU A 114 12.84 7.91 2.61
C GLU A 114 12.81 7.10 3.90
N ALA A 115 12.81 7.80 5.04
CA ALA A 115 12.78 7.14 6.33
C ALA A 115 11.41 6.54 6.61
N ASN A 116 10.36 7.24 6.20
CA ASN A 116 9.00 6.78 6.39
C ASN A 116 8.74 5.49 5.63
N LEU A 117 8.93 5.54 4.31
CA LEU A 117 8.72 4.37 3.46
C LEU A 117 9.59 3.20 3.91
N ALA A 118 10.79 3.52 4.40
CA ALA A 118 11.71 2.50 4.87
C ALA A 118 11.09 1.67 5.99
N LEU A 119 10.60 2.34 7.02
CA LEU A 119 9.97 1.67 8.15
C LEU A 119 8.77 0.83 7.70
N ARG A 120 8.00 1.37 6.76
CA ARG A 120 6.83 0.69 6.24
C ARG A 120 7.22 -0.64 5.60
N ARG A 121 8.19 -0.59 4.69
CA ARG A 121 8.67 -1.79 4.00
C ARG A 121 9.22 -2.80 4.99
N ALA A 122 9.76 -2.31 6.10
CA ALA A 122 10.31 -3.17 7.12
C ALA A 122 9.22 -3.86 7.93
N ARG A 123 8.23 -3.08 8.37
CA ARG A 123 7.12 -3.62 9.15
C ARG A 123 6.48 -4.80 8.43
N THR A 124 6.32 -4.68 7.12
CA THR A 124 5.72 -5.74 6.32
C THR A 124 6.70 -6.88 6.08
N ARG A 125 7.98 -6.54 5.97
CA ARG A 125 9.01 -7.54 5.74
C ARG A 125 9.10 -8.51 6.93
N VAL A 126 9.03 -7.96 8.13
CA VAL A 126 9.10 -8.76 9.34
C VAL A 126 7.85 -9.63 9.51
N GLU A 127 6.68 -9.01 9.41
CA GLU A 127 5.43 -9.72 9.55
C GLU A 127 5.31 -10.81 8.48
N ALA A 128 5.74 -10.50 7.27
CA ALA A 128 5.68 -11.45 6.17
C ALA A 128 6.64 -12.62 6.40
N SER A 129 7.87 -12.30 6.76
CA SER A 129 8.89 -13.32 7.01
C SER A 129 8.53 -14.16 8.23
N ASN A 130 7.83 -13.53 9.19
CA ASN A 130 7.43 -14.23 10.41
C ASN A 130 5.91 -14.24 10.54
N THR A 131 5.23 -14.57 9.45
CA THR A 131 3.76 -14.62 9.46
C THR A 131 3.25 -15.57 10.53
N ILE A 132 3.97 -16.66 10.76
CA ILE A 132 3.58 -17.64 11.76
C ILE A 132 4.59 -18.79 11.83
N SER A 133 5.35 -18.83 12.92
CA SER A 133 6.35 -19.87 13.10
C SER A 133 5.69 -21.25 13.18
N SER A 134 6.10 -22.14 12.28
CA SER A 134 5.55 -23.49 12.24
C SER A 134 4.04 -23.46 12.04
N MET A 1 -17.67 -14.63 -12.42
CA MET A 1 -16.44 -13.88 -12.59
C MET A 1 -16.33 -12.78 -11.54
N VAL A 2 -15.10 -12.44 -11.17
CA VAL A 2 -14.86 -11.41 -10.17
C VAL A 2 -13.54 -10.69 -10.44
N MET A 3 -13.20 -9.75 -9.56
CA MET A 3 -11.97 -8.99 -9.70
C MET A 3 -10.86 -9.59 -8.82
N THR A 4 -9.61 -9.31 -9.19
CA THR A 4 -8.46 -9.82 -8.45
C THR A 4 -7.39 -8.76 -8.31
N VAL A 5 -7.33 -8.13 -7.13
CA VAL A 5 -6.33 -7.09 -6.88
C VAL A 5 -5.21 -7.62 -6.00
N ARG A 6 -3.98 -7.21 -6.31
CA ARG A 6 -2.82 -7.65 -5.55
C ARG A 6 -1.89 -6.48 -5.27
N VAL A 7 -1.31 -6.46 -4.07
CA VAL A 7 -0.40 -5.39 -3.67
C VAL A 7 1.05 -5.83 -3.83
N ILE A 8 1.90 -4.90 -4.27
CA ILE A 8 3.32 -5.19 -4.46
C ILE A 8 4.17 -3.97 -4.11
N ALA A 9 5.37 -4.23 -3.60
CA ALA A 9 6.29 -3.16 -3.23
C ALA A 9 7.61 -3.29 -3.99
N PRO A 10 8.38 -2.19 -4.04
CA PRO A 10 9.66 -2.14 -4.73
C PRO A 10 10.73 -2.97 -4.01
N ASP A 11 10.39 -3.45 -2.82
CA ASP A 11 11.32 -4.25 -2.04
C ASP A 11 10.93 -5.72 -2.05
N LYS A 12 9.66 -5.98 -2.37
CA LYS A 12 9.15 -7.35 -2.43
C LYS A 12 7.66 -7.36 -2.75
N THR A 13 7.04 -8.53 -2.62
CA THR A 13 5.61 -8.66 -2.90
C THR A 13 4.80 -8.68 -1.60
N VAL A 14 3.52 -8.36 -1.72
CA VAL A 14 2.63 -8.34 -0.56
C VAL A 14 1.67 -9.52 -0.58
N TRP A 15 0.72 -9.49 -1.51
CA TRP A 15 -0.27 -10.55 -1.64
C TRP A 15 -1.25 -10.26 -2.77
N ASP A 16 -2.09 -11.23 -3.07
CA ASP A 16 -3.09 -11.07 -4.13
C ASP A 16 -4.43 -11.63 -3.70
N ALA A 17 -5.33 -10.75 -3.26
CA ALA A 17 -6.66 -11.17 -2.82
C ALA A 17 -7.72 -10.75 -3.82
N PRO A 18 -8.87 -11.45 -3.79
CA PRO A 18 -9.99 -11.17 -4.69
C PRO A 18 -10.68 -9.85 -4.38
N ALA A 19 -11.63 -9.47 -5.21
CA ALA A 19 -12.36 -8.22 -5.03
C ALA A 19 -13.43 -8.05 -6.09
N GLU A 20 -14.19 -6.95 -6.00
CA GLU A 20 -15.25 -6.67 -6.95
C GLU A 20 -15.21 -5.21 -7.40
N GLU A 21 -14.96 -4.32 -6.44
CA GLU A 21 -14.90 -2.89 -6.74
C GLU A 21 -14.04 -2.17 -5.71
N VAL A 22 -13.12 -1.33 -6.20
CA VAL A 22 -12.23 -0.57 -5.33
C VAL A 22 -12.25 0.91 -5.68
N ILE A 23 -12.34 1.75 -4.66
CA ILE A 23 -12.36 3.20 -4.85
C ILE A 23 -11.26 3.88 -4.07
N LEU A 24 -10.49 4.73 -4.74
CA LEU A 24 -9.39 5.45 -4.10
C LEU A 24 -9.11 6.76 -4.83
N PRO A 25 -8.45 7.69 -4.12
CA PRO A 25 -8.10 9.01 -4.67
C PRO A 25 -7.03 8.92 -5.76
N SER A 26 -7.33 9.48 -6.92
CA SER A 26 -6.39 9.45 -8.04
C SER A 26 -6.11 10.87 -8.55
N THR A 27 -5.44 10.96 -9.68
CA THR A 27 -5.10 12.25 -10.28
C THR A 27 -6.34 13.15 -10.36
N THR A 28 -7.36 12.68 -11.07
CA THR A 28 -8.59 13.44 -11.23
C THR A 28 -9.31 13.62 -9.90
N GLY A 29 -8.89 12.83 -8.90
CA GLY A 29 -9.50 12.92 -7.59
C GLY A 29 -10.25 11.65 -7.22
N GLN A 30 -11.04 11.14 -8.15
CA GLN A 30 -11.82 9.93 -7.91
C GLN A 30 -11.46 8.84 -8.93
N LEU A 31 -11.29 7.62 -8.43
CA LEU A 31 -10.94 6.49 -9.29
C LEU A 31 -11.66 5.22 -8.85
N GLY A 32 -12.03 4.39 -9.81
CA GLY A 32 -12.72 3.16 -9.50
C GLY A 32 -12.35 2.03 -10.43
N ILE A 33 -11.73 0.98 -9.89
CA ILE A 33 -11.32 -0.17 -10.69
C ILE A 33 -12.20 -1.37 -10.42
N LEU A 34 -12.67 -2.01 -11.48
CA LEU A 34 -13.53 -3.18 -11.36
C LEU A 34 -12.96 -4.36 -12.13
N SER A 35 -13.60 -5.52 -11.99
CA SER A 35 -13.14 -6.73 -12.67
C SER A 35 -13.35 -6.61 -14.18
N ASN A 36 -14.52 -6.12 -14.58
CA ASN A 36 -14.84 -5.96 -15.99
C ASN A 36 -13.99 -4.86 -16.62
N HIS A 37 -13.40 -4.03 -15.77
CA HIS A 37 -12.55 -2.93 -16.24
C HIS A 37 -11.52 -3.44 -17.25
N ALA A 38 -11.47 -2.78 -18.40
CA ALA A 38 -10.52 -3.16 -19.45
C ALA A 38 -9.08 -3.01 -18.98
N PRO A 39 -8.15 -3.63 -19.71
CA PRO A 39 -6.72 -3.57 -19.38
C PRO A 39 -6.13 -2.19 -19.61
N LEU A 40 -5.93 -1.46 -18.52
CA LEU A 40 -5.36 -0.11 -18.61
C LEU A 40 -4.49 0.19 -17.38
N LEU A 41 -3.51 1.05 -17.57
CA LEU A 41 -2.60 1.43 -16.48
C LEU A 41 -2.87 2.85 -16.02
N THR A 42 -2.65 3.11 -14.73
CA THR A 42 -2.87 4.44 -14.17
C THR A 42 -1.89 4.71 -13.04
N ALA A 43 -1.91 5.95 -12.54
CA ALA A 43 -1.02 6.35 -11.45
C ALA A 43 -1.82 6.83 -10.24
N LEU A 44 -1.26 6.62 -9.05
CA LEU A 44 -1.92 7.02 -7.81
C LEU A 44 -0.91 7.59 -6.82
N GLU A 45 -1.38 8.45 -5.93
CA GLU A 45 -0.52 9.05 -4.92
C GLU A 45 -0.81 8.48 -3.53
N THR A 46 -0.07 8.96 -2.54
CA THR A 46 -0.25 8.49 -1.17
C THR A 46 -1.71 8.57 -0.74
N GLY A 47 -2.15 7.58 0.03
CA GLY A 47 -3.53 7.57 0.49
C GLY A 47 -4.00 6.17 0.84
N VAL A 48 -5.27 6.06 1.25
CA VAL A 48 -5.85 4.77 1.61
C VAL A 48 -6.75 4.25 0.51
N MET A 49 -6.67 2.94 0.25
CA MET A 49 -7.49 2.32 -0.77
C MET A 49 -8.60 1.48 -0.15
N ARG A 50 -9.84 1.74 -0.57
CA ARG A 50 -10.99 1.01 -0.05
C ARG A 50 -11.38 -0.14 -0.98
N VAL A 51 -11.20 -1.36 -0.50
CA VAL A 51 -11.52 -2.55 -1.30
C VAL A 51 -12.86 -3.14 -0.86
N ARG A 52 -13.64 -3.58 -1.83
CA ARG A 52 -14.94 -4.18 -1.56
C ARG A 52 -15.14 -5.46 -2.35
N GLN A 53 -14.86 -6.59 -1.74
CA GLN A 53 -15.01 -7.89 -2.39
C GLN A 53 -16.44 -8.42 -2.25
N ASP A 54 -16.94 -8.39 -1.02
CA ASP A 54 -18.29 -8.87 -0.75
C ASP A 54 -18.66 -8.66 0.71
N ARG A 55 -19.23 -7.50 1.01
CA ARG A 55 -19.63 -7.17 2.38
C ARG A 55 -18.41 -6.83 3.23
N GLU A 56 -17.50 -7.79 3.36
CA GLU A 56 -16.29 -7.59 4.15
C GLU A 56 -15.32 -6.66 3.44
N TRP A 57 -15.40 -5.37 3.77
CA TRP A 57 -14.52 -4.38 3.16
C TRP A 57 -13.10 -4.51 3.69
N VAL A 58 -12.14 -4.07 2.87
CA VAL A 58 -10.73 -4.13 3.26
C VAL A 58 -9.99 -2.86 2.86
N ALA A 59 -9.48 -2.14 3.86
CA ALA A 59 -8.75 -0.90 3.61
C ALA A 59 -7.25 -1.10 3.82
N ILE A 60 -6.46 -0.61 2.88
CA ILE A 60 -5.01 -0.73 2.97
C ILE A 60 -4.33 0.61 2.74
N ALA A 61 -3.74 1.16 3.80
CA ALA A 61 -3.06 2.45 3.73
C ALA A 61 -1.69 2.30 3.07
N LEU A 62 -1.58 2.77 1.83
CA LEU A 62 -0.33 2.69 1.08
C LEU A 62 0.13 4.08 0.64
N MET A 63 1.41 4.18 0.26
CA MET A 63 1.96 5.45 -0.18
C MET A 63 1.93 5.55 -1.71
N GLY A 64 2.62 6.56 -2.25
CA GLY A 64 2.66 6.75 -3.69
C GLY A 64 3.06 5.49 -4.42
N GLY A 65 2.30 5.14 -5.47
CA GLY A 65 2.60 3.96 -6.24
C GLY A 65 1.87 3.94 -7.58
N PHE A 66 2.02 2.84 -8.30
CA PHE A 66 1.37 2.71 -9.61
C PHE A 66 0.35 1.57 -9.59
N ALA A 67 -0.78 1.80 -10.26
CA ALA A 67 -1.84 0.80 -10.33
C ALA A 67 -2.22 0.49 -11.78
N GLU A 68 -2.41 -0.79 -12.07
CA GLU A 68 -2.77 -1.21 -13.42
C GLU A 68 -3.68 -2.43 -13.38
N VAL A 69 -4.89 -2.29 -13.92
CA VAL A 69 -5.86 -3.39 -13.94
C VAL A 69 -5.98 -3.96 -15.35
N GLU A 70 -6.27 -5.26 -15.42
CA GLU A 70 -6.42 -5.94 -16.71
C GLU A 70 -6.93 -7.36 -16.51
N ASN A 71 -8.05 -7.69 -17.15
CA ASN A 71 -8.63 -9.02 -17.06
C ASN A 71 -8.76 -9.44 -15.59
N ASN A 72 -9.36 -8.59 -14.78
CA ASN A 72 -9.55 -8.88 -13.36
C ASN A 72 -8.21 -9.09 -12.67
N GLU A 73 -7.20 -8.32 -13.09
CA GLU A 73 -5.88 -8.43 -12.50
C GLU A 73 -5.29 -7.04 -12.24
N VAL A 74 -5.28 -6.63 -10.97
CA VAL A 74 -4.75 -5.34 -10.59
C VAL A 74 -3.34 -5.46 -10.03
N THR A 75 -2.45 -4.57 -10.47
CA THR A 75 -1.07 -4.57 -10.02
C THR A 75 -0.70 -3.27 -9.35
N ILE A 76 -0.50 -3.32 -8.03
CA ILE A 76 -0.14 -2.14 -7.27
C ILE A 76 1.34 -2.13 -6.91
N LEU A 77 2.01 -1.02 -7.16
CA LEU A 77 3.44 -0.89 -6.87
C LEU A 77 3.70 0.33 -5.99
N VAL A 78 3.39 0.21 -4.71
CA VAL A 78 3.60 1.29 -3.76
C VAL A 78 4.94 1.14 -3.04
N ASN A 79 5.60 2.27 -2.77
CA ASN A 79 6.88 2.26 -2.08
C ASN A 79 6.72 1.78 -0.65
N GLY A 80 5.53 1.95 -0.09
CA GLY A 80 5.27 1.52 1.27
C GLY A 80 3.82 1.14 1.50
N ALA A 81 3.59 0.23 2.43
CA ALA A 81 2.24 -0.21 2.74
C ALA A 81 2.02 -0.32 4.24
N GLU A 82 0.76 -0.36 4.66
CA GLU A 82 0.42 -0.46 6.08
C GLU A 82 -1.04 -0.85 6.26
N ARG A 83 -1.28 -1.93 6.99
CA ARG A 83 -2.63 -2.41 7.24
C ARG A 83 -3.16 -1.86 8.57
N GLY A 84 -4.40 -1.41 8.55
CA GLY A 84 -5.01 -0.87 9.75
C GLY A 84 -5.05 -1.89 10.88
N ASP A 85 -4.96 -3.16 10.53
CA ASP A 85 -5.00 -4.23 11.52
C ASP A 85 -3.62 -4.46 12.12
N THR A 86 -2.59 -4.13 11.35
CA THR A 86 -1.21 -4.29 11.81
C THR A 86 -0.66 -3.01 12.41
N ILE A 87 -1.55 -2.24 13.03
CA ILE A 87 -1.15 -0.98 13.66
C ILE A 87 -1.01 -1.13 15.16
N ASP A 88 0.00 -0.48 15.73
CA ASP A 88 0.24 -0.54 17.17
C ASP A 88 0.42 0.86 17.75
N PRO A 89 0.24 0.97 19.08
CA PRO A 89 0.36 2.26 19.78
C PRO A 89 1.81 2.75 19.83
N GLN A 90 2.75 1.81 19.90
CA GLN A 90 4.16 2.15 19.95
C GLN A 90 4.67 2.56 18.57
N GLU A 91 4.02 2.06 17.53
CA GLU A 91 4.41 2.39 16.16
C GLU A 91 4.44 3.90 15.95
N ALA A 92 3.48 4.60 16.53
CA ALA A 92 3.40 6.04 16.40
C ALA A 92 4.67 6.71 16.91
N GLN A 93 5.07 6.38 18.13
CA GLN A 93 6.27 6.95 18.72
C GLN A 93 7.52 6.53 17.94
N GLN A 94 7.50 5.30 17.43
CA GLN A 94 8.63 4.78 16.67
C GLN A 94 8.83 5.59 15.38
N THR A 95 7.75 5.87 14.68
CA THR A 95 7.81 6.63 13.44
C THR A 95 8.41 8.01 13.67
N LEU A 96 7.93 8.70 14.70
CA LEU A 96 8.43 10.03 15.04
C LEU A 96 9.87 9.97 15.51
N GLU A 97 10.22 8.87 16.18
CA GLU A 97 11.58 8.68 16.69
C GLU A 97 12.57 8.55 15.55
N ILE A 98 12.28 7.64 14.62
CA ILE A 98 13.16 7.41 13.48
C ILE A 98 13.24 8.66 12.59
N ALA A 99 12.11 9.34 12.44
CA ALA A 99 12.06 10.54 11.62
C ALA A 99 12.90 11.65 12.23
N GLU A 100 12.66 11.96 13.50
CA GLU A 100 13.40 13.00 14.19
C GLU A 100 14.89 12.65 14.28
N ALA A 101 15.17 11.43 14.71
CA ALA A 101 16.55 10.96 14.85
C ALA A 101 17.28 11.06 13.51
N ASN A 102 16.60 10.72 12.43
CA ASN A 102 17.19 10.76 11.11
C ASN A 102 17.45 12.20 10.67
N LEU A 103 16.44 13.04 10.80
CA LEU A 103 16.55 14.45 10.43
C LEU A 103 17.64 15.14 11.25
N ARG A 104 17.89 14.62 12.45
CA ARG A 104 18.90 15.19 13.33
C ARG A 104 20.23 15.33 12.61
N LYS A 105 20.84 14.20 12.27
CA LYS A 105 22.12 14.19 11.58
C LYS A 105 21.93 14.43 10.08
N ALA A 106 20.88 13.84 9.52
CA ALA A 106 20.58 13.98 8.10
C ALA A 106 19.78 15.27 7.84
N GLU A 107 20.36 16.17 7.05
CA GLU A 107 19.71 17.42 6.73
C GLU A 107 19.29 17.46 5.26
N GLY A 108 18.14 16.86 4.96
CA GLY A 108 17.65 16.83 3.59
C GLY A 108 16.21 16.38 3.50
N ALA A 109 15.45 17.00 2.60
CA ALA A 109 14.05 16.66 2.41
C ALA A 109 13.89 15.21 1.97
N ARG A 110 14.62 14.85 0.90
CA ARG A 110 14.55 13.49 0.36
C ARG A 110 14.92 12.47 1.45
N GLN A 111 15.85 12.84 2.31
CA GLN A 111 16.29 11.95 3.38
C GLN A 111 15.13 11.58 4.30
N LYS A 112 14.36 12.59 4.70
CA LYS A 112 13.22 12.37 5.58
C LYS A 112 12.19 11.44 4.92
N ILE A 113 11.98 11.63 3.62
CA ILE A 113 11.03 10.81 2.88
C ILE A 113 11.51 9.36 2.79
N GLU A 114 12.74 9.19 2.30
CA GLU A 114 13.32 7.86 2.16
C GLU A 114 13.22 7.08 3.47
N ALA A 115 13.28 7.81 4.58
CA ALA A 115 13.21 7.18 5.91
C ALA A 115 11.80 6.68 6.19
N ASN A 116 10.82 7.57 6.09
CA ASN A 116 9.43 7.21 6.34
C ASN A 116 9.00 6.06 5.44
N LEU A 117 9.22 6.22 4.15
CA LEU A 117 8.85 5.18 3.18
C LEU A 117 9.52 3.86 3.52
N ALA A 118 10.75 3.94 4.01
CA ALA A 118 11.50 2.74 4.37
C ALA A 118 10.89 2.06 5.59
N LEU A 119 10.27 2.84 6.46
CA LEU A 119 9.64 2.31 7.67
C LEU A 119 8.40 1.49 7.31
N ARG A 120 7.49 2.11 6.58
CA ARG A 120 6.26 1.44 6.16
C ARG A 120 6.56 0.12 5.45
N ARG A 121 7.52 0.16 4.54
CA ARG A 121 7.91 -1.03 3.78
C ARG A 121 8.60 -2.04 4.69
N ALA A 122 9.34 -1.54 5.68
CA ALA A 122 10.05 -2.40 6.61
C ALA A 122 9.08 -3.17 7.50
N ARG A 123 8.05 -2.47 8.00
CA ARG A 123 7.06 -3.09 8.86
C ARG A 123 6.34 -4.22 8.13
N THR A 124 5.82 -3.91 6.94
CA THR A 124 5.10 -4.90 6.14
C THR A 124 6.00 -6.07 5.78
N ARG A 125 7.29 -5.80 5.67
CA ARG A 125 8.26 -6.85 5.33
C ARG A 125 8.42 -7.85 6.48
N VAL A 126 8.51 -7.32 7.70
CA VAL A 126 8.68 -8.15 8.88
C VAL A 126 7.50 -9.11 9.03
N GLU A 127 6.29 -8.56 9.04
CA GLU A 127 5.08 -9.37 9.19
C GLU A 127 4.96 -10.36 8.03
N ALA A 128 5.27 -9.90 6.83
CA ALA A 128 5.19 -10.75 5.65
C ALA A 128 6.12 -11.95 5.77
N SER A 129 7.35 -11.70 6.22
CA SER A 129 8.33 -12.77 6.38
C SER A 129 7.93 -13.72 7.49
N ASN A 130 7.72 -13.17 8.68
CA ASN A 130 7.33 -13.98 9.83
C ASN A 130 5.81 -13.99 10.00
N THR A 131 5.10 -14.20 8.90
CA THR A 131 3.64 -14.24 8.92
C THR A 131 3.13 -15.28 9.91
N ILE A 132 3.84 -16.40 10.01
CA ILE A 132 3.46 -17.47 10.93
C ILE A 132 4.46 -18.62 10.86
N SER A 133 5.24 -18.79 11.92
CA SER A 133 6.23 -19.86 11.99
C SER A 133 5.64 -21.12 12.60
N SER A 134 6.16 -22.26 12.20
CA SER A 134 5.68 -23.54 12.69
C SER A 134 6.34 -23.89 14.02
N MET A 1 -15.83 -9.16 -4.28
CA MET A 1 -16.34 -10.50 -4.53
C MET A 1 -16.05 -10.94 -5.97
N VAL A 2 -15.94 -9.96 -6.87
CA VAL A 2 -15.66 -10.25 -8.27
C VAL A 2 -14.30 -9.68 -8.68
N MET A 3 -13.82 -8.68 -7.94
CA MET A 3 -12.54 -8.06 -8.23
C MET A 3 -11.47 -8.58 -7.29
N THR A 4 -10.21 -8.42 -7.70
CA THR A 4 -9.08 -8.88 -6.90
C THR A 4 -7.90 -7.92 -7.00
N VAL A 5 -7.74 -7.06 -5.99
CA VAL A 5 -6.66 -6.10 -5.98
C VAL A 5 -5.51 -6.58 -5.09
N ARG A 6 -4.42 -6.98 -5.71
CA ARG A 6 -3.25 -7.46 -4.98
C ARG A 6 -2.17 -6.39 -4.92
N VAL A 7 -1.43 -6.37 -3.81
CA VAL A 7 -0.37 -5.38 -3.62
C VAL A 7 1.01 -6.03 -3.77
N ILE A 8 1.93 -5.32 -4.41
CA ILE A 8 3.28 -5.83 -4.62
C ILE A 8 4.31 -4.71 -4.51
N ALA A 9 5.49 -5.05 -3.98
CA ALA A 9 6.55 -4.06 -3.82
C ALA A 9 7.73 -4.39 -4.74
N PRO A 10 8.59 -3.38 -4.98
CA PRO A 10 9.77 -3.55 -5.84
C PRO A 10 10.84 -4.43 -5.21
N ASP A 11 10.62 -4.79 -3.94
CA ASP A 11 11.57 -5.63 -3.22
C ASP A 11 11.02 -7.05 -3.05
N LYS A 12 9.70 -7.18 -3.18
CA LYS A 12 9.04 -8.47 -3.05
C LYS A 12 7.53 -8.34 -3.16
N THR A 13 6.81 -9.40 -2.84
CA THR A 13 5.36 -9.40 -2.91
C THR A 13 4.74 -9.17 -1.53
N VAL A 14 3.60 -8.49 -1.50
CA VAL A 14 2.91 -8.21 -0.25
C VAL A 14 1.82 -9.24 0.01
N TRP A 15 0.72 -9.12 -0.71
CA TRP A 15 -0.40 -10.05 -0.54
C TRP A 15 -1.53 -9.71 -1.52
N ASP A 16 -2.61 -10.50 -1.46
CA ASP A 16 -3.75 -10.28 -2.33
C ASP A 16 -4.94 -9.72 -1.55
N ALA A 17 -5.44 -8.57 -1.98
CA ALA A 17 -6.58 -7.93 -1.32
C ALA A 17 -7.83 -8.02 -2.17
N PRO A 18 -8.53 -9.16 -2.09
CA PRO A 18 -9.75 -9.39 -2.85
C PRO A 18 -10.92 -8.54 -2.36
N ALA A 19 -11.78 -8.14 -3.27
CA ALA A 19 -12.94 -7.32 -2.93
C ALA A 19 -13.79 -7.02 -4.16
N GLU A 20 -14.89 -6.30 -3.96
CA GLU A 20 -15.79 -5.95 -5.05
C GLU A 20 -15.26 -4.75 -5.83
N GLU A 21 -15.24 -3.60 -5.17
CA GLU A 21 -14.75 -2.37 -5.79
C GLU A 21 -13.79 -1.62 -4.87
N VAL A 22 -12.86 -0.89 -5.47
CA VAL A 22 -11.89 -0.12 -4.70
C VAL A 22 -11.98 1.37 -5.02
N ILE A 23 -11.70 2.21 -4.03
CA ILE A 23 -11.74 3.65 -4.20
C ILE A 23 -10.59 4.33 -3.46
N LEU A 24 -9.78 5.08 -4.19
CA LEU A 24 -8.65 5.78 -3.60
C LEU A 24 -8.28 7.01 -4.43
N PRO A 25 -7.57 7.96 -3.80
CA PRO A 25 -7.14 9.20 -4.45
C PRO A 25 -6.06 8.95 -5.51
N SER A 26 -6.22 9.57 -6.67
CA SER A 26 -5.26 9.41 -7.76
C SER A 26 -4.91 10.76 -8.37
N THR A 27 -4.23 10.72 -9.51
CA THR A 27 -3.83 11.94 -10.21
C THR A 27 -5.01 12.90 -10.34
N THR A 28 -6.06 12.45 -11.01
CA THR A 28 -7.25 13.26 -11.22
C THR A 28 -7.93 13.60 -9.89
N GLY A 29 -7.55 12.87 -8.84
CA GLY A 29 -8.12 13.12 -7.53
C GLY A 29 -8.97 11.96 -7.05
N GLN A 30 -9.84 11.45 -7.93
CA GLN A 30 -10.71 10.33 -7.59
C GLN A 30 -10.48 9.16 -8.53
N LEU A 31 -10.35 7.96 -7.95
CA LEU A 31 -10.12 6.76 -8.72
C LEU A 31 -11.01 5.62 -8.23
N GLY A 32 -11.47 4.79 -9.16
CA GLY A 32 -12.32 3.67 -8.80
C GLY A 32 -12.22 2.51 -9.78
N ILE A 33 -11.74 1.38 -9.30
CA ILE A 33 -11.59 0.20 -10.15
C ILE A 33 -12.57 -0.90 -9.74
N LEU A 34 -13.14 -1.57 -10.74
CA LEU A 34 -14.10 -2.64 -10.49
C LEU A 34 -13.67 -3.93 -11.19
N SER A 35 -14.47 -4.97 -11.03
CA SER A 35 -14.17 -6.26 -11.64
C SER A 35 -14.29 -6.18 -13.17
N ASN A 36 -15.36 -5.56 -13.63
CA ASN A 36 -15.60 -5.42 -15.06
C ASN A 36 -14.50 -4.56 -15.71
N HIS A 37 -13.76 -3.84 -14.89
CA HIS A 37 -12.68 -2.99 -15.38
C HIS A 37 -11.79 -3.76 -16.34
N ALA A 38 -11.74 -3.30 -17.59
CA ALA A 38 -10.92 -3.95 -18.61
C ALA A 38 -9.44 -3.86 -18.26
N PRO A 39 -8.63 -4.68 -18.94
CA PRO A 39 -7.19 -4.72 -18.72
C PRO A 39 -6.48 -3.46 -19.21
N LEU A 40 -6.11 -2.60 -18.26
CA LEU A 40 -5.43 -1.34 -18.59
C LEU A 40 -4.45 -0.95 -17.49
N LEU A 41 -3.40 -0.23 -17.87
CA LEU A 41 -2.39 0.21 -16.92
C LEU A 41 -2.60 1.68 -16.54
N THR A 42 -2.31 2.00 -15.29
CA THR A 42 -2.46 3.36 -14.79
C THR A 42 -1.42 3.70 -13.73
N ALA A 43 -1.39 4.95 -13.31
CA ALA A 43 -0.44 5.39 -12.30
C ALA A 43 -1.15 5.81 -11.02
N LEU A 44 -0.48 5.63 -9.88
CA LEU A 44 -1.05 5.98 -8.59
C LEU A 44 -0.03 6.72 -7.73
N GLU A 45 -0.52 7.60 -6.85
CA GLU A 45 0.36 8.36 -5.98
C GLU A 45 0.27 7.84 -4.54
N THR A 46 1.05 8.45 -3.65
CA THR A 46 1.07 8.05 -2.25
C THR A 46 -0.24 8.42 -1.56
N GLY A 47 -0.70 7.56 -0.66
CA GLY A 47 -1.94 7.81 0.06
C GLY A 47 -2.60 6.54 0.55
N VAL A 48 -3.72 6.69 1.23
CA VAL A 48 -4.45 5.55 1.75
C VAL A 48 -5.39 4.97 0.70
N MET A 49 -5.86 3.75 0.94
CA MET A 49 -6.77 3.08 0.01
C MET A 49 -7.93 2.43 0.76
N ARG A 50 -9.14 2.61 0.21
CA ARG A 50 -10.34 2.04 0.83
C ARG A 50 -10.84 0.85 0.03
N VAL A 51 -10.77 -0.34 0.62
CA VAL A 51 -11.23 -1.56 -0.03
C VAL A 51 -12.67 -1.87 0.33
N ARG A 52 -13.46 -2.24 -0.68
CA ARG A 52 -14.87 -2.57 -0.46
C ARG A 52 -15.16 -4.01 -0.88
N GLN A 53 -15.19 -4.90 0.09
CA GLN A 53 -15.46 -6.31 -0.17
C GLN A 53 -16.95 -6.55 -0.39
N ASP A 54 -17.75 -6.20 0.61
CA ASP A 54 -19.20 -6.38 0.53
C ASP A 54 -19.88 -5.78 1.75
N ARG A 55 -19.54 -6.31 2.93
CA ARG A 55 -20.13 -5.84 4.17
C ARG A 55 -19.10 -5.07 5.00
N GLU A 56 -17.83 -5.41 4.82
CA GLU A 56 -16.76 -4.75 5.56
C GLU A 56 -15.81 -4.04 4.59
N TRP A 57 -14.85 -3.32 5.15
CA TRP A 57 -13.87 -2.58 4.35
C TRP A 57 -12.48 -2.67 4.96
N VAL A 58 -11.46 -2.54 4.12
CA VAL A 58 -10.07 -2.61 4.58
C VAL A 58 -9.31 -1.33 4.21
N ALA A 59 -8.55 -0.81 5.16
CA ALA A 59 -7.77 0.40 4.94
C ALA A 59 -6.27 0.10 4.93
N ILE A 60 -5.60 0.51 3.86
CA ILE A 60 -4.16 0.28 3.73
C ILE A 60 -3.44 1.56 3.32
N ALA A 61 -2.23 1.74 3.84
CA ALA A 61 -1.43 2.92 3.52
C ALA A 61 -0.23 2.55 2.66
N LEU A 62 -0.21 3.07 1.43
CA LEU A 62 0.89 2.79 0.51
C LEU A 62 1.41 4.09 -0.11
N MET A 63 2.71 4.10 -0.40
CA MET A 63 3.34 5.28 -0.99
C MET A 63 3.17 5.28 -2.51
N GLY A 64 3.89 6.18 -3.18
CA GLY A 64 3.79 6.27 -4.63
C GLY A 64 4.10 4.95 -5.31
N GLY A 65 3.56 4.77 -6.51
CA GLY A 65 3.79 3.54 -7.25
C GLY A 65 2.93 3.45 -8.50
N PHE A 66 2.86 2.26 -9.09
CA PHE A 66 2.08 2.05 -10.29
C PHE A 66 0.91 1.10 -10.03
N ALA A 67 -0.06 1.08 -10.94
CA ALA A 67 -1.23 0.23 -10.80
C ALA A 67 -1.64 -0.34 -12.15
N GLU A 68 -1.84 -1.66 -12.20
CA GLU A 68 -2.24 -2.32 -13.43
C GLU A 68 -3.35 -3.34 -13.15
N VAL A 69 -4.54 -3.05 -13.66
CA VAL A 69 -5.69 -3.94 -13.48
C VAL A 69 -6.01 -4.69 -14.77
N GLU A 70 -6.46 -5.94 -14.62
CA GLU A 70 -6.80 -6.77 -15.77
C GLU A 70 -7.45 -8.08 -15.33
N ASN A 71 -8.66 -8.33 -15.81
CA ASN A 71 -9.39 -9.54 -15.46
C ASN A 71 -9.41 -9.74 -13.95
N ASN A 72 -9.89 -8.74 -13.23
CA ASN A 72 -9.97 -8.81 -11.77
C ASN A 72 -8.60 -9.08 -11.17
N GLU A 73 -7.57 -8.50 -11.78
CA GLU A 73 -6.21 -8.66 -11.31
C GLU A 73 -5.47 -7.32 -11.28
N VAL A 74 -5.42 -6.71 -10.11
CA VAL A 74 -4.75 -5.43 -9.94
C VAL A 74 -3.38 -5.59 -9.31
N THR A 75 -2.41 -4.83 -9.79
CA THR A 75 -1.05 -4.89 -9.27
C THR A 75 -0.54 -3.52 -8.87
N ILE A 76 -0.51 -3.27 -7.57
CA ILE A 76 -0.04 -1.99 -7.05
C ILE A 76 1.44 -2.03 -6.71
N LEU A 77 2.28 -1.61 -7.65
CA LEU A 77 3.72 -1.61 -7.45
C LEU A 77 4.15 -0.42 -6.58
N VAL A 78 3.90 -0.52 -5.28
CA VAL A 78 4.25 0.53 -4.34
C VAL A 78 5.67 0.35 -3.83
N ASN A 79 6.44 1.43 -3.81
CA ASN A 79 7.82 1.38 -3.33
C ASN A 79 7.89 1.64 -1.83
N GLY A 80 7.06 0.92 -1.08
CA GLY A 80 7.04 1.09 0.36
C GLY A 80 5.65 1.35 0.90
N ALA A 81 5.02 0.31 1.46
CA ALA A 81 3.69 0.43 2.02
C ALA A 81 3.58 -0.29 3.35
N GLU A 82 2.37 -0.27 3.92
CA GLU A 82 2.14 -0.92 5.21
C GLU A 82 0.65 -1.19 5.42
N ARG A 83 0.32 -2.40 5.85
CA ARG A 83 -1.06 -2.77 6.09
C ARG A 83 -1.44 -2.57 7.56
N GLY A 84 -2.60 -1.96 7.79
CA GLY A 84 -3.05 -1.72 9.15
C GLY A 84 -3.21 -2.99 9.95
N ASP A 85 -3.32 -4.12 9.25
CA ASP A 85 -3.47 -5.41 9.90
C ASP A 85 -2.12 -5.98 10.31
N THR A 86 -1.11 -5.76 9.48
CA THR A 86 0.24 -6.25 9.75
C THR A 86 0.90 -5.44 10.85
N ILE A 87 0.51 -4.17 10.97
CA ILE A 87 1.07 -3.29 11.99
C ILE A 87 -0.03 -2.63 12.81
N ASP A 88 0.13 -2.66 14.13
CA ASP A 88 -0.85 -2.06 15.03
C ASP A 88 -1.15 -0.63 14.63
N PRO A 89 -2.30 -0.11 15.10
CA PRO A 89 -2.73 1.26 14.82
C PRO A 89 -1.85 2.30 15.50
N GLN A 90 -1.16 1.88 16.55
CA GLN A 90 -0.29 2.77 17.31
C GLN A 90 1.02 3.02 16.55
N GLU A 91 1.40 2.06 15.71
CA GLU A 91 2.63 2.17 14.94
C GLU A 91 2.66 3.47 14.14
N ALA A 92 1.48 3.91 13.70
CA ALA A 92 1.36 5.13 12.92
C ALA A 92 2.01 6.30 13.65
N GLN A 93 1.61 6.52 14.90
CA GLN A 93 2.15 7.61 15.69
C GLN A 93 3.63 7.40 15.98
N GLN A 94 4.03 6.13 16.11
CA GLN A 94 5.42 5.80 16.38
C GLN A 94 6.31 6.16 15.20
N THR A 95 5.80 5.92 13.99
CA THR A 95 6.55 6.22 12.78
C THR A 95 6.71 7.73 12.59
N LEU A 96 5.69 8.48 12.96
CA LEU A 96 5.72 9.93 12.84
C LEU A 96 6.71 10.55 13.82
N GLU A 97 6.87 9.89 14.97
CA GLU A 97 7.80 10.38 15.98
C GLU A 97 9.25 10.11 15.58
N ILE A 98 9.53 8.87 15.21
CA ILE A 98 10.88 8.48 14.79
C ILE A 98 11.34 9.31 13.61
N ALA A 99 10.41 9.59 12.68
CA ALA A 99 10.72 10.37 11.50
C ALA A 99 11.13 11.79 11.87
N GLU A 100 10.31 12.43 12.70
CA GLU A 100 10.58 13.80 13.13
C GLU A 100 11.86 13.87 13.94
N ALA A 101 12.00 12.96 14.91
CA ALA A 101 13.17 12.91 15.76
C ALA A 101 14.43 12.66 14.95
N ASN A 102 14.32 11.78 13.95
CA ASN A 102 15.46 11.45 13.10
C ASN A 102 15.80 12.60 12.17
N LEU A 103 14.78 13.31 11.71
CA LEU A 103 14.97 14.44 10.81
C LEU A 103 15.68 15.59 11.53
N ARG A 104 15.52 15.65 12.85
CA ARG A 104 16.14 16.70 13.66
C ARG A 104 17.64 16.76 13.39
N LYS A 105 18.25 15.60 13.15
CA LYS A 105 19.67 15.53 12.88
C LYS A 105 19.94 15.16 11.43
N ALA A 106 19.04 14.36 10.85
CA ALA A 106 19.18 13.94 9.47
C ALA A 106 18.78 15.05 8.52
N GLU A 107 18.70 14.73 7.22
CA GLU A 107 18.34 15.71 6.20
C GLU A 107 16.90 16.18 6.40
N GLY A 108 16.40 16.95 5.43
CA GLY A 108 15.04 17.44 5.51
C GLY A 108 14.01 16.36 5.29
N ALA A 109 12.86 16.75 4.72
CA ALA A 109 11.79 15.79 4.46
C ALA A 109 12.29 14.62 3.62
N ARG A 110 13.33 14.87 2.83
CA ARG A 110 13.90 13.84 1.97
C ARG A 110 14.29 12.61 2.78
N GLN A 111 14.96 12.83 3.90
CA GLN A 111 15.40 11.75 4.77
C GLN A 111 14.20 11.04 5.40
N LYS A 112 13.17 11.80 5.72
CA LYS A 112 11.96 11.25 6.32
C LYS A 112 11.31 10.23 5.39
N ILE A 113 11.15 10.61 4.13
CA ILE A 113 10.54 9.73 3.15
C ILE A 113 11.34 8.44 2.98
N GLU A 114 12.65 8.60 2.77
CA GLU A 114 13.53 7.45 2.60
C GLU A 114 13.49 6.54 3.82
N ALA A 115 13.36 7.15 5.00
CA ALA A 115 13.30 6.40 6.24
C ALA A 115 11.97 5.68 6.40
N ASN A 116 10.90 6.33 5.94
CA ASN A 116 9.57 5.75 6.02
C ASN A 116 9.46 4.49 5.16
N LEU A 117 9.76 4.64 3.88
CA LEU A 117 9.71 3.52 2.95
C LEU A 117 10.67 2.41 3.36
N ALA A 118 11.81 2.81 3.93
CA ALA A 118 12.81 1.84 4.37
C ALA A 118 12.22 0.85 5.36
N LEU A 119 11.59 1.38 6.41
CA LEU A 119 10.98 0.54 7.43
C LEU A 119 9.82 -0.27 6.87
N ARG A 120 8.95 0.41 6.11
CA ARG A 120 7.80 -0.25 5.50
C ARG A 120 8.24 -1.44 4.65
N ARG A 121 9.34 -1.28 3.95
CA ARG A 121 9.87 -2.35 3.10
C ARG A 121 10.44 -3.49 3.94
N ALA A 122 11.08 -3.13 5.04
CA ALA A 122 11.66 -4.13 5.94
C ALA A 122 10.58 -4.97 6.61
N ARG A 123 9.53 -4.32 7.07
CA ARG A 123 8.42 -4.99 7.73
C ARG A 123 7.79 -6.03 6.81
N THR A 124 7.44 -5.60 5.59
CA THR A 124 6.83 -6.49 4.61
C THR A 124 7.81 -7.56 4.16
N ARG A 125 9.10 -7.26 4.24
CA ARG A 125 10.14 -8.20 3.85
C ARG A 125 10.08 -9.46 4.70
N VAL A 126 10.08 -9.29 6.01
CA VAL A 126 10.03 -10.41 6.95
C VAL A 126 8.66 -11.09 6.91
N GLU A 127 7.63 -10.31 6.61
CA GLU A 127 6.27 -10.82 6.55
C GLU A 127 6.12 -11.82 5.41
N ALA A 128 6.73 -11.50 4.27
CA ALA A 128 6.67 -12.37 3.10
C ALA A 128 7.74 -13.45 3.17
N SER A 129 8.92 -13.09 3.68
CA SER A 129 10.02 -14.04 3.80
C SER A 129 9.70 -15.14 4.80
N ASN A 130 9.09 -14.75 5.91
CA ASN A 130 8.72 -15.72 6.95
C ASN A 130 7.23 -15.67 7.23
N THR A 131 6.43 -15.67 6.15
CA THR A 131 4.98 -15.63 6.28
C THR A 131 4.47 -16.79 7.13
N ILE A 132 4.87 -18.00 6.76
CA ILE A 132 4.46 -19.20 7.50
C ILE A 132 5.47 -20.32 7.33
N SER A 133 6.23 -20.59 8.40
CA SER A 133 7.24 -21.63 8.37
C SER A 133 6.86 -22.78 9.30
N SER A 134 6.39 -23.88 8.73
CA SER A 134 5.98 -25.04 9.51
C SER A 134 6.70 -26.30 9.03
N MET A 1 -19.39 -10.46 -13.12
CA MET A 1 -18.72 -9.26 -12.63
C MET A 1 -17.85 -9.59 -11.41
N VAL A 2 -16.57 -9.88 -11.67
CA VAL A 2 -15.63 -10.21 -10.60
C VAL A 2 -14.23 -9.70 -10.92
N MET A 3 -13.72 -8.82 -10.06
CA MET A 3 -12.39 -8.26 -10.26
C MET A 3 -11.36 -9.02 -9.43
N THR A 4 -10.08 -8.79 -9.72
CA THR A 4 -9.00 -9.45 -9.01
C THR A 4 -7.82 -8.50 -8.78
N VAL A 5 -7.73 -7.96 -7.57
CA VAL A 5 -6.65 -7.04 -7.23
C VAL A 5 -5.54 -7.76 -6.47
N ARG A 6 -4.30 -7.47 -6.84
CA ARG A 6 -3.14 -8.08 -6.20
C ARG A 6 -2.10 -7.03 -5.83
N VAL A 7 -1.41 -7.25 -4.72
CA VAL A 7 -0.39 -6.32 -4.25
C VAL A 7 1.01 -6.89 -4.47
N ILE A 8 1.92 -6.06 -4.96
CA ILE A 8 3.29 -6.48 -5.20
C ILE A 8 4.29 -5.39 -4.81
N ALA A 9 5.44 -5.80 -4.33
CA ALA A 9 6.47 -4.86 -3.91
C ALA A 9 7.77 -5.11 -4.67
N PRO A 10 8.66 -4.09 -4.68
CA PRO A 10 9.94 -4.17 -5.37
C PRO A 10 10.91 -5.14 -4.69
N ASP A 11 10.52 -5.62 -3.51
CA ASP A 11 11.36 -6.55 -2.76
C ASP A 11 10.79 -7.97 -2.85
N LYS A 12 9.51 -8.08 -3.18
CA LYS A 12 8.85 -9.38 -3.29
C LYS A 12 7.37 -9.21 -3.62
N THR A 13 6.63 -10.31 -3.53
CA THR A 13 5.20 -10.28 -3.81
C THR A 13 4.39 -10.38 -2.52
N VAL A 14 3.19 -9.80 -2.54
CA VAL A 14 2.32 -9.83 -1.38
C VAL A 14 1.24 -10.91 -1.51
N TRP A 15 0.30 -10.68 -2.41
CA TRP A 15 -0.78 -11.63 -2.65
C TRP A 15 -1.71 -11.14 -3.75
N ASP A 16 -2.70 -11.96 -4.09
CA ASP A 16 -3.66 -11.61 -5.13
C ASP A 16 -5.06 -12.11 -4.77
N ALA A 17 -5.86 -11.23 -4.20
CA ALA A 17 -7.23 -11.59 -3.80
C ALA A 17 -8.25 -10.94 -4.73
N PRO A 18 -9.46 -11.50 -4.76
CA PRO A 18 -10.55 -10.98 -5.59
C PRO A 18 -11.07 -9.64 -5.10
N ALA A 19 -11.99 -9.05 -5.87
CA ALA A 19 -12.57 -7.76 -5.51
C ALA A 19 -13.81 -7.46 -6.35
N GLU A 20 -14.84 -6.91 -5.72
CA GLU A 20 -16.07 -6.57 -6.42
C GLU A 20 -16.10 -5.09 -6.78
N GLU A 21 -15.33 -4.29 -6.07
CA GLU A 21 -15.27 -2.86 -6.32
C GLU A 21 -14.12 -2.21 -5.55
N VAL A 22 -13.33 -1.40 -6.24
CA VAL A 22 -12.20 -0.72 -5.61
C VAL A 22 -12.40 0.79 -5.62
N ILE A 23 -12.12 1.42 -4.48
CA ILE A 23 -12.26 2.87 -4.35
C ILE A 23 -11.16 3.46 -3.47
N LEU A 24 -10.39 4.38 -4.02
CA LEU A 24 -9.31 5.02 -3.28
C LEU A 24 -8.90 6.33 -3.94
N PRO A 25 -8.26 7.21 -3.16
CA PRO A 25 -7.79 8.51 -3.65
C PRO A 25 -6.64 8.38 -4.63
N SER A 26 -6.67 9.20 -5.69
CA SER A 26 -5.63 9.17 -6.70
C SER A 26 -5.23 10.59 -7.11
N THR A 27 -4.48 10.69 -8.20
CA THR A 27 -4.03 11.99 -8.69
C THR A 27 -5.19 12.98 -8.78
N THR A 28 -6.21 12.62 -9.57
CA THR A 28 -7.38 13.46 -9.74
C THR A 28 -8.12 13.66 -8.42
N GLY A 29 -7.81 12.80 -7.44
CA GLY A 29 -8.46 12.89 -6.14
C GLY A 29 -9.32 11.68 -5.85
N GLN A 30 -10.14 11.28 -6.82
CA GLN A 30 -11.02 10.13 -6.65
C GLN A 30 -10.73 9.06 -7.70
N LEU A 31 -10.67 7.81 -7.26
CA LEU A 31 -10.40 6.69 -8.17
C LEU A 31 -11.38 5.55 -7.92
N GLY A 32 -11.73 4.84 -8.99
CA GLY A 32 -12.65 3.72 -8.86
C GLY A 32 -12.46 2.69 -9.96
N ILE A 33 -12.11 1.48 -9.57
CA ILE A 33 -11.89 0.40 -10.52
C ILE A 33 -12.85 -0.76 -10.27
N LEU A 34 -13.21 -1.47 -11.34
CA LEU A 34 -14.12 -2.60 -11.24
C LEU A 34 -13.75 -3.70 -12.24
N SER A 35 -14.51 -4.79 -12.22
CA SER A 35 -14.25 -5.90 -13.12
C SER A 35 -14.55 -5.51 -14.57
N ASN A 36 -15.68 -4.85 -14.78
CA ASN A 36 -16.07 -4.42 -16.11
C ASN A 36 -15.07 -3.42 -16.68
N HIS A 37 -14.25 -2.85 -15.80
CA HIS A 37 -13.24 -1.88 -16.22
C HIS A 37 -12.43 -2.41 -17.40
N ALA A 38 -11.79 -1.50 -18.13
CA ALA A 38 -10.98 -1.88 -19.28
C ALA A 38 -9.50 -1.92 -18.91
N PRO A 39 -8.69 -2.56 -19.77
CA PRO A 39 -7.25 -2.69 -19.56
C PRO A 39 -6.53 -1.35 -19.72
N LEU A 40 -6.17 -0.75 -18.60
CA LEU A 40 -5.46 0.53 -18.61
C LEU A 40 -4.53 0.65 -17.41
N LEU A 41 -3.45 1.41 -17.58
CA LEU A 41 -2.48 1.61 -16.50
C LEU A 41 -2.59 3.01 -15.93
N THR A 42 -2.38 3.13 -14.62
CA THR A 42 -2.46 4.42 -13.94
C THR A 42 -1.48 4.48 -12.77
N ALA A 43 -1.37 5.65 -12.16
CA ALA A 43 -0.47 5.84 -11.03
C ALA A 43 -1.25 6.16 -9.76
N LEU A 44 -0.74 5.70 -8.62
CA LEU A 44 -1.39 5.92 -7.34
C LEU A 44 -0.40 6.48 -6.32
N GLU A 45 -0.88 7.35 -5.44
CA GLU A 45 -0.03 7.94 -4.41
C GLU A 45 -0.20 7.22 -3.08
N THR A 46 0.54 7.67 -2.07
CA THR A 46 0.48 7.06 -0.75
C THR A 46 -0.92 7.19 -0.15
N GLY A 47 -1.38 6.13 0.52
CA GLY A 47 -2.70 6.14 1.13
C GLY A 47 -3.28 4.75 1.27
N VAL A 48 -4.46 4.66 1.87
CA VAL A 48 -5.13 3.38 2.08
C VAL A 48 -6.21 3.16 1.04
N MET A 49 -6.30 1.93 0.54
CA MET A 49 -7.30 1.57 -0.46
C MET A 49 -8.41 0.73 0.15
N ARG A 50 -9.65 1.01 -0.23
CA ARG A 50 -10.81 0.29 0.29
C ARG A 50 -11.27 -0.76 -0.73
N VAL A 51 -11.21 -2.03 -0.33
CA VAL A 51 -11.64 -3.12 -1.19
C VAL A 51 -12.95 -3.72 -0.73
N ARG A 52 -13.86 -3.95 -1.67
CA ARG A 52 -15.17 -4.52 -1.35
C ARG A 52 -15.46 -5.74 -2.22
N GLN A 53 -15.49 -6.91 -1.59
CA GLN A 53 -15.75 -8.15 -2.30
C GLN A 53 -17.25 -8.41 -2.40
N ASP A 54 -18.01 -7.92 -1.43
CA ASP A 54 -19.45 -8.10 -1.42
C ASP A 54 -20.07 -7.43 -0.20
N ARG A 55 -19.90 -8.05 0.96
CA ARG A 55 -20.45 -7.51 2.20
C ARG A 55 -19.33 -7.12 3.17
N GLU A 56 -18.17 -7.76 3.01
CA GLU A 56 -17.03 -7.48 3.87
C GLU A 56 -16.19 -6.35 3.31
N TRP A 57 -15.77 -5.44 4.17
CA TRP A 57 -14.95 -4.30 3.76
C TRP A 57 -13.56 -4.37 4.39
N VAL A 58 -12.54 -4.38 3.55
CA VAL A 58 -11.16 -4.45 4.03
C VAL A 58 -10.35 -3.25 3.54
N ALA A 59 -9.36 -2.84 4.32
CA ALA A 59 -8.52 -1.71 3.96
C ALA A 59 -7.04 -2.06 4.10
N ILE A 60 -6.28 -1.79 3.04
CA ILE A 60 -4.85 -2.08 3.05
C ILE A 60 -4.03 -0.81 2.85
N ALA A 61 -2.96 -0.68 3.63
CA ALA A 61 -2.09 0.49 3.54
C ALA A 61 -1.05 0.32 2.44
N LEU A 62 -1.26 1.01 1.33
CA LEU A 62 -0.34 0.93 0.19
C LEU A 62 0.28 2.30 -0.10
N MET A 63 1.61 2.35 -0.05
CA MET A 63 2.33 3.60 -0.31
C MET A 63 2.42 3.87 -1.80
N GLY A 64 3.24 4.85 -2.17
CA GLY A 64 3.40 5.19 -3.57
C GLY A 64 3.73 3.99 -4.43
N GLY A 65 3.04 3.86 -5.56
CA GLY A 65 3.28 2.75 -6.45
C GLY A 65 2.53 2.88 -7.76
N PHE A 66 2.59 1.83 -8.59
CA PHE A 66 1.92 1.84 -9.87
C PHE A 66 0.76 0.84 -9.90
N ALA A 67 -0.37 1.24 -10.46
CA ALA A 67 -1.53 0.38 -10.54
C ALA A 67 -1.96 0.18 -11.99
N GLU A 68 -2.18 -1.08 -12.36
CA GLU A 68 -2.60 -1.41 -13.73
C GLU A 68 -3.67 -2.50 -13.72
N VAL A 69 -4.87 -2.15 -14.16
CA VAL A 69 -5.98 -3.09 -14.20
C VAL A 69 -6.29 -3.51 -15.64
N GLU A 70 -6.71 -4.77 -15.79
CA GLU A 70 -7.03 -5.29 -17.12
C GLU A 70 -7.67 -6.68 -17.01
N ASN A 71 -8.86 -6.81 -17.55
CA ASN A 71 -9.58 -8.08 -17.53
C ASN A 71 -9.61 -8.66 -16.11
N ASN A 72 -10.09 -7.85 -15.16
CA ASN A 72 -10.18 -8.27 -13.77
C ASN A 72 -8.80 -8.66 -13.24
N GLU A 73 -7.78 -7.94 -13.68
CA GLU A 73 -6.41 -8.20 -13.24
C GLU A 73 -5.69 -6.92 -12.88
N VAL A 74 -5.63 -6.62 -11.59
CA VAL A 74 -4.97 -5.41 -11.11
C VAL A 74 -3.58 -5.72 -10.56
N THR A 75 -2.58 -4.96 -11.03
CA THR A 75 -1.21 -5.16 -10.59
C THR A 75 -0.68 -3.93 -9.87
N ILE A 76 -0.49 -4.05 -8.56
CA ILE A 76 0.01 -2.94 -7.75
C ILE A 76 1.50 -3.11 -7.46
N LEU A 77 2.26 -2.06 -7.75
CA LEU A 77 3.71 -2.08 -7.51
C LEU A 77 4.13 -0.96 -6.57
N VAL A 78 3.84 -1.15 -5.29
CA VAL A 78 4.18 -0.15 -4.27
C VAL A 78 5.51 -0.49 -3.60
N ASN A 79 6.27 0.53 -3.25
CA ASN A 79 7.56 0.33 -2.59
C ASN A 79 7.39 -0.43 -1.28
N GLY A 80 6.18 -0.39 -0.73
CA GLY A 80 5.91 -1.08 0.52
C GLY A 80 4.51 -0.82 1.03
N ALA A 81 3.99 -1.76 1.82
CA ALA A 81 2.65 -1.62 2.38
C ALA A 81 2.66 -1.86 3.88
N GLU A 82 1.49 -1.73 4.51
CA GLU A 82 1.36 -1.93 5.95
C GLU A 82 -0.04 -2.40 6.31
N ARG A 83 -0.13 -3.19 7.38
CA ARG A 83 -1.42 -3.71 7.83
C ARG A 83 -2.03 -2.79 8.90
N GLY A 84 -3.29 -2.42 8.70
CA GLY A 84 -3.96 -1.56 9.65
C GLY A 84 -4.03 -2.17 11.04
N ASP A 85 -3.85 -3.49 11.11
CA ASP A 85 -3.90 -4.19 12.38
C ASP A 85 -2.52 -4.19 13.06
N THR A 86 -1.47 -4.12 12.25
CA THR A 86 -0.11 -4.12 12.77
C THR A 86 0.42 -2.70 12.92
N ILE A 87 -0.47 -1.79 13.29
CA ILE A 87 -0.09 -0.38 13.48
C ILE A 87 -0.53 0.13 14.84
N ASP A 88 0.38 0.84 15.51
CA ASP A 88 0.09 1.39 16.83
C ASP A 88 0.54 2.85 16.92
N PRO A 89 -0.01 3.58 17.90
CA PRO A 89 0.31 4.98 18.12
C PRO A 89 1.73 5.19 18.64
N GLN A 90 2.19 4.25 19.47
CA GLN A 90 3.53 4.31 20.04
C GLN A 90 4.58 4.17 18.96
N GLU A 91 4.37 3.23 18.05
CA GLU A 91 5.31 2.98 16.97
C GLU A 91 5.39 4.19 16.03
N ALA A 92 4.22 4.78 15.74
CA ALA A 92 4.16 5.94 14.86
C ALA A 92 4.94 7.11 15.44
N GLN A 93 4.76 7.36 16.72
CA GLN A 93 5.46 8.46 17.40
C GLN A 93 6.97 8.23 17.37
N GLN A 94 7.39 7.00 17.61
CA GLN A 94 8.81 6.66 17.62
C GLN A 94 9.44 6.96 16.27
N THR A 95 8.84 6.43 15.21
CA THR A 95 9.35 6.65 13.85
C THR A 95 9.50 8.13 13.55
N LEU A 96 8.58 8.93 14.07
CA LEU A 96 8.61 10.37 13.85
C LEU A 96 9.77 11.02 14.60
N GLU A 97 10.15 10.40 15.73
CA GLU A 97 11.25 10.91 16.54
C GLU A 97 12.60 10.62 15.88
N ILE A 98 12.81 9.35 15.53
CA ILE A 98 14.06 8.94 14.88
C ILE A 98 14.31 9.74 13.62
N ALA A 99 13.24 10.05 12.89
CA ALA A 99 13.35 10.82 11.65
C ALA A 99 13.73 12.27 11.94
N GLU A 100 13.11 12.85 12.97
CA GLU A 100 13.39 14.23 13.34
C GLU A 100 14.82 14.37 13.88
N ALA A 101 15.17 13.53 14.84
CA ALA A 101 16.50 13.55 15.43
C ALA A 101 17.58 13.45 14.37
N ASN A 102 17.45 12.45 13.50
CA ASN A 102 18.41 12.23 12.43
C ASN A 102 18.38 13.37 11.43
N LEU A 103 17.20 13.93 11.21
CA LEU A 103 17.04 15.05 10.27
C LEU A 103 17.78 16.28 10.77
N ARG A 104 17.93 16.39 12.09
CA ARG A 104 18.62 17.53 12.69
C ARG A 104 19.98 17.74 12.04
N LYS A 105 20.59 16.64 11.61
CA LYS A 105 21.91 16.70 10.98
C LYS A 105 21.84 16.25 9.53
N ALA A 106 20.86 15.41 9.22
CA ALA A 106 20.67 14.91 7.86
C ALA A 106 19.97 15.95 6.98
N GLU A 107 19.59 15.54 5.77
CA GLU A 107 18.91 16.43 4.84
C GLU A 107 17.62 16.96 5.43
N GLY A 108 16.87 17.72 4.64
CA GLY A 108 15.61 18.26 5.11
C GLY A 108 14.52 17.23 5.21
N ALA A 109 13.27 17.65 5.01
CA ALA A 109 12.14 16.74 5.07
C ALA A 109 12.32 15.56 4.11
N ARG A 110 13.10 15.78 3.07
CA ARG A 110 13.35 14.74 2.07
C ARG A 110 13.90 13.48 2.72
N GLN A 111 14.79 13.67 3.70
CA GLN A 111 15.39 12.54 4.40
C GLN A 111 14.36 11.82 5.27
N LYS A 112 13.43 12.59 5.84
CA LYS A 112 12.38 12.04 6.69
C LYS A 112 11.51 11.07 5.90
N ILE A 113 10.98 11.53 4.78
CA ILE A 113 10.12 10.70 3.94
C ILE A 113 10.83 9.40 3.55
N GLU A 114 12.03 9.54 3.00
CA GLU A 114 12.80 8.38 2.59
C GLU A 114 12.92 7.37 3.72
N ALA A 115 13.09 7.87 4.94
CA ALA A 115 13.22 7.02 6.11
C ALA A 115 11.93 6.25 6.37
N ASN A 116 10.81 6.86 6.05
CA ASN A 116 9.50 6.23 6.25
C ASN A 116 9.33 5.04 5.32
N LEU A 117 9.83 5.18 4.09
CA LEU A 117 9.73 4.12 3.09
C LEU A 117 10.67 2.97 3.42
N ALA A 118 11.82 3.31 3.99
CA ALA A 118 12.82 2.30 4.36
C ALA A 118 12.33 1.45 5.53
N LEU A 119 11.67 2.10 6.48
CA LEU A 119 11.16 1.42 7.66
C LEU A 119 9.94 0.57 7.30
N ARG A 120 8.92 1.20 6.73
CA ARG A 120 7.71 0.49 6.34
C ARG A 120 8.03 -0.69 5.43
N ARG A 121 9.11 -0.57 4.67
CA ARG A 121 9.53 -1.63 3.76
C ARG A 121 10.10 -2.82 4.54
N ALA A 122 11.11 -2.55 5.36
CA ALA A 122 11.75 -3.59 6.16
C ALA A 122 10.71 -4.34 6.99
N ARG A 123 9.82 -3.60 7.63
CA ARG A 123 8.78 -4.21 8.46
C ARG A 123 7.90 -5.14 7.63
N THR A 124 7.55 -4.71 6.42
CA THR A 124 6.71 -5.52 5.54
C THR A 124 7.29 -6.91 5.34
N ARG A 125 8.57 -6.96 4.96
CA ARG A 125 9.24 -8.23 4.74
C ARG A 125 9.23 -9.08 6.01
N VAL A 126 9.43 -8.43 7.15
CA VAL A 126 9.44 -9.12 8.43
C VAL A 126 8.10 -9.78 8.71
N GLU A 127 7.03 -9.01 8.55
CA GLU A 127 5.68 -9.51 8.79
C GLU A 127 5.32 -10.62 7.80
N ALA A 128 5.75 -10.45 6.56
CA ALA A 128 5.48 -11.44 5.52
C ALA A 128 6.14 -12.78 5.84
N SER A 129 7.44 -12.74 6.12
CA SER A 129 8.19 -13.94 6.45
C SER A 129 7.65 -14.60 7.72
N ASN A 130 7.41 -13.78 8.74
CA ASN A 130 6.90 -14.27 10.01
C ASN A 130 5.41 -13.95 10.16
N THR A 131 4.65 -14.21 9.10
CA THR A 131 3.21 -13.94 9.11
C THR A 131 2.53 -14.67 10.26
N ILE A 132 3.00 -15.87 10.57
CA ILE A 132 2.44 -16.67 11.65
C ILE A 132 3.18 -17.99 11.81
N SER A 133 3.94 -18.11 12.89
CA SER A 133 4.70 -19.33 13.16
C SER A 133 3.77 -20.53 13.29
N SER A 134 4.33 -21.72 13.10
CA SER A 134 3.55 -22.95 13.20
C SER A 134 4.45 -24.15 13.48
#